data_6UMM
#
_entry.id   6UMM
#
loop_
_entity.id
_entity.type
_entity.pdbx_description
1 polymer 'ESX-3 secretion system protein EccE3'
2 polymer 'ESX-3 secretion system protein EccD3'
3 polymer 'ESX-3 secretion system ATPase EccB3'
4 polymer 'ESX-3 secretion system protein EccC3'
#
loop_
_entity_poly.entity_id
_entity_poly.type
_entity_poly.pdbx_seq_one_letter_code
_entity_poly.pdbx_strand_id
1 'polypeptide(L)'
;MTARIALASLFVVAAVLAQPWQTTTQRWVLGVSIAAVIVLLAWWKGMFLTTRIGRALAMVRRNRAEDTVETDAHRATVVL
RVDPAAPAQLPVVVGYLDRYGITCDKVRITHRDAGGTRRSWISLTVDAVDNLAALQARSARIPLQDTTEVVGRRLADHLR
EQGWTVTVVEGVDTPLPVSGKETWRGVADDAGVVAAYRVKVDDRLDEVLAEIGHLPAEETWTALEFTGSPAEPLLTVCAA
VRTSDRPAAKAPLAGLTPARGRHRPALAALNPLSTERLDGTAVPL
;
A,F
2 'polypeptide(L)'
;MSENTVMPIVRVAVLAAGDDGGRLTEMALPSELPLREILPAVQRIVQPARENDGAADPAAAPNPVRLSLAPIGGAPFSLD
ATLDTVGVVDGDLLALQAVPSGPPAPRIVEDIADAAVIFSEARRRQWGPTHIARGAALALIGLILVGTGLSVAHRVITGD
LLGQFIVSGIALATVIAALAVRNRSAVLATSLAVTALVPVAAAFALGVPGDFGAPNVLLAAAGVAAWSLISMAGSPDDRG
IAVFTATAVTGVGVLLVAGAASLWVISSDVIGCALVLLGLIVTVQAAQLSAMWARFPLPVIPAPGDPTPAARPLSVLADL
PRRVRVSQAHQTGVIAAGVLLGVAGSVALVSSANASPWAWYIVVAAAAGAALRARVWDSAACKAWLLGHSYLLAVALLVA
FVIGDRYQAALWALAALAVLVLVWIVAALNPKIASPDTYSLPMRRMVGFLATGLDASLIPVMALLVGLFSLVLDR
;
B,C,G,H
3 'polypeptide(L)'
;FSSRTPVNENPDGVQYRRGFVTRHQVSGWRFVMRRIASGVALHDTRMLVDPLRTQSRAVLTGALILVTGLVGCFIFSLFR
P
;
D,I
4 'polypeptide(L)'
;MSRLIFEHQRRLTPPTTRKGTITIEPPPQLPRVVPPSLLRRVLPFLIVILIVGMIVALFATGMRLISPTMLFFPFVLLLA
ATALYRGGDNKMRTEEVDAERADYLRYLSVVRDNVRAHAAEQRAALEWSHPEPEVLATIPGTRRQWERDPRDRDFLVLRA
GRHDVPLDAALKVKDTADEIDLEPVAHSALRGLLDVQRTVRDAPTGLDVAKLARITVIGEADEARAAIRAWIAQAVTWHD
PTMLGVALAAPDLESGDWSWLKWLPHVDVPNEADGVGPARYLTTSTAELRERLAPALADRPLFPAESGAALKHLLVVLDD
PDADPDDIARKPGLTGVTVIHRTTELPNREQYPDPERPILRVADGRIERWQVGGWQPCVDVADAMSAAEAAHIARRLSRW
DSN
;
E,J
#
# COMPACT_ATOMS: atom_id res chain seq x y z
N MET A 1 69.51 23.08 5.82
CA MET A 1 69.94 23.84 4.65
C MET A 1 69.05 25.07 4.47
N THR A 2 67.97 25.13 5.25
CA THR A 2 67.12 26.32 5.25
C THR A 2 67.91 27.55 5.65
N ALA A 3 68.70 27.44 6.73
CA ALA A 3 69.44 28.59 7.22
C ALA A 3 70.54 28.99 6.26
N ARG A 4 71.26 28.01 5.72
CA ARG A 4 72.34 28.34 4.80
C ARG A 4 71.81 29.04 3.55
N ILE A 5 70.74 28.51 2.96
CA ILE A 5 70.15 29.13 1.78
C ILE A 5 69.63 30.53 2.12
N ALA A 6 69.00 30.66 3.29
CA ALA A 6 68.46 31.96 3.69
C ALA A 6 69.57 33.01 3.77
N LEU A 7 70.63 32.71 4.51
CA LEU A 7 71.70 33.69 4.67
C LEU A 7 72.42 33.93 3.35
N ALA A 8 72.58 32.89 2.53
CA ALA A 8 73.21 33.09 1.23
C ALA A 8 72.41 34.06 0.38
N SER A 9 71.09 33.87 0.32
CA SER A 9 70.26 34.76 -0.46
C SER A 9 70.30 36.18 0.10
N LEU A 10 70.31 36.30 1.44
CA LEU A 10 70.39 37.62 2.05
C LEU A 10 71.65 38.36 1.62
N PHE A 11 72.79 37.67 1.71
CA PHE A 11 74.04 38.35 1.35
C PHE A 11 74.16 38.57 -0.15
N VAL A 12 73.58 37.69 -0.97
CA VAL A 12 73.59 37.90 -2.41
C VAL A 12 72.80 39.16 -2.76
N VAL A 13 71.63 39.33 -2.15
CA VAL A 13 70.86 40.55 -2.39
C VAL A 13 71.61 41.76 -1.88
N ALA A 14 72.26 41.66 -0.72
CA ALA A 14 73.07 42.76 -0.22
C ALA A 14 74.16 43.12 -1.21
N ALA A 15 74.68 42.12 -1.92
CA ALA A 15 75.69 42.39 -2.95
C ALA A 15 75.08 43.07 -4.15
N VAL A 16 73.92 42.59 -4.60
CA VAL A 16 73.31 43.11 -5.83
C VAL A 16 72.93 44.56 -5.65
N LEU A 17 72.37 44.92 -4.50
CA LEU A 17 71.85 46.27 -4.36
C LEU A 17 72.93 47.35 -4.38
N ALA A 18 74.20 46.97 -4.21
CA ALA A 18 75.30 47.90 -4.31
C ALA A 18 76.01 47.84 -5.66
N GLN A 19 75.28 47.46 -6.72
CA GLN A 19 75.90 47.25 -8.03
C GLN A 19 76.63 48.48 -8.59
N PRO A 20 76.20 49.72 -8.36
CA PRO A 20 77.05 50.84 -8.81
C PRO A 20 78.14 51.18 -7.79
N TRP A 21 79.14 50.31 -7.70
CA TRP A 21 80.21 50.52 -6.73
C TRP A 21 81.04 51.75 -7.08
N GLN A 22 80.98 52.75 -6.22
CA GLN A 22 81.83 53.92 -6.39
C GLN A 22 82.28 54.42 -5.02
N THR A 23 81.73 53.85 -3.96
CA THR A 23 81.97 54.33 -2.61
C THR A 23 82.47 53.21 -1.72
N THR A 24 83.26 53.58 -0.71
CA THR A 24 83.78 52.60 0.24
C THR A 24 82.67 51.85 0.95
N THR A 25 81.49 52.46 1.08
CA THR A 25 80.37 51.73 1.67
C THR A 25 79.99 50.54 0.82
N GLN A 26 79.68 50.77 -0.45
CA GLN A 26 79.40 49.67 -1.36
C GLN A 26 80.58 48.71 -1.44
N ARG A 27 81.80 49.23 -1.31
CA ARG A 27 82.97 48.37 -1.33
C ARG A 27 82.94 47.38 -0.18
N TRP A 28 82.78 47.87 1.05
CA TRP A 28 82.71 46.99 2.21
C TRP A 28 81.53 46.04 2.09
N VAL A 29 80.42 46.51 1.53
CA VAL A 29 79.26 45.63 1.34
C VAL A 29 79.62 44.47 0.44
N LEU A 30 80.25 44.75 -0.70
CA LEU A 30 80.69 43.69 -1.59
C LEU A 30 81.64 42.74 -0.87
N GLY A 31 82.61 43.30 -0.15
CA GLY A 31 83.57 42.46 0.53
C GLY A 31 82.92 41.50 1.50
N VAL A 32 82.12 42.03 2.42
CA VAL A 32 81.50 41.18 3.43
C VAL A 32 80.53 40.21 2.80
N SER A 33 79.83 40.63 1.74
CA SER A 33 78.85 39.75 1.11
C SER A 33 79.51 38.55 0.47
N ILE A 34 80.54 38.79 -0.35
CA ILE A 34 81.22 37.67 -1.00
C ILE A 34 81.92 36.80 0.04
N ALA A 35 82.51 37.42 1.06
CA ALA A 35 83.14 36.64 2.12
C ALA A 35 82.14 35.71 2.78
N ALA A 36 80.98 36.25 3.17
CA ALA A 36 79.98 35.45 3.86
C ALA A 36 79.45 34.35 2.97
N VAL A 37 79.23 34.64 1.69
CA VAL A 37 78.67 33.60 0.83
C VAL A 37 79.67 32.47 0.61
N ILE A 38 80.96 32.80 0.46
CA ILE A 38 81.94 31.76 0.20
C ILE A 38 82.25 30.97 1.46
N VAL A 39 82.35 31.64 2.60
CA VAL A 39 82.56 30.90 3.85
C VAL A 39 81.31 30.17 4.28
N LEU A 40 80.17 30.47 3.67
CA LEU A 40 78.94 29.80 4.05
C LEU A 40 78.63 28.64 3.11
N LEU A 41 79.15 28.66 1.89
CA LEU A 41 78.89 27.59 0.94
C LEU A 41 80.19 27.22 0.25
N ALA A 42 80.67 26.00 0.48
CA ALA A 42 81.81 25.44 -0.24
C ALA A 42 81.90 23.95 0.00
N TRP A 43 81.91 23.16 -1.07
CA TRP A 43 82.04 21.72 -0.91
C TRP A 43 83.47 21.36 -0.52
N TRP A 44 83.60 20.23 0.17
CA TRP A 44 84.91 19.66 0.46
C TRP A 44 84.83 18.14 0.30
N LYS A 45 84.35 17.69 -0.86
CA LYS A 45 84.20 16.28 -1.19
C LYS A 45 83.28 15.58 -0.21
N GLY A 46 82.04 16.06 -0.14
CA GLY A 46 81.01 15.50 0.69
C GLY A 46 80.64 16.34 1.90
N MET A 47 81.36 17.43 2.17
CA MET A 47 81.15 18.23 3.35
C MET A 47 81.01 19.69 2.95
N PHE A 48 80.95 20.57 3.94
CA PHE A 48 80.87 22.00 3.69
C PHE A 48 81.67 22.71 4.76
N LEU A 49 82.04 23.96 4.47
CA LEU A 49 82.98 24.67 5.35
C LEU A 49 82.38 24.87 6.73
N THR A 50 81.12 25.27 6.80
CA THR A 50 80.43 25.33 8.09
C THR A 50 80.36 23.97 8.75
N THR A 51 80.13 22.93 7.95
CA THR A 51 80.12 21.57 8.46
C THR A 51 81.48 21.19 9.04
N ARG A 52 82.56 21.52 8.33
CA ARG A 52 83.89 21.24 8.85
C ARG A 52 84.17 21.98 10.14
N ILE A 53 83.79 23.25 10.21
CA ILE A 53 84.04 24.01 11.44
C ILE A 53 83.26 23.41 12.60
N GLY A 54 81.99 23.07 12.37
CA GLY A 54 81.21 22.44 13.41
C GLY A 54 81.77 21.11 13.87
N ARG A 55 82.27 20.32 12.93
CA ARG A 55 82.82 19.01 13.31
C ARG A 55 84.14 19.18 14.06
N ALA A 56 84.94 20.18 13.68
CA ALA A 56 86.15 20.46 14.45
C ALA A 56 85.81 20.87 15.88
N LEU A 57 84.78 21.71 16.04
CA LEU A 57 84.33 22.07 17.38
C LEU A 57 83.86 20.83 18.14
N ALA A 58 83.14 19.94 17.45
CA ALA A 58 82.70 18.71 18.10
C ALA A 58 83.89 17.86 18.53
N MET A 59 84.95 17.85 17.73
CA MET A 59 86.12 17.03 18.07
C MET A 59 86.86 17.60 19.27
N VAL A 60 86.98 18.93 19.33
CA VAL A 60 87.57 19.57 20.51
C VAL A 60 86.72 19.26 21.74
N ARG A 61 85.39 19.34 21.58
CA ARG A 61 84.49 19.01 22.68
C ARG A 61 84.70 17.58 23.15
N ARG A 62 84.80 16.63 22.20
CA ARG A 62 85.02 15.24 22.56
C ARG A 62 86.33 15.07 23.32
N ASN A 63 87.38 15.72 22.85
CA ASN A 63 88.69 15.59 23.50
C ASN A 63 88.74 16.26 24.86
N ARG A 64 87.90 17.26 25.13
CA ARG A 64 87.93 17.91 26.43
C ARG A 64 87.17 17.13 27.50
N ALA A 65 86.28 16.21 27.12
CA ALA A 65 85.52 15.44 28.10
C ALA A 65 85.44 14.00 27.62
N GLU A 66 85.99 13.07 28.41
CA GLU A 66 85.98 11.66 28.03
C GLU A 66 84.59 11.06 28.16
N ASP A 67 83.84 11.45 29.18
CA ASP A 67 82.56 10.85 29.50
C ASP A 67 81.45 11.56 28.73
N THR A 68 81.12 11.03 27.55
CA THR A 68 80.06 11.61 26.74
C THR A 68 79.11 10.53 26.23
N VAL A 69 79.37 9.29 26.60
CA VAL A 69 78.68 8.14 26.02
C VAL A 69 77.98 7.35 27.12
N GLU A 70 76.77 6.90 26.82
CA GLU A 70 75.99 6.04 27.71
C GLU A 70 74.93 5.34 26.86
N THR A 71 74.19 4.46 27.51
CA THR A 71 73.06 3.80 26.88
C THR A 71 71.77 4.52 27.29
N ASP A 72 70.86 4.62 26.34
CA ASP A 72 69.65 5.40 26.56
C ASP A 72 68.65 4.64 27.42
N ALA A 73 67.58 5.33 27.79
CA ALA A 73 66.50 4.74 28.57
C ALA A 73 65.20 4.59 27.79
N HIS A 74 65.10 5.19 26.60
CA HIS A 74 63.89 5.11 25.79
C HIS A 74 64.01 4.05 24.71
N ARG A 75 65.09 3.28 24.70
CA ARG A 75 65.25 2.20 23.75
C ARG A 75 66.32 1.26 24.25
N ALA A 76 66.10 -0.03 24.06
CA ALA A 76 66.96 -1.05 24.65
C ALA A 76 67.33 -2.08 23.61
N THR A 77 68.45 -2.75 23.83
CA THR A 77 69.05 -3.62 22.84
C THR A 77 69.19 -5.04 23.37
N VAL A 78 69.41 -5.97 22.44
CA VAL A 78 69.79 -7.32 22.78
C VAL A 78 70.64 -7.89 21.64
N VAL A 79 71.68 -8.63 22.01
CA VAL A 79 72.68 -9.10 21.05
C VAL A 79 72.82 -10.61 21.14
N LEU A 80 73.11 -11.22 19.99
CA LEU A 80 73.19 -12.67 19.90
C LEU A 80 74.42 -13.06 19.11
N ARG A 81 75.39 -13.68 19.78
CA ARG A 81 76.53 -14.23 19.08
C ARG A 81 76.06 -15.38 18.18
N VAL A 82 76.49 -15.35 16.92
CA VAL A 82 76.09 -16.32 15.93
C VAL A 82 77.33 -17.06 15.46
N ASP A 83 77.47 -18.31 15.86
CA ASP A 83 78.68 -19.07 15.58
C ASP A 83 78.89 -19.32 14.09
N PRO A 84 77.90 -19.77 13.31
CA PRO A 84 78.18 -20.06 11.90
C PRO A 84 78.47 -18.79 11.11
N ALA A 85 77.86 -17.69 11.53
CA ALA A 85 78.03 -16.39 10.87
C ALA A 85 77.74 -16.50 9.38
N ALA A 86 76.51 -16.90 9.06
CA ALA A 86 76.12 -17.22 7.70
C ALA A 86 75.12 -16.19 7.20
N PRO A 87 75.39 -15.54 6.07
CA PRO A 87 74.44 -14.55 5.54
C PRO A 87 73.29 -15.15 4.76
N ALA A 88 72.71 -16.24 5.27
CA ALA A 88 71.49 -16.80 4.72
C ALA A 88 70.37 -16.76 5.75
N GLN A 89 70.68 -16.39 6.99
CA GLN A 89 69.72 -16.07 8.02
C GLN A 89 69.28 -14.61 7.96
N LEU A 90 69.66 -13.90 6.91
CA LEU A 90 69.21 -12.53 6.73
C LEU A 90 67.70 -12.41 6.51
N PRO A 91 67.03 -13.25 5.71
CA PRO A 91 65.61 -12.99 5.42
C PRO A 91 64.74 -12.97 6.66
N VAL A 92 65.00 -13.85 7.62
CA VAL A 92 64.15 -13.91 8.80
C VAL A 92 64.38 -12.69 9.68
N VAL A 93 65.61 -12.19 9.72
CA VAL A 93 65.93 -11.11 10.64
C VAL A 93 65.61 -9.73 10.05
N VAL A 94 65.75 -9.56 8.73
CA VAL A 94 65.37 -8.30 8.14
C VAL A 94 63.86 -8.18 8.08
N GLY A 95 63.18 -9.30 7.91
CA GLY A 95 61.74 -9.33 8.13
C GLY A 95 61.34 -9.20 9.58
N TYR A 96 62.30 -9.27 10.50
CA TYR A 96 62.01 -9.22 11.92
C TYR A 96 61.82 -7.80 12.44
N LEU A 97 61.78 -6.79 11.56
CA LEU A 97 61.57 -5.42 12.03
C LEU A 97 60.25 -5.28 12.78
N ASP A 98 59.15 -5.65 12.14
CA ASP A 98 57.82 -5.55 12.71
C ASP A 98 57.21 -6.95 12.70
N ARG A 99 57.50 -7.71 13.75
CA ARG A 99 56.99 -9.06 13.89
C ARG A 99 56.42 -9.24 15.29
N TYR A 100 55.32 -9.97 15.38
CA TYR A 100 54.67 -10.31 16.63
C TYR A 100 54.22 -9.10 17.42
N GLY A 101 53.98 -7.98 16.73
CA GLY A 101 53.42 -6.81 17.39
C GLY A 101 54.43 -5.92 18.06
N ILE A 102 55.71 -6.10 17.81
CA ILE A 102 56.76 -5.27 18.37
C ILE A 102 57.60 -4.72 17.22
N THR A 103 57.79 -3.41 17.20
CA THR A 103 58.50 -2.75 16.12
C THR A 103 59.92 -2.45 16.57
N CYS A 104 60.88 -3.17 16.02
CA CYS A 104 62.27 -2.95 16.37
C CYS A 104 62.76 -1.65 15.75
N ASP A 105 63.34 -0.79 16.57
CA ASP A 105 63.87 0.47 16.06
C ASP A 105 64.95 0.23 15.02
N LYS A 106 65.78 -0.80 15.22
CA LYS A 106 66.75 -1.16 14.20
C LYS A 106 67.21 -2.59 14.43
N VAL A 107 67.64 -3.24 13.36
CA VAL A 107 68.12 -4.62 13.41
C VAL A 107 69.44 -4.67 12.66
N ARG A 108 70.53 -4.89 13.37
CA ARG A 108 71.83 -4.89 12.72
C ARG A 108 72.45 -6.27 12.77
N ILE A 109 73.34 -6.52 11.81
CA ILE A 109 74.14 -7.72 11.73
C ILE A 109 75.58 -7.29 11.56
N THR A 110 76.45 -7.72 12.47
CA THR A 110 77.83 -7.27 12.49
C THR A 110 78.79 -8.46 12.48
N HIS A 111 79.91 -8.31 11.79
CA HIS A 111 80.99 -9.28 11.81
C HIS A 111 82.27 -8.55 12.23
N ARG A 112 82.89 -9.00 13.31
CA ARG A 112 84.25 -8.59 13.64
C ARG A 112 85.20 -9.67 13.15
N ASP A 113 86.11 -9.27 12.27
CA ASP A 113 86.99 -10.20 11.58
C ASP A 113 88.43 -9.85 11.93
N ALA A 114 89.12 -10.76 12.61
CA ALA A 114 90.53 -10.62 12.92
C ALA A 114 91.24 -11.86 12.40
N GLY A 115 92.17 -11.66 11.49
CA GLY A 115 92.80 -12.77 10.80
C GLY A 115 91.78 -13.47 9.93
N GLY A 116 91.46 -14.71 10.26
CA GLY A 116 90.37 -15.41 9.62
C GLY A 116 89.20 -15.59 10.55
N THR A 117 89.43 -15.27 11.82
CA THR A 117 88.40 -15.41 12.84
C THR A 117 87.34 -14.34 12.70
N ARG A 118 86.17 -14.70 12.17
CA ARG A 118 85.07 -13.76 11.97
C ARG A 118 83.93 -14.19 12.88
N ARG A 119 83.68 -13.40 13.92
CA ARG A 119 82.57 -13.64 14.83
C ARG A 119 81.47 -12.61 14.58
N SER A 120 80.23 -13.07 14.59
CA SER A 120 79.11 -12.23 14.20
C SER A 120 78.13 -12.06 15.35
N TRP A 121 77.40 -10.96 15.30
CA TRP A 121 76.37 -10.63 16.28
C TRP A 121 75.17 -10.04 15.55
N ILE A 122 74.00 -10.67 15.74
CA ILE A 122 72.75 -10.12 15.23
C ILE A 122 72.14 -9.30 16.36
N SER A 123 72.58 -8.06 16.50
CA SER A 123 72.00 -7.18 17.47
C SER A 123 70.65 -6.67 16.99
N LEU A 124 69.84 -6.19 17.93
CA LEU A 124 68.65 -5.44 17.55
C LEU A 124 68.18 -4.61 18.72
N THR A 125 67.71 -3.40 18.41
CA THR A 125 67.24 -2.45 19.41
C THR A 125 65.78 -2.13 19.13
N VAL A 126 65.01 -2.07 20.21
CA VAL A 126 63.59 -1.74 20.16
C VAL A 126 63.40 -0.43 20.91
N ASP A 127 62.53 0.43 20.37
CA ASP A 127 62.30 1.75 20.92
C ASP A 127 61.05 1.75 21.77
N ALA A 128 61.16 2.25 23.00
CA ALA A 128 60.02 2.28 23.89
C ALA A 128 58.91 3.17 23.35
N VAL A 129 59.22 4.42 23.05
CA VAL A 129 58.17 5.36 22.65
C VAL A 129 57.55 4.96 21.33
N ASP A 130 58.29 4.25 20.48
CA ASP A 130 57.75 3.89 19.17
C ASP A 130 56.58 2.94 19.30
N ASN A 131 56.69 1.92 20.16
CA ASN A 131 55.56 1.04 20.45
C ASN A 131 55.32 1.04 21.96
N LEU A 132 54.58 2.04 22.40
CA LEU A 132 54.31 2.26 23.81
C LEU A 132 53.08 1.48 24.28
N ALA A 133 52.08 1.39 23.40
CA ALA A 133 50.89 0.62 23.73
C ALA A 133 51.23 -0.83 24.06
N ALA A 134 52.14 -1.44 23.30
CA ALA A 134 52.50 -2.82 23.57
C ALA A 134 53.15 -2.97 24.95
N LEU A 135 54.10 -2.09 25.25
CA LEU A 135 54.75 -2.15 26.55
C LEU A 135 53.74 -1.96 27.68
N GLN A 136 52.78 -1.05 27.49
CA GLN A 136 51.71 -0.92 28.48
C GLN A 136 50.93 -2.20 28.61
N ALA A 137 50.59 -2.83 27.49
CA ALA A 137 49.83 -4.07 27.51
C ALA A 137 50.57 -5.14 28.28
N ARG A 138 51.90 -5.15 28.20
CA ARG A 138 52.69 -6.06 29.02
C ARG A 138 52.40 -5.83 30.50
N SER A 139 52.54 -4.59 30.95
CA SER A 139 52.20 -4.20 32.32
C SER A 139 52.30 -2.69 32.40
N ALA A 140 51.93 -2.15 33.55
CA ALA A 140 52.09 -0.73 33.83
C ALA A 140 53.51 -0.38 34.21
N ARG A 141 54.35 -1.38 34.46
CA ARG A 141 55.76 -1.12 34.73
C ARG A 141 56.51 -0.68 33.48
N ILE A 142 55.87 -0.83 32.32
CA ILE A 142 56.50 -0.56 31.02
C ILE A 142 57.77 -1.39 30.96
N PRO A 143 57.67 -2.69 30.82
CA PRO A 143 58.87 -3.54 30.88
C PRO A 143 59.62 -3.54 29.58
N LEU A 144 60.30 -2.43 29.27
CA LEU A 144 61.11 -2.36 28.06
C LEU A 144 62.17 -3.45 28.05
N GLN A 145 62.92 -3.56 29.15
CA GLN A 145 64.01 -4.53 29.19
C GLN A 145 63.49 -5.95 29.11
N ASP A 146 62.48 -6.28 29.93
CA ASP A 146 61.94 -7.64 29.90
C ASP A 146 61.36 -7.97 28.54
N THR A 147 60.64 -7.04 27.93
CA THR A 147 60.04 -7.29 26.63
C THR A 147 61.11 -7.54 25.58
N THR A 148 62.14 -6.69 25.54
CA THR A 148 63.17 -6.88 24.52
C THR A 148 63.99 -8.13 24.77
N GLU A 149 64.18 -8.52 26.03
CA GLU A 149 64.86 -9.79 26.28
C GLU A 149 64.02 -10.95 25.78
N VAL A 150 62.71 -10.90 25.98
CA VAL A 150 61.87 -11.98 25.51
C VAL A 150 61.87 -12.02 23.98
N VAL A 151 61.90 -10.84 23.36
CA VAL A 151 61.89 -10.81 21.90
C VAL A 151 63.20 -11.34 21.36
N GLY A 152 64.31 -11.01 22.01
CA GLY A 152 65.57 -11.61 21.63
C GLY A 152 65.56 -13.11 21.76
N ARG A 153 65.04 -13.63 22.89
CA ARG A 153 64.98 -15.07 23.07
C ARG A 153 64.07 -15.71 22.03
N ARG A 154 63.01 -15.03 21.63
CA ARG A 154 62.12 -15.54 20.60
C ARG A 154 62.82 -15.64 19.26
N LEU A 155 63.60 -14.61 18.92
CA LEU A 155 64.40 -14.68 17.70
C LEU A 155 65.42 -15.80 17.77
N ALA A 156 66.09 -15.96 18.92
CA ALA A 156 67.04 -17.04 19.09
C ALA A 156 66.37 -18.38 18.89
N ASP A 157 65.13 -18.53 19.36
CA ASP A 157 64.42 -19.78 19.18
C ASP A 157 64.08 -20.01 17.72
N HIS A 158 63.56 -18.99 17.04
CA HIS A 158 63.21 -19.16 15.64
C HIS A 158 64.45 -19.47 14.79
N LEU A 159 65.61 -18.98 15.23
CA LEU A 159 66.84 -19.31 14.51
C LEU A 159 67.32 -20.72 14.86
N ARG A 160 67.23 -21.11 16.12
CA ARG A 160 67.65 -22.45 16.50
C ARG A 160 66.78 -23.50 15.83
N GLU A 161 65.50 -23.19 15.63
CA GLU A 161 64.64 -24.10 14.89
C GLU A 161 65.04 -24.19 13.43
N GLN A 162 65.67 -23.14 12.90
CA GLN A 162 66.19 -23.20 11.54
C GLN A 162 67.44 -24.07 11.44
N GLY A 163 68.15 -24.27 12.55
CA GLY A 163 69.30 -25.13 12.58
C GLY A 163 70.61 -24.45 12.84
N TRP A 164 70.64 -23.13 12.97
CA TRP A 164 71.87 -22.43 13.32
C TRP A 164 72.21 -22.67 14.78
N THR A 165 73.24 -21.98 15.26
CA THR A 165 73.58 -22.02 16.68
C THR A 165 73.88 -20.61 17.15
N VAL A 166 72.97 -20.05 17.94
CA VAL A 166 73.05 -18.67 18.39
C VAL A 166 72.97 -18.65 19.90
N THR A 167 73.53 -17.60 20.51
CA THR A 167 73.55 -17.49 21.97
C THR A 167 73.39 -16.03 22.34
N VAL A 168 72.37 -15.72 23.16
CA VAL A 168 72.20 -14.36 23.65
C VAL A 168 73.37 -13.98 24.55
N VAL A 169 74.02 -12.87 24.25
CA VAL A 169 75.19 -12.44 24.98
C VAL A 169 74.87 -11.16 25.73
N GLU A 170 75.53 -10.96 26.86
CA GLU A 170 75.37 -9.77 27.69
C GLU A 170 76.73 -9.08 27.73
N GLY A 171 76.91 -8.10 26.87
CA GLY A 171 78.19 -7.43 26.75
C GLY A 171 79.15 -8.11 25.81
N VAL A 172 79.71 -7.34 24.88
CA VAL A 172 80.66 -7.85 23.89
C VAL A 172 81.74 -6.80 23.69
N ASP A 173 82.86 -7.23 23.13
CA ASP A 173 83.95 -6.31 22.84
C ASP A 173 83.48 -5.18 21.93
N THR A 174 84.05 -3.99 22.13
CA THR A 174 83.70 -2.77 21.43
C THR A 174 84.80 -2.41 20.44
N PRO A 175 84.45 -1.79 19.31
CA PRO A 175 85.45 -1.50 18.29
C PRO A 175 86.27 -0.24 18.56
N LEU A 176 86.13 0.37 19.73
CA LEU A 176 86.86 1.57 20.03
C LEU A 176 87.38 1.49 21.46
N PRO A 177 88.43 2.23 21.79
CA PRO A 177 88.90 2.28 23.18
C PRO A 177 88.08 3.27 24.00
N VAL A 178 88.22 3.15 25.32
CA VAL A 178 87.52 4.03 26.24
C VAL A 178 88.47 5.05 26.85
N SER A 179 89.66 5.21 26.27
CA SER A 179 90.64 6.15 26.78
C SER A 179 91.26 6.93 25.64
N GLY A 180 91.01 6.51 24.40
CA GLY A 180 91.68 7.10 23.27
C GLY A 180 91.27 8.54 23.05
N LYS A 181 92.09 9.23 22.26
CA LYS A 181 91.84 10.61 21.86
C LYS A 181 91.38 10.64 20.41
N GLU A 182 90.34 11.41 20.15
CA GLU A 182 89.76 11.47 18.81
C GLU A 182 90.46 12.53 17.97
N THR A 183 91.06 12.10 16.86
CA THR A 183 91.66 12.98 15.89
C THR A 183 90.85 12.86 14.60
N TRP A 184 91.04 13.84 13.70
CA TRP A 184 90.25 13.87 12.48
C TRP A 184 90.37 12.59 11.68
N ARG A 185 91.50 11.87 11.81
CA ARG A 185 91.66 10.64 11.06
C ARG A 185 91.04 9.43 11.74
N GLY A 186 90.80 9.50 13.04
CA GLY A 186 90.27 8.36 13.76
C GLY A 186 90.56 8.48 15.24
N VAL A 187 90.17 7.45 15.97
CA VAL A 187 90.40 7.41 17.41
C VAL A 187 91.73 6.74 17.68
N ALA A 188 92.63 7.46 18.35
CA ALA A 188 93.96 6.95 18.66
C ALA A 188 93.90 5.88 19.75
N ASP A 189 94.40 4.70 19.44
CA ASP A 189 94.55 3.64 20.42
C ASP A 189 96.00 3.60 20.90
N ASP A 190 96.29 2.66 21.79
CA ASP A 190 97.67 2.48 22.21
C ASP A 190 98.43 1.52 21.30
N ALA A 191 97.77 0.95 20.29
CA ALA A 191 98.45 0.13 19.29
C ALA A 191 97.72 0.32 17.98
N GLY A 192 98.19 1.25 17.18
CA GLY A 192 97.49 1.62 15.97
C GLY A 192 96.32 2.54 16.25
N VAL A 193 95.57 2.79 15.19
CA VAL A 193 94.39 3.65 15.24
C VAL A 193 93.26 2.97 14.48
N VAL A 194 92.05 3.12 14.99
CA VAL A 194 90.86 2.62 14.31
C VAL A 194 90.21 3.79 13.57
N ALA A 195 89.75 3.52 12.35
CA ALA A 195 89.03 4.50 11.54
C ALA A 195 87.72 3.86 11.11
N ALA A 196 86.61 4.49 11.46
CA ALA A 196 85.30 4.01 11.06
C ALA A 196 84.76 4.86 9.92
N TYR A 197 84.08 4.21 8.98
CA TYR A 197 83.62 4.93 7.82
C TYR A 197 82.48 4.20 7.11
N ARG A 198 81.70 4.98 6.37
CA ARG A 198 80.48 4.53 5.72
C ARG A 198 80.79 3.86 4.38
N VAL A 199 79.77 3.24 3.80
CA VAL A 199 79.93 2.46 2.58
C VAL A 199 78.79 2.79 1.64
N LYS A 200 79.11 3.00 0.36
CA LYS A 200 78.07 3.16 -0.64
C LYS A 200 77.32 1.85 -0.85
N VAL A 201 76.00 1.95 -0.94
CA VAL A 201 75.13 0.79 -1.19
C VAL A 201 74.73 0.80 -2.66
N ASP A 202 74.93 -0.32 -3.33
CA ASP A 202 74.61 -0.47 -4.75
C ASP A 202 74.60 -1.96 -5.06
N ASP A 203 74.60 -2.30 -6.34
CA ASP A 203 74.75 -3.70 -6.73
C ASP A 203 76.13 -4.23 -6.37
N ARG A 204 77.12 -3.36 -6.30
CA ARG A 204 78.52 -3.69 -6.05
C ARG A 204 78.88 -3.81 -4.56
N LEU A 205 78.05 -3.41 -3.61
CA LEU A 205 78.50 -3.29 -2.23
C LEU A 205 79.08 -4.59 -1.71
N ASP A 206 78.53 -5.73 -2.15
CA ASP A 206 79.03 -7.01 -1.68
C ASP A 206 80.50 -7.19 -2.01
N GLU A 207 80.88 -6.88 -3.25
CA GLU A 207 82.28 -6.85 -3.61
C GLU A 207 83.04 -5.90 -2.70
N VAL A 208 82.48 -4.72 -2.46
CA VAL A 208 83.05 -3.80 -1.49
C VAL A 208 83.30 -4.51 -0.17
N LEU A 209 82.28 -5.23 0.32
CA LEU A 209 82.44 -5.98 1.57
C LEU A 209 83.62 -6.93 1.47
N ALA A 210 83.75 -7.63 0.34
CA ALA A 210 84.90 -8.51 0.15
C ALA A 210 86.19 -7.73 0.28
N GLU A 211 86.27 -6.56 -0.36
CA GLU A 211 87.48 -5.74 -0.25
C GLU A 211 87.71 -5.29 1.17
N ILE A 212 86.64 -5.21 1.97
CA ILE A 212 86.81 -4.90 3.38
C ILE A 212 87.44 -6.08 4.11
N GLY A 213 87.01 -7.29 3.77
CA GLY A 213 87.58 -8.46 4.42
C GLY A 213 89.06 -8.65 4.10
N HIS A 214 89.40 -8.57 2.82
CA HIS A 214 90.77 -8.78 2.37
C HIS A 214 91.62 -7.52 2.49
N LEU A 215 91.20 -6.55 3.31
CA LEU A 215 92.00 -5.39 3.60
C LEU A 215 92.88 -5.70 4.80
N PRO A 216 94.20 -5.77 4.64
CA PRO A 216 95.06 -6.16 5.76
C PRO A 216 95.00 -5.16 6.89
N ALA A 217 94.65 -5.65 8.08
CA ALA A 217 94.63 -4.84 9.28
C ALA A 217 94.43 -5.76 10.47
N GLU A 218 94.45 -5.18 11.67
CA GLU A 218 94.31 -5.96 12.88
C GLU A 218 92.90 -6.51 13.04
N GLU A 219 91.89 -5.70 12.71
CA GLU A 219 90.50 -6.13 12.81
C GLU A 219 89.65 -5.26 11.92
N THR A 220 88.59 -5.86 11.40
CA THR A 220 87.61 -5.17 10.55
C THR A 220 86.20 -5.49 11.03
N TRP A 221 85.48 -4.47 11.47
CA TRP A 221 84.08 -4.60 11.83
C TRP A 221 83.25 -4.16 10.64
N THR A 222 82.36 -5.03 10.17
CA THR A 222 81.41 -4.69 9.12
C THR A 222 80.00 -4.86 9.68
N ALA A 223 79.19 -3.82 9.59
CA ALA A 223 77.87 -3.85 10.19
C ALA A 223 76.83 -3.37 9.20
N LEU A 224 75.76 -4.15 9.06
CA LEU A 224 74.63 -3.86 8.19
C LEU A 224 73.43 -3.62 9.09
N GLU A 225 72.95 -2.40 9.18
CA GLU A 225 71.82 -2.06 10.05
C GLU A 225 70.60 -1.79 9.20
N PHE A 226 69.62 -2.69 9.24
CA PHE A 226 68.34 -2.48 8.59
C PHE A 226 67.41 -1.75 9.55
N THR A 227 66.52 -0.94 8.99
CA THR A 227 65.50 -0.26 9.77
C THR A 227 64.29 -0.07 8.87
N GLY A 228 63.23 0.49 9.44
CA GLY A 228 62.02 0.73 8.68
C GLY A 228 61.07 -0.45 8.68
N SER A 229 60.38 -0.66 7.59
CA SER A 229 59.39 -1.71 7.54
C SER A 229 60.02 -3.00 7.05
N PRO A 230 59.51 -4.17 7.48
CA PRO A 230 60.04 -5.43 6.98
C PRO A 230 59.65 -5.73 5.55
N ALA A 231 58.59 -5.11 5.03
CA ALA A 231 58.25 -5.26 3.62
C ALA A 231 59.12 -4.41 2.72
N GLU A 232 59.76 -3.37 3.25
CA GLU A 232 60.77 -2.61 2.53
C GLU A 232 61.76 -2.04 3.54
N PRO A 233 62.94 -2.62 3.67
CA PRO A 233 63.90 -2.14 4.67
C PRO A 233 64.88 -1.11 4.12
N LEU A 234 65.16 -0.11 4.95
CA LEU A 234 66.22 0.84 4.68
C LEU A 234 67.48 0.34 5.39
N LEU A 235 68.52 0.04 4.63
CA LEU A 235 69.74 -0.49 5.24
C LEU A 235 70.84 0.55 5.20
N THR A 236 71.64 0.60 6.25
CA THR A 236 72.79 1.47 6.34
C THR A 236 73.98 0.62 6.76
N VAL A 237 75.08 0.71 6.02
CA VAL A 237 76.24 -0.14 6.26
C VAL A 237 77.40 0.73 6.72
N CYS A 238 78.18 0.22 7.66
CA CYS A 238 79.40 0.89 8.10
C CYS A 238 80.50 -0.13 8.32
N ALA A 239 81.74 0.34 8.35
CA ALA A 239 82.88 -0.54 8.57
C ALA A 239 83.97 0.22 9.30
N ALA A 240 84.49 -0.37 10.37
CA ALA A 240 85.58 0.20 11.16
C ALA A 240 86.80 -0.69 11.07
N VAL A 241 87.94 -0.11 10.71
CA VAL A 241 89.17 -0.86 10.49
C VAL A 241 90.23 -0.37 11.47
N ARG A 242 90.82 -1.30 12.22
CA ARG A 242 91.89 -0.96 13.15
C ARG A 242 93.24 -1.32 12.51
N THR A 243 94.05 -0.31 12.22
CA THR A 243 95.31 -0.54 11.54
C THR A 243 96.48 -0.07 12.39
N SER A 244 97.66 -0.63 12.10
CA SER A 244 98.84 -0.35 12.90
C SER A 244 99.29 1.09 12.72
N ASP A 245 99.39 1.56 11.49
CA ASP A 245 99.81 2.92 11.21
C ASP A 245 98.60 3.84 11.15
N ARG A 246 98.84 5.13 11.11
CA ARG A 246 97.75 6.07 10.96
C ARG A 246 97.14 5.92 9.57
N PRO A 247 95.81 6.01 9.45
CA PRO A 247 95.20 5.95 8.12
C PRO A 247 95.25 7.30 7.44
N ALA A 248 95.30 7.31 6.12
CA ALA A 248 95.39 8.56 5.37
C ALA A 248 94.07 9.30 5.41
N ALA A 249 94.13 10.61 5.14
CA ALA A 249 92.92 11.42 5.14
C ALA A 249 91.90 10.89 4.15
N LYS A 250 92.36 10.47 2.97
CA LYS A 250 91.46 9.90 1.98
C LYS A 250 91.12 8.46 2.31
N ALA A 251 90.00 8.00 1.78
CA ALA A 251 89.49 6.67 2.10
C ALA A 251 90.34 5.59 1.45
N PRO A 252 90.33 4.37 2.01
CA PRO A 252 91.19 3.32 1.46
C PRO A 252 90.72 2.79 0.12
N LEU A 253 89.43 2.49 -0.02
CA LEU A 253 88.93 1.83 -1.22
C LEU A 253 87.80 2.65 -1.84
N ALA A 254 87.44 2.27 -3.06
CA ALA A 254 86.37 2.96 -3.76
C ALA A 254 85.03 2.64 -3.12
N GLY A 255 84.08 3.55 -3.29
CA GLY A 255 82.79 3.36 -2.67
C GLY A 255 82.80 3.47 -1.18
N LEU A 256 83.71 4.26 -0.61
CA LEU A 256 83.82 4.42 0.83
C LEU A 256 84.09 5.88 1.14
N THR A 257 83.28 6.47 2.01
CA THR A 257 83.58 7.80 2.48
C THR A 257 84.15 7.70 3.89
N PRO A 258 85.31 8.31 4.14
CA PRO A 258 86.01 8.02 5.40
C PRO A 258 85.27 8.45 6.63
N ALA A 259 84.10 9.08 6.49
CA ALA A 259 83.36 9.61 7.62
C ALA A 259 84.25 10.48 8.49
N ARG A 260 85.00 11.37 7.85
CA ARG A 260 85.99 12.16 8.57
C ARG A 260 85.32 13.22 9.42
N GLY A 261 86.07 13.70 10.41
CA GLY A 261 85.52 14.57 11.42
C GLY A 261 85.16 13.78 12.67
N ARG A 262 83.88 13.47 12.80
CA ARG A 262 83.43 12.62 13.90
C ARG A 262 83.89 11.19 13.69
N HIS A 263 84.50 10.60 14.71
CA HIS A 263 84.75 9.16 14.68
C HIS A 263 84.14 8.49 15.91
N ARG A 264 84.44 9.01 17.09
CA ARG A 264 83.96 8.40 18.32
C ARG A 264 82.45 8.24 18.37
N PRO A 265 81.63 9.21 17.96
CA PRO A 265 80.19 8.93 17.86
C PRO A 265 79.90 7.81 16.88
N ALA A 266 80.55 7.83 15.71
CA ALA A 266 80.29 6.79 14.72
C ALA A 266 80.77 5.43 15.21
N LEU A 267 81.87 5.40 15.97
CA LEU A 267 82.36 4.12 16.47
C LEU A 267 81.48 3.57 17.58
N ALA A 268 81.17 4.39 18.59
CA ALA A 268 80.25 3.96 19.63
C ALA A 268 78.92 3.53 19.03
N ALA A 269 78.51 4.17 17.93
CA ALA A 269 77.31 3.74 17.24
C ALA A 269 77.49 2.36 16.62
N LEU A 270 78.72 1.99 16.28
CA LEU A 270 79.00 0.72 15.65
C LEU A 270 79.09 -0.43 16.64
N ASN A 271 78.92 -0.17 17.85
CA ASN A 271 78.93 -1.12 18.93
C ASN A 271 77.62 -1.90 18.97
N PRO A 272 77.68 -3.22 18.95
CA PRO A 272 76.43 -4.00 18.93
C PRO A 272 75.53 -3.74 20.12
N LEU A 273 76.07 -3.26 21.23
CA LEU A 273 75.27 -2.93 22.40
C LEU A 273 74.74 -1.51 22.37
N SER A 274 74.94 -0.78 21.28
CA SER A 274 74.43 0.58 21.20
C SER A 274 72.93 0.58 21.00
N THR A 275 72.33 1.75 21.17
CA THR A 275 70.93 1.94 20.91
C THR A 275 70.67 3.00 19.85
N GLU A 276 71.70 3.72 19.42
CA GLU A 276 71.59 4.71 18.36
C GLU A 276 71.96 4.05 17.04
N ARG A 277 71.49 4.64 15.96
CA ARG A 277 71.67 4.08 14.63
C ARG A 277 72.87 4.72 13.94
N LEU A 278 73.38 4.03 12.92
CA LEU A 278 74.60 4.44 12.25
C LEU A 278 74.38 5.75 11.50
N ASP A 279 75.49 6.47 11.26
CA ASP A 279 75.45 7.78 10.61
C ASP A 279 74.72 7.77 9.28
N GLY A 280 73.67 8.59 9.18
CA GLY A 280 72.97 8.77 7.92
C GLY A 280 72.21 7.52 7.49
N THR A 281 71.43 7.69 6.43
CA THR A 281 70.65 6.61 5.87
C THR A 281 71.13 6.29 4.48
N ALA A 282 70.63 5.18 3.93
CA ALA A 282 70.99 4.76 2.59
C ALA A 282 69.76 4.26 1.86
N VAL A 283 69.87 4.24 0.54
CA VAL A 283 68.83 3.77 -0.37
C VAL A 283 68.50 2.33 -0.01
N PRO A 284 67.23 1.93 -0.04
CA PRO A 284 66.90 0.54 0.22
C PRO A 284 67.36 -0.35 -0.92
N LEU A 285 67.80 -1.55 -0.57
CA LEU A 285 68.15 -2.54 -1.57
C LEU A 285 67.29 -3.78 -1.40
N MET B 7 55.40 -27.82 2.75
CA MET B 7 54.15 -27.59 3.49
C MET B 7 54.09 -26.17 4.03
N PRO B 8 53.09 -25.40 3.62
CA PRO B 8 53.01 -24.00 4.04
C PRO B 8 52.78 -23.89 5.53
N ILE B 9 53.58 -23.04 6.17
CA ILE B 9 53.47 -22.77 7.60
C ILE B 9 53.54 -21.26 7.75
N VAL B 10 53.00 -20.75 8.86
CA VAL B 10 53.10 -19.34 9.17
C VAL B 10 53.26 -19.20 10.67
N ARG B 11 54.20 -18.35 11.10
CA ARG B 11 54.49 -18.12 12.51
C ARG B 11 53.79 -16.85 12.92
N VAL B 12 52.67 -16.99 13.62
CA VAL B 12 51.89 -15.84 14.05
C VAL B 12 51.89 -15.79 15.56
N ALA B 13 51.83 -14.57 16.09
CA ALA B 13 51.68 -14.35 17.52
C ALA B 13 50.23 -14.01 17.81
N VAL B 14 49.65 -14.73 18.77
CA VAL B 14 48.26 -14.55 19.13
C VAL B 14 48.17 -14.31 20.63
N LEU B 15 47.34 -13.35 21.02
CA LEU B 15 47.06 -13.10 22.42
C LEU B 15 45.59 -13.38 22.68
N ALA B 16 45.33 -14.05 23.80
CA ALA B 16 43.97 -14.38 24.22
C ALA B 16 43.76 -13.77 25.59
N ALA B 17 42.88 -12.78 25.66
CA ALA B 17 42.58 -12.17 26.95
C ALA B 17 41.71 -13.10 27.78
N GLY B 18 42.11 -13.32 29.03
CA GLY B 18 41.39 -14.15 29.94
C GLY B 18 40.66 -13.36 31.00
N ASP B 19 40.63 -13.92 32.21
CA ASP B 19 39.99 -13.26 33.35
C ASP B 19 41.02 -12.67 34.30
N ASP B 20 42.31 -12.83 33.98
CA ASP B 20 43.36 -12.31 34.88
C ASP B 20 44.46 -11.59 34.11
N GLY B 21 44.19 -11.11 32.91
CA GLY B 21 45.24 -10.65 32.02
C GLY B 21 45.53 -11.65 30.92
N GLY B 22 45.73 -11.12 29.72
CA GLY B 22 45.80 -11.98 28.55
C GLY B 22 47.08 -12.79 28.51
N ARG B 23 47.02 -13.91 27.79
CA ARG B 23 48.17 -14.73 27.51
C ARG B 23 48.55 -14.51 26.06
N LEU B 24 49.74 -13.96 25.83
CA LEU B 24 50.25 -13.74 24.49
C LEU B 24 51.37 -14.73 24.22
N THR B 25 51.27 -15.46 23.11
CA THR B 25 52.30 -16.39 22.71
C THR B 25 52.41 -16.34 21.19
N GLU B 26 53.24 -17.22 20.63
CA GLU B 26 53.35 -17.31 19.19
C GLU B 26 53.56 -18.76 18.81
N MET B 27 53.18 -19.10 17.59
CA MET B 27 53.33 -20.47 17.14
C MET B 27 53.42 -20.51 15.63
N ALA B 28 54.07 -21.57 15.13
CA ALA B 28 54.18 -21.82 13.70
C ALA B 28 53.08 -22.81 13.33
N LEU B 29 51.93 -22.27 12.98
CA LEU B 29 50.81 -23.12 12.63
C LEU B 29 50.64 -23.19 11.12
N PRO B 30 50.10 -24.28 10.60
CA PRO B 30 49.93 -24.38 9.15
C PRO B 30 48.90 -23.39 8.66
N SER B 31 49.08 -22.95 7.41
CA SER B 31 48.06 -22.17 6.76
C SER B 31 47.76 -22.85 5.43
N GLU B 32 47.00 -23.93 5.52
CA GLU B 32 46.31 -24.48 4.34
C GLU B 32 44.94 -25.01 4.73
N LEU B 33 44.42 -24.64 5.88
CA LEU B 33 43.26 -25.28 6.48
C LEU B 33 42.25 -24.25 6.90
N PRO B 34 40.98 -24.63 7.00
CA PRO B 34 40.01 -23.75 7.64
C PRO B 34 40.42 -23.46 9.07
N LEU B 35 39.99 -22.31 9.58
CA LEU B 35 40.29 -21.96 10.96
C LEU B 35 39.66 -22.95 11.94
N ARG B 36 38.69 -23.74 11.47
CA ARG B 36 38.02 -24.67 12.36
C ARG B 36 38.97 -25.71 12.94
N GLU B 37 40.00 -26.09 12.18
CA GLU B 37 40.96 -27.04 12.71
C GLU B 37 42.03 -26.34 13.55
N ILE B 38 42.39 -25.12 13.18
CA ILE B 38 43.46 -24.42 13.87
C ILE B 38 42.99 -23.94 15.24
N LEU B 39 41.71 -23.63 15.39
CA LEU B 39 41.25 -23.02 16.62
C LEU B 39 41.34 -23.92 17.84
N PRO B 40 41.07 -25.22 17.79
CA PRO B 40 41.31 -26.04 18.97
C PRO B 40 42.76 -26.06 19.39
N ALA B 41 43.68 -26.23 18.44
CA ALA B 41 45.10 -26.26 18.78
C ALA B 41 45.55 -24.92 19.34
N VAL B 42 45.13 -23.81 18.72
CA VAL B 42 45.48 -22.50 19.23
C VAL B 42 44.91 -22.31 20.62
N GLN B 43 43.64 -22.66 20.82
CA GLN B 43 43.02 -22.54 22.13
C GLN B 43 43.79 -23.34 23.16
N ARG B 44 44.26 -24.52 22.79
CA ARG B 44 45.03 -25.33 23.73
C ARG B 44 46.34 -24.65 24.11
N ILE B 45 47.10 -24.22 23.11
CA ILE B 45 48.47 -23.80 23.44
C ILE B 45 48.50 -22.39 24.00
N VAL B 46 47.59 -21.52 23.59
CA VAL B 46 47.60 -20.16 24.13
C VAL B 46 46.94 -20.11 25.49
N GLN B 47 46.02 -21.03 25.77
CA GLN B 47 45.26 -20.95 27.00
C GLN B 47 45.20 -22.30 27.72
N PRO B 48 45.80 -22.40 28.90
CA PRO B 48 45.58 -23.58 29.74
C PRO B 48 44.11 -23.74 30.07
N ALA B 49 43.66 -25.00 30.11
CA ALA B 49 42.26 -25.36 30.37
C ALA B 49 41.33 -24.72 29.36
N ALA B 61 33.91 -22.25 28.89
CA ALA B 61 33.54 -23.35 28.01
C ALA B 61 32.21 -24.02 28.40
N PRO B 62 31.96 -24.26 29.69
CA PRO B 62 30.60 -24.64 30.09
C PRO B 62 29.57 -23.56 29.86
N ASN B 63 29.99 -22.36 29.46
CA ASN B 63 29.15 -21.26 28.99
C ASN B 63 29.20 -21.19 27.48
N PRO B 64 28.10 -20.79 26.85
CA PRO B 64 28.05 -20.83 25.38
C PRO B 64 28.84 -19.70 24.73
N VAL B 65 30.00 -20.02 24.15
CA VAL B 65 30.82 -19.03 23.46
C VAL B 65 31.71 -19.76 22.46
N ARG B 66 32.02 -19.09 21.36
CA ARG B 66 32.81 -19.67 20.28
C ARG B 66 33.84 -18.66 19.84
N LEU B 67 35.11 -19.01 20.00
CA LEU B 67 36.19 -18.08 19.72
C LEU B 67 36.69 -18.27 18.29
N SER B 68 37.44 -17.29 17.82
CA SER B 68 38.01 -17.34 16.47
C SER B 68 39.16 -16.36 16.39
N LEU B 69 40.09 -16.65 15.49
CA LEU B 69 41.20 -15.74 15.23
C LEU B 69 40.67 -14.44 14.63
N ALA B 70 41.34 -13.34 14.97
CA ALA B 70 40.89 -12.06 14.50
C ALA B 70 42.08 -11.16 14.25
N PRO B 71 42.10 -10.43 13.14
CA PRO B 71 43.12 -9.39 12.98
C PRO B 71 42.87 -8.30 14.02
N ILE B 72 43.88 -8.03 14.83
CA ILE B 72 43.66 -7.27 16.04
C ILE B 72 43.16 -5.88 15.68
N GLY B 73 42.13 -5.44 16.40
CA GLY B 73 41.42 -4.23 16.02
C GLY B 73 40.66 -4.40 14.72
N GLY B 74 39.89 -5.46 14.62
CA GLY B 74 39.14 -5.71 13.40
C GLY B 74 38.08 -6.77 13.60
N ALA B 75 37.61 -7.31 12.49
CA ALA B 75 36.56 -8.31 12.55
C ALA B 75 37.14 -9.70 12.43
N PRO B 76 36.61 -10.66 13.18
CA PRO B 76 37.19 -12.00 13.20
C PRO B 76 37.15 -12.66 11.84
N PHE B 77 38.07 -13.61 11.64
CA PHE B 77 38.08 -14.37 10.41
C PHE B 77 36.98 -15.42 10.41
N SER B 78 36.35 -15.59 9.26
CA SER B 78 35.33 -16.61 9.13
C SER B 78 35.94 -17.99 9.36
N LEU B 79 35.18 -18.85 10.02
CA LEU B 79 35.69 -20.16 10.39
C LEU B 79 35.99 -21.00 9.15
N ASP B 80 35.10 -20.97 8.16
CA ASP B 80 35.31 -21.77 6.96
C ASP B 80 36.51 -21.30 6.15
N ALA B 81 36.94 -20.06 6.35
CA ALA B 81 38.04 -19.52 5.56
C ALA B 81 39.34 -20.21 5.88
N THR B 82 40.19 -20.33 4.86
CA THR B 82 41.54 -20.84 5.03
C THR B 82 42.46 -19.67 5.34
N LEU B 83 43.40 -19.89 6.27
CA LEU B 83 44.23 -18.79 6.74
C LEU B 83 45.00 -18.13 5.60
N ASP B 84 45.44 -18.92 4.61
CA ASP B 84 46.14 -18.33 3.47
C ASP B 84 45.20 -17.54 2.57
N THR B 85 43.95 -17.97 2.42
CA THR B 85 43.00 -17.26 1.58
C THR B 85 42.51 -15.97 2.22
N VAL B 86 42.92 -15.69 3.46
CA VAL B 86 42.64 -14.43 4.11
C VAL B 86 43.97 -13.73 4.33
N GLY B 87 43.98 -12.42 4.12
CA GLY B 87 45.20 -11.64 4.25
C GLY B 87 45.88 -11.83 5.60
N VAL B 88 47.04 -12.49 5.58
CA VAL B 88 47.83 -12.70 6.78
C VAL B 88 49.24 -13.06 6.34
N VAL B 89 50.23 -12.67 7.13
CA VAL B 89 51.64 -12.92 6.84
C VAL B 89 52.34 -13.06 8.18
N ASP B 90 53.52 -13.68 8.17
CA ASP B 90 54.22 -13.95 9.42
C ASP B 90 54.41 -12.67 10.22
N GLY B 91 54.22 -12.78 11.53
CA GLY B 91 54.42 -11.67 12.43
C GLY B 91 53.20 -10.81 12.67
N ASP B 92 52.04 -11.20 12.20
CA ASP B 92 50.82 -10.47 12.49
C ASP B 92 50.33 -10.86 13.88
N LEU B 93 49.95 -9.86 14.67
CA LEU B 93 49.40 -10.10 15.99
C LEU B 93 47.91 -10.34 15.86
N LEU B 94 47.44 -11.49 16.33
CA LEU B 94 46.06 -11.87 16.22
C LEU B 94 45.43 -11.97 17.59
N ALA B 95 44.18 -11.56 17.68
CA ALA B 95 43.42 -11.68 18.92
C ALA B 95 42.49 -12.88 18.82
N LEU B 96 42.06 -13.37 19.97
CA LEU B 96 41.16 -14.51 20.03
C LEU B 96 39.80 -13.96 20.45
N GLN B 97 38.94 -13.66 19.49
CA GLN B 97 37.72 -12.92 19.74
C GLN B 97 36.50 -13.79 19.58
N ALA B 98 35.42 -13.39 20.24
CA ALA B 98 34.16 -14.10 20.13
C ALA B 98 33.53 -13.88 18.75
N VAL B 99 32.98 -14.94 18.18
CA VAL B 99 32.33 -14.88 16.87
C VAL B 99 31.20 -13.86 16.92
N PRO B 100 31.10 -12.97 15.92
CA PRO B 100 30.07 -11.94 15.96
C PRO B 100 28.67 -12.51 15.74
N SER B 101 27.73 -12.07 16.58
CA SER B 101 26.33 -12.45 16.45
C SER B 101 25.47 -11.28 16.86
N GLY B 102 24.38 -11.05 16.11
CA GLY B 102 23.51 -9.93 16.36
C GLY B 102 22.73 -10.06 17.65
N PRO B 103 21.88 -9.10 17.94
CA PRO B 103 21.09 -9.13 19.18
C PRO B 103 20.13 -10.30 19.19
N PRO B 104 19.76 -10.80 20.36
CA PRO B 104 18.89 -11.98 20.40
C PRO B 104 17.49 -11.69 19.88
N ALA B 105 16.92 -10.60 20.35
CA ALA B 105 15.69 -10.00 19.85
C ALA B 105 15.49 -8.70 20.60
N PRO B 106 14.98 -7.66 19.95
CA PRO B 106 14.70 -6.41 20.65
C PRO B 106 13.41 -6.54 21.45
N ARG B 107 13.29 -5.67 22.45
CA ARG B 107 12.11 -5.70 23.29
C ARG B 107 10.89 -5.34 22.45
N ILE B 108 9.87 -6.19 22.51
CA ILE B 108 8.63 -5.98 21.78
C ILE B 108 7.58 -5.51 22.77
N VAL B 109 7.05 -4.32 22.54
CA VAL B 109 6.18 -3.65 23.49
C VAL B 109 4.96 -3.13 22.75
N GLU B 110 3.79 -3.29 23.35
CA GLU B 110 2.53 -2.95 22.70
C GLU B 110 1.82 -1.78 23.35
N ASP B 111 2.37 -1.22 24.43
CA ASP B 111 1.81 -0.04 25.07
C ASP B 111 2.70 1.14 24.72
N ILE B 112 2.13 2.16 24.11
CA ILE B 112 2.92 3.25 23.55
C ILE B 112 3.65 4.00 24.66
N ALA B 113 2.93 4.38 25.71
CA ALA B 113 3.58 5.12 26.80
C ALA B 113 4.66 4.28 27.46
N ASP B 114 4.39 2.99 27.66
CA ASP B 114 5.40 2.12 28.23
C ASP B 114 6.59 1.98 27.29
N ALA B 115 6.32 1.96 25.98
CA ALA B 115 7.41 1.96 25.02
C ALA B 115 8.29 3.19 25.18
N ALA B 116 7.67 4.35 25.33
CA ALA B 116 8.44 5.58 25.48
C ALA B 116 9.29 5.55 26.75
N VAL B 117 8.70 5.09 27.85
CA VAL B 117 9.46 5.08 29.10
C VAL B 117 10.57 4.03 29.04
N ILE B 118 10.37 2.95 28.28
CA ILE B 118 11.36 1.88 28.23
C ILE B 118 12.54 2.27 27.34
N PHE B 119 12.26 2.58 26.08
CA PHE B 119 13.34 2.72 25.10
C PHE B 119 14.14 4.00 25.27
N SER B 120 13.63 4.98 25.99
CA SER B 120 14.37 6.23 26.15
C SER B 120 15.59 6.05 27.04
N GLU B 121 15.52 5.09 27.98
CA GLU B 121 16.60 4.91 28.95
C GLU B 121 17.89 4.44 28.30
N ALA B 122 17.80 3.77 27.15
CA ALA B 122 19.02 3.33 26.48
C ALA B 122 19.88 4.50 25.99
N ARG B 123 19.38 5.73 26.08
CA ARG B 123 20.16 6.89 25.70
C ARG B 123 20.00 8.03 26.69
N ARG B 124 19.34 7.80 27.82
CA ARG B 124 19.05 8.86 28.79
C ARG B 124 19.71 8.55 30.11
N ARG B 125 20.49 9.51 30.61
CA ARG B 125 21.01 9.48 31.95
C ARG B 125 20.26 10.50 32.79
N GLN B 126 19.98 10.14 34.03
CA GLN B 126 19.16 10.99 34.89
C GLN B 126 19.86 12.31 35.14
N TRP B 127 19.08 13.30 35.58
CA TRP B 127 19.63 14.64 35.81
C TRP B 127 20.82 14.58 36.75
N GLY B 128 20.60 14.15 37.99
CA GLY B 128 21.68 13.87 38.91
C GLY B 128 22.52 15.10 39.25
N PRO B 129 23.54 14.91 40.09
CA PRO B 129 24.38 16.05 40.49
C PRO B 129 25.50 16.36 39.52
N THR B 130 25.95 15.39 38.73
CA THR B 130 27.04 15.65 37.79
C THR B 130 26.61 16.65 36.72
N HIS B 131 25.37 16.56 36.25
CA HIS B 131 24.87 17.53 35.29
C HIS B 131 24.82 18.91 35.91
N ILE B 132 24.38 19.01 37.16
CA ILE B 132 24.35 20.31 37.83
C ILE B 132 25.76 20.89 37.90
N ALA B 133 26.73 20.04 38.25
CA ALA B 133 28.10 20.53 38.36
C ALA B 133 28.63 21.03 37.03
N ARG B 134 28.42 20.25 35.96
CA ARG B 134 28.90 20.66 34.65
C ARG B 134 28.22 21.95 34.20
N GLY B 135 26.91 22.04 34.40
CA GLY B 135 26.20 23.26 34.02
C GLY B 135 26.65 24.46 34.83
N ALA B 136 26.94 24.26 36.11
CA ALA B 136 27.40 25.36 36.94
C ALA B 136 28.77 25.84 36.48
N ALA B 137 29.67 24.91 36.16
CA ALA B 137 30.97 25.29 35.64
C ALA B 137 30.83 26.05 34.34
N LEU B 138 29.93 25.60 33.47
CA LEU B 138 29.72 26.29 32.20
C LEU B 138 29.17 27.70 32.44
N ALA B 139 28.22 27.83 33.36
CA ALA B 139 27.67 29.14 33.68
C ALA B 139 28.74 30.06 34.24
N LEU B 140 29.63 29.51 35.06
CA LEU B 140 30.70 30.32 35.63
C LEU B 140 31.66 30.80 34.55
N ILE B 141 32.03 29.91 33.63
CA ILE B 141 32.91 30.30 32.53
C ILE B 141 32.26 31.40 31.70
N GLY B 142 30.97 31.22 31.38
CA GLY B 142 30.26 32.24 30.63
C GLY B 142 30.21 33.56 31.37
N LEU B 143 30.03 33.51 32.69
CA LEU B 143 30.02 34.72 33.48
C LEU B 143 31.36 35.44 33.38
N ILE B 144 32.45 34.69 33.55
CA ILE B 144 33.78 35.29 33.42
C ILE B 144 33.93 35.98 32.07
N LEU B 145 33.58 35.27 31.00
CA LEU B 145 33.78 35.81 29.65
C LEU B 145 32.96 37.07 29.43
N VAL B 146 31.64 36.99 29.69
CA VAL B 146 30.79 38.11 29.35
C VAL B 146 31.04 39.28 30.29
N GLY B 147 31.45 39.01 31.53
CA GLY B 147 31.81 40.09 32.42
C GLY B 147 33.05 40.81 31.94
N THR B 148 34.07 40.05 31.52
CA THR B 148 35.24 40.69 30.92
C THR B 148 34.84 41.55 29.74
N GLY B 149 33.99 41.02 28.86
CA GLY B 149 33.58 41.77 27.69
C GLY B 149 32.89 43.08 28.04
N LEU B 150 31.84 43.00 28.87
CA LEU B 150 31.13 44.19 29.26
C LEU B 150 32.06 45.17 29.97
N SER B 151 32.94 44.67 30.82
CA SER B 151 33.78 45.55 31.61
C SER B 151 34.73 46.34 30.71
N VAL B 152 35.42 45.64 29.80
CA VAL B 152 36.35 46.34 28.92
C VAL B 152 35.60 47.28 27.99
N ALA B 153 34.40 46.89 27.54
CA ALA B 153 33.63 47.76 26.67
C ALA B 153 33.25 49.05 27.38
N HIS B 154 32.74 48.93 28.61
CA HIS B 154 32.35 50.11 29.36
C HIS B 154 33.57 50.98 29.66
N ARG B 155 34.70 50.35 29.98
CA ARG B 155 35.91 51.12 30.28
C ARG B 155 36.39 51.88 29.05
N VAL B 156 36.26 51.29 27.86
CA VAL B 156 36.68 51.99 26.66
C VAL B 156 35.71 53.12 26.33
N ILE B 157 34.40 52.84 26.38
CA ILE B 157 33.42 53.83 25.96
C ILE B 157 33.34 54.99 26.93
N THR B 158 33.53 54.74 28.21
CA THR B 158 33.40 55.78 29.22
C THR B 158 34.71 56.19 29.86
N GLY B 159 35.60 55.23 30.12
CA GLY B 159 36.80 55.54 30.87
C GLY B 159 36.49 56.00 32.28
N ASP B 160 35.40 55.51 32.85
CA ASP B 160 34.96 55.91 34.18
C ASP B 160 35.69 55.20 35.30
N LEU B 161 36.76 54.47 34.99
CA LEU B 161 37.57 53.69 35.92
C LEU B 161 36.78 52.51 36.47
N LEU B 162 35.49 52.39 36.17
CA LEU B 162 34.68 51.33 36.74
C LEU B 162 34.86 50.01 36.00
N GLY B 163 34.79 50.05 34.67
CA GLY B 163 35.08 48.85 33.90
C GLY B 163 36.44 48.27 34.24
N GLN B 164 37.42 49.14 34.49
CA GLN B 164 38.76 48.67 34.85
C GLN B 164 38.73 47.91 36.16
N PHE B 165 38.15 48.50 37.20
CA PHE B 165 38.07 47.82 38.49
C PHE B 165 37.34 46.50 38.35
N ILE B 166 36.26 46.47 37.58
CA ILE B 166 35.46 45.26 37.49
C ILE B 166 36.24 44.15 36.77
N VAL B 167 36.89 44.48 35.66
CA VAL B 167 37.60 43.43 34.93
C VAL B 167 38.81 42.97 35.72
N SER B 168 39.48 43.88 36.42
CA SER B 168 40.60 43.48 37.25
C SER B 168 40.14 42.57 38.39
N GLY B 169 38.99 42.91 38.98
CA GLY B 169 38.45 42.05 40.02
C GLY B 169 38.12 40.67 39.51
N ILE B 170 37.46 40.60 38.35
CA ILE B 170 37.16 39.30 37.76
C ILE B 170 38.44 38.51 37.50
N ALA B 171 39.46 39.20 36.96
CA ALA B 171 40.70 38.52 36.60
C ALA B 171 41.39 37.96 37.84
N LEU B 172 41.56 38.78 38.87
CA LEU B 172 42.21 38.30 40.08
C LEU B 172 41.38 37.20 40.74
N ALA B 173 40.06 37.35 40.75
CA ALA B 173 39.21 36.33 41.35
C ALA B 173 39.36 35.00 40.65
N THR B 174 39.38 35.02 39.31
CA THR B 174 39.44 33.75 38.60
C THR B 174 40.83 33.15 38.63
N VAL B 175 41.87 33.98 38.71
CA VAL B 175 43.19 33.37 38.79
C VAL B 175 43.44 32.80 40.19
N ILE B 176 42.79 33.36 41.21
CA ILE B 176 42.83 32.73 42.52
C ILE B 176 42.02 31.44 42.50
N ALA B 177 40.84 31.47 41.87
CA ALA B 177 39.98 30.30 41.86
C ALA B 177 40.60 29.15 41.07
N ALA B 178 41.29 29.46 39.98
CA ALA B 178 41.91 28.42 39.17
C ALA B 178 42.98 27.67 39.95
N LEU B 179 43.53 28.29 40.99
CA LEU B 179 44.39 27.58 41.91
C LEU B 179 43.61 26.98 43.07
N ALA B 180 42.45 27.55 43.39
CA ALA B 180 41.65 27.06 44.50
C ALA B 180 41.08 25.68 44.23
N VAL B 181 40.38 25.52 43.12
CA VAL B 181 39.75 24.24 42.80
C VAL B 181 40.73 23.26 42.18
N ARG B 182 42.03 23.56 42.24
CA ARG B 182 43.06 22.74 41.60
C ARG B 182 42.96 21.27 42.01
N ASN B 183 42.77 21.00 43.30
CA ASN B 183 42.73 19.63 43.80
C ASN B 183 41.31 19.12 44.00
N ARG B 184 40.30 19.97 43.89
CA ARG B 184 38.93 19.48 44.00
C ARG B 184 38.50 18.77 42.72
N SER B 185 38.82 19.35 41.57
CA SER B 185 38.54 18.73 40.28
C SER B 185 39.53 19.29 39.27
N ALA B 186 40.17 18.39 38.53
CA ALA B 186 41.25 18.82 37.64
C ALA B 186 40.71 19.55 36.43
N VAL B 187 39.68 19.00 35.79
CA VAL B 187 39.17 19.58 34.56
C VAL B 187 38.65 20.99 34.81
N LEU B 188 37.93 21.19 35.91
CA LEU B 188 37.43 22.53 36.22
C LEU B 188 38.58 23.49 36.42
N ALA B 189 39.64 23.04 37.09
CA ALA B 189 40.78 23.92 37.36
C ALA B 189 41.47 24.32 36.06
N THR B 190 41.74 23.36 35.20
CA THR B 190 42.39 23.69 33.93
C THR B 190 41.48 24.58 33.08
N SER B 191 40.17 24.32 33.07
CA SER B 191 39.26 25.12 32.26
C SER B 191 39.21 26.55 32.76
N LEU B 192 39.12 26.76 34.08
CA LEU B 192 39.11 28.11 34.59
C LEU B 192 40.43 28.80 34.33
N ALA B 193 41.54 28.09 34.49
CA ALA B 193 42.84 28.70 34.21
C ALA B 193 42.93 29.11 32.75
N VAL B 194 42.37 28.31 31.85
CA VAL B 194 42.37 28.66 30.42
C VAL B 194 41.53 29.90 30.18
N THR B 195 40.28 29.89 30.63
CA THR B 195 39.40 31.02 30.35
C THR B 195 39.88 32.28 31.05
N ALA B 196 40.70 32.13 32.09
CA ALA B 196 41.25 33.30 32.76
C ALA B 196 42.22 34.09 31.89
N LEU B 197 42.56 33.59 30.69
CA LEU B 197 43.44 34.31 29.80
C LEU B 197 42.81 35.62 29.33
N VAL B 198 41.50 35.62 29.10
CA VAL B 198 40.83 36.85 28.66
C VAL B 198 40.78 37.91 29.75
N PRO B 199 40.36 37.61 30.98
CA PRO B 199 40.33 38.66 32.00
C PRO B 199 41.67 39.31 32.25
N VAL B 200 42.73 38.53 32.43
CA VAL B 200 44.03 39.12 32.74
C VAL B 200 44.55 39.94 31.57
N ALA B 201 44.36 39.43 30.34
CA ALA B 201 44.77 40.18 29.18
C ALA B 201 44.08 41.53 29.13
N ALA B 202 42.75 41.53 29.28
CA ALA B 202 42.03 42.79 29.24
C ALA B 202 42.43 43.71 30.38
N ALA B 203 42.66 43.15 31.56
CA ALA B 203 43.01 43.96 32.71
C ALA B 203 44.34 44.65 32.48
N PHE B 204 45.34 43.93 32.00
CA PHE B 204 46.64 44.53 31.78
C PHE B 204 46.64 45.50 30.62
N ALA B 205 45.95 45.16 29.52
CA ALA B 205 45.93 46.06 28.37
C ALA B 205 45.32 47.41 28.71
N LEU B 206 44.61 47.49 29.83
CA LEU B 206 44.11 48.75 30.36
C LEU B 206 44.75 49.07 31.71
N GLY B 207 45.76 48.31 32.11
CA GLY B 207 46.45 48.62 33.35
C GLY B 207 47.25 49.91 33.26
N VAL B 208 47.73 50.25 32.07
CA VAL B 208 48.50 51.45 31.84
C VAL B 208 47.57 52.66 31.86
N PRO B 209 47.92 53.73 32.56
CA PRO B 209 47.08 54.94 32.52
C PRO B 209 47.05 55.55 31.13
N GLY B 210 48.21 55.58 30.47
CA GLY B 210 48.33 56.10 29.12
C GLY B 210 47.40 55.42 28.13
N ASP B 211 47.05 56.13 27.06
CA ASP B 211 46.16 55.58 26.05
C ASP B 211 46.76 54.33 25.41
N PHE B 212 45.91 53.61 24.69
CA PHE B 212 46.27 52.33 24.10
C PHE B 212 47.40 52.46 23.08
N GLY B 213 48.51 51.80 23.34
CA GLY B 213 49.64 51.81 22.44
C GLY B 213 50.51 50.61 22.69
N ALA B 214 51.76 50.72 22.24
CA ALA B 214 52.69 49.61 22.43
C ALA B 214 52.87 49.21 23.89
N PRO B 215 53.02 50.13 24.86
CA PRO B 215 53.17 49.67 26.25
C PRO B 215 52.01 48.82 26.72
N ASN B 216 50.79 49.15 26.31
CA ASN B 216 49.63 48.39 26.75
C ASN B 216 49.73 46.94 26.27
N VAL B 217 49.98 46.74 24.98
CA VAL B 217 50.03 45.38 24.47
C VAL B 217 51.25 44.64 24.99
N LEU B 218 52.36 45.33 25.21
CA LEU B 218 53.50 44.71 25.85
C LEU B 218 53.12 44.16 27.22
N LEU B 219 52.47 44.98 28.03
CA LEU B 219 52.08 44.56 29.37
C LEU B 219 51.10 43.40 29.30
N ALA B 220 50.14 43.46 28.39
CA ALA B 220 49.14 42.40 28.27
C ALA B 220 49.78 41.08 27.87
N ALA B 221 50.71 41.12 26.91
CA ALA B 221 51.37 39.91 26.47
C ALA B 221 52.23 39.32 27.57
N ALA B 222 52.99 40.15 28.28
CA ALA B 222 53.78 39.65 29.39
C ALA B 222 52.88 39.00 30.44
N GLY B 223 51.76 39.64 30.75
CA GLY B 223 50.88 39.10 31.77
C GLY B 223 50.30 37.76 31.36
N VAL B 224 49.80 37.67 30.13
CA VAL B 224 49.17 36.42 29.72
C VAL B 224 50.20 35.31 29.60
N ALA B 225 51.42 35.65 29.17
CA ALA B 225 52.46 34.63 29.12
C ALA B 225 52.83 34.14 30.51
N ALA B 226 52.99 35.06 31.46
CA ALA B 226 53.32 34.66 32.82
C ALA B 226 52.22 33.77 33.40
N TRP B 227 50.97 34.15 33.20
CA TRP B 227 49.88 33.34 33.72
C TRP B 227 49.85 31.97 33.07
N SER B 228 50.01 31.92 31.75
CA SER B 228 50.04 30.63 31.06
C SER B 228 51.16 29.76 31.59
N LEU B 229 52.32 30.35 31.86
CA LEU B 229 53.44 29.57 32.35
C LEU B 229 53.13 28.99 33.74
N ILE B 230 52.75 29.86 34.68
CA ILE B 230 52.47 29.38 36.02
C ILE B 230 51.29 28.42 36.04
N SER B 231 50.43 28.46 35.02
CA SER B 231 49.33 27.51 34.98
C SER B 231 49.77 26.18 34.37
N MET B 232 50.66 26.23 33.38
CA MET B 232 51.20 25.00 32.82
C MET B 232 52.06 24.27 33.84
N ALA B 233 52.69 25.00 34.76
CA ALA B 233 53.49 24.35 35.78
C ALA B 233 52.62 23.50 36.71
N GLY B 234 51.67 24.14 37.38
CA GLY B 234 50.76 23.42 38.25
C GLY B 234 49.47 23.06 37.56
N SER B 235 49.51 22.11 36.62
CA SER B 235 48.32 21.68 35.93
C SER B 235 48.22 20.17 36.04
N PRO B 236 47.22 19.65 36.76
CA PRO B 236 47.07 18.19 36.87
C PRO B 236 46.67 17.55 35.55
N ASP B 237 45.65 18.08 34.90
CA ASP B 237 45.19 17.55 33.63
C ASP B 237 46.24 17.73 32.55
N ASP B 238 46.40 16.71 31.72
CA ASP B 238 47.35 16.74 30.63
C ASP B 238 46.70 17.13 29.31
N ARG B 239 45.43 17.52 29.33
CA ARG B 239 44.71 17.91 28.14
C ARG B 239 44.72 19.42 27.89
N GLY B 240 44.98 20.22 28.92
CA GLY B 240 45.14 21.65 28.78
C GLY B 240 46.57 22.10 28.63
N ILE B 241 47.51 21.18 28.43
CA ILE B 241 48.90 21.56 28.23
C ILE B 241 49.07 22.25 26.89
N ALA B 242 48.36 21.77 25.86
CA ALA B 242 48.52 22.31 24.52
C ALA B 242 48.17 23.79 24.47
N VAL B 243 46.98 24.15 24.96
CA VAL B 243 46.55 25.54 24.91
C VAL B 243 47.47 26.41 25.72
N PHE B 244 47.93 25.92 26.87
CA PHE B 244 48.81 26.73 27.71
C PHE B 244 50.16 26.97 27.03
N THR B 245 50.72 25.92 26.42
CA THR B 245 51.98 26.07 25.70
C THR B 245 51.84 27.06 24.55
N ALA B 246 50.75 26.92 23.78
CA ALA B 246 50.54 27.82 22.66
C ALA B 246 50.42 29.26 23.14
N THR B 247 49.61 29.47 24.18
CA THR B 247 49.44 30.83 24.70
C THR B 247 50.75 31.38 25.22
N ALA B 248 51.56 30.53 25.85
CA ALA B 248 52.83 30.99 26.39
C ALA B 248 53.76 31.44 25.27
N VAL B 249 53.91 30.61 24.24
CA VAL B 249 54.84 30.94 23.16
C VAL B 249 54.36 32.18 22.42
N THR B 250 53.06 32.27 22.14
CA THR B 250 52.53 33.44 21.45
C THR B 250 52.67 34.68 22.32
N GLY B 251 52.47 34.54 23.63
CA GLY B 251 52.66 35.68 24.51
C GLY B 251 54.09 36.15 24.51
N VAL B 252 55.04 35.23 24.48
CA VAL B 252 56.45 35.62 24.41
C VAL B 252 56.74 36.35 23.11
N GLY B 253 56.18 35.84 22.01
CA GLY B 253 56.40 36.48 20.72
C GLY B 253 55.86 37.90 20.69
N VAL B 254 54.60 38.06 21.06
CA VAL B 254 54.01 39.40 21.08
C VAL B 254 54.71 40.27 22.09
N LEU B 255 55.20 39.69 23.20
CA LEU B 255 55.98 40.46 24.16
C LEU B 255 57.21 41.03 23.47
N LEU B 256 57.93 40.20 22.73
CA LEU B 256 59.14 40.66 22.06
C LEU B 256 58.81 41.77 21.08
N VAL B 257 57.81 41.57 20.22
CA VAL B 257 57.54 42.53 19.16
C VAL B 257 56.98 43.83 19.72
N ALA B 258 56.05 43.73 20.68
CA ALA B 258 55.48 44.92 21.29
C ALA B 258 56.52 45.69 22.08
N GLY B 259 57.41 44.99 22.78
CA GLY B 259 58.50 45.67 23.46
C GLY B 259 59.42 46.37 22.50
N ALA B 260 59.68 45.74 21.34
CA ALA B 260 60.43 46.43 20.30
C ALA B 260 59.73 47.72 19.91
N ALA B 261 58.42 47.66 19.72
CA ALA B 261 57.67 48.86 19.36
C ALA B 261 57.72 49.91 20.47
N SER B 262 57.73 49.46 21.72
CA SER B 262 57.71 50.39 22.85
C SER B 262 59.06 51.09 23.00
N LEU B 263 60.14 50.33 23.09
CA LEU B 263 61.43 50.89 23.44
C LEU B 263 61.87 51.95 22.45
N TRP B 264 61.77 51.66 21.15
CA TRP B 264 62.04 52.67 20.14
C TRP B 264 61.00 52.58 19.04
N VAL B 265 60.54 53.74 18.57
CA VAL B 265 59.46 53.80 17.60
C VAL B 265 59.86 53.12 16.31
N ILE B 266 58.93 52.39 15.72
CA ILE B 266 59.16 51.62 14.50
C ILE B 266 57.90 51.68 13.65
N SER B 267 58.03 51.25 12.40
CA SER B 267 56.89 51.26 11.49
C SER B 267 56.03 50.02 11.71
N SER B 268 54.92 49.94 10.98
CA SER B 268 54.09 48.75 11.02
C SER B 268 54.70 47.62 10.22
N ASP B 269 55.48 47.96 9.18
CA ASP B 269 56.15 46.93 8.40
C ASP B 269 57.11 46.13 9.25
N VAL B 270 57.86 46.81 10.13
CA VAL B 270 58.74 46.13 11.06
C VAL B 270 57.94 45.16 11.92
N ILE B 271 56.83 45.64 12.50
CA ILE B 271 55.98 44.79 13.32
C ILE B 271 55.64 43.51 12.57
N GLY B 272 55.02 43.66 11.41
CA GLY B 272 54.55 42.48 10.69
C GLY B 272 55.67 41.53 10.30
N CYS B 273 56.76 42.08 9.78
CA CYS B 273 57.82 41.21 9.30
C CYS B 273 58.51 40.50 10.44
N ALA B 274 58.83 41.23 11.51
CA ALA B 274 59.42 40.59 12.67
C ALA B 274 58.52 39.51 13.22
N LEU B 275 57.21 39.75 13.23
CA LEU B 275 56.30 38.78 13.82
C LEU B 275 56.21 37.52 12.96
N VAL B 276 56.08 37.68 11.64
CA VAL B 276 55.99 36.50 10.79
C VAL B 276 57.30 35.74 10.76
N LEU B 277 58.43 36.46 10.84
CA LEU B 277 59.71 35.80 10.94
C LEU B 277 59.79 34.97 12.21
N LEU B 278 59.34 35.55 13.32
CA LEU B 278 59.31 34.79 14.57
C LEU B 278 58.46 33.55 14.44
N GLY B 279 57.31 33.68 13.77
CA GLY B 279 56.47 32.51 13.54
C GLY B 279 57.17 31.44 12.73
N LEU B 280 57.88 31.85 11.68
CA LEU B 280 58.68 30.91 10.90
C LEU B 280 59.67 30.18 11.78
N ILE B 281 60.37 30.93 12.65
CA ILE B 281 61.37 30.34 13.53
C ILE B 281 60.73 29.32 14.46
N VAL B 282 59.60 29.70 15.08
CA VAL B 282 58.96 28.81 16.04
C VAL B 282 58.49 27.53 15.36
N THR B 283 57.93 27.65 14.16
CA THR B 283 57.43 26.47 13.48
C THR B 283 58.56 25.55 13.02
N VAL B 284 59.64 26.12 12.47
CA VAL B 284 60.70 25.25 11.97
C VAL B 284 61.53 24.69 13.13
N GLN B 285 61.53 25.37 14.27
CA GLN B 285 62.19 24.90 15.47
C GLN B 285 61.23 24.26 16.46
N ALA B 286 60.07 23.80 15.98
CA ALA B 286 59.07 23.24 16.87
C ALA B 286 59.62 22.08 17.68
N ALA B 287 60.35 21.19 17.01
CA ALA B 287 60.92 20.04 17.71
C ALA B 287 61.81 20.49 18.86
N GLN B 288 62.62 21.53 18.64
CA GLN B 288 63.57 21.94 19.65
C GLN B 288 62.87 22.58 20.85
N LEU B 289 61.92 23.46 20.61
CA LEU B 289 61.20 24.04 21.74
C LEU B 289 60.35 23.00 22.47
N SER B 290 59.81 22.02 21.75
CA SER B 290 59.08 20.96 22.43
C SER B 290 60.00 20.15 23.31
N ALA B 291 61.20 19.84 22.82
CA ALA B 291 62.18 19.15 23.65
C ALA B 291 62.59 20.01 24.84
N MET B 292 62.61 21.34 24.65
CA MET B 292 62.89 22.23 25.76
C MET B 292 61.82 22.12 26.84
N TRP B 293 60.55 22.20 26.44
CA TRP B 293 59.47 22.25 27.40
C TRP B 293 59.42 21.00 28.28
N ALA B 294 59.91 19.87 27.77
CA ALA B 294 59.83 18.63 28.52
C ALA B 294 60.68 18.64 29.78
N ARG B 295 61.56 19.63 29.95
CA ARG B 295 62.35 19.73 31.17
C ARG B 295 61.57 20.50 32.25
N PRO B 313 53.97 2.71 41.67
CA PRO B 313 55.07 1.90 42.19
C PRO B 313 56.40 2.66 42.22
N LEU B 314 57.51 1.91 42.22
CA LEU B 314 58.85 2.48 42.18
C LEU B 314 59.57 1.85 40.99
N SER B 315 59.36 2.43 39.82
CA SER B 315 59.97 1.94 38.59
C SER B 315 60.25 3.11 37.67
N VAL B 316 61.34 3.01 36.93
CA VAL B 316 61.73 4.03 35.97
C VAL B 316 61.04 3.72 34.66
N LEU B 317 60.86 4.75 33.83
CA LEU B 317 60.25 4.61 32.53
C LEU B 317 58.79 4.22 32.68
N ALA B 318 58.22 4.50 33.85
CA ALA B 318 56.84 4.15 34.15
C ALA B 318 55.88 5.30 33.89
N ASP B 319 56.39 6.53 33.78
CA ASP B 319 55.58 7.67 33.39
C ASP B 319 55.79 8.03 31.93
N LEU B 320 56.49 7.19 31.17
CA LEU B 320 56.71 7.49 29.76
C LEU B 320 55.43 7.75 28.98
N PRO B 321 54.30 7.11 29.24
CA PRO B 321 53.06 7.56 28.59
C PRO B 321 52.75 9.02 28.85
N ARG B 322 52.74 9.44 30.12
CA ARG B 322 52.50 10.85 30.40
C ARG B 322 53.59 11.71 29.80
N ARG B 323 54.83 11.22 29.79
CA ARG B 323 55.92 11.98 29.20
C ARG B 323 55.67 12.26 27.73
N VAL B 324 55.34 11.22 26.96
CA VAL B 324 55.18 11.39 25.53
C VAL B 324 53.92 12.20 25.22
N ARG B 325 52.89 12.05 26.05
CA ARG B 325 51.68 12.85 25.82
C ARG B 325 51.94 14.31 26.10
N VAL B 326 52.71 14.61 27.15
CA VAL B 326 53.06 15.99 27.43
C VAL B 326 53.95 16.56 26.33
N SER B 327 54.86 15.73 25.78
CA SER B 327 55.68 16.23 24.68
C SER B 327 54.83 16.52 23.45
N GLN B 328 53.89 15.64 23.14
CA GLN B 328 52.98 15.88 22.02
C GLN B 328 52.19 17.16 22.25
N ALA B 329 51.69 17.37 23.47
CA ALA B 329 50.93 18.57 23.75
C ALA B 329 51.80 19.82 23.58
N HIS B 330 53.02 19.78 24.10
CA HIS B 330 53.92 20.91 23.95
C HIS B 330 54.18 21.19 22.47
N GLN B 331 54.45 20.14 21.70
CA GLN B 331 54.74 20.28 20.29
C GLN B 331 53.57 20.92 19.56
N THR B 332 52.36 20.40 19.79
CA THR B 332 51.17 20.95 19.14
C THR B 332 50.95 22.40 19.51
N GLY B 333 51.09 22.72 20.80
CA GLY B 333 50.92 24.11 21.21
C GLY B 333 51.94 25.02 20.56
N VAL B 334 53.20 24.56 20.48
CA VAL B 334 54.25 25.37 19.86
C VAL B 334 53.92 25.64 18.40
N ILE B 335 53.50 24.60 17.68
CA ILE B 335 53.18 24.76 16.27
C ILE B 335 52.02 25.73 16.11
N ALA B 336 50.98 25.58 16.93
CA ALA B 336 49.85 26.49 16.84
C ALA B 336 50.28 27.93 17.12
N ALA B 337 51.20 28.10 18.08
CA ALA B 337 51.69 29.43 18.36
C ALA B 337 52.42 30.00 17.15
N GLY B 338 53.19 29.17 16.47
CA GLY B 338 53.87 29.63 15.28
C GLY B 338 52.89 30.07 14.20
N VAL B 339 51.82 29.30 14.01
CA VAL B 339 50.82 29.64 13.02
C VAL B 339 50.14 30.96 13.39
N LEU B 340 49.76 31.12 14.65
CA LEU B 340 49.11 32.35 15.07
C LEU B 340 50.03 33.55 14.89
N LEU B 341 51.31 33.40 15.24
CA LEU B 341 52.23 34.51 15.06
C LEU B 341 52.39 34.85 13.58
N GLY B 342 52.47 33.83 12.74
CA GLY B 342 52.59 34.09 11.31
C GLY B 342 51.39 34.84 10.77
N VAL B 343 50.18 34.41 11.16
CA VAL B 343 48.98 35.09 10.69
C VAL B 343 48.94 36.53 11.18
N ALA B 344 49.27 36.73 12.45
CA ALA B 344 49.21 38.07 13.02
C ALA B 344 50.16 39.00 12.30
N GLY B 345 51.39 38.55 12.07
CA GLY B 345 52.35 39.38 11.36
C GLY B 345 51.89 39.66 9.93
N SER B 346 51.40 38.63 9.24
CA SER B 346 50.87 38.80 7.91
C SER B 346 49.82 39.90 7.86
N VAL B 347 48.82 39.80 8.72
CA VAL B 347 47.75 40.79 8.74
C VAL B 347 48.33 42.16 9.05
N ALA B 348 49.26 42.22 10.00
CA ALA B 348 49.81 43.50 10.40
C ALA B 348 50.53 44.18 9.25
N LEU B 349 51.14 43.43 8.35
CA LEU B 349 51.90 44.08 7.29
C LEU B 349 51.17 44.15 5.96
N VAL B 350 50.03 43.49 5.83
CA VAL B 350 49.29 43.48 4.57
C VAL B 350 48.02 44.29 4.65
N SER B 351 47.33 44.25 5.79
CA SER B 351 46.02 44.89 5.93
C SER B 351 46.05 46.38 5.59
N SER B 352 47.21 47.03 5.70
CA SER B 352 47.30 48.42 5.33
C SER B 352 47.05 48.57 3.84
N ALA B 353 46.48 49.72 3.45
CA ALA B 353 46.17 49.95 2.04
C ALA B 353 47.45 49.99 1.20
N ASN B 354 48.34 50.93 1.49
CA ASN B 354 49.61 50.99 0.79
C ASN B 354 50.43 49.75 1.09
N ALA B 355 51.08 49.20 0.07
CA ALA B 355 51.84 47.98 0.25
C ALA B 355 52.72 47.74 -0.97
N SER B 356 53.32 46.56 -1.02
CA SER B 356 54.27 46.19 -2.06
C SER B 356 54.01 44.75 -2.45
N PRO B 357 54.42 44.34 -3.64
CA PRO B 357 54.23 42.93 -4.02
C PRO B 357 54.95 41.97 -3.08
N TRP B 358 56.12 42.35 -2.56
CA TRP B 358 56.81 41.46 -1.64
C TRP B 358 56.06 41.33 -0.32
N ALA B 359 55.29 42.36 0.04
CA ALA B 359 54.48 42.26 1.24
C ALA B 359 53.53 41.07 1.15
N TRP B 360 52.90 40.88 0.00
CA TRP B 360 52.13 39.67 -0.19
C TRP B 360 52.99 38.46 -0.49
N TYR B 361 54.21 38.66 -0.99
CA TYR B 361 55.04 37.50 -1.29
C TYR B 361 55.42 36.76 -0.02
N ILE B 362 55.85 37.50 1.01
CA ILE B 362 56.24 36.84 2.26
C ILE B 362 55.04 36.14 2.86
N VAL B 363 53.85 36.69 2.67
CA VAL B 363 52.65 36.10 3.25
C VAL B 363 52.30 34.80 2.55
N VAL B 364 52.21 34.84 1.22
CA VAL B 364 51.88 33.63 0.49
C VAL B 364 52.98 32.60 0.67
N ALA B 365 54.23 33.04 0.79
CA ALA B 365 55.33 32.12 1.00
C ALA B 365 55.22 31.43 2.35
N ALA B 366 54.97 32.19 3.41
CA ALA B 366 54.83 31.57 4.73
C ALA B 366 53.64 30.63 4.75
N ALA B 367 52.54 31.01 4.12
CA ALA B 367 51.37 30.14 4.09
C ALA B 367 51.67 28.82 3.41
N ALA B 368 52.26 28.89 2.21
CA ALA B 368 52.58 27.66 1.50
C ALA B 368 53.66 26.87 2.22
N GLY B 369 54.57 27.56 2.90
CA GLY B 369 55.58 26.86 3.67
C GLY B 369 54.97 26.07 4.81
N ALA B 370 53.94 26.62 5.45
CA ALA B 370 53.19 25.85 6.43
C ALA B 370 52.52 24.65 5.78
N ALA B 371 51.83 24.88 4.65
CA ALA B 371 51.13 23.80 3.98
C ALA B 371 52.08 22.70 3.52
N LEU B 372 53.36 23.01 3.39
CA LEU B 372 54.35 22.00 3.03
C LEU B 372 55.05 21.37 4.22
N ARG B 373 55.25 22.12 5.30
CA ARG B 373 55.76 21.51 6.51
C ARG B 373 54.75 20.57 7.12
N ALA B 374 53.49 20.69 6.73
CA ALA B 374 52.51 19.69 7.15
C ALA B 374 52.94 18.29 6.75
N ARG B 375 53.79 18.15 5.72
CA ARG B 375 54.21 16.83 5.27
C ARG B 375 55.17 16.15 6.25
N VAL B 376 55.95 16.91 7.01
CA VAL B 376 57.00 16.27 7.81
C VAL B 376 56.45 15.77 9.14
N TRP B 377 55.51 16.48 9.76
CA TRP B 377 54.96 16.01 11.02
C TRP B 377 54.09 14.78 10.79
N ASP B 378 53.76 14.09 11.88
CA ASP B 378 52.85 12.96 11.80
C ASP B 378 51.78 12.96 12.89
N SER B 379 51.71 13.99 13.72
CA SER B 379 50.63 14.13 14.68
C SER B 379 49.48 14.86 14.01
N ALA B 380 48.29 14.26 14.05
CA ALA B 380 47.16 14.80 13.31
C ALA B 380 46.89 16.26 13.66
N ALA B 381 47.04 16.62 14.93
CA ALA B 381 46.76 17.98 15.35
C ALA B 381 47.74 18.97 14.72
N CYS B 382 49.02 18.61 14.70
CA CYS B 382 50.02 19.50 14.11
C CYS B 382 49.80 19.67 12.62
N LYS B 383 49.54 18.57 11.92
CA LYS B 383 49.20 18.66 10.50
C LYS B 383 48.01 19.57 10.29
N ALA B 384 46.97 19.42 11.12
CA ALA B 384 45.79 20.25 10.97
C ALA B 384 46.11 21.72 11.17
N TRP B 385 46.94 22.03 12.16
CA TRP B 385 47.29 23.42 12.42
C TRP B 385 48.06 24.02 11.26
N LEU B 386 49.05 23.28 10.75
CA LEU B 386 49.84 23.83 9.64
C LEU B 386 49.00 23.98 8.39
N LEU B 387 48.13 23.00 8.10
CA LEU B 387 47.29 23.13 6.91
C LEU B 387 46.26 24.24 7.07
N GLY B 388 45.78 24.47 8.28
CA GLY B 388 44.83 25.54 8.50
C GLY B 388 45.46 26.89 8.70
N HIS B 389 46.78 26.98 8.75
CA HIS B 389 47.42 28.29 8.71
C HIS B 389 46.90 29.11 7.54
N SER B 390 46.85 28.49 6.36
CA SER B 390 46.40 29.22 5.17
C SER B 390 44.93 29.61 5.28
N TYR B 391 44.09 28.70 5.75
CA TYR B 391 42.67 29.00 5.93
C TYR B 391 42.47 30.17 6.89
N LEU B 392 43.14 30.10 8.04
CA LEU B 392 43.02 31.15 9.04
C LEU B 392 43.58 32.47 8.49
N LEU B 393 44.63 32.38 7.68
CA LEU B 393 45.13 33.55 6.98
C LEU B 393 44.06 34.17 6.10
N ALA B 394 43.36 33.34 5.34
CA ALA B 394 42.33 33.84 4.45
C ALA B 394 41.23 34.53 5.23
N VAL B 395 40.76 33.91 6.30
CA VAL B 395 39.69 34.50 7.09
C VAL B 395 40.15 35.79 7.75
N ALA B 396 41.40 35.80 8.24
CA ALA B 396 41.92 37.01 8.87
C ALA B 396 42.00 38.16 7.87
N LEU B 397 42.49 37.89 6.66
CA LEU B 397 42.54 38.95 5.65
C LEU B 397 41.14 39.41 5.28
N LEU B 398 40.20 38.48 5.18
CA LEU B 398 38.82 38.85 4.87
C LEU B 398 38.29 39.84 5.91
N VAL B 399 38.32 39.44 7.18
CA VAL B 399 37.75 40.30 8.20
C VAL B 399 38.54 41.59 8.37
N ALA B 400 39.85 41.57 8.12
CA ALA B 400 40.62 42.79 8.26
C ALA B 400 40.31 43.77 7.13
N PHE B 401 40.14 43.26 5.93
CA PHE B 401 39.68 44.11 4.83
C PHE B 401 38.30 44.68 5.13
N VAL B 402 37.40 43.88 5.68
CA VAL B 402 36.06 44.37 5.95
C VAL B 402 36.09 45.45 7.02
N ILE B 403 36.95 45.29 8.03
CA ILE B 403 37.11 46.35 9.03
C ILE B 403 37.56 47.64 8.35
N GLY B 404 38.39 47.55 7.33
CA GLY B 404 38.67 48.68 6.48
C GLY B 404 37.50 48.98 5.57
N ASP B 405 37.75 49.61 4.43
CA ASP B 405 36.73 49.77 3.40
C ASP B 405 37.06 48.97 2.14
N ARG B 406 37.96 48.01 2.24
CA ARG B 406 38.50 47.31 1.08
C ARG B 406 37.58 46.18 0.64
N TYR B 407 36.33 46.53 0.35
CA TYR B 407 35.30 45.53 0.13
C TYR B 407 35.60 44.66 -1.08
N GLN B 408 36.12 45.25 -2.15
CA GLN B 408 36.52 44.43 -3.30
C GLN B 408 37.62 43.46 -2.91
N ALA B 409 38.57 43.92 -2.10
CA ALA B 409 39.62 43.05 -1.62
C ALA B 409 39.06 41.96 -0.72
N ALA B 410 38.05 42.27 0.08
CA ALA B 410 37.42 41.25 0.91
C ALA B 410 36.74 40.20 0.06
N LEU B 411 36.04 40.62 -0.99
CA LEU B 411 35.44 39.66 -1.91
C LEU B 411 36.51 38.77 -2.54
N TRP B 412 37.65 39.36 -2.87
CA TRP B 412 38.72 38.56 -3.44
C TRP B 412 39.29 37.59 -2.41
N ALA B 413 39.36 38.01 -1.16
CA ALA B 413 39.79 37.10 -0.10
C ALA B 413 38.84 35.94 0.02
N LEU B 414 37.54 36.21 -0.03
CA LEU B 414 36.55 35.15 -0.01
C LEU B 414 36.73 34.21 -1.20
N ALA B 415 37.04 34.77 -2.38
CA ALA B 415 37.27 33.92 -3.55
C ALA B 415 38.46 33.01 -3.32
N ALA B 416 39.56 33.56 -2.82
CA ALA B 416 40.72 32.73 -2.51
C ALA B 416 40.36 31.66 -1.52
N LEU B 417 39.56 32.00 -0.52
CA LEU B 417 39.11 31.01 0.45
C LEU B 417 38.31 29.91 -0.22
N ALA B 418 37.48 30.28 -1.20
CA ALA B 418 36.73 29.28 -1.94
C ALA B 418 37.68 28.34 -2.69
N VAL B 419 38.73 28.90 -3.28
CA VAL B 419 39.74 28.05 -3.92
C VAL B 419 40.31 27.07 -2.91
N LEU B 420 40.62 27.57 -1.72
CA LEU B 420 41.22 26.74 -0.68
C LEU B 420 40.30 25.60 -0.27
N VAL B 421 39.02 25.91 -0.06
CA VAL B 421 38.07 24.86 0.28
C VAL B 421 37.95 23.86 -0.87
N LEU B 422 38.06 24.35 -2.11
CA LEU B 422 38.04 23.44 -3.25
C LEU B 422 39.22 22.48 -3.19
N VAL B 423 40.40 22.99 -2.81
CA VAL B 423 41.55 22.11 -2.62
C VAL B 423 41.23 21.05 -1.58
N TRP B 424 40.68 21.46 -0.45
CA TRP B 424 40.35 20.50 0.61
C TRP B 424 39.36 19.45 0.11
N ILE B 425 38.34 19.86 -0.63
CA ILE B 425 37.31 18.91 -1.06
C ILE B 425 37.87 17.95 -2.10
N VAL B 426 38.62 18.46 -3.07
CA VAL B 426 39.18 17.56 -4.08
C VAL B 426 40.20 16.62 -3.45
N ALA B 427 40.79 17.02 -2.32
CA ALA B 427 41.64 16.09 -1.59
C ALA B 427 40.82 15.07 -0.83
N ALA B 428 39.66 15.46 -0.32
CA ALA B 428 38.85 14.53 0.46
C ALA B 428 38.14 13.51 -0.41
N LEU B 429 37.83 13.88 -1.66
CA LEU B 429 37.15 12.94 -2.56
C LEU B 429 38.12 11.90 -3.13
N ASN B 430 39.34 12.31 -3.46
CA ASN B 430 40.30 11.43 -4.12
C ASN B 430 41.46 11.17 -3.15
N PRO B 431 41.47 10.04 -2.46
CA PRO B 431 42.56 9.78 -1.52
C PRO B 431 43.90 9.50 -2.19
N LYS B 432 43.91 9.16 -3.48
CA LYS B 432 45.17 8.92 -4.16
C LYS B 432 46.03 10.19 -4.18
N ILE B 433 45.44 11.32 -4.56
CA ILE B 433 46.20 12.55 -4.55
C ILE B 433 46.33 13.11 -3.13
N ALA B 434 45.57 12.54 -2.19
CA ALA B 434 45.73 12.91 -0.80
C ALA B 434 46.91 12.20 -0.14
N SER B 435 47.27 11.04 -0.64
CA SER B 435 48.32 10.25 -0.03
C SER B 435 49.66 10.53 -0.71
N PRO B 436 50.76 10.45 0.04
CA PRO B 436 52.08 10.66 -0.57
C PRO B 436 52.57 9.46 -1.36
N ASP B 437 51.83 8.37 -1.41
CA ASP B 437 52.27 7.17 -2.11
C ASP B 437 52.14 7.29 -3.63
N THR B 438 51.47 8.32 -4.12
CA THR B 438 51.27 8.51 -5.55
C THR B 438 52.43 9.23 -6.21
N TYR B 439 53.51 9.51 -5.50
CA TYR B 439 54.65 10.21 -6.05
C TYR B 439 55.94 9.47 -5.73
N SER B 440 56.81 9.32 -6.72
CA SER B 440 58.08 8.65 -6.53
C SER B 440 59.07 9.58 -5.85
N LEU B 441 60.17 8.99 -5.37
CA LEU B 441 61.22 9.71 -4.65
C LEU B 441 61.69 10.95 -5.41
N PRO B 442 61.79 10.93 -6.74
CA PRO B 442 62.06 12.20 -7.44
C PRO B 442 61.06 13.30 -7.12
N MET B 443 59.76 13.02 -7.26
CA MET B 443 58.76 14.04 -6.99
C MET B 443 58.77 14.46 -5.53
N ARG B 444 58.96 13.52 -4.61
CA ARG B 444 58.92 13.85 -3.21
C ARG B 444 60.11 14.70 -2.80
N ARG B 445 61.31 14.34 -3.28
CA ARG B 445 62.47 15.18 -3.00
C ARG B 445 62.35 16.52 -3.71
N MET B 446 61.66 16.55 -4.85
CA MET B 446 61.44 17.81 -5.53
C MET B 446 60.59 18.75 -4.69
N VAL B 447 59.46 18.25 -4.17
CA VAL B 447 58.63 19.10 -3.31
C VAL B 447 59.38 19.42 -2.02
N GLY B 448 60.26 18.53 -1.59
CA GLY B 448 61.06 18.82 -0.42
C GLY B 448 61.98 20.02 -0.62
N PHE B 449 62.73 20.02 -1.71
CA PHE B 449 63.62 21.15 -1.95
C PHE B 449 62.82 22.40 -2.29
N LEU B 450 61.67 22.24 -2.95
CA LEU B 450 60.77 23.37 -3.16
C LEU B 450 60.40 24.02 -1.84
N ALA B 451 59.99 23.20 -0.87
CA ALA B 451 59.61 23.74 0.44
C ALA B 451 60.78 24.38 1.15
N THR B 452 61.95 23.72 1.13
CA THR B 452 63.08 24.29 1.85
C THR B 452 63.57 25.57 1.21
N GLY B 453 63.37 25.73 -0.11
CA GLY B 453 63.69 27.00 -0.73
C GLY B 453 62.65 28.06 -0.44
N LEU B 454 61.38 27.65 -0.39
CA LEU B 454 60.30 28.59 -0.13
C LEU B 454 60.43 29.19 1.27
N ASP B 455 60.43 28.33 2.29
CA ASP B 455 60.55 28.85 3.65
C ASP B 455 61.93 29.39 3.97
N ALA B 456 62.82 29.45 2.98
CA ALA B 456 64.09 30.13 3.11
C ALA B 456 64.16 31.42 2.30
N SER B 457 63.21 31.66 1.41
CA SER B 457 63.21 32.87 0.63
C SER B 457 62.69 34.08 1.40
N LEU B 458 62.27 33.89 2.65
CA LEU B 458 61.65 34.99 3.37
C LEU B 458 62.67 35.98 3.91
N ILE B 459 63.87 35.53 4.27
CA ILE B 459 64.82 36.44 4.91
C ILE B 459 65.24 37.58 3.99
N PRO B 460 65.63 37.34 2.73
CA PRO B 460 66.06 38.49 1.91
C PRO B 460 64.93 39.48 1.66
N VAL B 461 63.76 38.99 1.27
CA VAL B 461 62.65 39.90 1.00
C VAL B 461 62.21 40.61 2.28
N MET B 462 62.38 39.98 3.43
CA MET B 462 62.11 40.64 4.71
C MET B 462 63.09 41.79 4.93
N ALA B 463 64.37 41.55 4.67
CA ALA B 463 65.34 42.63 4.74
C ALA B 463 64.97 43.74 3.75
N LEU B 464 64.42 43.36 2.61
CA LEU B 464 64.04 44.34 1.60
C LEU B 464 62.94 45.25 2.11
N LEU B 465 61.89 44.67 2.72
CA LEU B 465 60.77 45.46 3.19
C LEU B 465 61.23 46.58 4.12
N VAL B 466 61.85 46.24 5.23
CA VAL B 466 62.32 47.23 6.18
C VAL B 466 63.54 47.93 5.62
N GLY B 467 63.89 49.07 6.20
CA GLY B 467 64.95 49.89 5.65
C GLY B 467 66.35 49.39 5.96
N LEU B 468 66.56 48.08 5.92
CA LEU B 468 67.87 47.52 6.22
C LEU B 468 68.88 47.87 5.12
N PHE B 469 68.54 47.54 3.88
CA PHE B 469 69.48 47.79 2.79
C PHE B 469 69.74 49.28 2.61
N SER B 470 68.70 50.10 2.78
CA SER B 470 68.90 51.55 2.76
C SER B 470 69.85 51.99 3.85
N LEU B 471 69.68 51.46 5.05
CA LEU B 471 70.55 51.84 6.16
C LEU B 471 71.99 51.43 5.90
N VAL B 472 72.20 50.21 5.39
CA VAL B 472 73.56 49.74 5.19
C VAL B 472 74.23 50.47 4.03
N LEU B 473 73.47 50.83 3.00
CA LEU B 473 74.05 51.65 1.94
C LEU B 473 74.03 53.13 2.26
N ASP B 474 73.59 53.51 3.47
CA ASP B 474 73.59 54.91 3.88
C ASP B 474 74.27 55.08 5.24
N ARG B 475 75.18 54.18 5.59
CA ARG B 475 76.02 54.29 6.78
C ARG B 475 75.24 54.23 8.10
N MET C 7 40.75 -50.04 21.02
CA MET C 7 41.45 -50.58 19.87
C MET C 7 42.85 -49.99 19.76
N PRO C 8 43.85 -50.83 19.49
CA PRO C 8 45.22 -50.32 19.31
C PRO C 8 45.42 -49.55 18.01
N ILE C 9 44.37 -49.38 17.21
CA ILE C 9 44.43 -48.58 16.00
C ILE C 9 43.81 -47.23 16.32
N VAL C 10 44.27 -46.19 15.61
CA VAL C 10 43.77 -44.84 15.84
C VAL C 10 43.29 -44.27 14.52
N ARG C 11 42.05 -43.78 14.51
CA ARG C 11 41.46 -43.15 13.33
C ARG C 11 41.84 -41.67 13.38
N VAL C 12 42.93 -41.30 12.70
CA VAL C 12 43.46 -39.95 12.79
C VAL C 12 43.37 -39.27 11.44
N ALA C 13 43.20 -37.95 11.48
CA ALA C 13 43.07 -37.13 10.28
C ALA C 13 44.38 -36.40 10.03
N VAL C 14 45.03 -36.70 8.92
CA VAL C 14 46.31 -36.09 8.56
C VAL C 14 46.12 -35.16 7.37
N LEU C 15 47.18 -34.47 7.00
CA LEU C 15 47.09 -33.50 5.91
C LEU C 15 48.32 -33.53 5.03
N ALA C 16 48.17 -33.04 3.80
CA ALA C 16 49.19 -33.18 2.78
C ALA C 16 50.26 -32.10 2.88
N ALA C 17 51.51 -32.49 2.66
CA ALA C 17 52.61 -31.55 2.56
C ALA C 17 52.62 -30.88 1.18
N GLY C 18 53.54 -29.94 1.01
CA GLY C 18 53.69 -29.21 -0.24
C GLY C 18 52.43 -28.43 -0.60
N ASP C 19 52.42 -27.92 -1.83
CA ASP C 19 51.28 -27.16 -2.34
C ASP C 19 50.46 -28.07 -3.23
N ASP C 20 49.50 -28.77 -2.63
CA ASP C 20 48.51 -29.54 -3.38
C ASP C 20 47.14 -29.35 -2.73
N GLY C 21 47.01 -28.28 -1.97
CA GLY C 21 45.84 -28.07 -1.13
C GLY C 21 45.91 -28.89 0.14
N GLY C 22 45.28 -28.38 1.19
CA GLY C 22 45.27 -29.11 2.43
C GLY C 22 44.05 -30.00 2.54
N ARG C 23 44.25 -31.31 2.43
CA ARG C 23 43.15 -32.27 2.48
C ARG C 23 43.28 -33.11 3.73
N LEU C 24 42.21 -33.15 4.52
CA LEU C 24 42.19 -33.90 5.77
C LEU C 24 41.89 -35.35 5.46
N THR C 25 42.93 -36.12 5.15
CA THR C 25 42.78 -37.55 4.85
C THR C 25 42.63 -38.31 6.17
N GLU C 26 41.47 -38.92 6.38
CA GLU C 26 41.31 -39.80 7.54
C GLU C 26 41.95 -41.14 7.25
N MET C 27 42.63 -41.70 8.25
CA MET C 27 43.20 -43.02 8.07
C MET C 27 43.36 -43.69 9.43
N ALA C 28 43.21 -45.01 9.44
CA ALA C 28 43.50 -45.82 10.60
C ALA C 28 44.99 -46.14 10.64
N LEU C 29 45.64 -45.81 11.74
CA LEU C 29 47.07 -45.94 11.90
C LEU C 29 47.34 -46.87 13.07
N PRO C 30 48.25 -47.83 12.92
CA PRO C 30 48.63 -48.67 14.07
C PRO C 30 49.33 -47.83 15.13
N SER C 31 48.75 -47.76 16.33
CA SER C 31 49.31 -46.90 17.36
C SER C 31 50.43 -47.56 18.14
N GLU C 32 50.44 -48.88 18.24
CA GLU C 32 51.41 -49.58 19.07
C GLU C 32 52.72 -49.88 18.33
N LEU C 33 52.95 -49.28 17.17
CA LEU C 33 54.17 -49.50 16.41
C LEU C 33 55.05 -48.26 16.45
N PRO C 34 56.36 -48.44 16.28
CA PRO C 34 57.24 -47.27 16.14
C PRO C 34 56.81 -46.40 14.97
N LEU C 35 56.85 -45.09 15.19
CA LEU C 35 56.40 -44.15 14.17
C LEU C 35 57.17 -44.33 12.86
N ARG C 36 58.48 -44.53 12.96
CA ARG C 36 59.27 -44.70 11.75
C ARG C 36 58.85 -45.95 10.98
N GLU C 37 58.35 -46.95 11.69
CA GLU C 37 57.86 -48.15 11.02
C GLU C 37 56.64 -47.84 10.15
N ILE C 38 55.68 -47.09 10.71
CA ILE C 38 54.44 -46.80 9.99
C ILE C 38 54.57 -45.60 9.07
N LEU C 39 55.72 -44.93 9.08
CA LEU C 39 55.89 -43.71 8.28
C LEU C 39 55.79 -43.91 6.78
N PRO C 40 56.40 -44.93 6.16
CA PRO C 40 56.40 -44.97 4.68
C PRO C 40 55.03 -45.25 4.09
N ALA C 41 54.25 -46.14 4.72
CA ALA C 41 52.92 -46.43 4.22
C ALA C 41 52.04 -45.19 4.24
N VAL C 42 51.97 -44.52 5.39
CA VAL C 42 51.15 -43.32 5.47
C VAL C 42 51.72 -42.24 4.56
N GLN C 43 53.04 -42.25 4.34
CA GLN C 43 53.64 -41.29 3.43
C GLN C 43 53.13 -41.48 2.01
N ARG C 44 53.23 -42.71 1.50
CA ARG C 44 52.74 -42.97 0.15
C ARG C 44 51.24 -42.78 0.05
N ILE C 45 50.51 -42.99 1.14
CA ILE C 45 49.05 -42.81 1.10
C ILE C 45 48.70 -41.34 0.99
N VAL C 46 49.32 -40.50 1.81
CA VAL C 46 48.94 -39.10 1.86
C VAL C 46 49.31 -38.38 0.57
N GLN C 47 50.60 -38.41 0.21
CA GLN C 47 51.04 -37.75 -1.00
C GLN C 47 50.55 -38.51 -2.24
N PRO C 48 49.90 -37.85 -3.18
CA PRO C 48 49.33 -38.56 -4.34
C PRO C 48 50.38 -38.94 -5.38
N ALA C 49 51.36 -38.08 -5.60
CA ALA C 49 52.39 -38.32 -6.61
C ALA C 49 53.24 -39.53 -6.25
N LEU C 67 60.25 -36.99 7.03
CA LEU C 67 59.11 -36.34 7.66
C LEU C 67 58.64 -37.13 8.86
N SER C 68 57.61 -36.62 9.52
CA SER C 68 56.94 -37.32 10.62
C SER C 68 55.66 -36.55 10.92
N LEU C 69 54.87 -37.11 11.83
CA LEU C 69 53.59 -36.53 12.20
C LEU C 69 53.75 -35.57 13.37
N ALA C 70 52.88 -34.58 13.44
CA ALA C 70 53.01 -33.55 14.45
C ALA C 70 51.67 -32.95 14.76
N PRO C 71 51.40 -32.55 16.00
CA PRO C 71 50.20 -31.75 16.29
C PRO C 71 50.21 -30.45 15.51
N ILE C 72 49.03 -29.81 15.40
CA ILE C 72 48.91 -28.59 14.60
C ILE C 72 49.87 -27.52 15.10
N GLY C 73 50.02 -27.39 16.42
CA GLY C 73 50.86 -26.34 16.93
C GLY C 73 52.19 -26.82 17.48
N GLY C 74 52.25 -28.09 17.88
CA GLY C 74 53.41 -28.62 18.57
C GLY C 74 54.60 -28.85 17.65
N ALA C 75 55.45 -29.78 18.09
CA ALA C 75 56.66 -30.13 17.38
C ALA C 75 56.59 -31.61 17.01
N PRO C 76 57.20 -31.99 15.87
CA PRO C 76 57.10 -33.37 15.39
C PRO C 76 57.47 -34.42 16.41
N PHE C 77 56.83 -35.58 16.34
CA PHE C 77 57.06 -36.66 17.27
C PHE C 77 58.39 -37.34 16.99
N SER C 78 58.96 -37.92 18.03
CA SER C 78 60.11 -38.80 17.86
C SER C 78 59.70 -39.97 16.97
N LEU C 79 60.39 -40.12 15.84
CA LEU C 79 60.00 -41.14 14.88
C LEU C 79 60.12 -42.56 15.42
N ASP C 80 60.71 -42.74 16.61
CA ASP C 80 60.88 -44.06 17.18
C ASP C 80 59.97 -44.32 18.38
N ALA C 81 59.08 -43.40 18.72
CA ALA C 81 58.13 -43.60 19.81
C ALA C 81 56.74 -43.81 19.26
N THR C 82 56.00 -44.74 19.87
CA THR C 82 54.67 -45.10 19.40
C THR C 82 53.67 -43.99 19.72
N LEU C 83 52.62 -43.92 18.91
CA LEU C 83 51.59 -42.92 19.13
C LEU C 83 50.99 -43.04 20.52
N ASP C 84 50.65 -44.26 20.94
CA ASP C 84 50.05 -44.48 22.25
C ASP C 84 50.95 -43.92 23.35
N THR C 85 52.26 -44.07 23.20
CA THR C 85 53.18 -43.52 24.18
C THR C 85 53.14 -42.00 24.20
N VAL C 86 53.37 -41.38 23.04
CA VAL C 86 53.35 -39.92 23.00
C VAL C 86 51.95 -39.39 23.26
N GLY C 87 50.94 -40.19 22.99
CA GLY C 87 49.58 -39.85 23.36
C GLY C 87 48.82 -39.14 22.26
N VAL C 88 47.95 -39.88 21.57
CA VAL C 88 47.01 -39.32 20.62
C VAL C 88 45.69 -40.06 20.78
N VAL C 89 44.65 -39.46 20.25
CA VAL C 89 43.31 -40.04 20.27
C VAL C 89 42.71 -39.86 18.88
N ASP C 90 41.69 -40.68 18.59
CA ASP C 90 41.17 -40.73 17.23
C ASP C 90 40.48 -39.44 16.81
N GLY C 91 40.48 -38.42 17.64
CA GLY C 91 39.97 -37.14 17.21
C GLY C 91 41.09 -36.21 16.81
N ASP C 92 42.26 -36.42 17.39
CA ASP C 92 43.37 -35.51 17.21
C ASP C 92 43.70 -35.36 15.74
N LEU C 93 44.19 -34.18 15.37
CA LEU C 93 44.61 -33.93 14.01
C LEU C 93 46.13 -33.90 13.94
N LEU C 94 46.67 -34.50 12.89
CA LEU C 94 48.10 -34.60 12.72
C LEU C 94 48.49 -34.05 11.35
N ALA C 95 49.71 -33.54 11.26
CA ALA C 95 50.22 -32.98 10.02
C ALA C 95 51.60 -33.55 9.75
N LEU C 96 51.97 -33.57 8.47
CA LEU C 96 53.30 -34.01 8.07
C LEU C 96 54.22 -32.80 8.03
N GLN C 97 54.88 -32.54 9.15
CA GLN C 97 55.94 -31.55 9.23
C GLN C 97 57.29 -32.26 9.13
N ALA C 98 58.19 -31.72 8.32
CA ALA C 98 59.48 -32.34 8.09
C ALA C 98 60.24 -32.57 9.40
N VAL C 99 61.24 -33.45 9.35
CA VAL C 99 62.10 -33.70 10.50
C VAL C 99 62.72 -32.36 10.92
N PRO C 100 62.69 -32.01 12.20
CA PRO C 100 63.21 -30.71 12.61
C PRO C 100 64.73 -30.66 12.50
N SER C 101 65.22 -29.49 12.12
CA SER C 101 66.66 -29.22 12.10
C SER C 101 67.02 -28.49 13.38
N GLY C 102 67.79 -29.14 14.25
CA GLY C 102 68.11 -28.58 15.54
C GLY C 102 67.08 -28.96 16.58
N PRO C 103 67.28 -28.48 17.80
CA PRO C 103 66.41 -28.90 18.92
C PRO C 103 65.06 -28.23 18.83
N PRO C 104 63.98 -28.94 19.16
CA PRO C 104 62.65 -28.32 19.12
C PRO C 104 62.55 -27.22 20.15
N ALA C 105 62.06 -26.07 19.71
CA ALA C 105 62.06 -24.91 20.59
C ALA C 105 60.75 -24.82 21.34
N PRO C 106 60.80 -24.70 22.67
CA PRO C 106 59.56 -24.41 23.42
C PRO C 106 58.92 -23.10 23.00
N ARG C 107 57.65 -22.92 23.34
CA ARG C 107 56.92 -21.70 23.01
C ARG C 107 56.86 -20.84 24.27
N ILE C 108 57.41 -19.64 24.18
CA ILE C 108 57.50 -18.75 25.34
C ILE C 108 56.30 -17.83 25.36
N VAL C 109 55.45 -18.00 26.37
CA VAL C 109 54.31 -17.11 26.54
C VAL C 109 54.81 -15.78 27.10
N GLU C 110 53.94 -14.78 27.06
CA GLU C 110 54.25 -13.47 27.62
C GLU C 110 53.02 -12.94 28.31
N ASP C 111 53.22 -12.26 29.43
CA ASP C 111 52.13 -11.83 30.29
C ASP C 111 51.57 -10.51 29.78
N ILE C 112 50.27 -10.48 29.54
CA ILE C 112 49.57 -9.27 29.11
C ILE C 112 48.65 -8.84 30.24
N ALA C 113 48.73 -7.57 30.62
CA ALA C 113 47.93 -7.05 31.72
C ALA C 113 46.82 -6.14 31.20
N ASP C 114 46.75 -6.00 29.87
CA ASP C 114 45.64 -5.30 29.24
C ASP C 114 45.61 -5.61 27.76
N ALA C 115 44.50 -6.16 27.28
CA ALA C 115 44.35 -6.37 25.85
C ALA C 115 43.57 -5.22 25.22
N ALA C 116 42.75 -4.52 26.01
CA ALA C 116 42.00 -3.41 25.47
C ALA C 116 42.90 -2.29 24.99
N VAL C 117 44.10 -2.18 25.57
CA VAL C 117 45.05 -1.16 25.12
C VAL C 117 45.45 -1.40 23.67
N ILE C 118 45.91 -2.61 23.35
CA ILE C 118 46.33 -2.91 22.00
C ILE C 118 45.14 -2.86 21.05
N PHE C 119 44.02 -3.44 21.48
CA PHE C 119 42.85 -3.45 20.60
C PHE C 119 42.36 -2.04 20.31
N SER C 120 42.58 -1.12 21.24
CA SER C 120 42.24 0.28 20.98
C SER C 120 43.25 0.91 20.04
N GLU C 121 44.53 0.71 20.32
CA GLU C 121 45.58 1.37 19.53
C GLU C 121 45.56 0.91 18.09
N ALA C 122 45.20 -0.36 17.85
CA ALA C 122 45.19 -0.88 16.49
C ALA C 122 44.19 -0.14 15.62
N ARG C 123 43.10 0.34 16.21
CA ARG C 123 42.09 1.09 15.47
C ARG C 123 42.29 2.60 15.56
N ARG C 124 43.53 3.06 15.67
CA ARG C 124 43.84 4.47 15.71
C ARG C 124 44.75 4.82 14.54
N ARG C 125 44.32 5.78 13.73
CA ARG C 125 45.08 6.24 12.59
C ARG C 125 45.86 7.48 12.97
N GLN C 126 47.00 7.67 12.33
CA GLN C 126 47.83 8.85 12.59
C GLN C 126 47.55 9.96 11.58
N TRP C 127 47.12 9.60 10.38
CA TRP C 127 46.56 10.53 9.41
C TRP C 127 45.97 9.71 8.29
N GLY C 128 44.79 10.08 7.82
CA GLY C 128 44.11 9.28 6.82
C GLY C 128 43.00 10.05 6.14
N PRO C 129 42.35 9.42 5.17
CA PRO C 129 41.26 10.11 4.46
C PRO C 129 40.16 10.60 5.38
N THR C 130 40.01 9.99 6.56
CA THR C 130 38.99 10.45 7.48
C THR C 130 39.34 11.82 8.05
N HIS C 131 40.61 12.03 8.40
CA HIS C 131 41.01 13.34 8.92
C HIS C 131 40.87 14.41 7.86
N ILE C 132 41.33 14.13 6.64
CA ILE C 132 41.25 15.12 5.58
C ILE C 132 39.80 15.38 5.22
N ALA C 133 38.94 14.37 5.34
CA ALA C 133 37.53 14.57 5.05
C ALA C 133 36.86 15.45 6.10
N ARG C 134 37.14 15.18 7.38
CA ARG C 134 36.61 16.05 8.43
C ARG C 134 37.09 17.47 8.24
N GLY C 135 38.37 17.64 7.90
CA GLY C 135 38.90 18.96 7.65
C GLY C 135 38.20 19.64 6.49
N ALA C 136 37.91 18.89 5.43
CA ALA C 136 37.22 19.47 4.28
C ALA C 136 35.82 19.93 4.66
N ALA C 137 35.10 19.10 5.43
CA ALA C 137 33.75 19.48 5.83
C ALA C 137 33.75 20.72 6.71
N LEU C 138 34.64 20.77 7.70
CA LEU C 138 34.73 21.95 8.54
C LEU C 138 35.13 23.18 7.73
N ALA C 139 36.04 22.99 6.78
CA ALA C 139 36.44 24.10 5.90
C ALA C 139 35.25 24.63 5.14
N LEU C 140 34.42 23.74 4.61
CA LEU C 140 33.26 24.17 3.83
C LEU C 140 32.25 24.90 4.69
N ILE C 141 32.01 24.40 5.90
CA ILE C 141 31.12 25.10 6.82
C ILE C 141 31.64 26.50 7.09
N GLY C 142 32.94 26.61 7.37
CA GLY C 142 33.52 27.92 7.58
C GLY C 142 33.36 28.81 6.37
N LEU C 143 33.55 28.25 5.18
CA LEU C 143 33.38 29.02 3.95
C LEU C 143 31.98 29.60 3.87
N ILE C 144 30.97 28.76 4.10
CA ILE C 144 29.59 29.21 3.99
C ILE C 144 29.32 30.33 5.00
N LEU C 145 29.74 30.13 6.24
CA LEU C 145 29.47 31.13 7.27
C LEU C 145 30.14 32.45 6.94
N VAL C 146 31.43 32.43 6.63
CA VAL C 146 32.15 33.68 6.41
C VAL C 146 31.65 34.36 5.16
N GLY C 147 31.25 33.58 4.15
CA GLY C 147 30.70 34.16 2.94
C GLY C 147 29.39 34.88 3.20
N THR C 148 28.48 34.21 3.92
CA THR C 148 27.24 34.86 4.29
C THR C 148 27.50 36.16 5.03
N GLY C 149 28.42 36.12 6.00
CA GLY C 149 28.69 37.31 6.79
C GLY C 149 29.22 38.45 5.94
N LEU C 150 30.29 38.18 5.19
CA LEU C 150 30.87 39.23 4.35
C LEU C 150 29.86 39.77 3.36
N SER C 151 29.11 38.90 2.71
CA SER C 151 28.19 39.35 1.70
C SER C 151 27.07 40.18 2.28
N VAL C 152 26.57 39.80 3.46
CA VAL C 152 25.53 40.59 4.11
C VAL C 152 26.07 41.96 4.48
N ALA C 153 27.28 42.00 5.03
CA ALA C 153 27.88 43.28 5.39
C ALA C 153 28.03 44.17 4.17
N HIS C 154 28.44 43.60 3.05
CA HIS C 154 28.61 44.39 1.83
C HIS C 154 27.26 44.85 1.31
N ARG C 155 26.26 43.96 1.31
CA ARG C 155 24.93 44.28 0.80
C ARG C 155 24.26 45.38 1.61
N VAL C 156 24.50 45.41 2.91
CA VAL C 156 23.88 46.45 3.72
C VAL C 156 24.68 47.75 3.62
N ILE C 157 26.00 47.67 3.74
CA ILE C 157 26.81 48.88 3.74
C ILE C 157 26.89 49.48 2.34
N THR C 158 27.46 48.73 1.40
CA THR C 158 27.63 49.26 0.05
C THR C 158 26.32 49.31 -0.71
N GLY C 159 25.42 48.35 -0.46
CA GLY C 159 24.17 48.33 -1.19
C GLY C 159 24.33 47.93 -2.64
N ASP C 160 25.08 46.86 -2.90
CA ASP C 160 25.31 46.38 -4.26
C ASP C 160 24.61 45.06 -4.45
N LEU C 161 23.95 44.91 -5.60
CA LEU C 161 23.17 43.70 -5.89
C LEU C 161 24.03 42.44 -5.86
N LEU C 162 25.36 42.58 -5.83
CA LEU C 162 26.21 41.42 -5.69
C LEU C 162 25.93 40.67 -4.40
N GLY C 163 25.53 41.39 -3.35
CA GLY C 163 25.23 40.76 -2.08
C GLY C 163 24.19 39.66 -2.17
N GLN C 164 22.99 40.03 -2.62
CA GLN C 164 21.92 39.06 -2.74
C GLN C 164 22.36 37.90 -3.63
N PHE C 165 23.07 38.21 -4.70
CA PHE C 165 23.47 37.19 -5.65
C PHE C 165 24.36 36.15 -4.98
N ILE C 166 25.40 36.60 -4.29
CA ILE C 166 26.35 35.64 -3.75
C ILE C 166 25.78 34.89 -2.56
N VAL C 167 24.97 35.53 -1.71
CA VAL C 167 24.35 34.77 -0.62
C VAL C 167 23.42 33.72 -1.19
N SER C 168 22.62 34.09 -2.20
CA SER C 168 21.73 33.12 -2.82
C SER C 168 22.51 32.00 -3.46
N GLY C 169 23.67 32.31 -4.05
CA GLY C 169 24.46 31.28 -4.68
C GLY C 169 24.96 30.26 -3.68
N ILE C 170 25.58 30.73 -2.59
CA ILE C 170 26.07 29.76 -1.61
C ILE C 170 24.91 29.08 -0.90
N ALA C 171 23.77 29.75 -0.76
CA ALA C 171 22.61 29.11 -0.16
C ALA C 171 22.12 27.95 -1.02
N LEU C 172 21.95 28.20 -2.32
CA LEU C 172 21.49 27.15 -3.21
C LEU C 172 22.50 26.01 -3.27
N ALA C 173 23.79 26.36 -3.31
CA ALA C 173 24.83 25.34 -3.31
C ALA C 173 24.73 24.47 -2.07
N THR C 174 24.56 25.08 -0.90
CA THR C 174 24.50 24.32 0.34
C THR C 174 23.27 23.43 0.37
N VAL C 175 22.10 23.96 -0.01
CA VAL C 175 20.90 23.16 0.07
C VAL C 175 20.95 22.00 -0.92
N ILE C 176 21.45 22.25 -2.12
CA ILE C 176 21.50 21.15 -3.09
C ILE C 176 22.58 20.15 -2.69
N ALA C 177 23.66 20.62 -2.07
CA ALA C 177 24.69 19.70 -1.62
C ALA C 177 24.17 18.80 -0.51
N ALA C 178 23.40 19.37 0.41
CA ALA C 178 22.80 18.56 1.46
C ALA C 178 21.85 17.53 0.87
N LEU C 179 20.92 17.98 0.02
CA LEU C 179 19.95 17.08 -0.58
C LEU C 179 20.62 16.02 -1.44
N ALA C 180 21.83 16.30 -1.93
CA ALA C 180 22.56 15.32 -2.72
C ALA C 180 23.26 14.32 -1.81
N VAL C 181 24.12 14.80 -0.91
CA VAL C 181 24.95 13.93 -0.10
C VAL C 181 24.15 13.19 0.96
N ARG C 182 22.86 13.50 1.10
CA ARG C 182 22.01 12.76 2.05
C ARG C 182 22.18 11.25 1.90
N ASN C 183 22.38 10.76 0.68
CA ASN C 183 22.53 9.33 0.48
C ASN C 183 23.97 8.85 0.67
N ARG C 184 24.95 9.68 0.31
CA ARG C 184 26.35 9.27 0.37
C ARG C 184 26.92 9.32 1.79
N SER C 185 26.44 10.24 2.62
CA SER C 185 26.91 10.34 4.00
C SER C 185 25.84 11.03 4.83
N ALA C 186 25.64 10.54 6.06
CA ALA C 186 24.56 11.06 6.89
C ALA C 186 24.98 12.29 7.69
N VAL C 187 26.06 12.15 8.46
CA VAL C 187 26.46 13.23 9.37
C VAL C 187 26.86 14.46 8.58
N LEU C 188 27.57 14.28 7.47
CA LEU C 188 27.92 15.42 6.63
C LEU C 188 26.66 16.07 6.07
N ALA C 189 25.68 15.25 5.67
CA ALA C 189 24.44 15.79 5.12
C ALA C 189 23.71 16.64 6.13
N THR C 190 23.54 16.14 7.35
CA THR C 190 22.81 16.91 8.35
C THR C 190 23.61 18.13 8.77
N SER C 191 24.94 18.04 8.80
CA SER C 191 25.75 19.21 9.13
C SER C 191 25.57 20.31 8.09
N LEU C 192 25.69 19.95 6.81
CA LEU C 192 25.45 20.94 5.76
C LEU C 192 24.03 21.48 5.85
N ALA C 193 23.06 20.63 6.21
CA ALA C 193 21.68 21.08 6.27
C ALA C 193 21.49 22.10 7.39
N VAL C 194 22.01 21.81 8.58
CA VAL C 194 21.84 22.74 9.69
C VAL C 194 22.64 24.01 9.45
N THR C 195 23.74 23.93 8.69
CA THR C 195 24.47 25.14 8.37
C THR C 195 23.74 25.97 7.33
N ALA C 196 22.99 25.31 6.45
CA ALA C 196 22.24 26.03 5.42
C ALA C 196 21.23 27.01 6.00
N LEU C 197 21.00 26.99 7.31
CA LEU C 197 20.02 27.88 7.90
C LEU C 197 20.48 29.33 7.83
N VAL C 198 21.79 29.56 7.99
CA VAL C 198 22.30 30.93 7.94
C VAL C 198 22.17 31.52 6.54
N PRO C 199 22.56 30.86 5.46
CA PRO C 199 22.42 31.48 4.14
C PRO C 199 20.99 31.80 3.76
N VAL C 200 20.06 30.88 3.97
CA VAL C 200 18.68 31.14 3.55
C VAL C 200 18.07 32.26 4.37
N ALA C 201 18.36 32.30 5.68
CA ALA C 201 17.83 33.37 6.52
C ALA C 201 18.40 34.72 6.09
N ALA C 202 19.71 34.76 5.86
CA ALA C 202 20.32 36.02 5.42
C ALA C 202 19.81 36.42 4.04
N ALA C 203 19.47 35.44 3.19
CA ALA C 203 19.05 35.74 1.84
C ALA C 203 17.63 36.32 1.83
N PHE C 204 16.67 35.57 2.37
CA PHE C 204 15.29 36.01 2.28
C PHE C 204 15.05 37.32 3.03
N ALA C 205 15.81 37.57 4.09
CA ALA C 205 15.65 38.82 4.83
C ALA C 205 16.03 40.02 4.00
N LEU C 206 16.64 39.82 2.84
CA LEU C 206 17.05 40.90 1.96
C LEU C 206 16.41 40.80 0.59
N GLY C 207 15.71 39.71 0.29
CA GLY C 207 15.05 39.61 -1.01
C GLY C 207 13.96 40.66 -1.18
N VAL C 208 13.40 41.13 -0.08
CA VAL C 208 12.45 42.23 -0.15
C VAL C 208 13.19 43.53 -0.42
N PRO C 209 12.92 44.22 -1.52
CA PRO C 209 13.61 45.47 -1.80
C PRO C 209 13.18 46.59 -0.86
N GLY C 210 13.72 47.77 -1.12
CA GLY C 210 13.41 48.93 -0.31
C GLY C 210 14.00 48.81 1.08
N ASP C 211 13.44 49.60 2.00
CA ASP C 211 13.93 49.60 3.36
C ASP C 211 13.55 48.31 4.08
N PHE C 212 14.34 47.96 5.09
CA PHE C 212 14.06 46.77 5.89
C PHE C 212 12.83 47.02 6.76
N GLY C 213 12.12 45.94 7.06
CA GLY C 213 10.92 46.05 7.86
C GLY C 213 10.39 44.69 8.25
N ALA C 214 9.12 44.66 8.60
CA ALA C 214 8.49 43.40 8.98
C ALA C 214 8.47 42.37 7.86
N PRO C 215 8.05 42.68 6.63
CA PRO C 215 7.98 41.63 5.61
C PRO C 215 9.31 40.94 5.37
N ASN C 216 10.42 41.65 5.54
CA ASN C 216 11.72 41.01 5.45
C ASN C 216 11.84 39.88 6.46
N VAL C 217 11.49 40.17 7.71
CA VAL C 217 11.56 39.15 8.75
C VAL C 217 10.59 38.02 8.44
N LEU C 218 9.42 38.36 7.90
CA LEU C 218 8.45 37.33 7.53
C LEU C 218 9.06 36.37 6.53
N LEU C 219 9.70 36.92 5.50
CA LEU C 219 10.29 36.07 4.46
C LEU C 219 11.43 35.23 5.01
N ALA C 220 12.25 35.82 5.87
CA ALA C 220 13.35 35.06 6.47
C ALA C 220 12.81 33.90 7.29
N ALA C 221 11.81 34.17 8.13
CA ALA C 221 11.22 33.14 8.96
C ALA C 221 10.62 32.04 8.10
N ALA C 222 9.92 32.44 7.02
CA ALA C 222 9.31 31.46 6.13
C ALA C 222 10.36 30.54 5.54
N GLY C 223 11.46 31.12 5.06
CA GLY C 223 12.51 30.31 4.49
C GLY C 223 13.12 29.36 5.50
N VAL C 224 13.39 29.86 6.71
CA VAL C 224 13.99 29.02 7.75
C VAL C 224 13.08 27.86 8.07
N ALA C 225 11.79 28.14 8.30
CA ALA C 225 10.85 27.08 8.65
C ALA C 225 10.72 26.07 7.53
N ALA C 226 10.57 26.53 6.29
CA ALA C 226 10.42 25.61 5.17
C ALA C 226 11.63 24.70 5.05
N TRP C 227 12.83 25.29 5.05
CA TRP C 227 14.03 24.49 4.88
C TRP C 227 14.23 23.53 6.04
N SER C 228 13.91 23.95 7.25
CA SER C 228 14.06 23.06 8.39
C SER C 228 13.11 21.88 8.30
N LEU C 229 11.84 22.14 7.97
CA LEU C 229 10.89 21.04 7.82
C LEU C 229 11.30 20.10 6.70
N ILE C 230 11.88 20.66 5.63
CA ILE C 230 12.34 19.82 4.54
C ILE C 230 13.49 18.93 5.00
N SER C 231 14.48 19.52 5.65
CA SER C 231 15.64 18.76 6.10
C SER C 231 15.30 17.78 7.20
N MET C 232 14.21 18.00 7.92
CA MET C 232 13.88 17.12 9.05
C MET C 232 13.47 15.73 8.56
N ALA C 233 12.53 15.68 7.62
CA ALA C 233 12.04 14.42 7.10
C ALA C 233 13.02 13.82 6.12
N GLY C 234 13.13 12.48 6.15
CA GLY C 234 13.95 11.75 5.20
C GLY C 234 15.06 10.93 5.83
N SER C 235 15.34 11.10 7.12
CA SER C 235 16.44 10.42 7.78
C SER C 235 16.00 10.03 9.18
N PRO C 236 16.57 8.97 9.74
CA PRO C 236 16.27 8.64 11.14
C PRO C 236 16.85 9.67 12.10
N ASP C 237 16.64 9.49 13.39
CA ASP C 237 17.17 10.45 14.35
C ASP C 237 18.69 10.41 14.38
N ASP C 238 19.29 11.60 14.36
CA ASP C 238 20.72 11.74 14.56
C ASP C 238 21.01 12.99 15.36
N ARG C 239 20.05 13.38 16.21
CA ARG C 239 20.03 14.64 16.94
C ARG C 239 20.06 15.84 16.00
N GLY C 240 20.02 15.62 14.70
CA GLY C 240 19.69 16.69 13.77
C GLY C 240 18.21 17.00 13.79
N ILE C 241 17.38 15.99 14.11
CA ILE C 241 15.96 16.23 14.26
C ILE C 241 15.70 17.23 15.37
N ALA C 242 16.49 17.17 16.44
CA ALA C 242 16.29 18.10 17.55
C ALA C 242 16.50 19.54 17.13
N VAL C 243 17.67 19.83 16.56
CA VAL C 243 17.97 21.20 16.18
C VAL C 243 17.03 21.66 15.07
N PHE C 244 16.70 20.78 14.14
CA PHE C 244 15.79 21.15 13.07
C PHE C 244 14.40 21.48 13.61
N THR C 245 13.92 20.69 14.56
CA THR C 245 12.64 20.97 15.19
C THR C 245 12.68 22.31 15.91
N ALA C 246 13.76 22.58 16.62
CA ALA C 246 13.89 23.85 17.33
C ALA C 246 13.80 25.01 16.35
N THR C 247 14.63 24.98 15.31
CA THR C 247 14.63 26.08 14.34
C THR C 247 13.29 26.20 13.65
N ALA C 248 12.65 25.07 13.32
CA ALA C 248 11.39 25.12 12.63
C ALA C 248 10.29 25.73 13.49
N VAL C 249 10.22 25.33 14.76
CA VAL C 249 9.16 25.85 15.61
C VAL C 249 9.38 27.33 15.92
N THR C 250 10.63 27.73 16.21
CA THR C 250 10.87 29.15 16.41
C THR C 250 10.63 29.92 15.12
N GLY C 251 10.90 29.30 13.97
CA GLY C 251 10.64 29.96 12.71
C GLY C 251 9.16 30.18 12.48
N VAL C 252 8.35 29.19 12.78
CA VAL C 252 6.90 29.34 12.67
C VAL C 252 6.42 30.44 13.62
N GLY C 253 6.96 30.46 14.82
CA GLY C 253 6.59 31.49 15.77
C GLY C 253 6.88 32.88 15.28
N VAL C 254 8.13 33.13 14.91
CA VAL C 254 8.52 34.44 14.44
C VAL C 254 7.85 34.75 13.10
N LEU C 255 7.46 33.72 12.36
CA LEU C 255 6.69 33.92 11.14
C LEU C 255 5.33 34.51 11.44
N LEU C 256 4.62 33.89 12.39
CA LEU C 256 3.33 34.41 12.81
C LEU C 256 3.46 35.84 13.34
N VAL C 257 4.49 36.08 14.16
CA VAL C 257 4.63 37.41 14.74
C VAL C 257 4.95 38.44 13.66
N ALA C 258 5.82 38.09 12.72
CA ALA C 258 6.17 39.02 11.65
C ALA C 258 4.97 39.31 10.77
N GLY C 259 4.15 38.29 10.51
CA GLY C 259 2.91 38.53 9.79
C GLY C 259 2.02 39.50 10.51
N ALA C 260 1.88 39.32 11.83
CA ALA C 260 1.08 40.26 12.61
C ALA C 260 1.67 41.66 12.53
N ALA C 261 2.99 41.78 12.59
CA ALA C 261 3.63 43.09 12.57
C ALA C 261 3.48 43.76 11.21
N SER C 262 3.48 42.98 10.14
CA SER C 262 3.44 43.53 8.79
C SER C 262 2.03 43.89 8.37
N LEU C 263 1.06 43.02 8.67
CA LEU C 263 -0.31 43.23 8.19
C LEU C 263 -0.89 44.52 8.76
N TRP C 264 -0.50 44.89 9.97
CA TRP C 264 -0.83 46.20 10.52
C TRP C 264 0.20 46.56 11.57
N VAL C 265 0.48 47.85 11.69
CA VAL C 265 1.49 48.32 12.65
C VAL C 265 1.09 47.90 14.05
N ILE C 266 2.06 47.39 14.81
CA ILE C 266 1.86 47.01 16.20
C ILE C 266 3.08 47.42 17.00
N SER C 267 2.86 48.08 18.13
CA SER C 267 3.94 48.62 18.94
C SER C 267 4.87 47.50 19.42
N SER C 268 6.06 47.91 19.85
CA SER C 268 7.06 46.94 20.31
C SER C 268 6.52 46.08 21.45
N ASP C 269 5.75 46.66 22.36
CA ASP C 269 5.24 45.91 23.48
C ASP C 269 4.37 44.75 23.02
N VAL C 270 3.50 45.00 22.04
CA VAL C 270 2.65 43.95 21.51
C VAL C 270 3.51 42.82 20.94
N ILE C 271 4.57 43.19 20.23
CA ILE C 271 5.41 42.16 19.60
C ILE C 271 6.08 41.32 20.66
N GLY C 272 6.66 41.95 21.68
CA GLY C 272 7.28 41.20 22.74
C GLY C 272 6.29 40.30 23.46
N CYS C 273 5.10 40.82 23.73
CA CYS C 273 4.06 40.01 24.37
C CYS C 273 3.72 38.80 23.51
N ALA C 274 3.58 39.01 22.20
CA ALA C 274 3.25 37.91 21.31
C ALA C 274 4.33 36.83 21.37
N LEU C 275 5.60 37.26 21.37
CA LEU C 275 6.66 36.27 21.44
C LEU C 275 6.62 35.50 22.75
N VAL C 276 6.50 36.21 23.88
CA VAL C 276 6.50 35.52 25.16
C VAL C 276 5.34 34.54 25.25
N LEU C 277 4.15 34.98 24.84
CA LEU C 277 2.98 34.12 24.93
C LEU C 277 3.13 32.90 24.03
N LEU C 278 3.65 33.08 22.83
CA LEU C 278 3.74 31.96 21.91
C LEU C 278 4.79 30.97 22.39
N GLY C 279 5.90 31.46 22.91
CA GLY C 279 6.89 30.56 23.49
C GLY C 279 6.35 29.81 24.68
N LEU C 280 5.60 30.50 25.53
CA LEU C 280 4.92 29.83 26.65
C LEU C 280 4.03 28.70 26.14
N ILE C 281 3.18 29.00 25.17
CA ILE C 281 2.22 28.03 24.69
C ILE C 281 2.93 26.83 24.09
N VAL C 282 4.01 27.08 23.35
CA VAL C 282 4.78 25.97 22.78
C VAL C 282 5.39 25.13 23.89
N THR C 283 5.94 25.79 24.91
CA THR C 283 6.59 25.04 25.98
C THR C 283 5.61 24.15 26.73
N VAL C 284 4.48 24.70 27.15
CA VAL C 284 3.55 23.91 27.96
C VAL C 284 2.99 22.74 27.16
N GLN C 285 2.72 22.95 25.88
CA GLN C 285 2.19 21.91 25.02
C GLN C 285 3.27 21.15 24.29
N ALA C 286 4.52 21.23 24.75
CA ALA C 286 5.62 20.61 24.02
C ALA C 286 5.49 19.10 24.00
N ALA C 287 5.06 18.51 25.11
CA ALA C 287 5.05 17.06 25.24
C ALA C 287 4.13 16.39 24.22
N GLN C 288 2.84 16.65 24.31
CA GLN C 288 1.90 15.96 23.41
C GLN C 288 2.11 16.40 21.97
N LEU C 289 2.58 17.63 21.75
CA LEU C 289 2.90 18.06 20.40
C LEU C 289 4.01 17.20 19.81
N SER C 290 5.09 16.99 20.58
CA SER C 290 6.16 16.11 20.14
C SER C 290 5.65 14.69 19.95
N ALA C 291 4.76 14.24 20.83
CA ALA C 291 4.18 12.91 20.70
C ALA C 291 3.49 12.75 19.36
N MET C 292 2.56 13.64 19.04
CA MET C 292 1.84 13.51 17.77
C MET C 292 2.73 13.85 16.58
N TRP C 293 3.82 14.58 16.80
CA TRP C 293 4.75 14.90 15.72
C TRP C 293 5.72 13.77 15.44
N ALA C 294 5.87 12.83 16.37
CA ALA C 294 6.66 11.64 16.12
C ALA C 294 5.91 10.60 15.32
N ARG C 295 4.63 10.84 15.03
CA ARG C 295 3.79 9.90 14.31
C ARG C 295 3.75 8.56 15.03
N PHE C 296 3.50 8.59 16.33
CA PHE C 296 3.24 7.36 17.06
C PHE C 296 2.04 6.63 16.46
N PRO C 297 2.01 5.30 16.54
CA PRO C 297 0.81 4.58 16.15
C PRO C 297 -0.37 5.06 16.98
N LEU C 298 -1.41 5.49 16.29
CA LEU C 298 -2.55 6.09 16.97
C LEU C 298 -3.13 5.11 17.97
N PRO C 299 -3.48 5.56 19.17
CA PRO C 299 -4.11 4.66 20.14
C PRO C 299 -5.50 4.26 19.66
N VAL C 300 -5.74 2.97 19.58
CA VAL C 300 -7.01 2.45 19.09
C VAL C 300 -7.95 2.29 20.28
N ILE C 301 -9.10 2.96 20.21
CA ILE C 301 -10.14 2.87 21.21
C ILE C 301 -11.40 2.39 20.52
N PRO C 302 -11.85 1.16 20.76
CA PRO C 302 -13.07 0.69 20.12
C PRO C 302 -14.31 1.05 20.92
N ALA C 303 -15.33 1.47 20.19
CA ALA C 303 -16.59 1.83 20.81
C ALA C 303 -17.40 0.57 21.08
N PRO C 304 -18.41 0.67 21.92
CA PRO C 304 -19.29 -0.50 22.13
C PRO C 304 -19.92 -0.93 20.81
N GLY C 305 -19.94 -2.24 20.59
CA GLY C 305 -20.59 -2.80 19.44
C GLY C 305 -19.70 -2.96 18.22
N ASP C 306 -18.49 -2.41 18.24
CA ASP C 306 -17.60 -2.58 17.11
C ASP C 306 -16.82 -3.87 17.23
N PRO C 307 -16.32 -4.40 16.10
CA PRO C 307 -15.48 -5.59 16.16
C PRO C 307 -14.22 -5.40 16.99
N THR C 308 -13.50 -6.48 17.23
CA THR C 308 -12.37 -6.43 18.14
C THR C 308 -11.23 -5.61 17.55
N PRO C 309 -10.46 -4.92 18.41
CA PRO C 309 -9.31 -4.16 17.92
C PRO C 309 -8.11 -5.05 17.64
N ALA C 310 -8.01 -5.52 16.39
CA ALA C 310 -6.91 -6.41 15.94
C ALA C 310 -5.55 -5.76 16.23
N ALA C 311 -4.59 -6.55 16.70
CA ALA C 311 -3.23 -6.07 17.02
C ALA C 311 -2.58 -5.43 15.79
N ARG C 312 -1.84 -4.34 15.99
CA ARG C 312 -1.16 -3.61 14.88
C ARG C 312 -0.02 -4.46 14.32
N PRO C 313 0.34 -4.30 13.03
CA PRO C 313 1.41 -5.08 12.40
C PRO C 313 2.71 -5.08 13.24
N LEU C 314 3.30 -6.26 13.43
CA LEU C 314 4.54 -6.41 14.23
C LEU C 314 5.59 -5.41 13.73
N SER C 315 5.50 -5.00 12.47
CA SER C 315 6.44 -4.06 11.89
C SER C 315 6.43 -2.73 12.65
N VAL C 316 5.24 -2.21 12.95
CA VAL C 316 5.15 -0.95 13.67
C VAL C 316 5.78 -1.06 15.04
N LEU C 317 5.42 -2.11 15.79
CA LEU C 317 5.99 -2.30 17.12
C LEU C 317 7.50 -2.46 17.04
N ALA C 318 8.00 -3.11 15.99
CA ALA C 318 9.44 -3.21 15.81
C ALA C 318 10.07 -1.84 15.58
N ASP C 319 9.35 -0.98 14.86
CA ASP C 319 9.90 0.34 14.54
C ASP C 319 9.97 1.23 15.77
N LEU C 320 9.17 0.94 16.79
CA LEU C 320 8.95 1.81 17.94
C LEU C 320 10.19 2.47 18.52
N PRO C 321 11.31 1.76 18.73
CA PRO C 321 12.48 2.44 19.29
C PRO C 321 12.92 3.64 18.48
N ARG C 322 12.95 3.50 17.15
CA ARG C 322 13.27 4.65 16.31
C ARG C 322 12.30 5.79 16.55
N ARG C 323 11.01 5.47 16.69
CA ARG C 323 10.01 6.51 16.85
C ARG C 323 10.13 7.20 18.21
N VAL C 324 10.50 6.48 19.26
CA VAL C 324 10.61 7.15 20.55
C VAL C 324 11.90 7.96 20.63
N ARG C 325 12.97 7.50 19.97
CA ARG C 325 14.15 8.35 19.88
C ARG C 325 13.81 9.64 19.14
N VAL C 326 13.06 9.53 18.03
CA VAL C 326 12.62 10.72 17.33
C VAL C 326 11.74 11.58 18.22
N SER C 327 10.94 10.94 19.08
CA SER C 327 10.09 11.69 19.99
C SER C 327 10.90 12.50 20.97
N GLN C 328 11.92 11.90 21.59
CA GLN C 328 12.79 12.64 22.48
C GLN C 328 13.49 13.78 21.75
N ALA C 329 13.92 13.52 20.51
CA ALA C 329 14.57 14.57 19.73
C ALA C 329 13.63 15.75 19.53
N HIS C 330 12.42 15.49 19.03
CA HIS C 330 11.44 16.54 18.84
C HIS C 330 11.17 17.27 20.15
N GLN C 331 11.12 16.52 21.25
CA GLN C 331 10.86 17.12 22.56
C GLN C 331 11.92 18.14 22.91
N THR C 332 13.19 17.73 22.86
CA THR C 332 14.27 18.66 23.16
C THR C 332 14.23 19.86 22.24
N GLY C 333 14.04 19.62 20.94
CA GLY C 333 14.03 20.73 20.00
C GLY C 333 12.94 21.73 20.30
N VAL C 334 11.72 21.24 20.55
CA VAL C 334 10.60 22.16 20.74
C VAL C 334 10.74 22.90 22.05
N ILE C 335 11.31 22.26 23.07
CA ILE C 335 11.58 22.97 24.33
C ILE C 335 12.58 24.10 24.09
N ALA C 336 13.64 23.80 23.33
CA ALA C 336 14.62 24.82 23.01
C ALA C 336 13.98 25.97 22.25
N ALA C 337 13.09 25.65 21.31
CA ALA C 337 12.41 26.70 20.55
C ALA C 337 11.57 27.56 21.47
N GLY C 338 10.90 26.93 22.43
CA GLY C 338 10.13 27.70 23.41
C GLY C 338 11.01 28.64 24.21
N VAL C 339 12.17 28.17 24.62
CA VAL C 339 13.11 29.02 25.36
C VAL C 339 13.55 30.19 24.50
N LEU C 340 13.90 29.93 23.25
CA LEU C 340 14.36 31.00 22.37
C LEU C 340 13.28 32.03 22.14
N LEU C 341 12.05 31.58 21.89
CA LEU C 341 10.96 32.51 21.69
C LEU C 341 10.73 33.33 22.95
N GLY C 342 10.83 32.69 24.12
CA GLY C 342 10.64 33.41 25.36
C GLY C 342 11.66 34.50 25.57
N VAL C 343 12.95 34.18 25.34
CA VAL C 343 13.97 35.19 25.57
C VAL C 343 13.85 36.30 24.53
N ALA C 344 13.45 35.96 23.30
CA ALA C 344 13.26 36.98 22.28
C ALA C 344 12.17 37.95 22.69
N GLY C 345 11.03 37.41 23.13
CA GLY C 345 9.98 38.30 23.63
C GLY C 345 10.43 39.11 24.81
N SER C 346 11.20 38.51 25.70
CA SER C 346 11.66 39.23 26.88
C SER C 346 12.52 40.43 26.48
N VAL C 347 13.52 40.20 25.63
CA VAL C 347 14.39 41.30 25.23
C VAL C 347 13.61 42.34 24.45
N ALA C 348 12.61 41.92 23.67
CA ALA C 348 11.79 42.90 22.98
C ALA C 348 10.98 43.72 23.94
N LEU C 349 10.62 43.15 25.09
CA LEU C 349 9.77 43.86 26.04
C LEU C 349 10.56 44.83 26.88
N VAL C 350 11.75 44.45 27.33
CA VAL C 350 12.51 45.27 28.25
C VAL C 350 13.83 45.76 27.65
N SER C 351 13.90 45.90 26.33
CA SER C 351 15.06 46.56 25.75
C SER C 351 15.01 48.06 25.97
N SER C 352 13.84 48.67 25.83
CA SER C 352 13.73 50.11 25.88
C SER C 352 13.81 50.62 27.32
N ALA C 353 14.00 51.93 27.44
CA ALA C 353 14.08 52.56 28.75
C ALA C 353 12.71 53.01 29.27
N ASN C 354 11.73 53.13 28.37
CA ASN C 354 10.36 53.50 28.76
C ASN C 354 9.48 52.27 28.86
N ALA C 355 10.01 51.18 29.38
CA ALA C 355 9.26 49.95 29.54
C ALA C 355 8.49 49.97 30.85
N SER C 356 7.25 49.47 30.82
CA SER C 356 6.43 49.45 32.00
C SER C 356 6.96 48.44 33.00
N PRO C 357 6.74 48.67 34.29
CA PRO C 357 7.05 47.62 35.27
C PRO C 357 6.33 46.33 34.97
N TRP C 358 5.20 46.41 34.27
CA TRP C 358 4.52 45.19 33.83
C TRP C 358 5.39 44.39 32.87
N ALA C 359 6.20 45.07 32.05
CA ALA C 359 7.12 44.35 31.19
C ALA C 359 8.14 43.58 32.01
N TRP C 360 8.69 44.22 33.05
CA TRP C 360 9.62 43.52 33.91
C TRP C 360 8.94 42.33 34.57
N TYR C 361 7.69 42.50 35.01
CA TYR C 361 7.00 41.38 35.62
C TYR C 361 6.81 40.25 34.63
N ILE C 362 6.45 40.57 33.38
CA ILE C 362 6.26 39.54 32.38
C ILE C 362 7.55 38.78 32.14
N VAL C 363 8.65 39.50 31.97
CA VAL C 363 9.92 38.86 31.67
C VAL C 363 10.37 37.99 32.85
N VAL C 364 10.35 38.54 34.06
CA VAL C 364 10.85 37.78 35.19
C VAL C 364 9.92 36.61 35.48
N ALA C 365 8.63 36.76 35.21
CA ALA C 365 7.70 35.68 35.44
C ALA C 365 7.88 34.56 34.43
N ALA C 366 8.10 34.91 33.17
CA ALA C 366 8.38 33.89 32.17
C ALA C 366 9.67 33.15 32.51
N ALA C 367 10.69 33.88 32.96
CA ALA C 367 11.94 33.23 33.34
C ALA C 367 11.75 32.30 34.52
N ALA C 368 11.06 32.77 35.56
CA ALA C 368 10.83 31.93 36.73
C ALA C 368 10.01 30.71 36.37
N GLY C 369 9.05 30.87 35.45
CA GLY C 369 8.30 29.71 34.99
C GLY C 369 9.16 28.74 34.21
N ALA C 370 10.05 29.26 33.36
CA ALA C 370 10.96 28.39 32.62
C ALA C 370 11.89 27.66 33.56
N ALA C 371 12.21 28.26 34.70
CA ALA C 371 13.04 27.56 35.68
C ALA C 371 12.23 26.51 36.44
N LEU C 372 11.04 26.87 36.89
CA LEU C 372 10.22 25.95 37.66
C LEU C 372 9.75 24.78 36.82
N ARG C 373 9.66 24.95 35.51
CA ARG C 373 9.31 23.83 34.65
C ARG C 373 10.40 22.77 34.61
N ALA C 374 11.63 23.11 34.98
CA ALA C 374 12.69 22.12 35.01
C ALA C 374 12.42 21.02 36.01
N ARG C 375 11.52 21.25 36.96
CA ARG C 375 11.13 20.18 37.87
C ARG C 375 10.21 19.18 37.20
N VAL C 376 9.57 19.56 36.10
CA VAL C 376 8.62 18.68 35.43
C VAL C 376 9.35 17.70 34.52
N TRP C 377 10.01 18.22 33.50
CA TRP C 377 10.68 17.36 32.53
C TRP C 377 11.76 16.54 33.22
N ASP C 378 11.86 15.28 32.83
CA ASP C 378 12.79 14.36 33.47
C ASP C 378 13.89 13.90 32.53
N SER C 379 13.98 14.48 31.35
CA SER C 379 15.13 14.25 30.48
C SER C 379 16.22 15.25 30.81
N ALA C 380 17.44 14.96 30.36
CA ALA C 380 18.57 15.81 30.70
C ALA C 380 18.53 17.12 29.93
N ALA C 381 18.50 17.05 28.60
CA ALA C 381 18.63 18.25 27.79
C ALA C 381 17.44 19.18 28.01
N CYS C 382 16.25 18.63 28.22
CA CYS C 382 15.09 19.47 28.45
C CYS C 382 15.24 20.27 29.73
N LYS C 383 15.61 19.61 30.82
CA LYS C 383 15.88 20.31 32.07
C LYS C 383 16.96 21.35 31.88
N ALA C 384 18.01 21.01 31.12
CA ALA C 384 19.09 21.95 30.91
C ALA C 384 18.60 23.21 30.21
N TRP C 385 17.83 23.04 29.14
CA TRP C 385 17.30 24.21 28.43
C TRP C 385 16.40 25.03 29.34
N LEU C 386 15.50 24.36 30.06
CA LEU C 386 14.55 25.08 30.90
C LEU C 386 15.27 25.89 31.96
N LEU C 387 16.34 25.33 32.53
CA LEU C 387 17.13 26.08 33.50
C LEU C 387 17.86 27.24 32.82
N GLY C 388 18.62 26.94 31.77
CA GLY C 388 19.42 27.95 31.10
C GLY C 388 18.61 29.03 30.43
N HIS C 389 17.29 28.91 30.39
CA HIS C 389 16.48 30.00 29.88
C HIS C 389 16.79 31.29 30.61
N SER C 390 16.80 31.24 31.94
CA SER C 390 17.06 32.45 32.73
C SER C 390 18.45 33.01 32.44
N TYR C 391 19.44 32.13 32.29
CA TYR C 391 20.80 32.57 32.02
C TYR C 391 20.88 33.28 30.67
N LEU C 392 20.38 32.62 29.62
CA LEU C 392 20.36 33.23 28.29
C LEU C 392 19.59 34.53 28.30
N LEU C 393 18.51 34.60 29.07
CA LEU C 393 17.75 35.84 29.19
C LEU C 393 18.61 36.94 29.76
N ALA C 394 19.31 36.66 30.85
CA ALA C 394 20.16 37.67 31.47
C ALA C 394 21.23 38.15 30.49
N VAL C 395 21.86 37.23 29.77
CA VAL C 395 22.90 37.60 28.82
C VAL C 395 22.31 38.48 27.72
N ALA C 396 21.16 38.10 27.18
CA ALA C 396 20.56 38.86 26.09
C ALA C 396 20.15 40.25 26.55
N LEU C 397 19.56 40.36 27.75
CA LEU C 397 19.25 41.67 28.29
C LEU C 397 20.50 42.51 28.42
N LEU C 398 21.59 41.91 28.88
CA LEU C 398 22.85 42.63 28.97
C LEU C 398 23.28 43.17 27.61
N VAL C 399 23.26 42.31 26.60
CA VAL C 399 23.70 42.72 25.27
C VAL C 399 22.82 43.84 24.73
N ALA C 400 21.51 43.71 24.91
CA ALA C 400 20.61 44.73 24.39
C ALA C 400 20.77 46.04 25.15
N PHE C 401 21.09 45.97 26.44
CA PHE C 401 21.37 47.18 27.19
C PHE C 401 22.62 47.85 26.67
N VAL C 402 23.66 47.07 26.39
CA VAL C 402 24.94 47.67 26.04
C VAL C 402 24.94 48.16 24.59
N ILE C 403 24.15 47.53 23.72
CA ILE C 403 24.01 48.05 22.36
C ILE C 403 23.44 49.46 22.39
N GLY C 404 22.34 49.65 23.11
CA GLY C 404 21.85 50.99 23.35
C GLY C 404 22.76 51.74 24.29
N ASP C 405 22.32 52.90 24.76
CA ASP C 405 23.12 53.72 25.66
C ASP C 405 22.82 53.43 27.12
N ARG C 406 22.21 52.30 27.44
CA ARG C 406 21.88 51.96 28.82
C ARG C 406 23.03 51.15 29.39
N TYR C 407 23.97 51.84 30.04
CA TYR C 407 25.15 51.18 30.59
C TYR C 407 25.01 50.84 32.06
N GLN C 408 24.51 51.75 32.88
CA GLN C 408 24.22 51.40 34.27
C GLN C 408 23.31 50.18 34.32
N ALA C 409 22.29 50.14 33.47
CA ALA C 409 21.45 48.97 33.39
C ALA C 409 22.24 47.75 32.93
N ALA C 410 23.25 47.95 32.10
CA ALA C 410 24.09 46.83 31.69
C ALA C 410 24.86 46.26 32.87
N LEU C 411 25.42 47.14 33.71
CA LEU C 411 26.09 46.67 34.91
C LEU C 411 25.13 45.95 35.84
N TRP C 412 23.90 46.45 35.92
CA TRP C 412 22.89 45.77 36.74
C TRP C 412 22.58 44.39 36.18
N ALA C 413 22.49 44.27 34.85
CA ALA C 413 22.25 42.97 34.26
C ALA C 413 23.41 42.02 34.53
N LEU C 414 24.64 42.55 34.49
CA LEU C 414 25.79 41.73 34.87
C LEU C 414 25.68 41.26 36.29
N ALA C 415 25.24 42.14 37.20
CA ALA C 415 25.07 41.75 38.59
C ALA C 415 24.04 40.63 38.71
N ALA C 416 22.92 40.77 38.00
CA ALA C 416 21.89 39.73 38.05
C ALA C 416 22.41 38.42 37.51
N LEU C 417 23.17 38.47 36.41
CA LEU C 417 23.79 37.27 35.88
C LEU C 417 24.72 36.64 36.91
N ALA C 418 25.45 37.48 37.66
CA ALA C 418 26.30 36.96 38.71
C ALA C 418 25.48 36.26 39.79
N VAL C 419 24.32 36.82 40.11
CA VAL C 419 23.45 36.18 41.09
C VAL C 419 23.02 34.80 40.60
N LEU C 420 22.70 34.71 39.32
CA LEU C 420 22.28 33.43 38.76
C LEU C 420 23.43 32.42 38.80
N VAL C 421 24.64 32.86 38.44
CA VAL C 421 25.79 31.97 38.50
C VAL C 421 26.07 31.56 39.94
N LEU C 422 25.81 32.45 40.89
CA LEU C 422 26.01 32.12 42.30
C LEU C 422 25.04 31.03 42.73
N VAL C 423 23.78 31.16 42.31
CA VAL C 423 22.81 30.10 42.60
C VAL C 423 23.28 28.78 41.99
N TRP C 424 23.77 28.82 40.75
CA TRP C 424 24.24 27.61 40.09
C TRP C 424 25.38 26.97 40.89
N ILE C 425 26.37 27.77 41.27
CA ILE C 425 27.55 27.22 41.93
C ILE C 425 27.20 26.73 43.33
N VAL C 426 26.25 27.40 44.00
CA VAL C 426 25.80 26.91 45.29
C VAL C 426 25.13 25.55 45.14
N ALA C 427 24.25 25.42 44.15
CA ALA C 427 23.58 24.14 43.92
C ALA C 427 24.59 23.06 43.56
N ALA C 428 25.65 23.43 42.85
CA ALA C 428 26.66 22.44 42.48
C ALA C 428 27.48 21.99 43.69
N LEU C 429 27.88 22.93 44.54
CA LEU C 429 28.72 22.58 45.68
C LEU C 429 27.94 21.77 46.71
N ASN C 430 26.63 22.00 46.82
CA ASN C 430 25.81 21.32 47.81
C ASN C 430 24.81 20.41 47.12
N PRO C 431 25.12 19.13 46.95
CA PRO C 431 24.17 18.21 46.34
C PRO C 431 23.01 17.80 47.23
N LYS C 432 22.90 18.39 48.42
CA LYS C 432 21.72 18.24 49.26
C LYS C 432 20.75 19.39 49.07
N ILE C 433 21.09 20.35 48.23
CA ILE C 433 20.16 21.38 47.77
C ILE C 433 19.95 21.10 46.29
N ALA C 434 18.74 21.39 45.80
CA ALA C 434 18.31 21.02 44.45
C ALA C 434 18.18 19.50 44.35
N SER C 435 17.92 18.85 45.48
CA SER C 435 17.58 17.44 45.52
C SER C 435 16.19 17.34 46.13
N PRO C 436 15.19 16.87 45.39
CA PRO C 436 13.80 16.98 45.86
C PRO C 436 13.54 16.27 47.17
N ASP C 437 14.30 15.22 47.48
CA ASP C 437 14.07 14.51 48.73
C ASP C 437 14.43 15.36 49.93
N THR C 438 15.25 16.40 49.75
CA THR C 438 15.65 17.26 50.86
C THR C 438 14.59 18.31 51.19
N TYR C 439 13.36 18.11 50.74
CA TYR C 439 12.28 19.05 51.03
C TYR C 439 11.00 18.29 51.36
N SER C 440 10.23 18.84 52.28
CA SER C 440 8.96 18.26 52.67
C SER C 440 7.94 18.42 51.54
N LEU C 441 6.91 17.57 51.60
CA LEU C 441 5.81 17.69 50.64
C LEU C 441 5.12 19.04 50.70
N PRO C 442 4.92 19.68 51.86
CA PRO C 442 4.39 21.05 51.86
C PRO C 442 5.16 22.01 50.98
N MET C 443 6.48 22.08 51.11
CA MET C 443 7.24 23.04 50.32
C MET C 443 7.29 22.64 48.85
N ARG C 444 7.33 21.35 48.57
CA ARG C 444 7.26 20.89 47.18
C ARG C 444 5.95 21.34 46.53
N ARG C 445 4.83 21.13 47.23
CA ARG C 445 3.54 21.57 46.72
C ARG C 445 3.49 23.09 46.64
N MET C 446 4.18 23.78 47.54
CA MET C 446 4.23 25.23 47.46
C MET C 446 4.92 25.69 46.19
N VAL C 447 6.03 25.04 45.82
CA VAL C 447 6.70 25.37 44.58
C VAL C 447 5.80 25.05 43.40
N GLY C 448 5.07 23.93 43.47
CA GLY C 448 4.12 23.62 42.42
C GLY C 448 3.07 24.69 42.25
N PHE C 449 2.49 25.14 43.36
CA PHE C 449 1.48 26.18 43.30
C PHE C 449 2.08 27.49 42.79
N LEU C 450 3.32 27.77 43.14
CA LEU C 450 3.97 28.97 42.65
C LEU C 450 4.12 28.91 41.13
N ALA C 451 4.52 27.76 40.62
CA ALA C 451 4.64 27.59 39.17
C ALA C 451 3.28 27.78 38.50
N THR C 452 2.26 27.14 39.03
CA THR C 452 0.92 27.24 38.45
C THR C 452 0.42 28.68 38.47
N GLY C 453 0.65 29.37 39.58
CA GLY C 453 0.22 30.76 39.68
C GLY C 453 0.95 31.66 38.71
N LEU C 454 2.26 31.48 38.59
CA LEU C 454 3.01 32.32 37.67
C LEU C 454 2.55 32.08 36.22
N ASP C 455 2.41 30.81 35.83
CA ASP C 455 1.98 30.52 34.47
C ASP C 455 0.60 31.09 34.20
N ALA C 456 -0.33 30.93 35.15
CA ALA C 456 -1.66 31.47 34.95
C ALA C 456 -1.63 32.98 34.84
N SER C 457 -0.97 33.66 35.78
CA SER C 457 -0.95 35.10 35.84
C SER C 457 -0.14 35.74 34.71
N LEU C 458 0.61 34.96 33.95
CA LEU C 458 1.36 35.54 32.84
C LEU C 458 0.48 36.29 31.86
N ILE C 459 -0.46 35.59 31.20
CA ILE C 459 -1.15 36.19 30.04
C ILE C 459 -2.14 37.28 30.42
N PRO C 460 -2.85 37.25 31.56
CA PRO C 460 -3.71 38.40 31.88
C PRO C 460 -2.90 39.67 32.07
N VAL C 461 -1.81 39.57 32.83
CA VAL C 461 -0.89 40.69 32.94
C VAL C 461 -0.38 41.09 31.58
N MET C 462 -0.20 40.13 30.69
CA MET C 462 0.27 40.44 29.35
C MET C 462 -0.74 41.31 28.61
N ALA C 463 -2.02 40.97 28.74
CA ALA C 463 -3.05 41.81 28.14
C ALA C 463 -3.11 43.17 28.81
N LEU C 464 -2.85 43.22 30.12
CA LEU C 464 -2.78 44.50 30.80
C LEU C 464 -1.65 45.35 30.26
N LEU C 465 -0.57 44.70 29.81
CA LEU C 465 0.61 45.43 29.36
C LEU C 465 0.29 46.26 28.13
N VAL C 466 -0.28 45.62 27.11
CA VAL C 466 -0.78 46.33 25.93
C VAL C 466 -2.09 46.98 26.35
N GLY C 467 -2.56 47.95 25.57
CA GLY C 467 -3.73 48.70 25.98
C GLY C 467 -5.07 48.00 25.85
N LEU C 468 -5.10 46.67 25.83
CA LEU C 468 -6.35 45.95 25.61
C LEU C 468 -7.40 46.36 26.63
N PHE C 469 -7.06 46.31 27.91
CA PHE C 469 -8.01 46.68 28.94
C PHE C 469 -8.40 48.15 28.81
N SER C 470 -7.43 49.02 28.54
CA SER C 470 -7.75 50.42 28.30
C SER C 470 -8.72 50.57 27.13
N LEU C 471 -8.40 49.92 26.00
CA LEU C 471 -9.23 50.01 24.81
C LEU C 471 -10.67 49.61 25.13
N VAL C 472 -10.86 48.42 25.70
CA VAL C 472 -12.21 47.96 26.00
C VAL C 472 -12.88 48.84 27.04
N LEU C 473 -12.10 49.44 27.94
CA LEU C 473 -12.69 50.32 28.93
C LEU C 473 -13.22 51.59 28.28
N ASP C 474 -12.61 52.03 27.18
CA ASP C 474 -13.10 53.20 26.47
C ASP C 474 -13.97 52.87 25.26
N ARG C 475 -14.40 51.63 25.12
CA ARG C 475 -15.36 51.28 24.06
C ARG C 475 -16.61 50.63 24.64
N PHE D 1 -28.50 -0.68 35.25
CA PHE D 1 -28.49 -2.13 35.20
C PHE D 1 -27.84 -2.66 33.92
N SER D 2 -28.66 -2.95 32.90
CA SER D 2 -28.16 -3.64 31.73
C SER D 2 -27.09 -2.82 31.04
N SER D 3 -25.98 -3.47 30.64
CA SER D 3 -24.86 -2.80 30.00
C SER D 3 -24.23 -3.56 28.84
N ARG D 4 -24.77 -4.71 28.46
CA ARG D 4 -24.03 -5.73 27.72
C ARG D 4 -24.07 -5.49 26.21
N THR D 5 -23.41 -6.39 25.48
CA THR D 5 -23.41 -6.38 24.02
C THR D 5 -22.96 -7.74 23.48
N PRO D 6 -23.85 -8.73 23.51
CA PRO D 6 -23.46 -10.08 23.13
C PRO D 6 -22.92 -10.17 21.71
N VAL D 7 -22.27 -11.29 21.40
CA VAL D 7 -21.80 -11.51 20.04
C VAL D 7 -22.98 -11.76 19.12
N ASN D 8 -23.01 -11.03 18.00
CA ASN D 8 -24.02 -11.28 16.99
C ASN D 8 -23.70 -12.62 16.34
N GLU D 9 -24.69 -13.51 16.33
CA GLU D 9 -24.55 -14.81 15.70
C GLU D 9 -25.27 -14.88 14.36
N ASN D 10 -25.89 -13.78 13.93
CA ASN D 10 -26.61 -13.81 12.68
C ASN D 10 -25.73 -13.24 11.59
N PRO D 11 -25.45 -13.99 10.54
CA PRO D 11 -24.67 -13.43 9.44
C PRO D 11 -25.49 -12.52 8.54
N ASP D 12 -26.82 -12.65 8.59
CA ASP D 12 -27.68 -11.85 7.74
C ASP D 12 -28.17 -10.58 8.41
N GLY D 13 -27.65 -10.27 9.59
CA GLY D 13 -28.08 -9.09 10.31
C GLY D 13 -27.42 -7.83 9.80
N VAL D 14 -27.42 -6.81 10.63
CA VAL D 14 -26.90 -5.50 10.28
C VAL D 14 -25.54 -5.31 10.93
N GLN D 15 -24.59 -4.78 10.16
CA GLN D 15 -23.27 -4.45 10.69
C GLN D 15 -23.11 -2.95 10.71
N TYR D 16 -22.75 -2.42 11.87
CA TYR D 16 -22.79 -0.98 12.10
C TYR D 16 -21.43 -0.39 11.76
N ARG D 17 -21.29 0.05 10.52
CA ARG D 17 -20.10 0.75 10.04
C ARG D 17 -20.25 2.24 10.28
N ARG D 18 -19.21 2.98 9.88
CA ARG D 18 -19.19 4.43 10.03
C ARG D 18 -19.61 4.81 11.43
N GLY D 19 -18.84 4.41 12.43
CA GLY D 19 -19.16 4.78 13.78
C GLY D 19 -18.83 6.24 14.03
N PHE D 20 -19.51 6.81 15.00
CA PHE D 20 -19.19 8.14 15.47
C PHE D 20 -18.14 8.05 16.56
N VAL D 21 -17.99 9.12 17.33
CA VAL D 21 -17.16 9.11 18.51
C VAL D 21 -18.04 9.36 19.72
N THR D 22 -18.02 8.43 20.66
CA THR D 22 -18.81 8.58 21.87
C THR D 22 -18.08 9.50 22.85
N ARG D 23 -18.83 9.99 23.84
CA ARG D 23 -18.18 10.71 24.93
C ARG D 23 -17.13 9.83 25.60
N HIS D 24 -17.47 8.56 25.84
CA HIS D 24 -16.52 7.64 26.43
C HIS D 24 -15.27 7.51 25.56
N GLN D 25 -15.47 7.39 24.25
CA GLN D 25 -14.32 7.20 23.37
C GLN D 25 -13.40 8.41 23.42
N VAL D 26 -13.97 9.62 23.38
CA VAL D 26 -13.12 10.79 23.35
C VAL D 26 -12.43 10.98 24.69
N SER D 27 -13.10 10.62 25.79
CA SER D 27 -12.44 10.70 27.09
C SER D 27 -11.28 9.73 27.16
N GLY D 28 -11.49 8.49 26.69
CA GLY D 28 -10.41 7.52 26.67
C GLY D 28 -9.26 7.94 25.80
N TRP D 29 -9.55 8.56 24.66
CA TRP D 29 -8.49 9.03 23.79
C TRP D 29 -7.70 10.16 24.45
N ARG D 30 -8.40 11.12 25.04
CA ARG D 30 -7.71 12.19 25.75
C ARG D 30 -6.85 11.63 26.87
N PHE D 31 -7.33 10.59 27.55
CA PHE D 31 -6.54 9.98 28.61
C PHE D 31 -5.28 9.32 28.07
N VAL D 32 -5.44 8.45 27.07
CA VAL D 32 -4.27 7.77 26.55
C VAL D 32 -3.28 8.76 25.96
N MET D 33 -3.78 9.89 25.44
CA MET D 33 -2.87 10.90 24.91
C MET D 33 -2.11 11.59 26.02
N ARG D 34 -2.80 11.95 27.10
CA ARG D 34 -2.08 12.51 28.24
C ARG D 34 -1.09 11.51 28.81
N ARG D 35 -1.42 10.22 28.74
CA ARG D 35 -0.50 9.21 29.26
C ARG D 35 0.74 9.10 28.41
N ILE D 36 0.59 9.10 27.08
CA ILE D 36 1.76 9.10 26.21
C ILE D 36 2.58 10.35 26.42
N ALA D 37 1.91 11.51 26.56
CA ALA D 37 2.64 12.74 26.80
C ALA D 37 3.43 12.68 28.09
N SER D 38 2.84 12.12 29.14
CA SER D 38 3.56 11.98 30.40
C SER D 38 4.74 11.02 30.24
N GLY D 39 4.52 9.89 29.58
CA GLY D 39 5.59 8.94 29.38
C GLY D 39 6.72 9.47 28.53
N VAL D 40 6.45 10.47 27.70
CA VAL D 40 7.48 11.04 26.85
C VAL D 40 8.21 12.16 27.58
N ALA D 41 7.47 13.16 28.04
CA ALA D 41 8.11 14.30 28.71
C ALA D 41 8.75 13.87 30.03
N LEU D 42 8.03 13.12 30.84
CA LEU D 42 8.56 12.53 32.04
C LEU D 42 8.89 11.07 31.76
N HIS D 43 9.25 10.33 32.80
CA HIS D 43 9.36 8.89 32.71
C HIS D 43 8.39 8.25 33.70
N ASP D 44 7.17 8.76 33.68
CA ASP D 44 6.06 8.21 34.44
C ASP D 44 4.98 7.76 33.47
N THR D 45 4.43 6.58 33.73
CA THR D 45 3.16 6.20 33.14
C THR D 45 2.19 5.79 34.23
N ARG D 46 2.60 5.84 35.50
CA ARG D 46 1.69 5.46 36.57
C ARG D 46 0.61 6.51 36.78
N MET D 47 0.85 7.73 36.32
CA MET D 47 -0.17 8.76 36.21
C MET D 47 -0.79 9.12 37.56
N LEU D 48 -0.08 8.89 38.67
CA LEU D 48 -0.62 9.27 39.96
C LEU D 48 -0.90 10.77 40.03
N VAL D 49 0.02 11.57 39.48
CA VAL D 49 -0.20 13.01 39.35
C VAL D 49 0.33 13.41 37.99
N ASP D 50 -0.41 14.29 37.32
CA ASP D 50 -0.09 14.68 35.95
C ASP D 50 0.23 16.17 35.94
N PRO D 51 1.49 16.55 36.11
CA PRO D 51 1.82 17.98 36.11
C PRO D 51 1.57 18.65 34.78
N LEU D 52 1.59 17.90 33.67
CA LEU D 52 1.35 18.50 32.37
C LEU D 52 -0.09 18.99 32.25
N ARG D 53 -1.05 18.16 32.69
CA ARG D 53 -2.44 18.60 32.70
C ARG D 53 -2.61 19.80 33.61
N THR D 54 -1.89 19.84 34.73
CA THR D 54 -1.97 21.00 35.61
C THR D 54 -1.45 22.25 34.91
N GLN D 55 -0.35 22.13 34.16
CA GLN D 55 0.19 23.30 33.47
C GLN D 55 -0.77 23.80 32.40
N SER D 56 -1.32 22.88 31.61
CA SER D 56 -2.28 23.28 30.60
C SER D 56 -3.50 23.94 31.24
N ARG D 57 -4.00 23.35 32.33
CA ARG D 57 -5.11 23.95 33.06
C ARG D 57 -4.74 25.33 33.58
N ALA D 58 -3.49 25.52 33.99
CA ALA D 58 -3.08 26.82 34.50
C ALA D 58 -3.11 27.87 33.41
N VAL D 59 -2.57 27.55 32.24
CA VAL D 59 -2.57 28.53 31.15
C VAL D 59 -4.00 28.82 30.71
N LEU D 60 -4.84 27.80 30.66
CA LEU D 60 -6.23 28.05 30.28
C LEU D 60 -6.96 28.85 31.35
N THR D 61 -6.61 28.69 32.62
CA THR D 61 -7.19 29.53 33.65
C THR D 61 -6.76 30.97 33.49
N GLY D 62 -5.51 31.18 33.10
CA GLY D 62 -5.08 32.52 32.75
C GLY D 62 -5.92 33.11 31.64
N ALA D 63 -6.20 32.30 30.62
CA ALA D 63 -7.03 32.79 29.51
C ALA D 63 -8.45 33.10 29.97
N LEU D 64 -9.00 32.26 30.84
CA LEU D 64 -10.34 32.51 31.36
C LEU D 64 -10.38 33.79 32.17
N ILE D 65 -9.37 34.01 33.03
CA ILE D 65 -9.28 35.27 33.76
C ILE D 65 -9.23 36.43 32.78
N LEU D 66 -8.49 36.28 31.69
CA LEU D 66 -8.40 37.32 30.68
C LEU D 66 -9.78 37.65 30.14
N VAL D 67 -10.45 36.66 29.58
CA VAL D 67 -11.73 36.92 28.91
C VAL D 67 -12.76 37.42 29.91
N THR D 68 -12.69 36.94 31.15
CA THR D 68 -13.65 37.39 32.15
C THR D 68 -13.45 38.85 32.49
N GLY D 69 -12.21 39.24 32.80
CA GLY D 69 -11.94 40.64 33.03
C GLY D 69 -12.33 41.50 31.84
N LEU D 70 -12.12 40.98 30.63
CA LEU D 70 -12.47 41.73 29.44
C LEU D 70 -13.97 42.02 29.41
N VAL D 71 -14.79 40.97 29.47
CA VAL D 71 -16.23 41.19 29.36
C VAL D 71 -16.73 41.99 30.56
N GLY D 72 -16.08 41.83 31.72
CA GLY D 72 -16.50 42.59 32.88
C GLY D 72 -16.29 44.07 32.71
N CYS D 73 -15.07 44.46 32.35
CA CYS D 73 -14.81 45.88 32.11
C CYS D 73 -15.63 46.40 30.94
N PHE D 74 -16.00 45.51 30.00
CA PHE D 74 -16.83 45.93 28.88
C PHE D 74 -18.23 46.33 29.36
N ILE D 75 -18.90 45.44 30.08
CA ILE D 75 -20.22 45.78 30.60
C ILE D 75 -20.11 46.91 31.61
N PHE D 76 -18.97 47.05 32.27
CA PHE D 76 -18.78 48.18 33.18
C PHE D 76 -18.76 49.49 32.42
N SER D 77 -18.05 49.51 31.28
CA SER D 77 -18.06 50.70 30.43
C SER D 77 -19.46 51.02 29.95
N LEU D 78 -20.20 49.99 29.53
CA LEU D 78 -21.54 50.24 29.00
C LEU D 78 -22.48 50.76 30.08
N PHE D 79 -22.66 50.00 31.15
CA PHE D 79 -23.65 50.37 32.17
C PHE D 79 -23.29 51.68 32.85
N ARG D 80 -22.04 51.88 33.16
CA ARG D 80 -21.74 53.14 33.81
C ARG D 80 -21.72 54.27 32.78
N PRO D 81 -22.05 55.49 33.19
CA PRO D 81 -22.05 56.67 32.32
C PRO D 81 -20.67 57.03 31.77
N MET E 1 35.52 -42.51 17.35
CA MET E 1 35.52 -43.94 17.66
C MET E 1 35.69 -44.17 19.15
N SER E 2 36.85 -44.70 19.52
CA SER E 2 37.11 -45.01 20.92
C SER E 2 38.60 -44.99 21.22
N ARG E 3 39.07 -43.93 21.87
CA ARG E 3 40.46 -43.85 22.25
C ARG E 3 40.60 -43.20 23.62
N LEU E 4 39.46 -42.94 24.26
CA LEU E 4 39.45 -42.33 25.57
C LEU E 4 38.06 -42.53 26.15
N ILE E 5 37.98 -42.58 27.47
CA ILE E 5 36.75 -42.91 28.17
C ILE E 5 36.24 -41.65 28.85
N PHE E 6 34.97 -41.34 28.62
CA PHE E 6 34.30 -40.23 29.27
C PHE E 6 33.39 -40.76 30.36
N GLU E 7 33.39 -40.09 31.51
CA GLU E 7 32.58 -40.50 32.64
C GLU E 7 31.35 -39.62 32.77
N HIS E 8 30.21 -40.27 33.00
CA HIS E 8 28.92 -39.59 33.06
C HIS E 8 28.62 -39.21 34.49
N GLN E 9 28.28 -37.93 34.70
CA GLN E 9 27.93 -37.46 36.02
C GLN E 9 26.65 -36.62 35.90
N ARG E 10 26.29 -35.98 37.01
CA ARG E 10 25.07 -35.20 37.02
C ARG E 10 25.15 -34.04 36.04
N ARG E 11 24.14 -33.93 35.20
CA ARG E 11 24.00 -32.78 34.31
C ARG E 11 23.93 -31.50 35.11
N LEU E 12 24.49 -30.44 34.55
CA LEU E 12 24.38 -29.11 35.14
C LEU E 12 22.95 -28.61 34.91
N THR E 13 22.32 -28.12 35.97
CA THR E 13 20.91 -27.82 35.84
C THR E 13 20.70 -26.64 34.89
N PRO E 14 19.67 -26.70 34.05
CA PRO E 14 19.36 -25.55 33.21
C PRO E 14 18.87 -24.38 34.09
N PRO E 15 18.98 -23.17 33.59
CA PRO E 15 18.36 -22.04 34.30
C PRO E 15 16.90 -22.32 34.59
N THR E 16 16.41 -21.85 35.73
CA THR E 16 15.08 -22.21 36.17
C THR E 16 14.02 -21.70 35.21
N THR E 17 13.04 -22.55 34.93
CA THR E 17 11.85 -22.17 34.20
C THR E 17 10.64 -22.55 35.03
N ARG E 18 9.49 -21.98 34.68
CA ARG E 18 8.29 -22.27 35.45
C ARG E 18 7.10 -22.36 34.52
N LYS E 19 6.19 -23.28 34.85
CA LYS E 19 4.95 -23.49 34.12
C LYS E 19 3.77 -22.75 34.74
N GLY E 20 3.92 -22.26 35.98
CA GLY E 20 2.83 -21.62 36.70
C GLY E 20 2.08 -20.58 35.92
N THR E 21 0.79 -20.81 35.71
CA THR E 21 -0.03 -19.93 34.89
C THR E 21 -0.02 -18.51 35.46
N ILE E 22 -0.28 -17.53 34.60
CA ILE E 22 -0.33 -16.14 35.00
C ILE E 22 -1.74 -15.63 34.74
N THR E 23 -2.51 -15.45 35.80
CA THR E 23 -3.83 -14.89 35.65
C THR E 23 -3.74 -13.37 35.57
N ILE E 24 -4.77 -12.77 34.98
CA ILE E 24 -4.84 -11.32 34.85
C ILE E 24 -6.25 -10.88 35.20
N GLU E 25 -6.35 -9.76 35.91
CA GLU E 25 -7.65 -9.28 36.32
C GLU E 25 -8.46 -8.81 35.11
N PRO E 26 -9.77 -9.05 35.12
CA PRO E 26 -10.61 -8.56 34.03
C PRO E 26 -10.67 -7.04 34.04
N PRO E 27 -10.74 -6.42 32.87
CA PRO E 27 -10.80 -4.96 32.79
C PRO E 27 -12.06 -4.41 33.45
N PRO E 28 -12.06 -3.13 33.84
CA PRO E 28 -13.28 -2.50 34.36
C PRO E 28 -14.46 -2.58 33.41
N GLN E 29 -15.66 -2.37 33.94
CA GLN E 29 -16.91 -2.68 33.25
C GLN E 29 -17.61 -1.47 32.65
N LEU E 30 -16.86 -0.49 32.12
CA LEU E 30 -17.45 0.62 31.37
C LEU E 30 -18.42 1.44 32.20
N PRO E 31 -17.93 2.27 33.13
CA PRO E 31 -18.84 3.11 33.93
C PRO E 31 -19.61 4.13 33.09
N ARG E 32 -20.57 4.78 33.75
CA ARG E 32 -21.48 5.73 33.09
C ARG E 32 -20.90 7.14 33.09
N VAL E 33 -21.71 8.08 32.59
CA VAL E 33 -21.32 9.47 32.47
C VAL E 33 -22.58 10.26 32.18
N THR E 94 -15.88 10.96 35.69
CA THR E 94 -14.85 11.63 34.92
C THR E 94 -13.48 11.38 35.52
N GLU E 95 -13.15 12.15 36.56
CA GLU E 95 -11.94 11.86 37.33
C GLU E 95 -11.94 10.43 37.83
N GLU E 96 -13.12 9.90 38.17
CA GLU E 96 -13.31 8.54 38.62
C GLU E 96 -12.85 7.51 37.57
N VAL E 97 -13.39 7.59 36.35
CA VAL E 97 -13.03 6.63 35.33
C VAL E 97 -11.56 6.79 34.94
N ASP E 98 -11.04 8.00 34.99
CA ASP E 98 -9.63 8.20 34.66
C ASP E 98 -8.73 7.53 35.68
N ALA E 99 -9.00 7.74 36.97
CA ALA E 99 -8.21 7.08 37.99
C ALA E 99 -8.33 5.56 37.88
N GLU E 100 -9.53 5.08 37.55
CA GLU E 100 -9.72 3.63 37.36
C GLU E 100 -8.83 3.10 36.24
N ARG E 101 -8.91 3.71 35.05
CA ARG E 101 -8.11 3.20 33.94
C ARG E 101 -6.62 3.35 34.21
N ALA E 102 -6.23 4.41 34.93
CA ALA E 102 -4.82 4.56 35.28
C ALA E 102 -4.37 3.43 36.19
N ASP E 103 -5.16 3.12 37.21
CA ASP E 103 -4.82 2.01 38.10
C ASP E 103 -4.73 0.70 37.34
N TYR E 104 -5.68 0.44 36.45
CA TYR E 104 -5.63 -0.81 35.71
C TYR E 104 -4.43 -0.86 34.78
N LEU E 105 -4.07 0.28 34.18
CA LEU E 105 -2.91 0.29 33.31
C LEU E 105 -1.62 0.08 34.09
N ARG E 106 -1.56 0.59 35.33
CA ARG E 106 -0.43 0.29 36.19
C ARG E 106 -0.33 -1.20 36.46
N TYR E 107 -1.44 -1.80 36.88
CA TYR E 107 -1.47 -3.24 37.08
C TYR E 107 -1.05 -3.99 35.83
N LEU E 108 -1.46 -3.48 34.66
CA LEU E 108 -1.14 -4.16 33.41
C LEU E 108 0.33 -4.03 33.09
N SER E 109 0.95 -2.89 33.42
CA SER E 109 2.39 -2.76 33.24
C SER E 109 3.13 -3.74 34.14
N VAL E 110 2.66 -3.90 35.38
CA VAL E 110 3.27 -4.87 36.27
C VAL E 110 3.16 -6.28 35.69
N VAL E 111 1.97 -6.62 35.18
CA VAL E 111 1.78 -7.96 34.64
C VAL E 111 2.61 -8.17 33.38
N ARG E 112 2.74 -7.12 32.56
CA ARG E 112 3.59 -7.21 31.39
C ARG E 112 5.04 -7.46 31.78
N ASP E 113 5.51 -6.78 32.82
CA ASP E 113 6.86 -7.02 33.30
C ASP E 113 7.02 -8.44 33.82
N ASN E 114 6.02 -8.94 34.54
CA ASN E 114 6.07 -10.31 35.03
C ASN E 114 6.15 -11.32 33.89
N VAL E 115 5.31 -11.14 32.86
CA VAL E 115 5.33 -12.10 31.77
C VAL E 115 6.58 -11.93 30.92
N ARG E 116 7.14 -10.72 30.88
CA ARG E 116 8.43 -10.53 30.24
C ARG E 116 9.50 -11.32 30.96
N ALA E 117 9.46 -11.33 32.30
CA ALA E 117 10.41 -12.13 33.06
C ALA E 117 10.20 -13.62 32.77
N HIS E 118 8.94 -14.04 32.67
CA HIS E 118 8.67 -15.44 32.32
C HIS E 118 9.27 -15.79 30.96
N ALA E 119 9.04 -14.94 29.97
CA ALA E 119 9.56 -15.18 28.62
C ALA E 119 11.07 -15.19 28.62
N ALA E 120 11.69 -14.29 29.38
CA ALA E 120 13.15 -14.27 29.46
C ALA E 120 13.67 -15.56 30.07
N GLU E 121 13.03 -16.04 31.13
CA GLU E 121 13.45 -17.29 31.75
C GLU E 121 13.35 -18.45 30.76
N GLN E 122 12.22 -18.53 30.06
CA GLN E 122 12.05 -19.59 29.08
C GLN E 122 13.08 -19.49 27.96
N ARG E 123 13.38 -18.27 27.54
CA ARG E 123 14.35 -18.05 26.47
C ARG E 123 15.73 -18.49 26.91
N ALA E 124 16.10 -18.15 28.15
CA ALA E 124 17.40 -18.58 28.66
C ALA E 124 17.47 -20.09 28.79
N ALA E 125 16.38 -20.73 29.22
CA ALA E 125 16.37 -22.18 29.30
C ALA E 125 16.56 -22.80 27.92
N LEU E 126 15.88 -22.24 26.92
CA LEU E 126 16.02 -22.76 25.56
C LEU E 126 17.44 -22.57 25.04
N GLU E 127 18.00 -21.39 25.27
CA GLU E 127 19.36 -21.13 24.81
C GLU E 127 20.36 -22.02 25.53
N TRP E 128 20.06 -22.42 26.77
CA TRP E 128 20.94 -23.34 27.47
C TRP E 128 20.83 -24.75 26.91
N SER E 129 19.61 -25.18 26.58
CA SER E 129 19.44 -26.54 26.12
C SER E 129 19.66 -26.70 24.62
N HIS E 130 19.47 -25.64 23.85
CA HIS E 130 19.63 -25.69 22.40
C HIS E 130 20.48 -24.50 21.95
N PRO E 131 21.79 -24.57 22.09
CA PRO E 131 22.64 -23.45 21.67
C PRO E 131 22.79 -23.43 20.15
N GLU E 132 23.38 -22.35 19.66
CA GLU E 132 23.58 -22.17 18.23
C GLU E 132 24.39 -23.33 17.66
N PRO E 133 24.23 -23.65 16.37
CA PRO E 133 24.99 -24.78 15.82
C PRO E 133 26.48 -24.54 15.79
N GLU E 134 26.91 -23.28 15.76
CA GLU E 134 28.34 -22.99 15.82
C GLU E 134 28.93 -23.36 17.18
N VAL E 135 28.14 -23.23 18.24
CA VAL E 135 28.65 -23.49 19.58
C VAL E 135 28.84 -24.97 19.85
N LEU E 136 28.21 -25.83 19.06
CA LEU E 136 28.39 -27.26 19.25
C LEU E 136 29.85 -27.68 19.13
N ALA E 137 30.68 -26.90 18.45
CA ALA E 137 32.09 -27.27 18.33
C ALA E 137 32.83 -27.14 19.65
N THR E 138 32.30 -26.37 20.60
CA THR E 138 33.00 -26.13 21.85
C THR E 138 32.45 -26.92 23.02
N ILE E 139 31.37 -27.65 22.83
CA ILE E 139 30.77 -28.45 23.89
C ILE E 139 31.62 -29.69 24.19
N PRO E 140 32.06 -30.48 23.21
CA PRO E 140 32.85 -31.68 23.53
C PRO E 140 34.04 -31.42 24.43
N GLY E 141 34.22 -32.29 25.42
CA GLY E 141 35.32 -32.16 26.35
C GLY E 141 35.05 -31.30 27.55
N THR E 142 33.84 -30.80 27.70
CA THR E 142 33.42 -30.09 28.88
C THR E 142 32.56 -31.01 29.74
N ARG E 143 31.97 -30.46 30.79
CA ARG E 143 31.04 -31.23 31.61
C ARG E 143 29.67 -31.36 30.96
N ARG E 144 29.44 -30.69 29.83
CA ARG E 144 28.19 -30.79 29.10
C ARG E 144 28.31 -31.68 27.87
N GLN E 145 29.33 -32.52 27.83
CA GLN E 145 29.57 -33.42 26.71
C GLN E 145 28.31 -34.08 26.24
N TRP E 146 27.78 -34.98 27.07
CA TRP E 146 26.53 -35.67 26.79
C TRP E 146 25.73 -35.64 28.08
N GLU E 147 24.73 -34.75 28.14
CA GLU E 147 24.14 -34.51 29.46
C GLU E 147 22.63 -34.67 29.47
N ARG E 148 22.02 -35.33 28.50
CA ARG E 148 20.60 -35.61 28.56
C ARG E 148 20.36 -37.07 28.89
N ASP E 149 19.35 -37.32 29.73
CA ASP E 149 18.98 -38.67 30.12
C ASP E 149 17.47 -38.75 30.16
N PRO E 150 16.90 -39.96 30.10
CA PRO E 150 15.44 -40.03 29.87
C PRO E 150 14.61 -39.62 31.10
N ARG E 151 15.08 -38.58 31.79
CA ARG E 151 14.33 -38.00 32.88
C ARG E 151 14.47 -36.49 32.82
N ASP E 152 15.00 -35.98 31.71
CA ASP E 152 15.06 -34.54 31.51
C ASP E 152 13.73 -34.07 30.96
N ARG E 153 13.70 -32.86 30.43
CA ARG E 153 12.52 -32.35 29.75
C ARG E 153 12.92 -31.94 28.35
N ASP E 154 14.22 -32.10 28.05
CA ASP E 154 14.76 -31.85 26.72
C ASP E 154 15.47 -33.08 26.18
N PHE E 155 15.18 -34.26 26.71
CA PHE E 155 15.82 -35.47 26.21
C PHE E 155 15.28 -35.78 24.82
N LEU E 156 16.17 -35.83 23.84
CA LEU E 156 15.84 -36.16 22.46
C LEU E 156 14.93 -35.11 21.82
N VAL E 157 15.30 -33.84 21.95
CA VAL E 157 14.71 -32.77 21.16
C VAL E 157 15.85 -32.02 20.50
N LEU E 158 15.80 -31.92 19.18
CA LEU E 158 16.93 -31.51 18.37
C LEU E 158 16.56 -30.16 17.75
N ARG E 159 17.36 -29.13 18.01
CA ARG E 159 16.92 -27.80 17.58
C ARG E 159 16.92 -27.71 16.07
N ALA E 160 15.91 -27.03 15.53
CA ALA E 160 15.79 -26.86 14.09
C ALA E 160 15.84 -25.40 13.68
N GLY E 161 16.06 -24.50 14.63
CA GLY E 161 16.15 -23.09 14.32
C GLY E 161 15.20 -22.24 15.14
N ARG E 162 15.47 -20.95 15.21
CA ARG E 162 14.64 -20.06 16.00
C ARG E 162 13.30 -19.87 15.32
N HIS E 163 12.22 -19.93 16.10
CA HIS E 163 10.89 -19.70 15.58
C HIS E 163 10.07 -19.04 16.68
N ASP E 164 8.99 -18.38 16.27
CA ASP E 164 8.09 -17.75 17.22
C ASP E 164 7.34 -18.85 17.95
N VAL E 165 7.76 -19.14 19.18
CA VAL E 165 7.19 -20.23 19.97
C VAL E 165 6.18 -19.64 20.95
N PRO E 166 5.04 -20.29 21.17
CA PRO E 166 4.12 -19.80 22.19
C PRO E 166 4.73 -19.91 23.58
N LEU E 167 4.44 -18.92 24.42
CA LEU E 167 4.90 -18.97 25.80
C LEU E 167 4.41 -20.24 26.47
N ASP E 168 5.33 -20.97 27.08
CA ASP E 168 4.97 -22.27 27.65
C ASP E 168 3.89 -22.12 28.70
N ALA E 169 4.00 -21.11 29.55
CA ALA E 169 3.03 -20.92 30.62
C ALA E 169 1.75 -20.31 30.06
N ALA E 170 0.64 -20.66 30.67
CA ALA E 170 -0.66 -20.16 30.23
C ALA E 170 -0.81 -18.71 30.67
N LEU E 171 -1.37 -17.90 29.77
CA LEU E 171 -1.64 -16.50 30.04
C LEU E 171 -3.10 -16.25 29.72
N LYS E 172 -3.94 -16.22 30.76
CA LYS E 172 -5.37 -16.05 30.59
C LYS E 172 -5.88 -15.02 31.58
N VAL E 173 -7.03 -14.46 31.26
CA VAL E 173 -7.66 -13.45 32.11
C VAL E 173 -8.69 -14.15 32.98
N LYS E 174 -8.88 -13.63 34.19
CA LYS E 174 -9.91 -14.18 35.06
C LYS E 174 -11.28 -13.98 34.42
N ASP E 175 -12.26 -14.76 34.87
CA ASP E 175 -13.55 -14.81 34.21
C ASP E 175 -14.34 -13.52 34.44
N THR E 176 -15.62 -13.56 34.03
CA THR E 176 -16.49 -12.39 33.89
C THR E 176 -15.96 -11.56 32.73
N ALA E 177 -15.99 -12.17 31.55
CA ALA E 177 -15.75 -11.48 30.29
C ALA E 177 -16.75 -12.02 29.27
N ASP E 178 -17.93 -12.40 29.77
CA ASP E 178 -18.85 -13.19 28.96
C ASP E 178 -19.51 -12.36 27.87
N GLU E 179 -20.32 -11.36 28.24
CA GLU E 179 -20.93 -10.50 27.25
C GLU E 179 -21.17 -9.12 27.84
N ILE E 180 -20.72 -8.91 29.07
CA ILE E 180 -20.77 -7.61 29.70
C ILE E 180 -19.61 -6.78 29.16
N ASP E 181 -19.91 -5.56 28.74
CA ASP E 181 -18.94 -4.73 28.07
C ASP E 181 -17.90 -4.22 29.06
N LEU E 182 -16.68 -4.02 28.57
CA LEU E 182 -15.57 -3.57 29.39
C LEU E 182 -15.04 -2.24 28.86
N GLU E 183 -14.41 -1.47 29.74
CA GLU E 183 -13.82 -0.17 29.40
C GLU E 183 -12.99 -0.28 28.13
N PRO E 184 -13.11 0.68 27.21
CA PRO E 184 -12.45 0.50 25.91
C PRO E 184 -10.93 0.52 25.98
N VAL E 185 -10.34 1.50 26.66
CA VAL E 185 -8.88 1.61 26.68
C VAL E 185 -8.26 0.42 27.40
N ALA E 186 -8.82 0.05 28.54
CA ALA E 186 -8.27 -1.07 29.31
C ALA E 186 -8.40 -2.37 28.55
N HIS E 187 -9.57 -2.62 27.96
CA HIS E 187 -9.75 -3.85 27.20
C HIS E 187 -8.82 -3.89 26.00
N SER E 188 -8.60 -2.74 25.35
CA SER E 188 -7.68 -2.70 24.22
C SER E 188 -6.26 -3.02 24.66
N ALA E 189 -5.84 -2.45 25.78
CA ALA E 189 -4.50 -2.73 26.29
C ALA E 189 -4.34 -4.21 26.63
N LEU E 190 -5.35 -4.79 27.29
CA LEU E 190 -5.27 -6.21 27.62
C LEU E 190 -5.27 -7.07 26.37
N ARG E 191 -6.02 -6.67 25.35
CA ARG E 191 -6.02 -7.39 24.09
C ARG E 191 -4.62 -7.39 23.48
N GLY E 192 -4.01 -6.20 23.40
CA GLY E 192 -2.66 -6.12 22.88
C GLY E 192 -1.68 -6.96 23.68
N LEU E 193 -1.83 -6.97 25.00
CA LEU E 193 -0.94 -7.76 25.84
C LEU E 193 -1.10 -9.25 25.56
N LEU E 194 -2.34 -9.74 25.62
CA LEU E 194 -2.59 -11.17 25.39
C LEU E 194 -2.21 -11.59 23.98
N ASP E 195 -2.22 -10.68 23.02
CA ASP E 195 -1.81 -11.04 21.66
C ASP E 195 -0.29 -11.11 21.56
N VAL E 196 0.38 -10.00 21.90
CA VAL E 196 1.83 -9.94 21.69
C VAL E 196 2.55 -10.89 22.64
N GLN E 197 2.37 -10.72 23.94
CA GLN E 197 3.22 -11.42 24.90
C GLN E 197 2.94 -12.91 24.98
N ARG E 198 1.96 -13.42 24.25
CA ARG E 198 1.66 -14.84 24.29
C ARG E 198 2.76 -15.68 23.64
N THR E 199 3.59 -15.07 22.80
CA THR E 199 4.62 -15.79 22.07
C THR E 199 5.99 -15.21 22.41
N VAL E 200 6.98 -16.08 22.50
CA VAL E 200 8.36 -15.66 22.65
C VAL E 200 8.98 -15.58 21.26
N ARG E 201 9.66 -14.48 21.00
CA ARG E 201 10.17 -14.21 19.63
C ARG E 201 11.53 -14.86 19.35
N ASP E 202 11.59 -15.61 18.24
CA ASP E 202 12.84 -16.17 17.73
C ASP E 202 13.52 -17.06 18.76
N ALA E 203 12.73 -17.78 19.53
CA ALA E 203 13.31 -18.72 20.47
C ALA E 203 13.68 -20.02 19.76
N PRO E 204 14.79 -20.63 20.11
CA PRO E 204 15.16 -21.89 19.47
C PRO E 204 14.14 -22.97 19.73
N THR E 205 13.46 -23.44 18.70
CA THR E 205 12.56 -24.57 18.82
C THR E 205 13.20 -25.81 18.22
N GLY E 206 12.68 -26.96 18.62
CA GLY E 206 13.29 -28.21 18.22
C GLY E 206 12.26 -29.27 17.89
N LEU E 207 12.72 -30.30 17.19
CA LEU E 207 11.90 -31.43 16.82
C LEU E 207 12.10 -32.53 17.85
N ASP E 208 11.00 -33.10 18.31
CA ASP E 208 11.06 -34.18 19.30
C ASP E 208 11.16 -35.50 18.55
N VAL E 209 12.37 -36.04 18.47
CA VAL E 209 12.58 -37.28 17.75
C VAL E 209 11.93 -38.44 18.48
N ALA E 210 11.67 -38.30 19.77
CA ALA E 210 11.11 -39.41 20.54
C ALA E 210 9.66 -39.67 20.19
N LYS E 211 8.93 -38.66 19.71
CA LYS E 211 7.53 -38.80 19.36
C LYS E 211 7.30 -38.90 17.86
N LEU E 212 8.29 -39.37 17.12
CA LEU E 212 8.20 -39.51 15.68
C LEU E 212 8.70 -40.89 15.28
N ALA E 213 8.37 -41.30 14.05
CA ALA E 213 8.83 -42.57 13.54
C ALA E 213 9.42 -42.50 12.14
N ARG E 214 9.00 -41.56 11.32
CA ARG E 214 9.65 -41.28 10.04
C ARG E 214 9.59 -39.79 9.80
N ILE E 215 10.62 -39.26 9.15
CA ILE E 215 10.70 -37.85 8.84
C ILE E 215 11.13 -37.70 7.39
N THR E 216 10.27 -37.15 6.56
CA THR E 216 10.56 -36.93 5.16
C THR E 216 10.96 -35.48 4.97
N VAL E 217 12.18 -35.27 4.52
CA VAL E 217 12.74 -33.93 4.36
C VAL E 217 12.76 -33.62 2.87
N ILE E 218 11.91 -32.72 2.44
CA ILE E 218 11.84 -32.32 1.05
C ILE E 218 12.62 -31.03 0.89
N GLY E 219 13.30 -30.88 -0.23
CA GLY E 219 13.99 -29.65 -0.53
C GLY E 219 15.22 -29.91 -1.37
N GLU E 220 15.96 -28.84 -1.61
CA GLU E 220 17.18 -28.94 -2.40
C GLU E 220 18.24 -29.74 -1.64
N ALA E 221 18.94 -30.61 -2.39
CA ALA E 221 19.85 -31.57 -1.77
C ALA E 221 20.85 -30.89 -0.84
N ASP E 222 21.42 -29.77 -1.28
CA ASP E 222 22.35 -29.06 -0.41
C ASP E 222 21.66 -28.59 0.86
N GLU E 223 20.49 -27.95 0.72
CA GLU E 223 19.81 -27.43 1.90
C GLU E 223 19.25 -28.54 2.77
N ALA E 224 18.69 -29.58 2.15
CA ALA E 224 18.16 -30.70 2.92
C ALA E 224 19.27 -31.35 3.74
N ARG E 225 20.40 -31.67 3.09
CA ARG E 225 21.50 -32.31 3.80
C ARG E 225 22.07 -31.37 4.86
N ALA E 226 22.09 -30.06 4.58
CA ALA E 226 22.56 -29.13 5.59
C ALA E 226 21.72 -29.19 6.84
N ALA E 227 20.40 -29.12 6.69
CA ALA E 227 19.52 -29.14 7.86
C ALA E 227 19.57 -30.48 8.57
N ILE E 228 19.68 -31.57 7.80
CA ILE E 228 19.73 -32.90 8.41
C ILE E 228 21.01 -33.06 9.22
N ARG E 229 22.13 -32.62 8.66
CA ARG E 229 23.37 -32.64 9.43
C ARG E 229 23.28 -31.75 10.65
N ALA E 230 22.56 -30.63 10.54
CA ALA E 230 22.38 -29.77 11.71
C ALA E 230 21.68 -30.54 12.83
N TRP E 231 20.58 -31.21 12.49
CA TRP E 231 19.86 -31.97 13.51
C TRP E 231 20.74 -33.08 14.07
N ILE E 232 21.47 -33.79 13.22
CA ILE E 232 22.25 -34.92 13.69
C ILE E 232 23.38 -34.44 14.60
N ALA E 233 24.04 -33.35 14.21
CA ALA E 233 25.06 -32.75 15.07
C ALA E 233 24.47 -32.37 16.41
N GLN E 234 23.31 -31.72 16.40
CA GLN E 234 22.69 -31.33 17.66
C GLN E 234 22.32 -32.55 18.50
N ALA E 235 21.97 -33.66 17.85
CA ALA E 235 21.59 -34.85 18.58
C ALA E 235 22.81 -35.52 19.20
N VAL E 236 23.81 -35.84 18.38
CA VAL E 236 24.90 -36.68 18.86
C VAL E 236 25.80 -35.91 19.81
N THR E 237 25.87 -34.59 19.68
CA THR E 237 26.75 -33.81 20.53
C THR E 237 26.15 -33.56 21.90
N TRP E 238 25.03 -34.19 22.23
CA TRP E 238 24.43 -34.01 23.54
C TRP E 238 23.97 -35.30 24.19
N HIS E 239 23.82 -36.39 23.45
CA HIS E 239 23.42 -37.66 24.02
C HIS E 239 24.58 -38.64 23.96
N ASP E 240 24.51 -39.65 24.78
CA ASP E 240 25.57 -40.63 24.79
C ASP E 240 25.23 -41.80 23.88
N PRO E 241 26.24 -42.54 23.43
CA PRO E 241 25.97 -43.62 22.49
C PRO E 241 25.24 -44.79 23.13
N THR E 242 24.97 -44.72 24.42
CA THR E 242 24.16 -45.71 25.10
C THR E 242 22.68 -45.35 25.10
N MET E 243 22.34 -44.13 24.67
CA MET E 243 20.95 -43.73 24.58
C MET E 243 20.66 -43.08 23.24
N LEU E 244 21.56 -43.21 22.27
CA LEU E 244 21.36 -42.65 20.95
C LEU E 244 22.23 -43.43 19.96
N GLY E 245 21.88 -43.33 18.70
CA GLY E 245 22.64 -43.98 17.65
C GLY E 245 22.31 -43.38 16.31
N VAL E 246 23.22 -43.50 15.37
CA VAL E 246 23.05 -42.96 14.03
C VAL E 246 23.40 -44.03 13.02
N ALA E 247 22.66 -44.07 11.92
CA ALA E 247 22.96 -44.97 10.83
C ALA E 247 22.54 -44.30 9.54
N LEU E 248 23.30 -44.53 8.48
CA LEU E 248 23.06 -43.87 7.22
C LEU E 248 23.12 -44.86 6.08
N ALA E 249 22.29 -44.62 5.07
CA ALA E 249 22.34 -45.35 3.82
C ALA E 249 22.32 -44.33 2.68
N ALA E 250 23.41 -44.26 1.94
CA ALA E 250 23.57 -43.21 0.94
C ALA E 250 24.14 -43.84 -0.33
N PRO E 251 24.07 -43.14 -1.46
CA PRO E 251 24.64 -43.71 -2.68
C PRO E 251 26.15 -43.84 -2.60
N ASP E 252 26.80 -42.92 -1.88
CA ASP E 252 28.24 -42.98 -1.71
C ASP E 252 28.60 -42.68 -0.27
N LEU E 253 29.02 -43.72 0.45
CA LEU E 253 29.19 -43.60 1.89
C LEU E 253 30.25 -42.56 2.24
N GLU E 254 31.35 -42.51 1.51
CA GLU E 254 32.41 -41.54 1.76
C GLU E 254 32.48 -40.61 0.57
N SER E 255 31.94 -39.40 0.73
CA SER E 255 31.85 -38.44 -0.36
C SER E 255 32.15 -37.03 0.11
N GLY E 256 32.59 -36.89 1.36
CA GLY E 256 32.89 -35.59 1.90
C GLY E 256 31.69 -34.82 2.42
N ASP E 257 30.50 -35.41 2.36
CA ASP E 257 29.35 -34.77 2.98
C ASP E 257 28.54 -35.73 3.82
N TRP E 258 28.99 -36.97 3.98
CA TRP E 258 28.47 -37.85 5.02
C TRP E 258 29.63 -38.63 5.61
N SER E 259 30.81 -38.47 5.02
CA SER E 259 31.97 -39.22 5.48
C SER E 259 32.32 -38.86 6.92
N TRP E 260 32.06 -37.62 7.31
CA TRP E 260 32.34 -37.20 8.69
C TRP E 260 31.72 -38.16 9.69
N LEU E 261 30.54 -38.70 9.37
CA LEU E 261 29.85 -39.60 10.29
C LEU E 261 30.75 -40.73 10.75
N LYS E 262 31.71 -41.15 9.93
CA LYS E 262 32.59 -42.24 10.30
C LYS E 262 33.22 -42.00 11.67
N TRP E 263 33.66 -40.77 11.91
CA TRP E 263 34.34 -40.48 13.17
C TRP E 263 33.44 -40.61 14.37
N LEU E 264 32.13 -40.54 14.19
CA LEU E 264 31.25 -40.43 15.33
C LEU E 264 31.32 -41.70 16.17
N PRO E 265 31.28 -41.58 17.50
CA PRO E 265 31.28 -42.76 18.36
C PRO E 265 29.92 -43.38 18.54
N HIS E 266 28.92 -42.94 17.78
CA HIS E 266 27.57 -43.45 17.88
C HIS E 266 27.19 -44.38 16.75
N VAL E 267 27.92 -44.33 15.62
CA VAL E 267 27.54 -45.13 14.48
C VAL E 267 27.98 -46.58 14.60
N ASP E 268 28.95 -46.86 15.47
CA ASP E 268 29.44 -48.22 15.61
C ASP E 268 28.37 -49.11 16.23
N VAL E 269 28.33 -50.36 15.78
CA VAL E 269 27.45 -51.36 16.36
C VAL E 269 28.13 -51.87 17.62
N PRO E 270 27.42 -52.02 18.73
CA PRO E 270 28.07 -52.42 19.96
C PRO E 270 28.70 -53.81 19.86
N ASN E 271 29.93 -53.92 20.38
CA ASN E 271 30.60 -55.20 20.55
C ASN E 271 30.79 -55.93 19.22
N GLU E 272 31.18 -55.18 18.19
CA GLU E 272 31.58 -55.75 16.92
C GLU E 272 32.62 -54.84 16.29
N ALA E 273 33.47 -55.43 15.44
CA ALA E 273 34.50 -54.67 14.76
C ALA E 273 34.81 -55.32 13.43
N ASP E 274 34.57 -54.59 12.35
CA ASP E 274 34.84 -55.05 10.99
C ASP E 274 35.87 -54.13 10.37
N GLY E 275 37.01 -54.70 9.98
CA GLY E 275 38.03 -53.87 9.35
C GLY E 275 38.61 -52.84 10.32
N VAL E 276 38.97 -51.69 9.75
CA VAL E 276 39.57 -50.62 10.52
C VAL E 276 38.56 -50.08 11.52
N GLY E 277 39.05 -49.71 12.70
CA GLY E 277 38.19 -49.23 13.77
C GLY E 277 37.13 -50.25 14.12
N PRO E 278 36.11 -49.82 14.85
CA PRO E 278 34.96 -50.70 15.10
C PRO E 278 34.03 -50.75 13.90
N ALA E 279 33.20 -51.79 13.88
CA ALA E 279 32.22 -51.93 12.81
C ALA E 279 31.14 -50.87 12.94
N ARG E 280 30.89 -50.14 11.87
CA ARG E 280 30.01 -48.99 11.90
C ARG E 280 28.75 -49.27 11.09
N TYR E 281 27.71 -48.50 11.38
CA TYR E 281 26.43 -48.64 10.69
C TYR E 281 26.43 -47.97 9.33
N LEU E 282 27.46 -47.22 8.99
CA LEU E 282 27.50 -46.51 7.71
C LEU E 282 27.66 -47.55 6.61
N THR E 283 26.57 -47.85 5.92
CA THR E 283 26.60 -48.72 4.76
C THR E 283 25.94 -48.02 3.60
N THR E 284 26.24 -48.47 2.38
CA THR E 284 25.75 -47.76 1.21
C THR E 284 24.31 -48.12 0.88
N SER E 285 23.93 -49.38 1.10
CA SER E 285 22.60 -49.85 0.71
C SER E 285 21.70 -50.01 1.93
N THR E 286 20.39 -49.94 1.67
CA THR E 286 19.43 -50.10 2.75
C THR E 286 19.37 -51.53 3.24
N ALA E 287 19.55 -52.50 2.34
CA ALA E 287 19.49 -53.90 2.73
C ALA E 287 20.60 -54.23 3.72
N GLU E 288 21.83 -53.83 3.42
CA GLU E 288 22.94 -54.09 4.32
C GLU E 288 22.74 -53.39 5.66
N LEU E 289 22.19 -52.17 5.64
CA LEU E 289 21.95 -51.48 6.88
C LEU E 289 20.93 -52.23 7.73
N ARG E 290 19.86 -52.70 7.10
CA ARG E 290 18.87 -53.50 7.83
C ARG E 290 19.49 -54.79 8.37
N GLU E 291 20.40 -55.39 7.59
CA GLU E 291 21.07 -56.59 8.06
C GLU E 291 21.87 -56.31 9.32
N ARG E 292 22.70 -55.26 9.28
CA ARG E 292 23.46 -54.88 10.46
C ARG E 292 22.58 -54.46 11.62
N LEU E 293 21.37 -53.98 11.31
CA LEU E 293 20.52 -53.38 12.33
C LEU E 293 19.58 -54.39 12.98
N ALA E 294 19.35 -55.53 12.35
CA ALA E 294 18.45 -56.56 12.89
C ALA E 294 18.66 -56.88 14.37
N PRO E 295 19.86 -57.18 14.86
CA PRO E 295 19.99 -57.48 16.29
C PRO E 295 19.77 -56.28 17.18
N ALA E 296 19.80 -55.06 16.63
CA ALA E 296 19.51 -53.87 17.40
C ALA E 296 18.04 -53.52 17.43
N LEU E 297 17.23 -54.18 16.61
CA LEU E 297 15.79 -53.90 16.54
C LEU E 297 14.92 -55.14 16.70
N ALA E 298 15.51 -56.30 16.95
CA ALA E 298 14.73 -57.52 17.05
C ALA E 298 14.05 -57.68 18.40
N ASP E 299 14.19 -56.69 19.30
CA ASP E 299 13.53 -56.73 20.59
C ASP E 299 12.57 -55.57 20.75
N ARG E 300 12.38 -54.76 19.72
CA ARG E 300 11.71 -53.48 19.87
C ARG E 300 10.22 -53.67 19.66
N PRO E 301 9.39 -53.20 20.57
CA PRO E 301 7.94 -53.20 20.32
C PRO E 301 7.59 -52.25 19.19
N LEU E 302 6.33 -52.26 18.77
CA LEU E 302 5.95 -51.38 17.68
C LEU E 302 5.86 -49.95 18.18
N PHE E 303 5.82 -49.00 17.24
CA PHE E 303 6.00 -47.59 17.59
C PHE E 303 5.02 -47.08 18.64
N PRO E 304 3.69 -47.25 18.51
CA PRO E 304 2.80 -46.71 19.55
C PRO E 304 2.97 -47.41 20.87
N ALA E 305 3.55 -48.60 20.89
CA ALA E 305 3.84 -49.34 22.11
C ALA E 305 5.24 -48.99 22.59
N GLU E 306 5.53 -49.40 23.82
CA GLU E 306 6.82 -49.09 24.41
C GLU E 306 7.16 -50.13 25.46
N SER E 307 8.45 -50.48 25.53
CA SER E 307 8.94 -51.34 26.60
C SER E 307 9.38 -50.47 27.76
N GLY E 308 8.99 -50.86 28.97
CA GLY E 308 9.38 -50.08 30.14
C GLY E 308 10.87 -49.99 30.37
N ALA E 309 11.63 -50.95 29.84
CA ALA E 309 13.08 -50.83 29.87
C ALA E 309 13.54 -49.76 28.89
N ALA E 310 14.37 -48.84 29.37
CA ALA E 310 14.93 -47.83 28.48
C ALA E 310 15.72 -48.52 27.38
N LEU E 311 15.65 -47.96 26.19
CA LEU E 311 16.27 -48.59 25.03
C LEU E 311 16.75 -47.50 24.10
N LYS E 312 17.67 -47.86 23.21
CA LYS E 312 18.21 -46.89 22.28
C LYS E 312 17.09 -46.27 21.46
N HIS E 313 17.21 -44.96 21.24
CA HIS E 313 16.22 -44.23 20.46
C HIS E 313 16.91 -43.77 19.20
N LEU E 314 17.63 -44.69 18.57
CA LEU E 314 18.48 -44.36 17.44
C LEU E 314 17.66 -43.79 16.30
N LEU E 315 18.33 -43.01 15.47
CA LEU E 315 17.71 -42.43 14.30
C LEU E 315 18.59 -42.72 13.10
N VAL E 316 17.95 -43.02 11.99
CA VAL E 316 18.64 -43.37 10.76
C VAL E 316 18.35 -42.30 9.73
N VAL E 317 19.35 -41.99 8.91
CA VAL E 317 19.19 -41.02 7.83
C VAL E 317 19.40 -41.74 6.51
N LEU E 318 18.50 -41.52 5.57
CA LEU E 318 18.56 -42.15 4.26
C LEU E 318 18.65 -41.05 3.21
N ASP E 319 19.88 -40.76 2.78
CA ASP E 319 20.07 -39.72 1.78
C ASP E 319 19.48 -40.10 0.44
N ASP E 320 19.42 -41.39 0.12
CA ASP E 320 18.85 -41.85 -1.14
C ASP E 320 17.38 -41.48 -1.25
N PRO E 321 16.97 -40.74 -2.28
CA PRO E 321 15.54 -40.46 -2.48
C PRO E 321 14.77 -41.59 -3.15
N ASP E 322 15.46 -42.64 -3.62
CA ASP E 322 14.81 -43.79 -4.21
C ASP E 322 14.62 -44.92 -3.22
N ALA E 323 14.81 -44.63 -1.93
CA ALA E 323 14.57 -45.59 -0.87
C ALA E 323 13.62 -44.95 0.11
N ASP E 324 12.94 -45.79 0.89
CA ASP E 324 11.85 -45.31 1.73
C ASP E 324 11.66 -46.29 2.86
N PRO E 325 11.00 -45.87 3.95
CA PRO E 325 10.62 -46.82 5.00
C PRO E 325 9.90 -48.03 4.44
N ASP E 326 9.77 -49.05 5.30
CA ASP E 326 9.29 -50.39 4.96
C ASP E 326 10.39 -51.18 4.25
N ASP E 327 11.64 -50.74 4.39
CA ASP E 327 12.77 -51.60 4.07
C ASP E 327 13.85 -51.40 5.11
N ILE E 328 13.54 -50.62 6.16
CA ILE E 328 14.46 -50.46 7.28
C ILE E 328 13.64 -50.62 8.55
N ALA E 329 12.33 -50.53 8.41
CA ALA E 329 11.40 -50.75 9.50
C ALA E 329 10.08 -51.22 8.90
N ARG E 330 9.06 -51.28 9.74
CA ARG E 330 7.72 -51.58 9.28
C ARG E 330 6.91 -50.31 9.08
N LYS E 331 5.74 -50.45 8.45
CA LYS E 331 4.84 -49.30 8.30
C LYS E 331 4.46 -48.67 9.63
N PRO E 332 4.10 -49.41 10.68
CA PRO E 332 3.88 -48.76 11.97
C PRO E 332 5.15 -48.26 12.62
N GLY E 333 6.30 -48.63 12.09
CA GLY E 333 7.55 -48.24 12.69
C GLY E 333 7.80 -48.99 13.99
N LEU E 334 8.94 -48.70 14.59
CA LEU E 334 9.35 -49.32 15.85
C LEU E 334 9.60 -48.22 16.86
N THR E 335 9.48 -48.56 18.14
CA THR E 335 9.75 -47.57 19.18
C THR E 335 11.24 -47.25 19.23
N GLY E 336 11.55 -45.96 19.24
CA GLY E 336 12.92 -45.51 19.27
C GLY E 336 13.61 -45.52 17.94
N VAL E 337 12.88 -45.60 16.84
CA VAL E 337 13.45 -45.60 15.50
C VAL E 337 12.92 -44.38 14.77
N THR E 338 13.81 -43.66 14.10
CA THR E 338 13.42 -42.41 13.45
C THR E 338 14.05 -42.37 12.07
N VAL E 339 13.30 -42.76 11.06
CA VAL E 339 13.80 -42.79 9.70
C VAL E 339 13.70 -41.39 9.11
N ILE E 340 14.84 -40.79 8.83
CA ILE E 340 14.90 -39.44 8.30
C ILE E 340 15.42 -39.56 6.87
N HIS E 341 14.50 -39.67 5.91
CA HIS E 341 14.87 -39.86 4.51
C HIS E 341 14.42 -38.65 3.71
N ARG E 342 15.38 -37.99 3.06
CA ARG E 342 15.06 -36.91 2.15
C ARG E 342 14.60 -37.48 0.81
N THR E 343 13.51 -36.95 0.28
CA THR E 343 13.01 -37.36 -1.02
C THR E 343 12.63 -36.12 -1.81
N THR E 344 12.06 -36.34 -2.99
CA THR E 344 11.65 -35.24 -3.85
C THR E 344 10.16 -35.33 -4.17
N GLU E 345 9.42 -36.21 -3.51
CA GLU E 345 7.98 -36.21 -3.64
C GLU E 345 7.42 -34.87 -3.17
N LEU E 346 6.41 -34.38 -3.87
CA LEU E 346 5.79 -33.11 -3.54
C LEU E 346 4.31 -33.32 -3.28
N PRO E 347 3.89 -33.44 -2.02
CA PRO E 347 2.46 -33.53 -1.73
C PRO E 347 1.69 -32.33 -2.31
N ASN E 348 0.69 -32.64 -3.12
CA ASN E 348 -0.01 -31.68 -3.97
C ASN E 348 -1.53 -31.87 -3.85
N ARG E 349 -2.05 -31.75 -2.62
CA ARG E 349 -3.35 -32.24 -2.17
C ARG E 349 -3.28 -33.74 -1.96
N GLU E 350 -2.09 -34.21 -1.60
CA GLU E 350 -1.89 -35.49 -0.94
C GLU E 350 -1.91 -35.32 0.57
N GLN E 351 -2.74 -34.39 1.05
CA GLN E 351 -2.80 -33.94 2.45
C GLN E 351 -2.94 -35.08 3.45
N TYR E 352 -2.20 -34.99 4.55
CA TYR E 352 -2.34 -35.87 5.69
C TYR E 352 -2.10 -35.07 6.96
N PRO E 353 -2.81 -35.38 8.03
CA PRO E 353 -2.54 -34.70 9.31
C PRO E 353 -1.19 -35.10 9.89
N ASP E 354 -0.98 -36.42 10.00
CA ASP E 354 0.24 -37.14 10.41
C ASP E 354 1.16 -36.34 11.33
N PRO E 355 0.76 -36.08 12.57
CA PRO E 355 1.66 -35.39 13.49
C PRO E 355 2.84 -36.24 13.93
N GLU E 356 2.69 -37.57 13.90
CA GLU E 356 3.75 -38.47 14.30
C GLU E 356 4.71 -38.82 13.16
N ARG E 357 4.36 -38.47 11.93
CA ARG E 357 5.19 -38.78 10.77
C ARG E 357 5.28 -37.55 9.88
N PRO E 358 5.89 -36.48 10.37
CA PRO E 358 5.78 -35.19 9.69
C PRO E 358 6.50 -35.17 8.35
N ILE E 359 6.05 -34.27 7.49
CA ILE E 359 6.70 -33.99 6.22
C ILE E 359 7.17 -32.56 6.26
N LEU E 360 8.48 -32.36 6.21
CA LEU E 360 9.10 -31.05 6.35
C LEU E 360 9.81 -30.70 5.06
N ARG E 361 9.44 -29.57 4.46
CA ARG E 361 10.09 -29.08 3.26
C ARG E 361 11.02 -27.94 3.68
N VAL E 362 12.31 -28.11 3.43
CA VAL E 362 13.27 -27.05 3.71
C VAL E 362 14.03 -26.70 2.44
N ALA E 363 13.55 -25.70 1.71
CA ALA E 363 14.29 -25.25 0.55
C ALA E 363 14.20 -23.75 0.41
N ASP E 364 13.49 -23.12 1.33
CA ASP E 364 13.24 -21.69 1.26
C ASP E 364 14.23 -20.89 2.07
N GLY E 365 15.22 -21.55 2.68
CA GLY E 365 15.93 -20.99 3.80
C GLY E 365 15.26 -21.25 5.12
N ARG E 366 14.13 -21.96 5.12
CA ARG E 366 13.40 -22.26 6.34
C ARG E 366 12.65 -23.56 6.14
N ILE E 367 12.16 -24.12 7.24
CA ILE E 367 11.43 -25.39 7.22
C ILE E 367 9.94 -25.11 7.31
N GLU E 368 9.15 -25.86 6.55
CA GLU E 368 7.70 -25.74 6.55
C GLU E 368 7.07 -27.12 6.66
N ARG E 369 6.13 -27.27 7.59
CA ARG E 369 5.45 -28.54 7.76
C ARG E 369 4.28 -28.68 6.80
N TRP E 370 3.95 -29.93 6.47
CA TRP E 370 2.81 -30.22 5.61
C TRP E 370 1.59 -30.51 6.47
N GLN E 371 0.75 -29.50 6.67
CA GLN E 371 -0.52 -29.67 7.34
C GLN E 371 -1.63 -29.80 6.30
N VAL E 372 -2.87 -29.88 6.77
CA VAL E 372 -4.00 -29.98 5.86
C VAL E 372 -4.23 -28.62 5.22
N GLY E 373 -3.97 -28.55 3.92
CA GLY E 373 -4.09 -27.30 3.19
C GLY E 373 -2.79 -26.53 3.22
N GLY E 374 -2.15 -26.40 2.07
CA GLY E 374 -0.92 -25.65 1.97
C GLY E 374 0.19 -26.16 2.89
N TRP E 375 1.25 -25.39 2.93
CA TRP E 375 2.31 -25.57 3.91
C TRP E 375 2.12 -24.59 5.05
N GLN E 376 2.57 -24.97 6.24
CA GLN E 376 2.54 -24.07 7.39
C GLN E 376 3.98 -23.83 7.84
N PRO E 377 4.41 -22.58 7.96
CA PRO E 377 5.79 -22.34 8.40
C PRO E 377 6.02 -22.90 9.79
N CYS E 378 7.04 -23.74 9.91
CA CYS E 378 7.41 -24.34 11.19
C CYS E 378 8.54 -23.60 11.89
N VAL E 379 9.49 -23.06 11.14
CA VAL E 379 10.57 -22.26 11.71
C VAL E 379 10.81 -21.09 10.77
N ASP E 380 11.43 -20.05 11.31
CA ASP E 380 11.83 -18.88 10.51
C ASP E 380 13.26 -19.02 10.02
N VAL E 381 14.21 -19.16 10.93
CA VAL E 381 15.60 -19.29 10.55
C VAL E 381 16.10 -20.69 10.85
N ALA E 382 15.94 -21.60 9.89
CA ALA E 382 16.37 -22.98 10.05
C ALA E 382 17.88 -23.07 10.01
N ASP E 383 18.51 -23.36 11.15
CA ASP E 383 19.96 -23.46 11.18
C ASP E 383 20.41 -24.60 10.29
N ALA E 384 21.61 -24.46 9.74
CA ALA E 384 22.17 -25.48 8.87
C ALA E 384 23.69 -25.35 8.88
N MET E 385 24.37 -26.47 9.06
CA MET E 385 25.82 -26.48 9.13
C MET E 385 26.40 -27.27 7.98
N SER E 386 27.53 -26.79 7.46
CA SER E 386 28.19 -27.44 6.35
C SER E 386 28.79 -28.77 6.80
N ALA E 387 29.23 -29.55 5.82
CA ALA E 387 29.86 -30.83 6.13
C ALA E 387 31.19 -30.63 6.86
N ALA E 388 31.86 -29.51 6.64
CA ALA E 388 33.15 -29.29 7.28
C ALA E 388 32.98 -29.03 8.77
N GLU E 389 32.00 -28.21 9.15
CA GLU E 389 31.77 -27.95 10.56
C GLU E 389 31.31 -29.20 11.29
N ALA E 390 30.40 -29.96 10.68
CA ALA E 390 29.98 -31.22 11.27
C ALA E 390 31.16 -32.19 11.37
N ALA E 391 32.07 -32.12 10.40
CA ALA E 391 33.25 -32.98 10.46
C ALA E 391 34.15 -32.59 11.62
N HIS E 392 34.37 -31.29 11.81
CA HIS E 392 35.15 -30.83 12.94
C HIS E 392 34.52 -31.28 14.25
N ILE E 393 33.19 -31.19 14.35
CA ILE E 393 32.50 -31.64 15.55
C ILE E 393 32.69 -33.13 15.74
N ALA E 394 32.51 -33.92 14.68
CA ALA E 394 32.65 -35.37 14.81
C ALA E 394 34.05 -35.75 15.24
N ARG E 395 35.05 -35.06 14.72
CA ARG E 395 36.42 -35.37 15.12
C ARG E 395 36.63 -35.03 16.59
N ARG E 396 36.19 -33.85 17.02
CA ARG E 396 36.29 -33.54 18.44
C ARG E 396 35.48 -34.51 19.28
N LEU E 397 34.52 -35.21 18.67
CA LEU E 397 33.71 -36.16 19.42
C LEU E 397 34.37 -37.52 19.49
N SER E 398 35.10 -37.90 18.44
CA SER E 398 35.65 -39.24 18.37
C SER E 398 36.57 -39.57 19.54
N ARG E 399 37.07 -38.55 20.23
CA ARG E 399 37.93 -38.79 21.39
C ARG E 399 37.21 -39.59 22.45
N TRP E 400 36.10 -39.06 22.95
CA TRP E 400 35.42 -39.67 24.07
C TRP E 400 34.66 -40.92 23.65
N ASP E 401 34.47 -41.83 24.60
CA ASP E 401 33.67 -43.02 24.39
C ASP E 401 33.10 -43.48 25.72
N SER E 402 31.87 -43.98 25.69
CA SER E 402 31.23 -44.50 26.88
C SER E 402 30.46 -45.79 26.60
N ASN E 403 30.79 -46.47 25.50
CA ASN E 403 30.08 -47.68 25.10
C ASN E 403 30.86 -48.92 25.53
N MET F 1 -32.08 5.06 -58.31
CA MET F 1 -33.54 5.07 -58.34
C MET F 1 -34.05 6.39 -57.79
N THR F 2 -33.27 6.99 -56.89
CA THR F 2 -33.61 8.28 -56.31
C THR F 2 -32.82 9.42 -56.94
N ALA F 3 -31.50 9.24 -57.05
CA ALA F 3 -30.68 10.27 -57.69
C ALA F 3 -31.09 10.46 -59.15
N ARG F 4 -31.47 9.37 -59.82
CA ARG F 4 -31.83 9.48 -61.23
C ARG F 4 -33.07 10.33 -61.40
N ILE F 5 -34.13 10.05 -60.63
CA ILE F 5 -35.34 10.85 -60.75
C ILE F 5 -35.07 12.27 -60.26
N ALA F 6 -34.18 12.43 -59.28
CA ALA F 6 -33.88 13.78 -58.79
C ALA F 6 -33.25 14.64 -59.89
N LEU F 7 -32.15 14.17 -60.47
CA LEU F 7 -31.48 14.95 -61.51
C LEU F 7 -32.33 15.06 -62.77
N ALA F 8 -33.08 14.00 -63.10
CA ALA F 8 -34.00 14.11 -64.23
C ALA F 8 -35.00 15.22 -64.00
N SER F 9 -35.55 15.30 -62.79
CA SER F 9 -36.48 16.37 -62.46
C SER F 9 -35.82 17.74 -62.56
N LEU F 10 -34.59 17.84 -62.07
CA LEU F 10 -33.85 19.10 -62.18
C LEU F 10 -33.77 19.54 -63.63
N PHE F 11 -33.39 18.63 -64.52
CA PHE F 11 -33.24 19.00 -65.92
C PHE F 11 -34.58 19.23 -66.58
N VAL F 12 -35.63 18.53 -66.14
CA VAL F 12 -36.96 18.77 -66.69
C VAL F 12 -37.39 20.19 -66.39
N VAL F 13 -37.30 20.61 -65.14
CA VAL F 13 -37.72 21.97 -64.79
C VAL F 13 -36.78 22.98 -65.43
N ALA F 14 -35.52 22.61 -65.63
CA ALA F 14 -34.62 23.47 -66.38
C ALA F 14 -35.15 23.72 -67.79
N ALA F 15 -35.60 22.65 -68.45
CA ALA F 15 -36.14 22.80 -69.80
C ALA F 15 -37.41 23.62 -69.79
N VAL F 16 -38.28 23.40 -68.81
CA VAL F 16 -39.57 24.08 -68.78
C VAL F 16 -39.39 25.59 -68.62
N LEU F 17 -38.31 26.03 -68.00
CA LEU F 17 -38.03 27.46 -67.97
C LEU F 17 -37.37 27.95 -69.25
N ALA F 18 -37.22 27.08 -70.24
CA ALA F 18 -36.68 27.46 -71.55
C ALA F 18 -37.58 27.03 -72.69
N GLN F 19 -38.86 26.86 -72.45
CA GLN F 19 -39.79 26.53 -73.53
C GLN F 19 -39.88 27.64 -74.57
N PRO F 20 -39.76 28.93 -74.24
CA PRO F 20 -39.49 29.92 -75.31
C PRO F 20 -38.01 29.94 -75.65
N TRP F 21 -37.69 29.85 -76.94
CA TRP F 21 -36.31 29.85 -77.41
C TRP F 21 -36.05 31.11 -78.22
N GLN F 22 -35.36 32.08 -77.62
CA GLN F 22 -35.08 33.34 -78.28
C GLN F 22 -33.61 33.69 -78.09
N THR F 23 -32.89 32.78 -77.45
CA THR F 23 -31.47 32.96 -77.18
C THR F 23 -30.77 31.63 -77.45
N THR F 24 -29.52 31.74 -77.93
CA THR F 24 -28.76 30.53 -78.22
C THR F 24 -28.55 29.68 -76.99
N THR F 25 -28.37 30.32 -75.83
CA THR F 25 -28.22 29.54 -74.61
C THR F 25 -29.50 28.81 -74.24
N GLN F 26 -30.66 29.34 -74.63
CA GLN F 26 -31.89 28.60 -74.42
C GLN F 26 -31.89 27.32 -75.24
N ARG F 27 -31.40 27.38 -76.47
CA ARG F 27 -31.27 26.17 -77.27
C ARG F 27 -30.26 25.21 -76.64
N TRP F 28 -29.13 25.73 -76.16
CA TRP F 28 -28.17 24.88 -75.47
C TRP F 28 -28.82 24.17 -74.29
N VAL F 29 -29.57 24.91 -73.47
CA VAL F 29 -30.12 24.26 -72.28
C VAL F 29 -31.21 23.28 -72.66
N LEU F 30 -31.98 23.55 -73.72
CA LEU F 30 -32.94 22.56 -74.18
C LEU F 30 -32.24 21.28 -74.61
N GLY F 31 -31.19 21.42 -75.41
CA GLY F 31 -30.47 20.24 -75.88
C GLY F 31 -29.84 19.46 -74.75
N VAL F 32 -29.14 20.16 -73.85
CA VAL F 32 -28.44 19.46 -72.77
C VAL F 32 -29.44 18.85 -71.79
N SER F 33 -30.59 19.51 -71.58
CA SER F 33 -31.58 18.97 -70.67
C SER F 33 -32.24 17.73 -71.25
N ILE F 34 -32.61 17.77 -72.53
CA ILE F 34 -33.18 16.58 -73.14
C ILE F 34 -32.16 15.45 -73.18
N ALA F 35 -30.90 15.78 -73.46
CA ALA F 35 -29.85 14.76 -73.46
C ALA F 35 -29.70 14.12 -72.07
N ALA F 36 -29.62 14.95 -71.04
CA ALA F 36 -29.45 14.44 -69.70
C ALA F 36 -30.66 13.63 -69.26
N VAL F 37 -31.86 14.05 -69.66
CA VAL F 37 -33.06 13.30 -69.28
C VAL F 37 -33.07 11.94 -69.95
N ILE F 38 -32.85 11.90 -71.27
CA ILE F 38 -32.90 10.63 -71.97
C ILE F 38 -31.75 9.72 -71.57
N VAL F 39 -30.65 10.27 -71.06
CA VAL F 39 -29.54 9.44 -70.59
C VAL F 39 -29.83 8.93 -69.18
N LEU F 40 -30.33 9.80 -68.30
CA LEU F 40 -30.73 9.39 -66.97
C LEU F 40 -31.98 8.52 -66.98
N LEU F 41 -32.79 8.60 -68.02
CA LEU F 41 -34.01 7.82 -68.10
C LEU F 41 -34.06 7.14 -69.46
N ALA F 42 -33.94 5.82 -69.47
CA ALA F 42 -34.02 5.06 -70.69
C ALA F 42 -34.41 3.63 -70.35
N TRP F 43 -34.59 2.80 -71.37
CA TRP F 43 -34.85 1.39 -71.15
C TRP F 43 -34.26 0.60 -72.30
N TRP F 44 -33.78 -0.60 -71.97
CA TRP F 44 -33.16 -1.48 -72.95
C TRP F 44 -33.58 -2.92 -72.70
N LYS F 45 -34.89 -3.13 -72.57
CA LYS F 45 -35.45 -4.43 -72.24
C LYS F 45 -34.99 -4.88 -70.86
N GLY F 46 -35.37 -4.11 -69.83
CA GLY F 46 -35.15 -4.52 -68.46
C GLY F 46 -34.10 -3.76 -67.69
N MET F 47 -33.52 -2.71 -68.28
CA MET F 47 -32.47 -1.96 -67.60
C MET F 47 -32.52 -0.51 -68.02
N PHE F 48 -31.93 0.35 -67.19
CA PHE F 48 -31.69 1.72 -67.57
C PHE F 48 -30.41 1.80 -68.38
N LEU F 49 -30.21 2.94 -69.04
CA LEU F 49 -28.97 3.15 -69.76
C LEU F 49 -27.80 3.28 -68.79
N THR F 50 -28.03 3.94 -67.65
CA THR F 50 -26.96 4.15 -66.69
C THR F 50 -26.55 2.84 -66.03
N THR F 51 -27.52 1.96 -65.74
CA THR F 51 -27.17 0.65 -65.24
C THR F 51 -26.31 -0.10 -66.23
N ARG F 52 -26.63 0.00 -67.52
CA ARG F 52 -25.83 -0.67 -68.53
C ARG F 52 -24.43 -0.07 -68.62
N ILE F 53 -24.31 1.24 -68.48
CA ILE F 53 -22.98 1.86 -68.47
C ILE F 53 -22.17 1.31 -67.29
N GLY F 54 -22.77 1.34 -66.10
CA GLY F 54 -22.08 0.85 -64.92
C GLY F 54 -21.71 -0.61 -65.03
N ARG F 55 -22.59 -1.43 -65.61
CA ARG F 55 -22.28 -2.85 -65.73
C ARG F 55 -21.22 -3.08 -66.79
N ALA F 56 -21.20 -2.27 -67.85
CA ALA F 56 -20.09 -2.34 -68.79
C ALA F 56 -18.77 -2.04 -68.09
N LEU F 57 -18.75 -0.98 -67.30
CA LEU F 57 -17.54 -0.63 -66.56
C LEU F 57 -17.13 -1.73 -65.60
N ALA F 58 -18.10 -2.29 -64.89
CA ALA F 58 -17.78 -3.34 -63.92
C ALA F 58 -17.28 -4.59 -64.61
N MET F 59 -17.90 -4.96 -65.73
CA MET F 59 -17.44 -6.10 -66.50
C MET F 59 -16.03 -5.89 -67.01
N VAL F 60 -15.73 -4.67 -67.50
CA VAL F 60 -14.39 -4.37 -67.96
C VAL F 60 -13.40 -4.47 -66.81
N ARG F 61 -13.73 -3.88 -65.66
CA ARG F 61 -12.81 -3.89 -64.53
C ARG F 61 -12.56 -5.31 -64.03
N ARG F 62 -13.60 -6.15 -64.02
CA ARG F 62 -13.42 -7.54 -63.64
C ARG F 62 -12.57 -8.27 -64.65
N ASN F 63 -12.73 -7.93 -65.94
CA ASN F 63 -11.84 -8.48 -66.95
C ASN F 63 -10.40 -8.11 -66.65
N ARG F 64 -10.17 -6.87 -66.25
CA ARG F 64 -8.80 -6.42 -65.98
C ARG F 64 -8.25 -7.07 -64.72
N ALA F 65 -9.10 -7.68 -63.90
CA ALA F 65 -8.68 -8.37 -62.68
C ALA F 65 -9.40 -9.72 -62.63
N GLU F 66 -8.78 -10.75 -63.22
CA GLU F 66 -9.42 -12.05 -63.32
C GLU F 66 -9.68 -12.66 -61.95
N ASP F 67 -8.74 -12.48 -61.03
CA ASP F 67 -8.85 -13.14 -59.73
C ASP F 67 -9.98 -12.54 -58.91
N THR F 68 -10.95 -13.38 -58.56
CA THR F 68 -12.08 -13.01 -57.71
C THR F 68 -12.19 -13.93 -56.48
N VAL F 69 -11.31 -14.92 -56.38
CA VAL F 69 -11.47 -15.95 -55.36
C VAL F 69 -11.14 -15.40 -53.98
N GLU F 70 -12.19 -15.17 -53.19
CA GLU F 70 -12.12 -14.86 -51.77
C GLU F 70 -13.54 -14.85 -51.22
N THR F 71 -13.72 -15.21 -49.96
CA THR F 71 -15.05 -15.26 -49.36
C THR F 71 -15.01 -14.64 -47.96
N ASP F 72 -16.14 -14.10 -47.54
CA ASP F 72 -16.24 -13.43 -46.26
C ASP F 72 -15.77 -14.35 -45.14
N ALA F 73 -15.25 -13.74 -44.08
CA ALA F 73 -14.87 -14.48 -42.90
C ALA F 73 -15.77 -14.10 -41.74
N HIS F 74 -17.04 -13.82 -42.04
CA HIS F 74 -17.98 -13.53 -40.97
C HIS F 74 -19.33 -14.15 -41.28
N ARG F 75 -19.39 -14.93 -42.36
CA ARG F 75 -20.56 -15.75 -42.61
C ARG F 75 -20.10 -17.04 -43.27
N ALA F 76 -20.55 -18.16 -42.72
CA ALA F 76 -20.10 -19.47 -43.17
C ALA F 76 -21.28 -20.30 -43.62
N THR F 77 -21.01 -21.18 -44.56
CA THR F 77 -22.01 -22.00 -45.19
C THR F 77 -21.60 -23.46 -45.16
N VAL F 78 -22.60 -24.33 -45.15
CA VAL F 78 -22.39 -25.76 -45.27
C VAL F 78 -23.17 -26.25 -46.48
N VAL F 79 -22.68 -27.34 -47.06
CA VAL F 79 -23.28 -27.95 -48.23
C VAL F 79 -23.50 -29.42 -47.91
N LEU F 80 -24.70 -29.92 -48.20
CA LEU F 80 -24.99 -31.33 -47.98
C LEU F 80 -25.43 -31.93 -49.29
N ARG F 81 -24.63 -32.86 -49.82
CA ARG F 81 -25.02 -33.58 -51.02
C ARG F 81 -26.14 -34.55 -50.70
N VAL F 82 -27.28 -34.35 -51.36
CA VAL F 82 -28.43 -35.22 -51.22
C VAL F 82 -28.39 -36.19 -52.40
N ASP F 83 -28.21 -37.47 -52.12
CA ASP F 83 -28.06 -38.42 -53.23
C ASP F 83 -29.38 -38.62 -53.96
N PRO F 84 -30.51 -38.87 -53.28
CA PRO F 84 -31.76 -39.08 -54.02
C PRO F 84 -32.38 -37.81 -54.56
N ALA F 85 -32.01 -36.64 -54.04
CA ALA F 85 -32.50 -35.37 -54.55
C ALA F 85 -34.02 -35.28 -54.50
N ALA F 86 -34.59 -35.68 -53.37
CA ALA F 86 -36.04 -35.76 -53.28
C ALA F 86 -36.67 -34.38 -53.22
N PRO F 87 -37.84 -34.20 -53.83
CA PRO F 87 -38.52 -32.90 -53.77
C PRO F 87 -39.53 -32.84 -52.63
N ALA F 88 -39.58 -33.88 -51.83
CA ALA F 88 -40.47 -33.93 -50.68
C ALA F 88 -39.78 -33.57 -49.37
N GLN F 89 -38.46 -33.43 -49.38
CA GLN F 89 -37.71 -33.00 -48.21
C GLN F 89 -37.70 -31.49 -48.04
N LEU F 90 -38.33 -30.77 -48.97
CA LEU F 90 -38.36 -29.32 -48.89
C LEU F 90 -38.86 -28.78 -47.55
N PRO F 91 -39.87 -29.35 -46.89
CA PRO F 91 -40.35 -28.74 -45.64
C PRO F 91 -39.28 -28.59 -44.57
N VAL F 92 -38.45 -29.60 -44.35
CA VAL F 92 -37.48 -29.50 -43.27
C VAL F 92 -36.36 -28.54 -43.63
N VAL F 93 -35.88 -28.60 -44.87
CA VAL F 93 -34.77 -27.75 -45.28
C VAL F 93 -35.20 -26.29 -45.33
N VAL F 94 -36.45 -26.01 -45.66
CA VAL F 94 -36.91 -24.64 -45.54
C VAL F 94 -37.27 -24.32 -44.10
N GLY F 95 -37.54 -25.33 -43.28
CA GLY F 95 -37.78 -25.07 -41.88
C GLY F 95 -36.54 -24.64 -41.13
N TYR F 96 -35.37 -25.06 -41.60
CA TYR F 96 -34.13 -24.60 -40.97
C TYR F 96 -33.77 -23.16 -41.27
N LEU F 97 -34.71 -22.34 -41.74
CA LEU F 97 -34.43 -20.92 -41.86
C LEU F 97 -34.17 -20.28 -40.51
N ASP F 98 -34.98 -20.62 -39.51
CA ASP F 98 -34.82 -20.06 -38.16
C ASP F 98 -35.28 -21.13 -37.18
N ARG F 99 -34.34 -21.92 -36.66
CA ARG F 99 -34.70 -22.97 -35.73
C ARG F 99 -33.53 -23.23 -34.78
N TYR F 100 -33.86 -23.59 -33.54
CA TYR F 100 -32.90 -23.91 -32.49
C TYR F 100 -32.10 -22.69 -32.03
N GLY F 101 -32.67 -21.50 -32.15
CA GLY F 101 -31.93 -20.30 -31.82
C GLY F 101 -30.85 -19.94 -32.82
N ILE F 102 -30.81 -20.62 -33.96
CA ILE F 102 -29.80 -20.38 -34.99
C ILE F 102 -30.54 -19.93 -36.23
N THR F 103 -30.38 -18.67 -36.60
CA THR F 103 -31.07 -18.09 -37.74
C THR F 103 -30.17 -18.20 -38.96
N CYS F 104 -30.55 -19.04 -39.91
CA CYS F 104 -29.77 -19.24 -41.12
C CYS F 104 -30.15 -18.17 -42.12
N ASP F 105 -29.16 -17.43 -42.60
CA ASP F 105 -29.44 -16.27 -43.44
C ASP F 105 -30.05 -16.68 -44.77
N LYS F 106 -29.76 -17.88 -45.26
CA LYS F 106 -30.39 -18.34 -46.48
C LYS F 106 -30.18 -19.84 -46.61
N VAL F 107 -31.18 -20.48 -47.21
CA VAL F 107 -31.18 -21.93 -47.42
C VAL F 107 -31.49 -22.20 -48.87
N ARG F 108 -30.52 -22.67 -49.63
CA ARG F 108 -30.71 -22.89 -51.05
C ARG F 108 -30.54 -24.37 -51.38
N ILE F 109 -31.18 -24.79 -52.46
CA ILE F 109 -31.05 -26.13 -53.01
C ILE F 109 -30.62 -26.00 -54.46
N THR F 110 -29.55 -26.71 -54.83
CA THR F 110 -28.96 -26.62 -56.16
C THR F 110 -28.93 -28.00 -56.80
N HIS F 111 -29.59 -28.14 -57.95
CA HIS F 111 -29.55 -29.37 -58.72
C HIS F 111 -28.65 -29.15 -59.93
N ARG F 112 -27.63 -29.97 -60.06
CA ARG F 112 -26.76 -29.97 -61.24
C ARG F 112 -27.18 -31.10 -62.16
N ASP F 113 -27.34 -30.79 -63.45
CA ASP F 113 -27.83 -31.74 -64.43
C ASP F 113 -26.80 -31.92 -65.54
N ALA F 114 -26.49 -33.18 -65.83
CA ALA F 114 -25.70 -33.57 -66.99
C ALA F 114 -26.27 -34.89 -67.49
N GLY F 115 -26.59 -34.97 -68.78
CA GLY F 115 -27.18 -36.20 -69.30
C GLY F 115 -28.52 -36.44 -68.64
N GLY F 116 -28.74 -37.66 -68.18
CA GLY F 116 -29.89 -37.96 -67.36
C GLY F 116 -29.55 -37.79 -65.89
N THR F 117 -28.25 -37.78 -65.60
CA THR F 117 -27.78 -37.71 -64.24
C THR F 117 -28.01 -36.33 -63.63
N ARG F 118 -28.44 -36.31 -62.38
CA ARG F 118 -28.69 -35.07 -61.66
C ARG F 118 -28.32 -35.28 -60.20
N ARG F 119 -27.49 -34.38 -59.68
CA ARG F 119 -27.10 -34.39 -58.28
C ARG F 119 -27.63 -33.13 -57.60
N SER F 120 -27.68 -33.16 -56.27
CA SER F 120 -28.31 -32.06 -55.55
C SER F 120 -27.52 -31.73 -54.30
N TRP F 121 -27.55 -30.44 -53.95
CA TRP F 121 -26.87 -29.94 -52.77
C TRP F 121 -27.82 -29.00 -52.04
N ILE F 122 -28.16 -29.35 -50.80
CA ILE F 122 -28.86 -28.42 -49.92
C ILE F 122 -27.77 -27.67 -49.17
N SER F 123 -27.54 -26.43 -49.58
CA SER F 123 -26.59 -25.58 -48.91
C SER F 123 -27.33 -24.57 -48.05
N LEU F 124 -26.67 -24.09 -47.01
CA LEU F 124 -27.28 -23.07 -46.17
C LEU F 124 -26.19 -22.39 -45.36
N THR F 125 -26.39 -21.10 -45.11
CA THR F 125 -25.37 -20.33 -44.41
C THR F 125 -25.96 -19.54 -43.26
N VAL F 126 -25.08 -19.04 -42.40
CA VAL F 126 -25.48 -18.18 -41.29
C VAL F 126 -24.60 -16.94 -41.28
N ASP F 127 -25.23 -15.78 -41.10
CA ASP F 127 -24.50 -14.53 -40.98
C ASP F 127 -24.22 -14.28 -39.51
N ALA F 128 -22.94 -14.30 -39.12
CA ALA F 128 -22.60 -14.23 -37.71
C ALA F 128 -23.16 -12.98 -37.06
N VAL F 129 -23.23 -11.88 -37.80
CA VAL F 129 -23.77 -10.65 -37.23
C VAL F 129 -25.28 -10.77 -37.02
N ASP F 130 -25.96 -11.51 -37.89
CA ASP F 130 -27.39 -11.66 -37.75
C ASP F 130 -27.76 -12.37 -36.46
N ASN F 131 -27.18 -13.54 -36.22
CA ASN F 131 -27.33 -14.23 -34.94
C ASN F 131 -25.96 -14.14 -34.28
N LEU F 132 -25.74 -13.05 -33.57
CA LEU F 132 -24.48 -12.84 -32.86
C LEU F 132 -24.50 -13.51 -31.50
N ALA F 133 -25.59 -13.36 -30.75
CA ALA F 133 -25.67 -13.93 -29.42
C ALA F 133 -25.47 -15.44 -29.44
N ALA F 134 -26.21 -16.14 -30.31
CA ALA F 134 -26.18 -17.60 -30.29
C ALA F 134 -24.79 -18.15 -30.57
N LEU F 135 -23.93 -17.35 -31.18
CA LEU F 135 -22.53 -17.71 -31.32
C LEU F 135 -21.70 -17.27 -30.13
N GLN F 136 -21.94 -16.04 -29.66
CA GLN F 136 -21.25 -15.53 -28.48
C GLN F 136 -21.56 -16.37 -27.25
N ALA F 137 -22.66 -17.13 -27.28
CA ALA F 137 -22.97 -18.03 -26.18
C ALA F 137 -22.11 -19.29 -26.22
N ARG F 138 -21.74 -19.76 -27.41
CA ARG F 138 -20.93 -20.96 -27.50
C ARG F 138 -19.57 -20.72 -26.84
N SER F 139 -18.90 -19.65 -27.24
CA SER F 139 -17.70 -19.17 -26.56
C SER F 139 -17.48 -17.74 -27.03
N ALA F 140 -16.69 -16.99 -26.26
CA ALA F 140 -16.36 -15.64 -26.65
C ALA F 140 -15.39 -15.61 -27.81
N ARG F 141 -15.13 -16.77 -28.42
CA ARG F 141 -14.32 -16.88 -29.61
C ARG F 141 -15.17 -17.00 -30.87
N ILE F 142 -16.49 -16.97 -30.73
CA ILE F 142 -17.43 -16.88 -31.84
C ILE F 142 -17.19 -18.02 -32.83
N PRO F 143 -17.53 -19.25 -32.48
CA PRO F 143 -17.25 -20.38 -33.37
C PRO F 143 -18.26 -20.46 -34.52
N LEU F 144 -18.16 -19.51 -35.45
CA LEU F 144 -19.08 -19.48 -36.58
C LEU F 144 -18.96 -20.73 -37.43
N GLN F 145 -17.74 -21.06 -37.83
CA GLN F 145 -17.53 -22.23 -38.67
C GLN F 145 -17.97 -23.50 -37.96
N ASP F 146 -17.57 -23.65 -36.69
CA ASP F 146 -17.94 -24.84 -35.93
C ASP F 146 -19.45 -24.94 -35.77
N THR F 147 -20.10 -23.82 -35.45
CA THR F 147 -21.54 -23.84 -35.28
C THR F 147 -22.25 -24.19 -36.57
N THR F 148 -21.77 -23.66 -37.70
CA THR F 148 -22.42 -24.00 -38.95
C THR F 148 -22.18 -25.46 -39.31
N GLU F 149 -21.04 -26.00 -38.93
CA GLU F 149 -20.84 -27.44 -39.07
C GLU F 149 -21.85 -28.21 -38.24
N VAL F 150 -22.13 -27.74 -37.02
CA VAL F 150 -23.12 -28.41 -36.18
C VAL F 150 -24.49 -28.35 -36.83
N VAL F 151 -24.85 -27.19 -37.36
CA VAL F 151 -26.14 -27.06 -38.03
C VAL F 151 -26.22 -28.01 -39.21
N GLY F 152 -25.16 -28.09 -40.01
CA GLY F 152 -25.16 -29.02 -41.11
C GLY F 152 -25.31 -30.45 -40.67
N ARG F 153 -24.53 -30.86 -39.66
CA ARG F 153 -24.61 -32.23 -39.18
C ARG F 153 -25.99 -32.54 -38.64
N ARG F 154 -26.63 -31.56 -38.00
CA ARG F 154 -27.96 -31.79 -37.44
C ARG F 154 -28.99 -31.93 -38.55
N LEU F 155 -28.87 -31.12 -39.60
CA LEU F 155 -29.72 -31.31 -40.77
C LEU F 155 -29.51 -32.70 -41.35
N ALA F 156 -28.26 -33.12 -41.45
CA ALA F 156 -27.97 -34.43 -42.03
C ALA F 156 -28.58 -35.54 -41.18
N ASP F 157 -28.49 -35.41 -39.86
CA ASP F 157 -29.08 -36.41 -38.98
C ASP F 157 -30.59 -36.45 -39.13
N HIS F 158 -31.23 -35.29 -39.15
CA HIS F 158 -32.68 -35.26 -39.31
C HIS F 158 -33.09 -35.90 -40.64
N LEU F 159 -32.40 -35.54 -41.72
CA LEU F 159 -32.79 -36.05 -43.02
C LEU F 159 -32.51 -37.55 -43.14
N ARG F 160 -31.37 -38.02 -42.65
CA ARG F 160 -31.14 -39.47 -42.63
C ARG F 160 -32.23 -40.17 -41.85
N GLU F 161 -32.58 -39.64 -40.68
CA GLU F 161 -33.67 -40.22 -39.91
C GLU F 161 -34.96 -40.22 -40.71
N GLN F 162 -35.12 -39.28 -41.62
CA GLN F 162 -36.24 -39.37 -42.55
C GLN F 162 -36.05 -40.47 -43.59
N GLY F 163 -34.82 -40.82 -43.93
CA GLY F 163 -34.54 -41.86 -44.88
C GLY F 163 -33.69 -41.44 -46.06
N TRP F 164 -33.66 -40.16 -46.40
CA TRP F 164 -32.90 -39.69 -47.55
C TRP F 164 -31.41 -39.68 -47.21
N THR F 165 -30.62 -40.33 -48.04
CA THR F 165 -29.18 -40.39 -47.82
C THR F 165 -28.56 -39.03 -48.07
N VAL F 166 -27.93 -38.46 -47.06
CA VAL F 166 -27.31 -37.15 -47.13
C VAL F 166 -25.87 -37.25 -46.65
N THR F 167 -24.98 -36.52 -47.31
CA THR F 167 -23.56 -36.53 -46.95
C THR F 167 -23.02 -35.12 -46.98
N VAL F 168 -22.55 -34.63 -45.83
CA VAL F 168 -21.85 -33.35 -45.81
C VAL F 168 -20.58 -33.48 -46.63
N VAL F 169 -20.36 -32.55 -47.55
CA VAL F 169 -19.20 -32.59 -48.44
C VAL F 169 -18.72 -31.18 -48.68
N GLU F 170 -17.40 -31.02 -48.75
CA GLU F 170 -16.75 -29.79 -49.15
C GLU F 170 -15.75 -30.09 -50.25
N GLY F 171 -15.77 -29.28 -51.30
CA GLY F 171 -15.02 -29.54 -52.52
C GLY F 171 -15.88 -29.69 -53.75
N VAL F 172 -17.18 -29.42 -53.63
CA VAL F 172 -18.10 -29.65 -54.73
C VAL F 172 -17.71 -28.83 -55.94
N ASP F 173 -18.12 -29.33 -57.11
CA ASP F 173 -17.77 -28.70 -58.37
C ASP F 173 -18.36 -27.29 -58.47
N THR F 174 -17.74 -26.48 -59.31
CA THR F 174 -18.02 -25.07 -59.48
C THR F 174 -18.71 -24.84 -60.82
N PRO F 175 -19.81 -24.09 -60.84
CA PRO F 175 -20.48 -23.86 -62.12
C PRO F 175 -19.65 -22.98 -63.05
N LEU F 176 -19.06 -21.92 -62.51
CA LEU F 176 -18.31 -20.99 -63.34
C LEU F 176 -16.93 -21.55 -63.60
N PRO F 177 -16.44 -21.54 -64.84
CA PRO F 177 -15.04 -21.83 -65.08
C PRO F 177 -14.18 -20.70 -64.54
N VAL F 178 -13.17 -21.06 -63.73
CA VAL F 178 -12.32 -20.04 -63.12
C VAL F 178 -11.33 -19.45 -64.10
N SER F 179 -11.29 -19.93 -65.34
CA SER F 179 -10.36 -19.43 -66.35
C SER F 179 -11.04 -18.53 -67.37
N GLY F 180 -12.36 -18.46 -67.37
CA GLY F 180 -13.08 -17.76 -68.43
C GLY F 180 -12.94 -16.26 -68.34
N LYS F 181 -13.55 -15.60 -69.32
CA LYS F 181 -13.56 -14.14 -69.36
C LYS F 181 -15.00 -13.65 -69.40
N GLU F 182 -15.33 -12.72 -68.51
CA GLU F 182 -16.69 -12.21 -68.41
C GLU F 182 -17.07 -11.42 -69.65
N THR F 183 -18.02 -11.96 -70.42
CA THR F 183 -18.58 -11.27 -71.56
C THR F 183 -19.93 -10.66 -71.20
N TRP F 184 -20.58 -10.03 -72.19
CA TRP F 184 -21.88 -9.45 -71.93
C TRP F 184 -22.99 -10.49 -71.85
N ARG F 185 -22.82 -11.62 -72.52
CA ARG F 185 -23.80 -12.70 -72.49
C ARG F 185 -23.14 -13.93 -71.91
N GLY F 186 -23.18 -14.04 -70.58
CA GLY F 186 -22.51 -15.13 -69.91
C GLY F 186 -20.99 -14.98 -69.98
N VAL F 187 -20.30 -15.97 -69.44
CA VAL F 187 -18.84 -15.98 -69.43
C VAL F 187 -18.37 -17.15 -70.27
N ALA F 188 -17.40 -16.91 -71.11
CA ALA F 188 -16.91 -17.87 -72.09
C ALA F 188 -15.71 -18.63 -71.54
N ASP F 189 -15.21 -19.55 -72.35
CA ASP F 189 -14.00 -20.28 -72.03
C ASP F 189 -13.49 -20.90 -73.33
N ASP F 190 -12.38 -21.63 -73.24
CA ASP F 190 -11.99 -22.47 -74.36
C ASP F 190 -13.01 -23.57 -74.62
N ALA F 191 -13.78 -23.94 -73.61
CA ALA F 191 -14.92 -24.82 -73.77
C ALA F 191 -16.19 -24.00 -73.98
N GLY F 192 -17.32 -24.69 -73.97
CA GLY F 192 -18.62 -24.06 -74.10
C GLY F 192 -18.88 -22.92 -73.13
N VAL F 193 -19.79 -22.02 -73.51
CA VAL F 193 -20.05 -20.84 -72.69
C VAL F 193 -21.18 -21.11 -71.72
N VAL F 194 -21.04 -20.59 -70.50
CA VAL F 194 -22.05 -20.68 -69.46
C VAL F 194 -22.64 -19.31 -69.23
N ALA F 195 -23.96 -19.25 -69.11
CA ALA F 195 -24.65 -18.01 -68.81
C ALA F 195 -25.72 -18.29 -67.77
N ALA F 196 -25.86 -17.37 -66.81
CA ALA F 196 -26.81 -17.54 -65.72
C ALA F 196 -28.04 -16.71 -65.96
N TYR F 197 -29.20 -17.24 -65.58
CA TYR F 197 -30.49 -16.63 -65.81
C TYR F 197 -31.26 -16.57 -64.50
N ARG F 198 -31.82 -15.41 -64.19
CA ARG F 198 -32.66 -15.26 -63.00
C ARG F 198 -34.10 -15.62 -63.36
N VAL F 199 -34.56 -16.76 -62.87
CA VAL F 199 -35.89 -17.24 -63.26
C VAL F 199 -36.94 -16.52 -62.45
N LYS F 200 -37.92 -15.94 -63.13
CA LYS F 200 -39.01 -15.26 -62.45
C LYS F 200 -39.91 -16.29 -61.77
N VAL F 201 -40.31 -15.99 -60.54
CA VAL F 201 -41.20 -16.85 -59.78
C VAL F 201 -42.64 -16.52 -60.13
N ASP F 202 -43.47 -17.56 -60.24
CA ASP F 202 -44.89 -17.38 -60.45
C ASP F 202 -45.61 -18.60 -59.92
N ASP F 203 -46.88 -18.76 -60.30
CA ASP F 203 -47.60 -20.00 -60.04
C ASP F 203 -47.37 -21.03 -61.12
N ARG F 204 -46.25 -20.89 -61.87
CA ARG F 204 -45.90 -21.82 -62.93
C ARG F 204 -44.42 -22.18 -62.87
N LEU F 205 -43.84 -22.28 -61.68
CA LEU F 205 -42.39 -22.42 -61.58
C LEU F 205 -41.92 -23.82 -62.00
N ASP F 206 -42.62 -24.87 -61.59
CA ASP F 206 -42.11 -26.22 -61.81
C ASP F 206 -42.03 -26.55 -63.29
N GLU F 207 -42.96 -26.00 -64.09
CA GLU F 207 -42.85 -26.17 -65.53
C GLU F 207 -41.57 -25.55 -66.05
N VAL F 208 -41.22 -24.36 -65.54
CA VAL F 208 -39.99 -23.71 -65.97
C VAL F 208 -38.78 -24.51 -65.54
N LEU F 209 -38.84 -25.13 -64.36
CA LEU F 209 -37.74 -25.99 -63.92
C LEU F 209 -37.58 -27.20 -64.82
N ALA F 210 -38.68 -27.89 -65.13
CA ALA F 210 -38.60 -29.02 -66.05
C ALA F 210 -38.02 -28.58 -67.39
N GLU F 211 -38.45 -27.42 -67.89
CA GLU F 211 -37.96 -26.96 -69.18
C GLU F 211 -36.49 -26.59 -69.13
N ILE F 212 -36.05 -26.00 -68.03
CA ILE F 212 -34.63 -25.72 -67.86
C ILE F 212 -33.82 -27.01 -67.88
N GLY F 213 -34.32 -28.04 -67.21
CA GLY F 213 -33.68 -29.33 -67.30
C GLY F 213 -33.64 -29.87 -68.72
N HIS F 214 -34.70 -29.62 -69.48
CA HIS F 214 -34.84 -30.27 -70.79
C HIS F 214 -33.94 -29.66 -71.85
N LEU F 215 -33.69 -28.37 -71.81
CA LEU F 215 -33.10 -27.71 -72.97
C LEU F 215 -31.67 -28.18 -73.20
N PRO F 216 -31.23 -28.23 -74.45
CA PRO F 216 -29.87 -28.67 -74.76
C PRO F 216 -28.81 -27.84 -74.07
N ALA F 217 -27.84 -28.50 -73.45
CA ALA F 217 -26.75 -27.82 -72.75
C ALA F 217 -25.70 -28.82 -72.30
N GLU F 218 -24.44 -28.38 -72.25
CA GLU F 218 -23.41 -29.18 -71.59
C GLU F 218 -23.78 -29.44 -70.14
N GLU F 219 -24.14 -28.40 -69.40
CA GLU F 219 -24.49 -28.53 -67.99
C GLU F 219 -25.69 -27.64 -67.70
N THR F 220 -26.44 -28.00 -66.66
CA THR F 220 -27.59 -27.20 -66.29
C THR F 220 -27.71 -27.15 -64.77
N TRP F 221 -27.30 -26.04 -64.18
CA TRP F 221 -27.47 -25.80 -62.76
C TRP F 221 -28.78 -25.07 -62.55
N THR F 222 -29.58 -25.52 -61.59
CA THR F 222 -30.73 -24.77 -61.13
C THR F 222 -30.64 -24.63 -59.63
N ALA F 223 -31.12 -23.52 -59.08
CA ALA F 223 -31.02 -23.31 -57.66
C ALA F 223 -32.19 -22.50 -57.15
N LEU F 224 -32.91 -23.07 -56.20
CA LEU F 224 -33.88 -22.35 -55.39
C LEU F 224 -33.15 -21.81 -54.18
N GLU F 225 -33.59 -20.66 -53.68
CA GLU F 225 -33.03 -20.10 -52.46
C GLU F 225 -34.15 -19.48 -51.65
N PHE F 226 -34.40 -20.02 -50.47
CA PHE F 226 -35.34 -19.45 -49.53
C PHE F 226 -34.59 -18.57 -48.54
N THR F 227 -35.28 -17.55 -48.05
CA THR F 227 -34.69 -16.64 -47.09
C THR F 227 -35.79 -16.07 -46.22
N GLY F 228 -35.44 -15.68 -45.01
CA GLY F 228 -36.39 -15.09 -44.09
C GLY F 228 -36.88 -16.05 -43.03
N SER F 229 -38.04 -15.72 -42.47
CA SER F 229 -38.63 -16.56 -41.44
C SER F 229 -39.16 -17.86 -42.05
N PRO F 230 -39.01 -18.99 -41.37
CA PRO F 230 -39.48 -20.27 -41.92
C PRO F 230 -40.99 -20.39 -41.95
N ALA F 231 -41.71 -19.45 -41.36
CA ALA F 231 -43.16 -19.38 -41.49
C ALA F 231 -43.60 -18.41 -42.58
N GLU F 232 -42.64 -17.72 -43.20
CA GLU F 232 -42.93 -16.79 -44.30
C GLU F 232 -41.70 -16.69 -45.19
N PRO F 233 -41.38 -17.75 -45.92
CA PRO F 233 -40.11 -17.79 -46.65
C PRO F 233 -40.23 -17.10 -48.01
N LEU F 234 -39.32 -16.17 -48.27
CA LEU F 234 -39.21 -15.53 -49.57
C LEU F 234 -38.33 -16.37 -50.47
N LEU F 235 -38.76 -16.58 -51.70
CA LEU F 235 -38.06 -17.45 -52.64
C LEU F 235 -37.30 -16.61 -53.66
N THR F 236 -36.26 -17.20 -54.24
CA THR F 236 -35.54 -16.60 -55.36
C THR F 236 -34.84 -17.72 -56.12
N VAL F 237 -34.98 -17.73 -57.44
CA VAL F 237 -34.51 -18.85 -58.24
C VAL F 237 -33.56 -18.36 -59.33
N CYS F 238 -32.40 -19.00 -59.43
CA CYS F 238 -31.45 -18.77 -60.52
C CYS F 238 -31.18 -20.09 -61.23
N ALA F 239 -30.58 -20.01 -62.41
CA ALA F 239 -30.23 -21.21 -63.15
C ALA F 239 -29.19 -20.87 -64.19
N ALA F 240 -28.06 -21.58 -64.17
CA ALA F 240 -26.99 -21.38 -65.14
C ALA F 240 -27.02 -22.49 -66.16
N VAL F 241 -27.01 -22.13 -67.44
CA VAL F 241 -26.91 -23.11 -68.51
C VAL F 241 -25.53 -22.99 -69.13
N ARG F 242 -24.84 -24.12 -69.24
CA ARG F 242 -23.56 -24.20 -69.94
C ARG F 242 -23.84 -24.90 -71.24
N THR F 243 -23.85 -24.13 -72.33
CA THR F 243 -24.11 -24.64 -73.67
C THR F 243 -22.85 -24.48 -74.52
N SER F 244 -22.59 -25.50 -75.35
CA SER F 244 -21.37 -25.56 -76.14
C SER F 244 -21.16 -24.31 -76.97
N ASP F 245 -22.13 -23.98 -77.81
CA ASP F 245 -21.98 -22.79 -78.64
C ASP F 245 -22.06 -21.53 -77.78
N ARG F 246 -21.92 -20.40 -78.41
CA ARG F 246 -22.13 -19.12 -77.76
C ARG F 246 -23.61 -18.97 -77.40
N PRO F 247 -23.94 -18.42 -76.24
CA PRO F 247 -25.34 -18.31 -75.86
C PRO F 247 -26.09 -17.34 -76.74
N ALA F 248 -27.39 -17.57 -76.86
CA ALA F 248 -28.25 -16.64 -77.56
C ALA F 248 -28.19 -15.27 -76.89
N ALA F 249 -28.46 -14.23 -77.67
CA ALA F 249 -28.53 -12.89 -77.12
C ALA F 249 -29.85 -12.60 -76.42
N LYS F 250 -30.78 -13.54 -76.43
CA LYS F 250 -32.04 -13.37 -75.73
C LYS F 250 -32.30 -14.61 -74.89
N ALA F 251 -33.08 -14.41 -73.83
CA ALA F 251 -33.45 -15.45 -72.89
C ALA F 251 -33.99 -16.67 -73.63
N PRO F 252 -33.30 -17.81 -73.57
CA PRO F 252 -33.70 -18.93 -74.42
C PRO F 252 -35.09 -19.47 -74.13
N LEU F 253 -35.69 -19.12 -72.99
CA LEU F 253 -37.04 -19.58 -72.67
C LEU F 253 -37.88 -18.42 -72.19
N ALA F 254 -39.11 -18.76 -71.80
CA ALA F 254 -40.07 -17.79 -71.27
C ALA F 254 -39.94 -17.71 -69.75
N GLY F 255 -39.91 -16.48 -69.24
CA GLY F 255 -39.97 -16.26 -67.81
C GLY F 255 -38.63 -16.34 -67.11
N LEU F 256 -37.60 -15.76 -67.71
CA LEU F 256 -36.27 -15.73 -67.12
C LEU F 256 -35.41 -14.73 -67.89
N THR F 257 -34.49 -14.09 -67.19
CA THR F 257 -33.67 -13.07 -67.81
C THR F 257 -32.18 -13.38 -67.67
N PRO F 258 -31.39 -13.11 -68.71
CA PRO F 258 -29.95 -13.41 -68.62
C PRO F 258 -29.20 -12.47 -67.70
N ALA F 259 -29.84 -11.40 -67.22
CA ALA F 259 -29.17 -10.37 -66.43
C ALA F 259 -27.93 -9.86 -67.17
N ARG F 260 -28.19 -9.28 -68.34
CA ARG F 260 -27.13 -9.07 -69.32
C ARG F 260 -26.04 -8.18 -68.73
N GLY F 261 -24.83 -8.72 -68.63
CA GLY F 261 -23.71 -8.00 -68.11
C GLY F 261 -23.34 -8.32 -66.69
N ARG F 262 -24.03 -9.26 -66.05
CA ARG F 262 -23.76 -9.57 -64.66
C ARG F 262 -23.83 -11.09 -64.55
N HIS F 263 -22.70 -11.73 -64.79
CA HIS F 263 -22.67 -13.18 -64.79
C HIS F 263 -21.61 -13.74 -63.86
N ARG F 264 -20.44 -13.11 -63.78
CA ARG F 264 -19.45 -13.58 -62.81
C ARG F 264 -19.99 -13.52 -61.39
N PRO F 265 -20.56 -12.42 -60.91
CA PRO F 265 -21.15 -12.44 -59.56
C PRO F 265 -22.33 -13.38 -59.47
N ALA F 266 -23.17 -13.42 -60.50
CA ALA F 266 -24.32 -14.32 -60.47
C ALA F 266 -23.86 -15.78 -60.46
N LEU F 267 -22.82 -16.10 -61.22
CA LEU F 267 -22.34 -17.48 -61.24
C LEU F 267 -21.69 -17.85 -59.93
N ALA F 268 -20.79 -16.99 -59.42
CA ALA F 268 -20.17 -17.28 -58.13
C ALA F 268 -21.22 -17.41 -57.04
N ALA F 269 -22.28 -16.61 -57.10
CA ALA F 269 -23.37 -16.74 -56.15
C ALA F 269 -24.07 -18.08 -56.30
N LEU F 270 -24.04 -18.66 -57.50
CA LEU F 270 -24.63 -19.96 -57.70
C LEU F 270 -23.75 -21.08 -57.15
N ASN F 271 -22.48 -20.81 -56.92
CA ASN F 271 -21.62 -21.81 -56.34
C ASN F 271 -22.16 -22.20 -54.95
N PRO F 272 -22.49 -23.46 -54.73
CA PRO F 272 -23.11 -23.82 -53.44
C PRO F 272 -22.21 -23.52 -52.25
N LEU F 273 -20.90 -23.61 -52.44
CA LEU F 273 -19.98 -23.28 -51.36
C LEU F 273 -19.94 -21.79 -51.06
N SER F 274 -20.56 -20.96 -51.88
CA SER F 274 -20.53 -19.52 -51.66
C SER F 274 -21.48 -19.11 -50.54
N THR F 275 -21.23 -17.93 -49.98
CA THR F 275 -22.07 -17.42 -48.90
C THR F 275 -23.07 -16.37 -49.38
N GLU F 276 -22.77 -15.67 -50.47
CA GLU F 276 -23.64 -14.58 -50.91
C GLU F 276 -24.95 -15.13 -51.44
N ARG F 277 -26.02 -14.38 -51.24
CA ARG F 277 -27.32 -14.77 -51.76
C ARG F 277 -27.36 -14.54 -53.27
N LEU F 278 -28.38 -15.11 -53.91
CA LEU F 278 -28.47 -15.01 -55.36
C LEU F 278 -28.81 -13.58 -55.76
N ASP F 279 -28.62 -13.28 -57.04
CA ASP F 279 -28.85 -11.93 -57.54
C ASP F 279 -30.34 -11.60 -57.55
N GLY F 280 -30.65 -10.37 -57.16
CA GLY F 280 -31.99 -9.87 -57.24
C GLY F 280 -32.81 -10.23 -56.03
N THR F 281 -34.10 -9.92 -56.12
CA THR F 281 -35.06 -10.24 -55.08
C THR F 281 -36.35 -10.73 -55.72
N ALA F 282 -37.08 -11.57 -55.00
CA ALA F 282 -38.32 -12.13 -55.51
C ALA F 282 -39.34 -12.20 -54.39
N VAL F 283 -40.54 -12.62 -54.74
CA VAL F 283 -41.72 -12.49 -53.89
C VAL F 283 -41.94 -13.80 -53.12
N PRO F 284 -42.74 -13.80 -52.05
CA PRO F 284 -42.88 -15.02 -51.26
C PRO F 284 -43.79 -16.03 -51.93
N LEU F 285 -43.46 -17.30 -51.72
CA LEU F 285 -44.24 -18.39 -52.27
C LEU F 285 -43.77 -19.70 -51.66
N MET G 7 -48.94 -40.48 -34.25
CA MET G 7 -48.91 -39.64 -33.06
C MET G 7 -48.26 -38.29 -33.37
N PRO G 8 -48.44 -37.31 -32.48
CA PRO G 8 -47.72 -36.05 -32.63
C PRO G 8 -46.40 -36.04 -31.87
N ILE G 9 -45.37 -35.51 -32.52
CA ILE G 9 -44.07 -35.27 -31.88
C ILE G 9 -43.63 -33.87 -32.29
N VAL G 10 -42.57 -33.39 -31.64
CA VAL G 10 -42.05 -32.05 -31.91
C VAL G 10 -40.57 -32.05 -31.58
N ARG G 11 -39.77 -31.45 -32.46
CA ARG G 11 -38.32 -31.43 -32.31
C ARG G 11 -37.93 -30.07 -31.79
N VAL G 12 -37.54 -30.00 -30.51
CA VAL G 12 -37.20 -28.74 -29.88
C VAL G 12 -35.79 -28.83 -29.31
N ALA G 13 -35.11 -27.70 -29.27
CA ALA G 13 -33.77 -27.66 -28.69
C ALA G 13 -33.82 -27.04 -27.31
N VAL G 14 -33.14 -27.68 -26.37
CA VAL G 14 -33.15 -27.25 -24.98
C VAL G 14 -31.72 -27.06 -24.50
N LEU G 15 -31.55 -26.11 -23.59
CA LEU G 15 -30.26 -25.87 -22.96
C LEU G 15 -30.46 -25.71 -21.46
N ALA G 16 -29.73 -26.48 -20.68
CA ALA G 16 -29.68 -26.25 -19.25
C ALA G 16 -28.78 -25.07 -18.95
N ALA G 17 -29.27 -24.17 -18.10
CA ALA G 17 -28.47 -23.02 -17.73
C ALA G 17 -27.75 -23.38 -16.43
N GLY G 18 -28.46 -23.59 -15.33
CA GLY G 18 -27.83 -24.04 -14.10
C GLY G 18 -26.80 -23.04 -13.59
N ASP G 19 -25.90 -23.56 -12.76
CA ASP G 19 -24.79 -22.79 -12.21
C ASP G 19 -23.47 -23.14 -12.88
N ASP G 20 -23.51 -23.82 -14.02
CA ASP G 20 -22.32 -24.21 -14.75
C ASP G 20 -22.64 -24.18 -16.24
N GLY G 21 -21.59 -24.10 -17.05
CA GLY G 21 -21.76 -23.96 -18.49
C GLY G 21 -22.58 -25.08 -19.09
N GLY G 22 -23.83 -24.77 -19.42
CA GLY G 22 -24.78 -25.79 -19.80
C GLY G 22 -24.57 -26.38 -21.18
N ARG G 23 -25.59 -27.09 -21.68
CA ARG G 23 -25.45 -27.85 -22.91
C ARG G 23 -26.73 -27.67 -23.73
N LEU G 24 -26.58 -27.28 -24.99
CA LEU G 24 -27.69 -27.14 -25.91
C LEU G 24 -27.77 -28.37 -26.80
N THR G 25 -28.93 -29.01 -26.82
CA THR G 25 -29.12 -30.25 -27.57
C THR G 25 -30.49 -30.25 -28.23
N GLU G 26 -30.62 -31.04 -29.30
CA GLU G 26 -31.96 -31.25 -29.83
C GLU G 26 -32.69 -32.26 -28.96
N MET G 27 -33.99 -32.37 -29.18
CA MET G 27 -34.86 -33.33 -28.54
C MET G 27 -35.98 -33.61 -29.51
N ALA G 28 -36.42 -34.86 -29.55
CA ALA G 28 -37.64 -35.23 -30.27
C ALA G 28 -38.65 -35.64 -29.21
N LEU G 29 -39.40 -34.67 -28.71
CA LEU G 29 -40.29 -34.91 -27.59
C LEU G 29 -41.72 -35.09 -28.08
N PRO G 30 -42.45 -36.08 -27.56
CA PRO G 30 -43.87 -36.16 -27.84
C PRO G 30 -44.58 -35.06 -27.08
N SER G 31 -45.45 -34.35 -27.79
CA SER G 31 -46.15 -33.20 -27.19
C SER G 31 -47.63 -33.50 -27.20
N GLU G 32 -48.08 -34.30 -26.22
CA GLU G 32 -49.49 -34.57 -26.04
C GLU G 32 -49.79 -34.76 -24.57
N LEU G 33 -48.75 -34.62 -23.74
CA LEU G 33 -48.80 -35.03 -22.35
C LEU G 33 -48.16 -33.99 -21.46
N PRO G 34 -48.60 -33.88 -20.21
CA PRO G 34 -48.08 -32.83 -19.33
C PRO G 34 -46.57 -32.83 -19.21
N LEU G 35 -45.98 -31.66 -19.02
CA LEU G 35 -44.53 -31.56 -18.94
C LEU G 35 -43.97 -32.44 -17.84
N ARG G 36 -44.73 -32.62 -16.75
CA ARG G 36 -44.20 -33.34 -15.61
C ARG G 36 -43.78 -34.75 -16.01
N GLU G 37 -44.36 -35.29 -17.07
CA GLU G 37 -43.96 -36.62 -17.52
C GLU G 37 -42.76 -36.61 -18.44
N ILE G 38 -42.37 -35.45 -18.98
CA ILE G 38 -41.24 -35.39 -19.89
C ILE G 38 -40.04 -34.65 -19.32
N LEU G 39 -40.20 -33.88 -18.25
CA LEU G 39 -39.04 -33.22 -17.68
C LEU G 39 -37.94 -34.19 -17.28
N PRO G 40 -38.22 -35.28 -16.56
CA PRO G 40 -37.14 -36.23 -16.27
C PRO G 40 -36.43 -36.73 -17.50
N ALA G 41 -37.12 -36.79 -18.64
CA ALA G 41 -36.44 -37.15 -19.88
C ALA G 41 -35.42 -36.08 -20.25
N VAL G 42 -35.80 -34.81 -20.16
CA VAL G 42 -34.87 -33.75 -20.50
C VAL G 42 -33.70 -33.73 -19.52
N GLN G 43 -33.98 -33.96 -18.24
CA GLN G 43 -32.92 -34.03 -17.25
C GLN G 43 -31.94 -35.13 -17.59
N ARG G 44 -32.44 -36.28 -18.02
CA ARG G 44 -31.55 -37.37 -18.40
C ARG G 44 -30.76 -37.03 -19.66
N ILE G 45 -31.36 -36.28 -20.58
CA ILE G 45 -30.66 -35.95 -21.81
C ILE G 45 -29.55 -34.94 -21.55
N VAL G 46 -29.93 -33.71 -21.17
CA VAL G 46 -28.95 -32.63 -21.05
C VAL G 46 -28.24 -32.61 -19.73
N GLN G 47 -28.42 -33.59 -18.91
CA GLN G 47 -27.42 -33.51 -17.87
C GLN G 47 -26.42 -34.65 -17.99
N PRO G 48 -25.19 -34.47 -17.53
CA PRO G 48 -24.23 -35.58 -17.56
C PRO G 48 -24.55 -36.61 -16.49
N ALA G 49 -25.78 -37.09 -16.49
CA ALA G 49 -26.22 -38.12 -15.56
C ALA G 49 -26.87 -39.27 -16.32
N ALA G 61 -26.39 -31.98 -1.66
CA ALA G 61 -27.53 -31.44 -2.38
C ALA G 61 -27.60 -29.92 -2.23
N PRO G 62 -28.02 -29.23 -3.30
CA PRO G 62 -28.16 -27.78 -3.22
C PRO G 62 -29.49 -27.35 -2.64
N ASN G 63 -30.18 -28.23 -1.91
CA ASN G 63 -31.59 -28.05 -1.56
C ASN G 63 -32.36 -28.06 -2.88
N PRO G 64 -32.48 -29.23 -3.50
CA PRO G 64 -32.87 -29.31 -4.92
C PRO G 64 -34.15 -28.55 -5.26
N VAL G 65 -34.29 -28.21 -6.53
CA VAL G 65 -35.40 -27.41 -7.02
C VAL G 65 -36.01 -28.11 -8.23
N ARG G 66 -37.33 -28.04 -8.35
CA ARG G 66 -38.02 -28.63 -9.49
C ARG G 66 -37.72 -27.82 -10.74
N LEU G 67 -37.32 -28.50 -11.81
CA LEU G 67 -36.91 -27.85 -13.04
C LEU G 67 -37.96 -28.08 -14.12
N SER G 68 -38.22 -27.05 -14.93
CA SER G 68 -39.20 -27.16 -15.99
C SER G 68 -38.76 -26.30 -17.18
N LEU G 69 -39.34 -26.60 -18.33
CA LEU G 69 -39.03 -25.87 -19.55
C LEU G 69 -39.61 -24.46 -19.49
N ALA G 70 -39.04 -23.57 -20.28
CA ALA G 70 -39.47 -22.18 -20.33
C ALA G 70 -39.12 -21.63 -21.70
N PRO G 71 -39.91 -20.72 -22.24
CA PRO G 71 -39.47 -19.99 -23.43
C PRO G 71 -38.15 -19.31 -23.15
N ILE G 72 -37.35 -19.13 -24.19
CA ILE G 72 -35.97 -18.71 -23.99
C ILE G 72 -35.90 -17.36 -23.29
N GLY G 73 -36.93 -16.54 -23.41
CA GLY G 73 -36.94 -15.27 -22.70
C GLY G 73 -37.99 -15.21 -21.61
N GLY G 74 -39.14 -15.81 -21.86
CA GLY G 74 -40.25 -15.76 -20.92
C GLY G 74 -40.05 -16.53 -19.63
N ALA G 75 -41.10 -16.63 -18.85
CA ALA G 75 -41.21 -17.27 -17.55
C ALA G 75 -41.59 -18.74 -17.68
N PRO G 76 -41.16 -19.57 -16.73
CA PRO G 76 -41.39 -21.02 -16.83
C PRO G 76 -42.82 -21.43 -17.18
N PHE G 77 -42.95 -22.54 -17.88
CA PHE G 77 -44.25 -23.07 -18.24
C PHE G 77 -44.98 -23.60 -17.02
N SER G 78 -46.30 -23.46 -17.05
CA SER G 78 -47.12 -24.19 -16.09
C SER G 78 -46.82 -25.67 -16.22
N LEU G 79 -46.48 -26.30 -15.11
CA LEU G 79 -45.85 -27.60 -15.15
C LEU G 79 -46.80 -28.72 -15.56
N ASP G 80 -48.08 -28.42 -15.72
CA ASP G 80 -49.05 -29.43 -16.13
C ASP G 80 -49.52 -29.25 -17.56
N ALA G 81 -48.97 -28.29 -18.29
CA ALA G 81 -49.43 -27.96 -19.63
C ALA G 81 -48.53 -28.60 -20.68
N THR G 82 -49.14 -29.31 -21.62
CA THR G 82 -48.39 -29.97 -22.67
C THR G 82 -47.88 -28.94 -23.69
N LEU G 83 -46.96 -29.39 -24.55
CA LEU G 83 -46.30 -28.51 -25.50
C LEU G 83 -47.18 -28.14 -26.69
N ASP G 84 -48.45 -28.51 -26.67
CA ASP G 84 -49.41 -28.02 -27.65
C ASP G 84 -50.37 -27.01 -27.05
N THR G 85 -50.76 -27.18 -25.79
CA THR G 85 -51.63 -26.26 -25.10
C THR G 85 -50.85 -25.12 -24.49
N VAL G 86 -49.55 -25.06 -24.80
CA VAL G 86 -48.71 -23.92 -24.45
C VAL G 86 -47.91 -23.58 -25.67
N GLY G 87 -47.66 -22.28 -25.88
CA GLY G 87 -47.02 -21.85 -27.10
C GLY G 87 -45.70 -22.53 -27.35
N VAL G 88 -45.71 -23.47 -28.29
CA VAL G 88 -44.51 -24.19 -28.74
C VAL G 88 -44.77 -24.61 -30.17
N VAL G 89 -43.80 -24.34 -31.05
CA VAL G 89 -43.87 -24.75 -32.44
C VAL G 89 -42.66 -25.65 -32.67
N ASP G 90 -42.64 -26.35 -33.78
CA ASP G 90 -41.53 -27.23 -34.06
C ASP G 90 -40.23 -26.43 -34.19
N GLY G 91 -39.16 -26.94 -33.60
CA GLY G 91 -37.87 -26.30 -33.72
C GLY G 91 -37.67 -25.12 -32.83
N ASP G 92 -38.56 -24.87 -31.89
CA ASP G 92 -38.38 -23.74 -30.98
C ASP G 92 -37.23 -24.04 -30.02
N LEU G 93 -36.70 -22.96 -29.43
CA LEU G 93 -35.65 -23.07 -28.43
C LEU G 93 -36.24 -22.88 -27.05
N LEU G 94 -36.00 -23.83 -26.16
CA LEU G 94 -36.54 -23.78 -24.82
C LEU G 94 -35.40 -23.89 -23.82
N ALA G 95 -35.49 -23.10 -22.76
CA ALA G 95 -34.50 -23.11 -21.71
C ALA G 95 -35.03 -23.91 -20.53
N LEU G 96 -34.13 -24.27 -19.63
CA LEU G 96 -34.46 -25.11 -18.49
C LEU G 96 -34.33 -24.25 -17.23
N GLN G 97 -35.47 -23.81 -16.69
CA GLN G 97 -35.47 -22.93 -15.54
C GLN G 97 -36.14 -23.60 -14.36
N ALA G 98 -35.73 -23.21 -13.17
CA ALA G 98 -36.43 -23.65 -11.97
C ALA G 98 -37.84 -23.09 -11.95
N VAL G 99 -38.80 -23.93 -11.59
CA VAL G 99 -40.21 -23.53 -11.53
C VAL G 99 -40.31 -22.38 -10.53
N PRO G 100 -41.18 -21.39 -10.76
CA PRO G 100 -41.31 -20.29 -9.81
C PRO G 100 -41.73 -20.77 -8.44
N SER G 101 -41.22 -20.11 -7.41
CA SER G 101 -41.50 -20.45 -6.03
C SER G 101 -41.72 -19.16 -5.25
N GLY G 102 -42.46 -19.28 -4.14
CA GLY G 102 -42.77 -18.13 -3.34
C GLY G 102 -41.55 -17.57 -2.64
N PRO G 103 -41.54 -16.25 -2.41
CA PRO G 103 -40.44 -15.65 -1.66
C PRO G 103 -40.53 -16.04 -0.19
N PRO G 104 -39.40 -16.11 0.50
CA PRO G 104 -39.44 -16.51 1.91
C PRO G 104 -40.25 -15.52 2.72
N ALA G 105 -40.87 -16.03 3.78
CA ALA G 105 -41.79 -15.22 4.57
C ALA G 105 -41.08 -13.97 5.07
N PRO G 106 -41.52 -12.79 4.65
CA PRO G 106 -40.85 -11.54 5.06
C PRO G 106 -40.65 -11.45 6.57
N ARG G 107 -39.39 -11.37 6.99
CA ARG G 107 -39.09 -11.30 8.41
C ARG G 107 -39.81 -10.12 9.04
N ILE G 108 -40.31 -10.33 10.25
CA ILE G 108 -41.04 -9.30 10.97
C ILE G 108 -40.21 -8.87 12.16
N VAL G 109 -40.07 -7.56 12.35
CA VAL G 109 -39.25 -6.99 13.38
C VAL G 109 -40.15 -6.20 14.32
N GLU G 110 -40.19 -6.62 15.58
CA GLU G 110 -41.15 -6.10 16.53
C GLU G 110 -40.95 -4.62 16.77
N ASP G 111 -39.71 -4.18 16.93
CA ASP G 111 -39.42 -2.79 17.17
C ASP G 111 -39.65 -2.01 15.88
N ILE G 112 -39.47 -0.69 15.94
CA ILE G 112 -39.66 0.14 14.77
C ILE G 112 -38.32 0.64 14.28
N ALA G 113 -37.56 1.29 15.16
CA ALA G 113 -36.28 1.87 14.77
C ALA G 113 -35.35 0.80 14.22
N ASP G 114 -35.19 -0.30 14.95
CA ASP G 114 -34.37 -1.39 14.44
C ASP G 114 -34.98 -1.99 13.17
N ALA G 115 -36.30 -2.05 13.10
CA ALA G 115 -36.93 -2.51 11.87
C ALA G 115 -36.63 -1.56 10.72
N ALA G 116 -36.65 -0.26 10.98
CA ALA G 116 -36.31 0.71 9.95
C ALA G 116 -34.88 0.52 9.44
N VAL G 117 -33.93 0.42 10.37
CA VAL G 117 -32.54 0.30 9.93
C VAL G 117 -32.32 -1.03 9.21
N ILE G 118 -33.05 -2.08 9.60
CA ILE G 118 -32.89 -3.36 8.91
C ILE G 118 -33.45 -3.28 7.50
N PHE G 119 -34.71 -2.85 7.38
CA PHE G 119 -35.37 -2.88 6.09
C PHE G 119 -34.88 -1.81 5.14
N SER G 120 -34.14 -0.80 5.62
CA SER G 120 -33.63 0.21 4.70
C SER G 120 -32.38 -0.29 3.97
N GLU G 121 -31.43 -0.84 4.72
CA GLU G 121 -30.19 -1.32 4.11
C GLU G 121 -30.41 -2.51 3.19
N ALA G 122 -31.62 -3.06 3.13
CA ALA G 122 -31.86 -4.22 2.30
C ALA G 122 -31.69 -3.93 0.81
N ARG G 123 -31.83 -2.67 0.41
CA ARG G 123 -31.59 -2.28 -0.98
C ARG G 123 -30.67 -1.08 -1.12
N ARG G 124 -30.27 -0.45 -0.02
CA ARG G 124 -29.49 0.78 -0.06
C ARG G 124 -28.08 0.54 -0.57
N ARG G 125 -27.56 1.51 -1.31
CA ARG G 125 -26.15 1.58 -1.65
C ARG G 125 -25.40 2.24 -0.51
N GLN G 126 -24.39 1.56 0.02
CA GLN G 126 -23.59 2.09 1.10
C GLN G 126 -22.61 3.11 0.55
N TRP G 127 -22.75 4.37 0.97
CA TRP G 127 -21.92 5.45 0.43
C TRP G 127 -20.45 5.11 0.60
N GLY G 128 -19.73 5.05 -0.52
CA GLY G 128 -18.34 4.72 -0.47
C GLY G 128 -17.54 5.64 -1.36
N PRO G 129 -16.30 5.26 -1.65
CA PRO G 129 -15.47 6.12 -2.51
C PRO G 129 -16.05 6.29 -3.90
N THR G 130 -16.74 5.29 -4.43
CA THR G 130 -17.23 5.41 -5.80
C THR G 130 -18.28 6.49 -5.93
N HIS G 131 -19.09 6.69 -4.88
CA HIS G 131 -20.04 7.79 -4.91
C HIS G 131 -19.31 9.13 -4.91
N ILE G 132 -18.21 9.23 -4.15
CA ILE G 132 -17.42 10.45 -4.16
C ILE G 132 -16.83 10.66 -5.55
N ALA G 133 -16.46 9.59 -6.22
CA ALA G 133 -15.89 9.70 -7.55
C ALA G 133 -16.92 10.21 -8.55
N ARG G 134 -18.13 9.64 -8.53
CA ARG G 134 -19.20 10.16 -9.38
C ARG G 134 -19.46 11.62 -9.07
N GLY G 135 -19.49 11.98 -7.79
CA GLY G 135 -19.74 13.35 -7.41
C GLY G 135 -18.68 14.30 -7.96
N ALA G 136 -17.42 13.90 -7.86
CA ALA G 136 -16.36 14.78 -8.35
C ALA G 136 -16.39 14.90 -9.87
N ALA G 137 -16.64 13.78 -10.56
CA ALA G 137 -16.72 13.84 -12.02
C ALA G 137 -17.84 14.77 -12.45
N LEU G 138 -19.02 14.63 -11.85
CA LEU G 138 -20.13 15.49 -12.22
C LEU G 138 -19.85 16.94 -11.85
N ALA G 139 -19.19 17.17 -10.71
CA ALA G 139 -18.86 18.54 -10.32
C ALA G 139 -17.91 19.18 -11.31
N LEU G 140 -16.90 18.41 -11.75
CA LEU G 140 -15.97 18.93 -12.74
C LEU G 140 -16.66 19.20 -14.07
N ILE G 141 -17.57 18.32 -14.47
CA ILE G 141 -18.34 18.55 -15.69
C ILE G 141 -19.13 19.85 -15.58
N GLY G 142 -19.83 20.02 -14.47
CA GLY G 142 -20.58 21.24 -14.27
C GLY G 142 -19.69 22.46 -14.29
N LEU G 143 -18.49 22.33 -13.73
CA LEU G 143 -17.55 23.45 -13.76
C LEU G 143 -17.15 23.78 -15.18
N ILE G 144 -16.80 22.76 -15.98
CA ILE G 144 -16.48 22.99 -17.39
C ILE G 144 -17.60 23.78 -18.06
N LEU G 145 -18.83 23.29 -17.89
CA LEU G 145 -19.97 23.91 -18.56
C LEU G 145 -20.18 25.35 -18.11
N VAL G 146 -20.25 25.58 -16.80
CA VAL G 146 -20.60 26.91 -16.33
C VAL G 146 -19.45 27.87 -16.53
N GLY G 147 -18.21 27.39 -16.52
CA GLY G 147 -17.10 28.26 -16.81
C GLY G 147 -17.12 28.71 -18.26
N THR G 148 -17.33 27.78 -19.19
CA THR G 148 -17.52 28.18 -20.58
C THR G 148 -18.66 29.17 -20.70
N GLY G 149 -19.79 28.88 -20.06
CA GLY G 149 -20.93 29.76 -20.20
C GLY G 149 -20.65 31.17 -19.72
N LEU G 150 -20.15 31.29 -18.49
CA LEU G 150 -19.92 32.61 -17.91
C LEU G 150 -18.82 33.36 -18.67
N SER G 151 -17.74 32.66 -19.05
CA SER G 151 -16.67 33.34 -19.75
C SER G 151 -17.13 33.83 -21.12
N VAL G 152 -17.84 32.99 -21.87
CA VAL G 152 -18.27 33.41 -23.20
C VAL G 152 -19.30 34.51 -23.11
N ALA G 153 -20.13 34.49 -22.06
CA ALA G 153 -21.05 35.59 -21.85
C ALA G 153 -20.28 36.88 -21.58
N HIS G 154 -19.27 36.81 -20.71
CA HIS G 154 -18.47 37.98 -20.42
C HIS G 154 -17.81 38.51 -21.68
N ARG G 155 -17.32 37.61 -22.52
CA ARG G 155 -16.69 37.99 -23.78
C ARG G 155 -17.66 38.74 -24.66
N VAL G 156 -18.76 38.09 -25.05
CA VAL G 156 -19.66 38.71 -26.01
C VAL G 156 -20.32 39.96 -25.45
N ILE G 157 -20.43 40.08 -24.13
CA ILE G 157 -21.17 41.20 -23.55
C ILE G 157 -20.27 42.38 -23.27
N THR G 158 -19.18 42.18 -22.55
CA THR G 158 -18.30 43.27 -22.17
C THR G 158 -17.11 43.43 -23.09
N GLY G 159 -16.76 42.39 -23.84
CA GLY G 159 -15.61 42.46 -24.72
C GLY G 159 -14.29 42.62 -24.03
N ASP G 160 -14.24 42.47 -22.70
CA ASP G 160 -13.03 42.76 -21.95
C ASP G 160 -11.87 41.85 -22.32
N LEU G 161 -12.09 40.90 -23.22
CA LEU G 161 -11.07 39.96 -23.69
C LEU G 161 -10.58 39.05 -22.57
N LEU G 162 -11.23 39.09 -21.41
CA LEU G 162 -10.85 38.23 -20.30
C LEU G 162 -11.56 36.89 -20.40
N GLY G 163 -12.87 36.92 -20.69
CA GLY G 163 -13.58 35.69 -20.97
C GLY G 163 -12.91 34.86 -22.05
N GLN G 164 -12.30 35.52 -23.02
CA GLN G 164 -11.52 34.80 -24.02
C GLN G 164 -10.47 33.93 -23.36
N PHE G 165 -9.68 34.52 -22.46
CA PHE G 165 -8.64 33.75 -21.79
C PHE G 165 -9.22 32.64 -20.92
N ILE G 166 -10.31 32.93 -20.21
CA ILE G 166 -10.90 31.92 -19.35
C ILE G 166 -11.35 30.70 -20.16
N VAL G 167 -12.06 30.94 -21.27
CA VAL G 167 -12.57 29.81 -22.05
C VAL G 167 -11.43 29.09 -22.75
N SER G 168 -10.41 29.83 -23.19
CA SER G 168 -9.28 29.16 -23.82
C SER G 168 -8.60 28.23 -22.83
N GLY G 169 -8.40 28.70 -21.60
CA GLY G 169 -7.81 27.86 -20.58
C GLY G 169 -8.67 26.66 -20.24
N ILE G 170 -9.99 26.87 -20.13
CA ILE G 170 -10.88 25.76 -19.85
C ILE G 170 -10.78 24.72 -20.96
N ALA G 171 -10.75 25.17 -22.21
CA ALA G 171 -10.66 24.24 -23.33
C ALA G 171 -9.36 23.45 -23.28
N LEU G 172 -8.24 24.16 -23.09
CA LEU G 172 -6.96 23.47 -23.01
C LEU G 172 -6.95 22.45 -21.87
N ALA G 173 -7.47 22.85 -20.71
CA ALA G 173 -7.43 21.98 -19.54
C ALA G 173 -8.30 20.75 -19.75
N THR G 174 -9.50 20.92 -20.28
CA THR G 174 -10.36 19.76 -20.45
C THR G 174 -9.86 18.85 -21.54
N VAL G 175 -9.22 19.38 -22.58
CA VAL G 175 -8.64 18.52 -23.60
C VAL G 175 -7.48 17.73 -23.01
N ILE G 176 -6.58 18.41 -22.29
CA ILE G 176 -5.48 17.70 -21.63
C ILE G 176 -6.02 16.66 -20.66
N ALA G 177 -7.18 16.94 -20.05
CA ALA G 177 -7.73 16.01 -19.07
C ALA G 177 -8.36 14.80 -19.76
N ALA G 178 -9.11 15.01 -20.83
CA ALA G 178 -9.66 13.90 -21.58
C ALA G 178 -8.57 13.11 -22.28
N LEU G 179 -7.38 13.68 -22.40
CA LEU G 179 -6.25 12.92 -22.92
C LEU G 179 -5.50 12.19 -21.83
N ALA G 180 -5.39 12.77 -20.64
CA ALA G 180 -4.55 12.21 -19.60
C ALA G 180 -5.20 10.99 -18.97
N VAL G 181 -6.43 11.14 -18.48
CA VAL G 181 -7.12 10.03 -17.84
C VAL G 181 -7.77 9.17 -18.92
N ARG G 182 -7.03 8.19 -19.40
CA ARG G 182 -7.58 7.16 -20.28
C ARG G 182 -7.10 5.81 -19.80
N ASN G 183 -6.55 5.80 -18.60
CA ASN G 183 -6.03 4.59 -17.99
C ASN G 183 -6.51 4.48 -16.55
N ARG G 184 -6.83 5.63 -15.95
CA ARG G 184 -7.35 5.64 -14.59
C ARG G 184 -8.85 5.39 -14.59
N SER G 185 -9.55 5.96 -15.56
CA SER G 185 -10.95 5.66 -15.80
C SER G 185 -11.25 5.95 -17.26
N ALA G 186 -12.01 5.06 -17.89
CA ALA G 186 -12.40 5.30 -19.27
C ALA G 186 -13.58 6.27 -19.35
N VAL G 187 -14.52 6.16 -18.41
CA VAL G 187 -15.69 7.01 -18.43
C VAL G 187 -15.31 8.47 -18.30
N LEU G 188 -14.35 8.79 -17.42
CA LEU G 188 -13.85 10.15 -17.36
C LEU G 188 -13.30 10.60 -18.71
N ALA G 189 -12.56 9.73 -19.39
CA ALA G 189 -12.03 10.09 -20.70
C ALA G 189 -13.16 10.51 -21.65
N THR G 190 -14.12 9.62 -21.86
CA THR G 190 -15.18 9.92 -22.81
C THR G 190 -16.01 11.11 -22.35
N SER G 191 -16.35 11.18 -21.06
CA SER G 191 -17.23 12.24 -20.59
C SER G 191 -16.57 13.60 -20.69
N LEU G 192 -15.34 13.72 -20.19
CA LEU G 192 -14.64 14.98 -20.32
C LEU G 192 -14.37 15.35 -21.77
N ALA G 193 -14.22 14.36 -22.66
CA ALA G 193 -14.05 14.70 -24.06
C ALA G 193 -15.34 15.27 -24.66
N VAL G 194 -16.46 14.57 -24.46
CA VAL G 194 -17.72 15.04 -25.02
C VAL G 194 -18.16 16.34 -24.39
N THR G 195 -17.69 16.67 -23.18
CA THR G 195 -18.00 18.00 -22.67
C THR G 195 -17.01 19.03 -23.22
N ALA G 196 -15.73 18.65 -23.35
CA ALA G 196 -14.75 19.52 -23.98
C ALA G 196 -15.23 20.01 -25.32
N LEU G 197 -16.04 19.19 -26.00
CA LEU G 197 -16.67 19.64 -27.24
C LEU G 197 -17.31 21.02 -27.11
N VAL G 198 -17.74 21.39 -25.91
CA VAL G 198 -18.34 22.70 -25.71
C VAL G 198 -17.28 23.80 -25.60
N PRO G 199 -16.32 23.72 -24.67
CA PRO G 199 -15.36 24.83 -24.54
C PRO G 199 -14.46 25.01 -25.74
N VAL G 200 -14.07 23.95 -26.44
CA VAL G 200 -13.26 24.17 -27.64
C VAL G 200 -14.09 24.86 -28.71
N ALA G 201 -15.38 24.52 -28.80
CA ALA G 201 -16.26 25.23 -29.71
C ALA G 201 -16.33 26.70 -29.35
N ALA G 202 -16.53 27.01 -28.07
CA ALA G 202 -16.61 28.41 -27.69
C ALA G 202 -15.29 29.14 -27.95
N ALA G 203 -14.17 28.50 -27.62
CA ALA G 203 -12.87 29.16 -27.75
C ALA G 203 -12.56 29.45 -29.21
N PHE G 204 -12.85 28.50 -30.10
CA PHE G 204 -12.58 28.76 -31.51
C PHE G 204 -13.57 29.70 -32.13
N ALA G 205 -14.85 29.64 -31.75
CA ALA G 205 -15.83 30.58 -32.29
C ALA G 205 -15.51 32.01 -31.87
N LEU G 206 -14.95 32.18 -30.68
CA LEU G 206 -14.59 33.51 -30.21
C LEU G 206 -13.13 33.85 -30.47
N GLY G 207 -12.37 32.91 -31.04
CA GLY G 207 -10.94 33.08 -31.21
C GLY G 207 -10.52 33.90 -32.40
N VAL G 208 -11.40 34.08 -33.39
CA VAL G 208 -11.12 34.91 -34.54
C VAL G 208 -11.42 36.35 -34.15
N PRO G 209 -10.50 37.28 -34.32
CA PRO G 209 -10.68 38.62 -33.76
C PRO G 209 -11.72 39.42 -34.54
N GLY G 210 -12.18 40.49 -33.92
CA GLY G 210 -13.08 41.41 -34.59
C GLY G 210 -14.50 40.87 -34.67
N ASP G 211 -15.15 41.14 -35.79
CA ASP G 211 -16.57 40.91 -35.96
C ASP G 211 -16.89 39.42 -35.98
N PHE G 212 -18.17 39.12 -35.73
CA PHE G 212 -18.69 37.77 -35.82
C PHE G 212 -19.21 37.52 -37.23
N GLY G 213 -19.15 36.28 -37.66
CA GLY G 213 -19.65 35.92 -38.98
C GLY G 213 -19.26 34.54 -39.40
N ALA G 214 -18.98 34.36 -40.69
CA ALA G 214 -18.56 33.06 -41.19
C ALA G 214 -17.23 32.58 -40.62
N PRO G 215 -16.17 33.40 -40.52
CA PRO G 215 -14.90 32.85 -40.03
C PRO G 215 -14.98 32.23 -38.65
N ASN G 216 -15.74 32.84 -37.74
CA ASN G 216 -15.87 32.31 -36.40
C ASN G 216 -16.45 30.90 -36.43
N VAL G 217 -17.58 30.73 -37.11
CA VAL G 217 -18.22 29.42 -37.16
C VAL G 217 -17.36 28.43 -37.93
N LEU G 218 -16.60 28.90 -38.91
CA LEU G 218 -15.71 27.99 -39.63
C LEU G 218 -14.65 27.44 -38.70
N LEU G 219 -14.00 28.31 -37.94
CA LEU G 219 -13.00 27.83 -36.99
C LEU G 219 -13.61 26.91 -35.95
N ALA G 220 -14.79 27.25 -35.44
CA ALA G 220 -15.41 26.42 -34.42
C ALA G 220 -15.74 25.04 -34.97
N ALA G 221 -16.28 24.99 -36.18
CA ALA G 221 -16.60 23.70 -36.78
C ALA G 221 -15.34 22.88 -37.02
N ALA G 222 -14.28 23.53 -37.51
CA ALA G 222 -13.01 22.83 -37.71
C ALA G 222 -12.50 22.24 -36.40
N GLY G 223 -12.56 23.05 -35.34
CA GLY G 223 -12.06 22.59 -34.07
C GLY G 223 -12.84 21.42 -33.52
N VAL G 224 -14.17 21.50 -33.56
CA VAL G 224 -14.96 20.42 -33.01
C VAL G 224 -14.84 19.19 -33.89
N ALA G 225 -14.69 19.36 -35.20
CA ALA G 225 -14.48 18.20 -36.06
C ALA G 225 -13.19 17.49 -35.69
N ALA G 226 -12.10 18.25 -35.57
CA ALA G 226 -10.82 17.63 -35.24
C ALA G 226 -10.86 16.99 -33.85
N TRP G 227 -11.50 17.65 -32.89
CA TRP G 227 -11.53 17.11 -31.54
C TRP G 227 -12.35 15.83 -31.49
N SER G 228 -13.51 15.82 -32.13
CA SER G 228 -14.29 14.60 -32.18
C SER G 228 -13.53 13.49 -32.90
N LEU G 229 -12.82 13.83 -33.98
CA LEU G 229 -12.09 12.82 -34.72
C LEU G 229 -11.03 12.16 -33.84
N ILE G 230 -10.23 12.97 -33.15
CA ILE G 230 -9.15 12.37 -32.38
C ILE G 230 -9.70 11.66 -31.15
N SER G 231 -10.78 12.17 -30.56
CA SER G 231 -11.35 11.51 -29.40
C SER G 231 -11.99 10.18 -29.78
N MET G 232 -12.54 10.07 -30.98
CA MET G 232 -13.01 8.79 -31.44
C MET G 232 -11.85 7.89 -31.84
N ALA G 233 -10.71 8.48 -32.20
CA ALA G 233 -9.52 7.67 -32.42
C ALA G 233 -9.09 7.01 -31.13
N GLY G 234 -9.21 7.71 -30.01
CA GLY G 234 -8.90 7.09 -28.73
C GLY G 234 -9.81 5.94 -28.36
N SER G 235 -11.08 6.25 -28.07
CA SER G 235 -12.15 5.30 -27.77
C SER G 235 -11.81 4.34 -26.63
N PRO G 236 -11.79 4.79 -25.38
CA PRO G 236 -11.72 3.85 -24.27
C PRO G 236 -13.07 3.20 -23.96
N ASP G 237 -14.17 3.92 -24.15
CA ASP G 237 -15.52 3.39 -23.98
C ASP G 237 -16.28 3.55 -25.29
N ASP G 238 -16.80 2.44 -25.80
CA ASP G 238 -17.55 2.44 -27.04
C ASP G 238 -18.91 3.12 -26.90
N ARG G 239 -19.18 3.76 -25.76
CA ARG G 239 -20.42 4.50 -25.62
C ARG G 239 -20.34 5.85 -26.29
N GLY G 240 -19.18 6.50 -26.19
CA GLY G 240 -18.96 7.79 -26.78
C GLY G 240 -18.61 7.79 -28.24
N ILE G 241 -18.60 6.63 -28.89
CA ILE G 241 -18.34 6.59 -30.33
C ILE G 241 -19.44 7.30 -31.09
N ALA G 242 -20.69 7.03 -30.72
CA ALA G 242 -21.81 7.62 -31.44
C ALA G 242 -21.83 9.13 -31.31
N VAL G 243 -21.55 9.65 -30.11
CA VAL G 243 -21.56 11.09 -29.92
C VAL G 243 -20.46 11.74 -30.74
N PHE G 244 -19.27 11.15 -30.73
CA PHE G 244 -18.16 11.76 -31.47
C PHE G 244 -18.39 11.68 -32.97
N THR G 245 -19.03 10.60 -33.45
CA THR G 245 -19.37 10.53 -34.86
C THR G 245 -20.39 11.60 -35.23
N ALA G 246 -21.43 11.74 -34.40
CA ALA G 246 -22.40 12.80 -34.63
C ALA G 246 -21.73 14.15 -34.74
N THR G 247 -20.89 14.49 -33.76
CA THR G 247 -20.29 15.82 -33.75
C THR G 247 -19.28 15.98 -34.88
N ALA G 248 -18.55 14.92 -35.23
CA ALA G 248 -17.61 15.01 -36.34
C ALA G 248 -18.33 15.32 -37.64
N VAL G 249 -19.40 14.59 -37.94
CA VAL G 249 -20.07 14.80 -39.21
C VAL G 249 -20.79 16.15 -39.21
N THR G 250 -21.38 16.53 -38.08
CA THR G 250 -22.00 17.86 -37.99
C THR G 250 -20.95 18.95 -38.19
N GLY G 251 -19.77 18.77 -37.61
CA GLY G 251 -18.73 19.75 -37.78
C GLY G 251 -18.26 19.84 -39.22
N VAL G 252 -18.15 18.70 -39.91
CA VAL G 252 -17.76 18.73 -41.31
C VAL G 252 -18.80 19.46 -42.14
N GLY G 253 -20.08 19.18 -41.88
CA GLY G 253 -21.14 19.86 -42.62
C GLY G 253 -21.11 21.36 -42.41
N VAL G 254 -21.09 21.79 -41.15
CA VAL G 254 -21.07 23.23 -40.89
C VAL G 254 -19.76 23.83 -41.33
N LEU G 255 -18.68 23.04 -41.39
CA LEU G 255 -17.41 23.53 -41.91
C LEU G 255 -17.52 23.86 -43.38
N LEU G 256 -18.05 22.93 -44.18
CA LEU G 256 -18.25 23.22 -45.59
C LEU G 256 -19.13 24.44 -45.77
N VAL G 257 -20.25 24.49 -45.04
CA VAL G 257 -21.18 25.59 -45.26
C VAL G 257 -20.55 26.92 -44.87
N ALA G 258 -19.81 26.96 -43.77
CA ALA G 258 -19.21 28.21 -43.32
C ALA G 258 -18.06 28.62 -44.23
N GLY G 259 -17.30 27.65 -44.74
CA GLY G 259 -16.30 27.97 -45.73
C GLY G 259 -16.92 28.61 -46.97
N ALA G 260 -18.04 28.05 -47.42
CA ALA G 260 -18.79 28.67 -48.50
C ALA G 260 -19.15 30.11 -48.15
N ALA G 261 -19.89 30.28 -47.06
CA ALA G 261 -20.37 31.62 -46.68
C ALA G 261 -19.22 32.58 -46.37
N SER G 262 -18.01 32.08 -46.20
CA SER G 262 -16.88 32.96 -45.96
C SER G 262 -16.19 33.38 -47.24
N LEU G 263 -15.97 32.45 -48.17
CA LEU G 263 -15.25 32.80 -49.37
C LEU G 263 -16.00 33.86 -50.18
N TRP G 264 -17.30 33.67 -50.36
CA TRP G 264 -18.13 34.60 -51.12
C TRP G 264 -19.48 34.71 -50.45
N VAL G 265 -19.97 35.95 -50.35
CA VAL G 265 -21.18 36.20 -49.57
C VAL G 265 -22.37 35.53 -50.22
N ILE G 266 -23.25 34.95 -49.41
CA ILE G 266 -24.40 34.20 -49.88
C ILE G 266 -25.56 34.49 -48.95
N SER G 267 -26.77 34.27 -49.45
CA SER G 267 -27.96 34.66 -48.70
C SER G 267 -28.30 33.58 -47.68
N SER G 268 -29.37 33.80 -46.93
CA SER G 268 -29.78 32.80 -45.95
C SER G 268 -30.39 31.59 -46.65
N ASP G 269 -31.11 31.82 -47.75
CA ASP G 269 -31.76 30.71 -48.45
C ASP G 269 -30.72 29.71 -48.97
N VAL G 270 -29.59 30.21 -49.47
CA VAL G 270 -28.55 29.32 -49.98
C VAL G 270 -27.98 28.46 -48.85
N ILE G 271 -27.69 29.07 -47.70
CA ILE G 271 -27.18 28.32 -46.56
C ILE G 271 -28.19 27.27 -46.12
N GLY G 272 -29.47 27.66 -46.05
CA GLY G 272 -30.49 26.72 -45.65
C GLY G 272 -30.58 25.53 -46.57
N CYS G 273 -30.66 25.78 -47.88
CA CYS G 273 -30.81 24.67 -48.81
C CYS G 273 -29.55 23.81 -48.84
N ALA G 274 -28.37 24.43 -48.70
CA ALA G 274 -27.14 23.65 -48.65
C ALA G 274 -27.13 22.73 -47.44
N LEU G 275 -27.50 23.24 -46.28
CA LEU G 275 -27.48 22.41 -45.08
C LEU G 275 -28.53 21.31 -45.15
N VAL G 276 -29.72 21.63 -45.67
CA VAL G 276 -30.76 20.61 -45.78
C VAL G 276 -30.33 19.53 -46.76
N LEU G 277 -29.70 19.94 -47.86
CA LEU G 277 -29.18 18.97 -48.83
C LEU G 277 -28.12 18.08 -48.20
N LEU G 278 -27.22 18.66 -47.43
CA LEU G 278 -26.21 17.85 -46.75
C LEU G 278 -26.86 16.86 -45.80
N GLY G 279 -27.89 17.32 -45.07
CA GLY G 279 -28.58 16.41 -44.18
C GLY G 279 -29.25 15.27 -44.91
N LEU G 280 -29.90 15.60 -46.03
CA LEU G 280 -30.53 14.56 -46.85
C LEU G 280 -29.51 13.56 -47.34
N ILE G 281 -28.37 14.03 -47.83
CA ILE G 281 -27.35 13.12 -48.36
C ILE G 281 -26.80 12.25 -47.25
N VAL G 282 -26.50 12.85 -46.09
CA VAL G 282 -25.93 12.07 -44.99
C VAL G 282 -26.91 11.02 -44.52
N THR G 283 -28.19 11.38 -44.38
CA THR G 283 -29.18 10.42 -43.94
C THR G 283 -29.36 9.29 -44.94
N VAL G 284 -29.48 9.62 -46.23
CA VAL G 284 -29.74 8.56 -47.21
C VAL G 284 -28.50 7.73 -47.46
N GLN G 285 -27.32 8.24 -47.12
CA GLN G 285 -26.08 7.50 -47.30
C GLN G 285 -25.46 7.11 -45.96
N ALA G 286 -26.28 6.80 -44.96
CA ALA G 286 -25.73 6.33 -43.69
C ALA G 286 -24.99 5.01 -43.87
N ALA G 287 -25.46 4.15 -44.78
CA ALA G 287 -24.77 2.89 -45.04
C ALA G 287 -23.36 3.15 -45.56
N GLN G 288 -23.25 3.91 -46.66
CA GLN G 288 -21.95 4.22 -47.23
C GLN G 288 -21.06 4.94 -46.21
N LEU G 289 -21.61 5.88 -45.45
CA LEU G 289 -20.80 6.64 -44.52
C LEU G 289 -20.28 5.77 -43.39
N SER G 290 -21.14 4.93 -42.81
CA SER G 290 -20.67 4.03 -41.78
C SER G 290 -19.68 3.03 -42.34
N ALA G 291 -19.86 2.62 -43.59
CA ALA G 291 -18.91 1.71 -44.23
C ALA G 291 -17.52 2.33 -44.26
N MET G 292 -17.43 3.54 -44.80
CA MET G 292 -16.12 4.20 -44.82
C MET G 292 -15.64 4.52 -43.41
N TRP G 293 -16.56 4.70 -42.47
CA TRP G 293 -16.18 4.93 -41.08
C TRP G 293 -15.50 3.72 -40.46
N ALA G 294 -15.92 2.51 -40.84
CA ALA G 294 -15.33 1.32 -40.25
C ALA G 294 -13.84 1.22 -40.52
N ARG G 295 -13.30 2.07 -41.40
CA ARG G 295 -11.89 2.18 -41.74
C ARG G 295 -11.15 0.85 -41.83
N PRO G 313 -5.11 -17.07 -26.31
CA PRO G 313 -3.94 -17.27 -27.15
C PRO G 313 -4.24 -17.16 -28.65
N LEU G 314 -5.50 -17.37 -29.01
CA LEU G 314 -5.91 -17.34 -30.41
C LEU G 314 -7.26 -16.65 -30.52
N SER G 315 -7.39 -15.76 -31.51
CA SER G 315 -8.59 -14.99 -31.74
C SER G 315 -8.87 -14.97 -33.24
N VAL G 316 -10.05 -15.42 -33.64
CA VAL G 316 -10.53 -15.29 -35.02
C VAL G 316 -11.96 -14.78 -34.96
N LEU G 317 -12.20 -13.63 -35.57
CA LEU G 317 -13.46 -12.89 -35.46
C LEU G 317 -14.01 -12.92 -34.02
N ALA G 318 -13.10 -12.76 -33.07
CA ALA G 318 -13.48 -12.64 -31.67
C ALA G 318 -13.81 -11.21 -31.28
N ASP G 319 -13.34 -10.25 -32.05
CA ASP G 319 -13.72 -8.86 -31.87
C ASP G 319 -15.01 -8.50 -32.59
N LEU G 320 -15.65 -9.47 -33.23
CA LEU G 320 -16.90 -9.21 -33.94
C LEU G 320 -17.93 -8.50 -33.08
N PRO G 321 -18.16 -8.85 -31.82
CA PRO G 321 -19.07 -8.04 -31.01
C PRO G 321 -18.65 -6.58 -30.96
N ARG G 322 -17.36 -6.32 -30.76
CA ARG G 322 -16.89 -4.94 -30.68
C ARG G 322 -17.09 -4.21 -32.01
N ARG G 323 -16.70 -4.86 -33.11
CA ARG G 323 -16.84 -4.21 -34.40
C ARG G 323 -18.29 -3.94 -34.73
N VAL G 324 -19.18 -4.87 -34.40
CA VAL G 324 -20.60 -4.69 -34.70
C VAL G 324 -21.18 -3.57 -33.85
N ARG G 325 -20.83 -3.55 -32.57
CA ARG G 325 -21.31 -2.48 -31.70
C ARG G 325 -20.81 -1.12 -32.18
N VAL G 326 -19.57 -1.05 -32.66
CA VAL G 326 -19.04 0.22 -33.14
C VAL G 326 -19.68 0.60 -34.46
N SER G 327 -20.02 -0.38 -35.30
CA SER G 327 -20.70 -0.06 -36.56
C SER G 327 -22.09 0.48 -36.29
N GLN G 328 -22.81 -0.13 -35.35
CA GLN G 328 -24.09 0.43 -34.93
C GLN G 328 -23.91 1.83 -34.37
N ALA G 329 -22.86 2.03 -33.58
CA ALA G 329 -22.61 3.35 -33.02
C ALA G 329 -22.38 4.37 -34.12
N HIS G 330 -21.57 4.01 -35.11
CA HIS G 330 -21.29 4.94 -36.20
C HIS G 330 -22.54 5.24 -37.00
N GLN G 331 -23.38 4.23 -37.24
CA GLN G 331 -24.64 4.49 -37.93
C GLN G 331 -25.49 5.47 -37.15
N THR G 332 -25.67 5.22 -35.85
CA THR G 332 -26.50 6.11 -35.06
C THR G 332 -25.93 7.52 -35.04
N GLY G 333 -24.62 7.64 -34.94
CA GLY G 333 -24.01 8.95 -34.92
C GLY G 333 -24.24 9.71 -36.21
N VAL G 334 -23.98 9.06 -37.35
CA VAL G 334 -24.07 9.79 -38.60
C VAL G 334 -25.52 10.07 -38.96
N ILE G 335 -26.44 9.20 -38.53
CA ILE G 335 -27.85 9.49 -38.69
C ILE G 335 -28.25 10.71 -37.88
N ALA G 336 -27.76 10.79 -36.64
CA ALA G 336 -28.04 11.96 -35.81
C ALA G 336 -27.48 13.22 -36.44
N ALA G 337 -26.30 13.11 -37.05
CA ALA G 337 -25.72 14.27 -37.69
C ALA G 337 -26.54 14.68 -38.90
N GLY G 338 -27.05 13.71 -39.65
CA GLY G 338 -27.93 14.05 -40.75
C GLY G 338 -29.20 14.76 -40.31
N VAL G 339 -29.82 14.25 -39.24
CA VAL G 339 -31.01 14.91 -38.70
C VAL G 339 -30.70 16.32 -38.26
N LEU G 340 -29.57 16.50 -37.56
CA LEU G 340 -29.22 17.82 -37.04
C LEU G 340 -28.92 18.80 -38.18
N LEU G 341 -28.21 18.34 -39.21
CA LEU G 341 -27.96 19.22 -40.34
C LEU G 341 -29.26 19.59 -41.02
N GLY G 342 -30.18 18.62 -41.17
CA GLY G 342 -31.46 18.92 -41.79
C GLY G 342 -32.25 19.96 -41.03
N VAL G 343 -32.35 19.81 -39.71
CA VAL G 343 -33.14 20.76 -38.93
C VAL G 343 -32.44 22.11 -38.85
N ALA G 344 -31.10 22.11 -38.87
CA ALA G 344 -30.38 23.38 -38.89
C ALA G 344 -30.66 24.14 -40.18
N GLY G 345 -30.55 23.48 -41.32
CA GLY G 345 -30.87 24.14 -42.57
C GLY G 345 -32.32 24.57 -42.64
N SER G 346 -33.23 23.75 -42.09
CA SER G 346 -34.64 24.12 -42.11
C SER G 346 -34.87 25.40 -41.33
N VAL G 347 -34.40 25.46 -40.09
CA VAL G 347 -34.55 26.67 -39.29
C VAL G 347 -33.90 27.82 -40.03
N ALA G 348 -32.77 27.56 -40.69
CA ALA G 348 -32.13 28.61 -41.47
C ALA G 348 -33.03 29.23 -42.53
N LEU G 349 -33.63 28.37 -43.36
CA LEU G 349 -34.54 28.83 -44.44
C LEU G 349 -36.00 28.59 -44.03
N VAL G 350 -36.28 28.68 -42.73
CA VAL G 350 -37.66 28.46 -42.21
C VAL G 350 -37.89 29.36 -40.99
N SER G 351 -36.98 30.30 -40.76
CA SER G 351 -37.07 31.24 -39.60
C SER G 351 -37.02 32.69 -40.10
N SER G 352 -37.15 32.88 -41.42
CA SER G 352 -37.12 34.24 -42.03
C SER G 352 -38.54 34.79 -42.13
N ALA G 353 -38.73 36.07 -41.76
CA ALA G 353 -40.02 36.71 -41.81
C ALA G 353 -40.64 36.60 -43.20
N ASN G 354 -39.82 36.61 -44.24
CA ASN G 354 -40.27 36.38 -45.60
C ASN G 354 -39.63 35.10 -46.11
N ALA G 355 -40.46 34.15 -46.52
CA ALA G 355 -39.98 32.87 -47.01
C ALA G 355 -40.91 32.39 -48.10
N SER G 356 -40.35 31.98 -49.21
CA SER G 356 -41.21 31.47 -50.25
C SER G 356 -41.88 30.19 -49.79
N PRO G 357 -43.12 29.95 -50.21
CA PRO G 357 -43.74 28.67 -49.90
C PRO G 357 -42.96 27.50 -50.44
N TRP G 358 -42.08 27.74 -51.42
CA TRP G 358 -41.17 26.68 -51.83
C TRP G 358 -40.21 26.32 -50.69
N ALA G 359 -39.81 27.31 -49.90
CA ALA G 359 -38.99 27.01 -48.72
C ALA G 359 -39.76 26.18 -47.72
N TRP G 360 -41.02 26.54 -47.48
CA TRP G 360 -41.85 25.71 -46.61
C TRP G 360 -41.97 24.30 -47.16
N TYR G 361 -42.11 24.16 -48.47
CA TYR G 361 -42.19 22.82 -49.02
C TYR G 361 -40.90 22.05 -48.78
N ILE G 362 -39.77 22.70 -48.96
CA ILE G 362 -38.49 22.04 -48.71
C ILE G 362 -38.43 21.53 -47.28
N VAL G 363 -38.79 22.40 -46.33
CA VAL G 363 -38.73 22.01 -44.93
C VAL G 363 -39.65 20.82 -44.67
N VAL G 364 -40.92 20.95 -45.06
CA VAL G 364 -41.88 19.91 -44.71
C VAL G 364 -41.59 18.62 -45.45
N ALA G 365 -41.08 18.70 -46.68
CA ALA G 365 -40.74 17.50 -47.41
C ALA G 365 -39.53 16.82 -46.81
N ALA G 366 -38.55 17.59 -46.34
CA ALA G 366 -37.42 16.99 -45.65
C ALA G 366 -37.87 16.30 -44.37
N ALA G 367 -38.78 16.94 -43.63
CA ALA G 367 -39.28 16.33 -42.41
C ALA G 367 -39.98 15.02 -42.70
N ALA G 368 -40.88 15.03 -43.68
CA ALA G 368 -41.58 13.80 -44.03
C ALA G 368 -40.63 12.76 -44.59
N GLY G 369 -39.57 13.19 -45.28
CA GLY G 369 -38.60 12.24 -45.80
C GLY G 369 -37.84 11.56 -44.70
N ALA G 370 -37.48 12.30 -43.65
CA ALA G 370 -36.86 11.67 -42.49
C ALA G 370 -37.81 10.70 -41.82
N ALA G 371 -39.04 11.15 -41.54
CA ALA G 371 -40.01 10.31 -40.86
C ALA G 371 -40.29 9.05 -41.66
N LEU G 372 -40.17 9.12 -42.98
CA LEU G 372 -40.45 7.98 -43.83
C LEU G 372 -39.23 7.10 -44.05
N ARG G 373 -38.02 7.65 -43.97
CA ARG G 373 -36.83 6.83 -43.99
C ARG G 373 -36.66 6.09 -42.68
N ALA G 374 -37.31 6.54 -41.62
CA ALA G 374 -37.24 5.78 -40.37
C ALA G 374 -37.74 4.35 -40.54
N ARG G 375 -38.39 4.03 -41.66
CA ARG G 375 -38.90 2.70 -41.89
C ARG G 375 -37.84 1.71 -42.36
N VAL G 376 -36.69 2.19 -42.85
CA VAL G 376 -35.72 1.28 -43.46
C VAL G 376 -34.74 0.71 -42.45
N TRP G 377 -34.43 1.43 -41.38
CA TRP G 377 -33.46 0.95 -40.43
C TRP G 377 -34.08 -0.07 -39.49
N ASP G 378 -33.25 -0.67 -38.64
CA ASP G 378 -33.76 -1.70 -37.74
C ASP G 378 -33.25 -1.49 -36.31
N SER G 379 -32.76 -0.31 -35.98
CA SER G 379 -32.26 0.01 -34.66
C SER G 379 -33.24 0.97 -34.01
N ALA G 380 -33.42 0.85 -32.70
CA ALA G 380 -34.29 1.79 -32.02
C ALA G 380 -33.71 3.20 -32.00
N ALA G 381 -32.39 3.32 -31.93
CA ALA G 381 -31.74 4.62 -31.82
C ALA G 381 -31.63 5.36 -33.15
N CYS G 382 -31.63 4.63 -34.28
CA CYS G 382 -31.67 5.30 -35.57
C CYS G 382 -33.08 5.75 -35.91
N LYS G 383 -34.05 4.84 -35.75
CA LYS G 383 -35.44 5.20 -35.94
C LYS G 383 -35.84 6.36 -35.04
N ALA G 384 -35.34 6.36 -33.80
CA ALA G 384 -35.69 7.44 -32.88
C ALA G 384 -35.26 8.78 -33.43
N TRP G 385 -34.04 8.86 -33.98
CA TRP G 385 -33.58 10.11 -34.54
C TRP G 385 -34.39 10.51 -35.77
N LEU G 386 -34.63 9.55 -36.66
CA LEU G 386 -35.34 9.90 -37.89
C LEU G 386 -36.77 10.35 -37.61
N LEU G 387 -37.41 9.76 -36.60
CA LEU G 387 -38.76 10.18 -36.25
C LEU G 387 -38.75 11.41 -35.36
N GLY G 388 -37.64 11.68 -34.69
CA GLY G 388 -37.53 12.89 -33.92
C GLY G 388 -37.11 14.07 -34.73
N HIS G 389 -36.73 13.88 -35.99
CA HIS G 389 -36.50 15.02 -36.87
C HIS G 389 -37.72 15.92 -36.86
N SER G 390 -38.92 15.35 -36.99
CA SER G 390 -40.13 16.16 -37.06
C SER G 390 -40.36 16.92 -35.77
N TYR G 391 -40.22 16.25 -34.63
CA TYR G 391 -40.42 16.90 -33.34
C TYR G 391 -39.38 17.98 -33.11
N LEU G 392 -38.11 17.66 -33.32
CA LEU G 392 -37.04 18.65 -33.16
C LEU G 392 -37.23 19.82 -34.09
N LEU G 393 -37.74 19.60 -35.29
CA LEU G 393 -38.01 20.71 -36.19
C LEU G 393 -39.10 21.59 -35.64
N ALA G 394 -40.18 20.97 -35.14
CA ALA G 394 -41.25 21.77 -34.53
C ALA G 394 -40.71 22.62 -33.39
N VAL G 395 -39.91 22.03 -32.51
CA VAL G 395 -39.41 22.74 -31.34
C VAL G 395 -38.46 23.86 -31.75
N ALA G 396 -37.56 23.57 -32.69
CA ALA G 396 -36.61 24.58 -33.12
C ALA G 396 -37.30 25.73 -33.79
N LEU G 397 -38.30 25.45 -34.63
CA LEU G 397 -39.09 26.54 -35.19
C LEU G 397 -39.78 27.32 -34.10
N LEU G 398 -40.26 26.62 -33.06
CA LEU G 398 -40.90 27.30 -31.94
C LEU G 398 -39.98 28.32 -31.31
N VAL G 399 -38.78 27.89 -30.94
CA VAL G 399 -37.84 28.79 -30.27
C VAL G 399 -37.42 29.89 -31.22
N ALA G 400 -37.23 29.57 -32.49
CA ALA G 400 -36.80 30.57 -33.45
C ALA G 400 -37.84 31.66 -33.61
N PHE G 401 -39.10 31.28 -33.70
CA PHE G 401 -40.16 32.28 -33.82
C PHE G 401 -40.26 33.11 -32.54
N VAL G 402 -40.12 32.46 -31.39
CA VAL G 402 -40.18 33.23 -30.14
C VAL G 402 -39.04 34.24 -30.09
N ILE G 403 -37.88 33.90 -30.64
CA ILE G 403 -36.76 34.84 -30.64
C ILE G 403 -37.15 36.13 -31.33
N GLY G 404 -37.45 36.06 -32.62
CA GLY G 404 -38.02 37.21 -33.31
C GLY G 404 -39.34 37.60 -32.70
N ASP G 405 -39.91 38.67 -33.22
CA ASP G 405 -41.19 39.14 -32.70
C ASP G 405 -42.36 38.27 -33.15
N ARG G 406 -42.10 37.21 -33.89
CA ARG G 406 -43.17 36.37 -34.44
C ARG G 406 -43.69 35.45 -33.35
N TYR G 407 -44.65 35.94 -32.58
CA TYR G 407 -45.32 35.08 -31.60
C TYR G 407 -46.47 34.31 -32.23
N GLN G 408 -47.17 34.92 -33.19
CA GLN G 408 -48.27 34.23 -33.85
C GLN G 408 -47.76 33.03 -34.63
N ALA G 409 -46.56 33.15 -35.21
CA ALA G 409 -45.97 31.99 -35.88
C ALA G 409 -45.59 30.92 -34.88
N ALA G 410 -45.08 31.33 -33.71
CA ALA G 410 -44.70 30.35 -32.70
C ALA G 410 -45.90 29.57 -32.20
N LEU G 411 -47.03 30.24 -32.01
CA LEU G 411 -48.22 29.52 -31.57
C LEU G 411 -48.63 28.46 -32.60
N TRP G 412 -48.49 28.77 -33.88
CA TRP G 412 -48.86 27.79 -34.90
C TRP G 412 -47.87 26.64 -34.93
N ALA G 413 -46.58 26.95 -34.76
CA ALA G 413 -45.60 25.87 -34.66
C ALA G 413 -45.93 24.96 -33.50
N LEU G 414 -46.35 25.54 -32.37
CA LEU G 414 -46.74 24.74 -31.22
C LEU G 414 -47.98 23.91 -31.52
N ALA G 415 -48.90 24.45 -32.32
CA ALA G 415 -50.05 23.66 -32.74
C ALA G 415 -49.61 22.45 -33.55
N ALA G 416 -48.68 22.66 -34.48
CA ALA G 416 -48.16 21.53 -35.26
C ALA G 416 -47.48 20.52 -34.36
N LEU G 417 -46.75 21.00 -33.36
CA LEU G 417 -46.15 20.12 -32.37
C LEU G 417 -47.21 19.27 -31.67
N ALA G 418 -48.32 19.90 -31.30
CA ALA G 418 -49.40 19.17 -30.66
C ALA G 418 -49.95 18.08 -31.57
N VAL G 419 -50.14 18.40 -32.85
CA VAL G 419 -50.62 17.40 -33.79
C VAL G 419 -49.63 16.25 -33.88
N LEU G 420 -48.34 16.57 -33.88
CA LEU G 420 -47.32 15.54 -34.02
C LEU G 420 -47.31 14.60 -32.81
N VAL G 421 -47.36 15.17 -31.61
CA VAL G 421 -47.38 14.30 -30.44
C VAL G 421 -48.69 13.52 -30.37
N LEU G 422 -49.76 14.07 -30.94
CA LEU G 422 -51.00 13.31 -31.03
C LEU G 422 -50.82 12.09 -31.93
N VAL G 423 -50.12 12.27 -33.05
CA VAL G 423 -49.82 11.12 -33.90
C VAL G 423 -48.99 10.09 -33.15
N TRP G 424 -48.00 10.57 -32.40
CA TRP G 424 -47.20 9.66 -31.57
C TRP G 424 -48.10 8.85 -30.65
N ILE G 425 -48.98 9.53 -29.92
CA ILE G 425 -49.83 8.86 -28.95
C ILE G 425 -50.75 7.85 -29.62
N VAL G 426 -51.39 8.27 -30.72
CA VAL G 426 -52.33 7.38 -31.40
C VAL G 426 -51.62 6.14 -31.93
N ALA G 427 -50.37 6.29 -32.37
CA ALA G 427 -49.64 5.12 -32.82
C ALA G 427 -49.22 4.26 -31.64
N ALA G 428 -48.99 4.88 -30.48
CA ALA G 428 -48.59 4.11 -29.31
C ALA G 428 -49.74 3.33 -28.70
N LEU G 429 -50.98 3.84 -28.81
CA LEU G 429 -52.10 3.17 -28.16
C LEU G 429 -52.63 2.01 -28.99
N ASN G 430 -52.65 2.16 -30.32
CA ASN G 430 -53.18 1.13 -31.20
C ASN G 430 -52.05 0.51 -32.02
N PRO G 431 -51.40 -0.55 -31.52
CA PRO G 431 -50.29 -1.12 -32.27
C PRO G 431 -50.69 -1.67 -33.64
N LYS G 432 -51.98 -1.91 -33.89
CA LYS G 432 -52.40 -2.30 -35.23
C LYS G 432 -51.96 -1.28 -36.25
N ILE G 433 -51.92 0.00 -35.88
CA ILE G 433 -51.35 1.01 -36.76
C ILE G 433 -49.84 0.88 -36.82
N ALA G 434 -49.22 0.52 -35.69
CA ALA G 434 -47.77 0.56 -35.58
C ALA G 434 -47.10 -0.50 -36.44
N SER G 435 -47.68 -1.68 -36.52
CA SER G 435 -47.03 -2.78 -37.22
C SER G 435 -47.08 -2.57 -38.72
N PRO G 436 -46.14 -3.15 -39.45
CA PRO G 436 -46.16 -3.01 -40.90
C PRO G 436 -46.89 -4.16 -41.58
N ASP G 437 -47.25 -5.17 -40.81
CA ASP G 437 -47.95 -6.33 -41.33
C ASP G 437 -49.45 -6.10 -41.45
N THR G 438 -49.99 -5.11 -40.73
CA THR G 438 -51.36 -4.68 -40.96
C THR G 438 -51.54 -4.21 -42.40
N TYR G 439 -50.55 -3.54 -42.96
CA TYR G 439 -50.65 -3.03 -44.31
C TYR G 439 -50.19 -4.07 -45.31
N SER G 440 -51.01 -4.30 -46.34
CA SER G 440 -50.65 -5.21 -47.40
C SER G 440 -49.47 -4.67 -48.19
N LEU G 441 -48.78 -5.57 -48.90
CA LEU G 441 -47.58 -5.18 -49.63
C LEU G 441 -47.78 -4.04 -50.62
N PRO G 442 -48.89 -3.95 -51.36
CA PRO G 442 -49.07 -2.76 -52.22
C PRO G 442 -49.00 -1.45 -51.47
N MET G 443 -49.60 -1.36 -50.27
CA MET G 443 -49.53 -0.12 -49.51
C MET G 443 -48.11 0.15 -49.03
N ARG G 444 -47.37 -0.89 -48.65
CA ARG G 444 -45.98 -0.69 -48.25
C ARG G 444 -45.15 -0.18 -49.42
N ARG G 445 -45.39 -0.71 -50.61
CA ARG G 445 -44.65 -0.25 -51.78
C ARG G 445 -45.03 1.16 -52.16
N MET G 446 -46.30 1.53 -51.97
CA MET G 446 -46.71 2.91 -52.17
C MET G 446 -46.00 3.84 -51.19
N VAL G 447 -45.86 3.40 -49.94
CA VAL G 447 -45.10 4.18 -48.95
C VAL G 447 -43.68 4.38 -49.44
N GLY G 448 -43.06 3.31 -49.93
CA GLY G 448 -41.70 3.43 -50.43
C GLY G 448 -41.59 4.40 -51.60
N PHE G 449 -42.53 4.32 -52.53
CA PHE G 449 -42.54 5.25 -53.65
C PHE G 449 -42.68 6.69 -53.16
N LEU G 450 -43.52 6.93 -52.15
CA LEU G 450 -43.66 8.28 -51.64
C LEU G 450 -42.37 8.76 -50.98
N ALA G 451 -41.69 7.88 -50.25
CA ALA G 451 -40.45 8.26 -49.61
C ALA G 451 -39.40 8.66 -50.64
N THR G 452 -39.21 7.83 -51.67
CA THR G 452 -38.26 8.20 -52.71
C THR G 452 -38.70 9.47 -53.42
N GLY G 453 -40.00 9.63 -53.64
CA GLY G 453 -40.47 10.83 -54.30
C GLY G 453 -40.14 12.10 -53.54
N LEU G 454 -40.31 12.08 -52.22
CA LEU G 454 -40.00 13.25 -51.42
C LEU G 454 -38.49 13.51 -51.39
N ASP G 455 -37.72 12.49 -51.00
CA ASP G 455 -36.27 12.68 -50.89
C ASP G 455 -35.63 12.95 -52.24
N ALA G 456 -36.37 12.75 -53.33
CA ALA G 456 -35.88 13.16 -54.64
C ALA G 456 -36.31 14.59 -54.95
N SER G 457 -37.60 14.86 -54.86
CA SER G 457 -38.12 16.16 -55.27
C SER G 457 -37.56 17.29 -54.42
N LEU G 458 -36.92 17.00 -53.30
CA LEU G 458 -36.24 18.08 -52.59
C LEU G 458 -35.20 18.78 -53.48
N ILE G 459 -34.72 18.11 -54.53
CA ILE G 459 -33.61 18.64 -55.32
C ILE G 459 -34.08 19.76 -56.27
N PRO G 460 -35.07 19.55 -57.14
CA PRO G 460 -35.45 20.65 -58.04
C PRO G 460 -36.07 21.83 -57.32
N VAL G 461 -36.82 21.58 -56.25
CA VAL G 461 -37.38 22.71 -55.51
C VAL G 461 -36.28 23.51 -54.84
N MET G 462 -35.21 22.85 -54.41
CA MET G 462 -34.04 23.58 -53.93
C MET G 462 -33.41 24.37 -55.05
N ALA G 463 -33.31 23.76 -56.24
CA ALA G 463 -32.75 24.48 -57.37
C ALA G 463 -33.61 25.66 -57.78
N LEU G 464 -34.89 25.65 -57.41
CA LEU G 464 -35.76 26.77 -57.74
C LEU G 464 -35.77 27.83 -56.64
N LEU G 465 -35.59 27.43 -55.39
CA LEU G 465 -35.57 28.39 -54.29
C LEU G 465 -34.41 29.37 -54.47
N VAL G 466 -33.19 28.86 -54.49
CA VAL G 466 -32.05 29.63 -54.96
C VAL G 466 -32.10 29.66 -56.48
N GLY G 467 -31.84 30.83 -57.06
CA GLY G 467 -32.06 31.00 -58.48
C GLY G 467 -31.04 30.31 -59.34
N LEU G 468 -30.84 29.00 -59.13
CA LEU G 468 -29.81 28.27 -59.85
C LEU G 468 -30.07 28.29 -61.35
N PHE G 469 -31.33 28.26 -61.75
CA PHE G 469 -31.65 28.34 -63.17
C PHE G 469 -31.29 29.71 -63.73
N SER G 470 -31.41 30.74 -62.90
CA SER G 470 -31.00 32.08 -63.33
C SER G 470 -29.50 32.14 -63.57
N LEU G 471 -28.72 31.30 -62.87
CA LEU G 471 -27.28 31.36 -63.00
C LEU G 471 -26.81 30.85 -64.35
N VAL G 472 -27.65 30.11 -65.06
CA VAL G 472 -27.34 29.69 -66.41
C VAL G 472 -28.16 30.43 -67.47
N LEU G 473 -29.41 30.76 -67.19
CA LEU G 473 -30.23 31.44 -68.19
C LEU G 473 -29.68 32.82 -68.51
N ASP G 474 -29.43 33.64 -67.49
CA ASP G 474 -28.98 35.02 -67.71
C ASP G 474 -27.57 35.27 -67.20
N ARG G 475 -26.93 34.27 -66.59
CA ARG G 475 -25.56 34.35 -66.09
C ARG G 475 -25.36 35.50 -65.11
N MET H 7 -39.97 -62.96 -11.23
CA MET H 7 -41.03 -62.39 -12.06
C MET H 7 -40.46 -61.69 -13.29
N PRO H 8 -40.86 -62.13 -14.48
CA PRO H 8 -40.41 -61.47 -15.71
C PRO H 8 -41.35 -60.37 -16.18
N ILE H 9 -41.77 -59.48 -15.29
CA ILE H 9 -42.77 -58.47 -15.60
C ILE H 9 -42.18 -57.08 -15.37
N VAL H 10 -42.54 -56.14 -16.24
CA VAL H 10 -42.25 -54.73 -16.04
C VAL H 10 -43.54 -53.95 -16.23
N ARG H 11 -43.93 -53.17 -15.24
CA ARG H 11 -45.19 -52.44 -15.27
C ARG H 11 -44.92 -51.02 -15.76
N VAL H 12 -45.00 -50.82 -17.08
CA VAL H 12 -44.65 -49.55 -17.69
C VAL H 12 -45.93 -48.77 -17.97
N ALA H 13 -45.76 -47.51 -18.30
CA ALA H 13 -46.89 -46.61 -18.57
C ALA H 13 -46.75 -46.11 -20.00
N VAL H 14 -47.42 -46.75 -20.93
CA VAL H 14 -47.28 -46.38 -22.34
C VAL H 14 -48.28 -45.28 -22.67
N LEU H 15 -47.80 -44.27 -23.37
CA LEU H 15 -48.71 -43.21 -23.78
C LEU H 15 -49.35 -43.55 -25.11
N ALA H 16 -50.62 -43.22 -25.24
CA ALA H 16 -51.44 -43.72 -26.33
C ALA H 16 -51.22 -42.92 -27.60
N ALA H 17 -51.53 -43.56 -28.73
CA ALA H 17 -51.60 -42.84 -29.98
C ALA H 17 -52.66 -41.76 -29.88
N GLY H 18 -52.21 -40.51 -29.80
CA GLY H 18 -53.11 -39.41 -29.53
C GLY H 18 -54.06 -39.08 -30.65
N ASP H 19 -55.36 -39.28 -30.41
CA ASP H 19 -56.39 -38.85 -31.33
C ASP H 19 -57.48 -38.13 -30.54
N ASP H 20 -57.33 -38.15 -29.22
CA ASP H 20 -58.18 -37.38 -28.31
C ASP H 20 -57.29 -36.74 -27.25
N GLY H 21 -55.98 -36.98 -27.36
CA GLY H 21 -55.03 -36.57 -26.36
C GLY H 21 -54.26 -37.76 -25.82
N GLY H 22 -53.03 -37.53 -25.37
CA GLY H 22 -52.20 -38.62 -24.90
C GLY H 22 -52.63 -39.09 -23.53
N ARG H 23 -52.79 -40.40 -23.39
CA ARG H 23 -53.26 -41.00 -22.15
C ARG H 23 -52.27 -42.05 -21.69
N LEU H 24 -51.77 -41.90 -20.47
CA LEU H 24 -50.84 -42.83 -19.88
C LEU H 24 -51.59 -44.10 -19.51
N THR H 25 -51.70 -45.02 -20.45
CA THR H 25 -52.28 -46.33 -20.14
C THR H 25 -51.18 -47.16 -19.51
N GLU H 26 -51.32 -47.40 -18.22
CA GLU H 26 -50.41 -48.32 -17.54
C GLU H 26 -50.69 -49.73 -18.03
N MET H 27 -49.62 -50.52 -18.18
CA MET H 27 -49.77 -51.92 -18.54
C MET H 27 -48.52 -52.67 -18.14
N ALA H 28 -48.71 -53.93 -17.76
CA ALA H 28 -47.60 -54.81 -17.46
C ALA H 28 -47.18 -55.54 -18.73
N LEU H 29 -45.87 -55.66 -18.94
CA LEU H 29 -45.33 -56.24 -20.15
C LEU H 29 -44.36 -57.34 -19.75
N PRO H 30 -44.43 -58.52 -20.36
CA PRO H 30 -43.44 -59.57 -20.08
C PRO H 30 -42.04 -59.11 -20.44
N SER H 31 -41.13 -59.09 -19.47
CA SER H 31 -39.84 -58.45 -19.69
C SER H 31 -38.90 -59.29 -20.52
N GLU H 32 -38.94 -60.61 -20.41
CA GLU H 32 -38.01 -61.47 -21.13
C GLU H 32 -38.51 -61.87 -22.51
N LEU H 33 -39.65 -61.35 -22.94
CA LEU H 33 -40.14 -61.78 -24.24
C LEU H 33 -39.73 -60.77 -25.31
N PRO H 34 -39.33 -61.23 -26.49
CA PRO H 34 -39.03 -60.30 -27.59
C PRO H 34 -40.25 -59.47 -27.96
N LEU H 35 -40.02 -58.25 -28.42
CA LEU H 35 -41.09 -57.28 -28.65
C LEU H 35 -42.02 -57.67 -29.79
N ARG H 36 -41.62 -58.59 -30.67
CA ARG H 36 -42.46 -58.96 -31.80
C ARG H 36 -43.76 -59.62 -31.38
N GLU H 37 -43.84 -60.13 -30.15
CA GLU H 37 -45.06 -60.73 -29.65
C GLU H 37 -45.88 -59.83 -28.74
N ILE H 38 -45.23 -58.95 -27.98
CA ILE H 38 -45.99 -58.07 -27.09
C ILE H 38 -46.44 -56.79 -27.77
N LEU H 39 -45.78 -56.38 -28.85
CA LEU H 39 -46.24 -55.19 -29.57
C LEU H 39 -47.67 -55.31 -30.09
N PRO H 40 -48.11 -56.40 -30.71
CA PRO H 40 -49.52 -56.44 -31.13
C PRO H 40 -50.47 -56.41 -29.96
N ALA H 41 -50.11 -57.06 -28.86
CA ALA H 41 -50.95 -57.03 -27.67
C ALA H 41 -51.12 -55.60 -27.17
N VAL H 42 -50.00 -54.92 -26.89
CA VAL H 42 -50.09 -53.57 -26.34
C VAL H 42 -50.73 -52.63 -27.35
N GLN H 43 -50.55 -52.89 -28.64
CA GLN H 43 -51.30 -52.16 -29.65
C GLN H 43 -52.79 -52.31 -29.44
N ARG H 44 -53.24 -53.54 -29.17
CA ARG H 44 -54.65 -53.74 -28.87
C ARG H 44 -55.07 -52.97 -27.63
N ILE H 45 -54.19 -52.85 -26.64
CA ILE H 45 -54.59 -52.31 -25.35
C ILE H 45 -54.73 -50.79 -25.43
N VAL H 46 -53.68 -50.11 -25.90
CA VAL H 46 -53.62 -48.65 -25.77
C VAL H 46 -54.65 -47.98 -26.66
N GLN H 47 -54.81 -48.48 -27.88
CA GLN H 47 -55.73 -47.90 -28.85
C GLN H 47 -56.75 -48.94 -29.25
N PRO H 48 -58.04 -48.74 -28.97
CA PRO H 48 -59.03 -49.74 -29.38
C PRO H 48 -59.03 -49.93 -30.88
N ALA H 49 -58.71 -51.15 -31.31
CA ALA H 49 -58.63 -51.47 -32.74
C ALA H 49 -59.06 -52.91 -33.01
N LEU H 67 -45.57 -48.52 -33.85
CA LEU H 67 -45.02 -49.78 -34.34
C LEU H 67 -44.09 -50.40 -33.30
N SER H 68 -43.53 -49.57 -32.43
CA SER H 68 -42.62 -50.03 -31.39
C SER H 68 -42.63 -49.04 -30.25
N LEU H 69 -41.86 -49.34 -29.21
CA LEU H 69 -41.78 -48.53 -28.00
C LEU H 69 -40.49 -47.72 -28.03
N ALA H 70 -40.53 -46.57 -27.35
CA ALA H 70 -39.36 -45.72 -27.32
C ALA H 70 -39.39 -44.88 -26.06
N PRO H 71 -38.28 -44.74 -25.35
CA PRO H 71 -38.23 -43.77 -24.27
C PRO H 71 -38.55 -42.38 -24.79
N ILE H 72 -38.92 -41.49 -23.87
CA ILE H 72 -39.56 -40.23 -24.27
C ILE H 72 -38.72 -39.49 -25.30
N GLY H 73 -37.45 -39.24 -25.00
CA GLY H 73 -36.63 -38.52 -25.93
C GLY H 73 -35.73 -39.45 -26.72
N GLY H 74 -35.49 -40.64 -26.19
CA GLY H 74 -34.54 -41.55 -26.77
C GLY H 74 -34.99 -42.12 -28.10
N ALA H 75 -34.19 -43.03 -28.61
CA ALA H 75 -34.38 -43.73 -29.87
C ALA H 75 -35.19 -44.99 -29.65
N PRO H 76 -36.10 -45.30 -30.58
CA PRO H 76 -36.96 -46.49 -30.40
C PRO H 76 -36.18 -47.78 -30.30
N PHE H 77 -36.71 -48.73 -29.54
CA PHE H 77 -36.06 -50.02 -29.34
C PHE H 77 -36.21 -50.88 -30.57
N SER H 78 -35.25 -51.77 -30.78
CA SER H 78 -35.31 -52.68 -31.90
C SER H 78 -36.40 -53.71 -31.67
N LEU H 79 -37.06 -54.11 -32.76
CA LEU H 79 -38.08 -55.15 -32.64
C LEU H 79 -37.47 -56.48 -32.23
N ASP H 80 -36.21 -56.71 -32.57
CA ASP H 80 -35.51 -57.91 -32.15
C ASP H 80 -34.67 -57.56 -30.93
N ALA H 81 -35.34 -57.50 -29.79
CA ALA H 81 -34.69 -57.26 -28.51
C ALA H 81 -35.71 -57.58 -27.42
N THR H 82 -35.27 -57.47 -26.19
CA THR H 82 -36.16 -57.64 -25.04
C THR H 82 -36.07 -56.40 -24.19
N LEU H 83 -37.17 -56.07 -23.52
CA LEU H 83 -37.20 -54.87 -22.69
C LEU H 83 -36.06 -54.87 -21.68
N ASP H 84 -35.79 -56.04 -21.08
CA ASP H 84 -34.71 -56.11 -20.11
C ASP H 84 -33.37 -55.75 -20.74
N THR H 85 -33.12 -56.23 -21.96
CA THR H 85 -31.81 -56.04 -22.57
C THR H 85 -31.56 -54.59 -22.95
N VAL H 86 -32.54 -53.94 -23.57
CA VAL H 86 -32.42 -52.51 -23.81
C VAL H 86 -32.57 -51.73 -22.51
N GLY H 87 -33.10 -52.34 -21.47
CA GLY H 87 -33.16 -51.73 -20.17
C GLY H 87 -34.44 -50.94 -19.96
N VAL H 88 -35.26 -51.39 -19.01
CA VAL H 88 -36.44 -50.66 -18.61
C VAL H 88 -36.83 -51.16 -17.23
N VAL H 89 -37.52 -50.33 -16.48
CA VAL H 89 -37.87 -50.62 -15.10
C VAL H 89 -39.31 -50.17 -14.88
N ASP H 90 -39.86 -50.54 -13.72
CA ASP H 90 -41.29 -50.49 -13.48
C ASP H 90 -41.86 -49.08 -13.46
N GLY H 91 -41.05 -48.06 -13.70
CA GLY H 91 -41.55 -46.71 -13.60
C GLY H 91 -41.33 -45.89 -14.85
N ASP H 92 -40.71 -46.48 -15.87
CA ASP H 92 -40.35 -45.74 -17.06
C ASP H 92 -41.55 -45.52 -17.95
N LEU H 93 -41.51 -44.43 -18.71
CA LEU H 93 -42.57 -44.06 -19.63
C LEU H 93 -42.13 -44.37 -21.05
N LEU H 94 -42.92 -45.17 -21.76
CA LEU H 94 -42.62 -45.54 -23.14
C LEU H 94 -43.69 -44.99 -24.05
N ALA H 95 -43.26 -44.32 -25.11
CA ALA H 95 -44.16 -43.79 -26.12
C ALA H 95 -44.17 -44.74 -27.30
N LEU H 96 -45.36 -44.96 -27.86
CA LEU H 96 -45.51 -45.88 -28.98
C LEU H 96 -45.31 -45.11 -30.26
N GLN H 97 -44.16 -45.33 -30.91
CA GLN H 97 -43.84 -44.63 -32.16
C GLN H 97 -43.67 -45.62 -33.29
N ALA H 98 -43.19 -45.15 -34.43
CA ALA H 98 -42.88 -46.01 -35.55
C ALA H 98 -41.39 -45.89 -35.86
N VAL H 99 -40.72 -47.04 -35.92
CA VAL H 99 -39.27 -47.10 -36.13
C VAL H 99 -38.89 -46.23 -37.32
N PRO H 100 -37.80 -45.49 -37.25
CA PRO H 100 -37.44 -44.59 -38.35
C PRO H 100 -37.14 -45.35 -39.62
N SER H 101 -37.57 -44.78 -40.74
CA SER H 101 -37.31 -45.41 -42.03
C SER H 101 -35.82 -45.57 -42.28
N GLY H 102 -35.06 -44.49 -42.14
CA GLY H 102 -33.63 -44.55 -42.26
C GLY H 102 -32.99 -44.87 -40.93
N PRO H 103 -31.66 -44.78 -40.87
CA PRO H 103 -30.96 -45.10 -39.63
C PRO H 103 -31.24 -44.06 -38.56
N PRO H 104 -31.57 -44.48 -37.35
CA PRO H 104 -31.69 -43.52 -36.24
C PRO H 104 -30.34 -42.87 -35.98
N ALA H 105 -30.35 -41.54 -35.91
CA ALA H 105 -29.13 -40.78 -35.80
C ALA H 105 -28.98 -40.20 -34.41
N PRO H 106 -27.76 -40.05 -33.92
CA PRO H 106 -27.56 -39.53 -32.56
C PRO H 106 -27.84 -38.04 -32.48
N ARG H 107 -28.09 -37.59 -31.26
CA ARG H 107 -28.12 -36.17 -30.98
C ARG H 107 -26.71 -35.71 -30.60
N ILE H 108 -26.33 -34.53 -31.05
CA ILE H 108 -25.02 -33.97 -30.76
C ILE H 108 -25.19 -32.78 -29.82
N VAL H 109 -24.42 -32.79 -28.76
CA VAL H 109 -24.49 -31.75 -27.74
C VAL H 109 -23.62 -30.58 -28.19
N GLU H 110 -24.20 -29.39 -28.24
CA GLU H 110 -23.45 -28.18 -28.47
C GLU H 110 -23.04 -27.59 -27.14
N ASP H 111 -21.74 -27.57 -26.88
CA ASP H 111 -21.24 -27.02 -25.63
C ASP H 111 -21.48 -25.53 -25.57
N ILE H 112 -22.24 -25.10 -24.57
CA ILE H 112 -22.54 -23.69 -24.35
C ILE H 112 -21.70 -23.24 -23.16
N ALA H 113 -21.00 -22.11 -23.33
CA ALA H 113 -20.13 -21.62 -22.29
C ALA H 113 -20.67 -20.35 -21.64
N ASP H 114 -21.84 -19.88 -22.05
CA ASP H 114 -22.45 -18.73 -21.42
C ASP H 114 -23.92 -18.65 -21.81
N ALA H 115 -24.82 -18.83 -20.85
CA ALA H 115 -26.24 -18.73 -21.14
C ALA H 115 -26.80 -17.35 -20.89
N ALA H 116 -26.08 -16.51 -20.14
CA ALA H 116 -26.60 -15.20 -19.80
C ALA H 116 -26.81 -14.34 -21.04
N VAL H 117 -25.99 -14.54 -22.07
CA VAL H 117 -26.11 -13.71 -23.26
C VAL H 117 -27.34 -14.09 -24.07
N ILE H 118 -27.65 -15.39 -24.17
CA ILE H 118 -28.86 -15.79 -24.89
C ILE H 118 -30.10 -15.25 -24.18
N PHE H 119 -30.16 -15.39 -22.86
CA PHE H 119 -31.30 -14.86 -22.13
C PHE H 119 -31.38 -13.34 -22.26
N SER H 120 -30.23 -12.66 -22.22
CA SER H 120 -30.26 -11.20 -22.27
C SER H 120 -30.63 -10.68 -23.64
N GLU H 121 -30.32 -11.42 -24.70
CA GLU H 121 -30.66 -10.95 -26.04
C GLU H 121 -32.01 -11.47 -26.51
N ALA H 122 -32.50 -12.57 -25.95
CA ALA H 122 -33.88 -12.97 -26.23
C ALA H 122 -34.86 -12.02 -25.59
N ARG H 123 -34.41 -11.20 -24.63
CA ARG H 123 -35.24 -10.17 -24.01
C ARG H 123 -35.08 -8.84 -24.72
N ARG H 124 -34.80 -8.89 -26.01
CA ARG H 124 -34.62 -7.68 -26.80
C ARG H 124 -35.49 -7.74 -28.04
N ARG H 125 -36.17 -6.63 -28.30
CA ARG H 125 -37.05 -6.45 -29.45
C ARG H 125 -36.72 -5.09 -30.08
N GLN H 126 -36.52 -5.10 -31.39
CA GLN H 126 -36.16 -3.88 -32.09
C GLN H 126 -37.41 -3.10 -32.46
N TRP H 127 -37.60 -1.96 -31.79
CA TRP H 127 -38.67 -1.03 -32.09
C TRP H 127 -40.04 -1.69 -32.05
N GLY H 128 -40.28 -2.41 -30.99
CA GLY H 128 -41.61 -2.91 -30.74
C GLY H 128 -42.54 -1.80 -30.32
N PRO H 129 -43.80 -2.14 -30.17
CA PRO H 129 -44.77 -1.14 -29.71
C PRO H 129 -44.39 -0.54 -28.37
N THR H 130 -43.56 -1.23 -27.61
CA THR H 130 -43.10 -0.67 -26.35
C THR H 130 -42.27 0.59 -26.57
N HIS H 131 -41.39 0.57 -27.58
CA HIS H 131 -40.59 1.75 -27.90
C HIS H 131 -41.48 2.90 -28.34
N ILE H 132 -42.53 2.61 -29.10
CA ILE H 132 -43.44 3.67 -29.54
C ILE H 132 -44.17 4.27 -28.36
N ALA H 133 -44.58 3.42 -27.41
CA ALA H 133 -45.21 3.95 -26.20
C ALA H 133 -44.25 4.86 -25.43
N ARG H 134 -43.00 4.43 -25.29
CA ARG H 134 -42.01 5.25 -24.60
C ARG H 134 -41.84 6.59 -25.30
N GLY H 135 -41.72 6.56 -26.62
CA GLY H 135 -41.57 7.80 -27.37
C GLY H 135 -42.77 8.70 -27.26
N ALA H 136 -43.97 8.14 -27.24
CA ALA H 136 -45.17 8.95 -27.10
C ALA H 136 -45.21 9.63 -25.74
N ALA H 137 -44.89 8.90 -24.67
CA ALA H 137 -44.87 9.51 -23.35
C ALA H 137 -43.85 10.64 -23.30
N LEU H 138 -42.66 10.39 -23.83
CA LEU H 138 -41.62 11.40 -23.79
C LEU H 138 -42.00 12.63 -24.60
N ALA H 139 -42.61 12.41 -25.77
CA ALA H 139 -43.03 13.53 -26.60
C ALA H 139 -44.13 14.33 -25.91
N LEU H 140 -45.04 13.64 -25.22
CA LEU H 140 -46.08 14.36 -24.47
C LEU H 140 -45.47 15.24 -23.41
N ILE H 141 -44.48 14.72 -22.68
CA ILE H 141 -43.83 15.53 -21.65
C ILE H 141 -43.16 16.74 -22.27
N GLY H 142 -42.47 16.54 -23.39
CA GLY H 142 -41.84 17.66 -24.06
C GLY H 142 -42.85 18.70 -24.53
N LEU H 143 -43.98 18.23 -25.04
CA LEU H 143 -45.03 19.16 -25.46
C LEU H 143 -45.50 20.00 -24.29
N ILE H 144 -45.76 19.36 -23.15
CA ILE H 144 -46.21 20.10 -21.98
C ILE H 144 -45.19 21.17 -21.61
N LEU H 145 -43.91 20.79 -21.58
CA LEU H 145 -42.88 21.73 -21.15
C LEU H 145 -42.78 22.92 -22.09
N VAL H 146 -42.70 22.66 -23.40
CA VAL H 146 -42.52 23.76 -24.34
C VAL H 146 -43.77 24.63 -24.41
N GLY H 147 -44.95 24.03 -24.26
CA GLY H 147 -46.17 24.80 -24.25
C GLY H 147 -46.23 25.72 -23.05
N THR H 148 -45.85 25.22 -21.88
CA THR H 148 -45.79 26.06 -20.69
C THR H 148 -44.82 27.22 -20.90
N GLY H 149 -43.62 26.92 -21.38
CA GLY H 149 -42.63 27.96 -21.57
C GLY H 149 -43.10 29.05 -22.51
N LEU H 150 -43.60 28.66 -23.68
CA LEU H 150 -44.07 29.65 -24.64
C LEU H 150 -45.29 30.41 -24.12
N SER H 151 -46.20 29.70 -23.44
CA SER H 151 -47.40 30.36 -22.96
C SER H 151 -47.07 31.41 -21.93
N VAL H 152 -46.14 31.12 -21.02
CA VAL H 152 -45.72 32.10 -20.03
C VAL H 152 -45.03 33.26 -20.72
N ALA H 153 -44.15 32.97 -21.68
CA ALA H 153 -43.49 34.05 -22.41
C ALA H 153 -44.52 34.97 -23.05
N HIS H 154 -45.54 34.39 -23.67
CA HIS H 154 -46.57 35.17 -24.34
C HIS H 154 -47.33 36.04 -23.34
N ARG H 155 -47.84 35.42 -22.27
CA ARG H 155 -48.61 36.17 -21.29
C ARG H 155 -47.79 37.25 -20.61
N VAL H 156 -46.48 37.05 -20.43
CA VAL H 156 -45.71 38.05 -19.72
C VAL H 156 -45.25 39.16 -20.66
N ILE H 157 -45.10 38.87 -21.95
CA ILE H 157 -44.62 39.89 -22.88
C ILE H 157 -45.81 40.63 -23.48
N THR H 158 -46.66 39.92 -24.20
CA THR H 158 -47.78 40.56 -24.87
C THR H 158 -48.88 40.95 -23.89
N GLY H 159 -49.03 40.21 -22.81
CA GLY H 159 -50.08 40.48 -21.85
C GLY H 159 -51.47 40.22 -22.39
N ASP H 160 -51.61 39.19 -23.23
CA ASP H 160 -52.89 38.84 -23.81
C ASP H 160 -53.40 37.55 -23.19
N LEU H 161 -54.72 37.48 -23.00
CA LEU H 161 -55.32 36.38 -22.25
C LEU H 161 -55.05 35.01 -22.87
N LEU H 162 -54.60 34.97 -24.11
CA LEU H 162 -54.36 33.68 -24.78
C LEU H 162 -53.36 32.85 -23.99
N GLY H 163 -52.30 33.48 -23.49
CA GLY H 163 -51.29 32.79 -22.72
C GLY H 163 -51.86 32.09 -21.49
N GLN H 164 -52.56 32.85 -20.66
CA GLN H 164 -53.18 32.26 -19.48
C GLN H 164 -54.12 31.14 -19.86
N PHE H 165 -54.91 31.34 -20.90
CA PHE H 165 -55.91 30.33 -21.25
C PHE H 165 -55.25 29.04 -21.71
N ILE H 166 -54.23 29.14 -22.57
CA ILE H 166 -53.59 27.91 -23.05
C ILE H 166 -52.82 27.23 -21.93
N VAL H 167 -52.19 28.00 -21.05
CA VAL H 167 -51.40 27.36 -20.00
C VAL H 167 -52.32 26.70 -18.98
N SER H 168 -53.46 27.32 -18.68
CA SER H 168 -54.41 26.69 -17.77
C SER H 168 -55.01 25.44 -18.40
N GLY H 169 -55.31 25.50 -19.69
CA GLY H 169 -55.82 24.32 -20.37
C GLY H 169 -54.83 23.17 -20.32
N ILE H 170 -53.57 23.44 -20.62
CA ILE H 170 -52.58 22.37 -20.65
C ILE H 170 -52.30 21.87 -19.23
N ALA H 171 -52.38 22.76 -18.24
CA ALA H 171 -52.25 22.34 -16.85
C ALA H 171 -53.35 21.36 -16.48
N LEU H 172 -54.61 21.75 -16.69
CA LEU H 172 -55.71 20.86 -16.37
C LEU H 172 -55.61 19.55 -17.14
N ALA H 173 -55.19 19.63 -18.40
CA ALA H 173 -55.08 18.41 -19.19
C ALA H 173 -54.08 17.45 -18.60
N THR H 174 -52.90 17.94 -18.21
CA THR H 174 -51.90 17.02 -17.68
C THR H 174 -52.29 16.52 -16.29
N VAL H 175 -52.95 17.35 -15.48
CA VAL H 175 -53.44 16.87 -14.19
C VAL H 175 -54.41 15.71 -14.40
N ILE H 176 -55.37 15.90 -15.31
CA ILE H 176 -56.36 14.86 -15.56
C ILE H 176 -55.70 13.61 -16.14
N ALA H 177 -54.70 13.79 -17.00
CA ALA H 177 -54.03 12.64 -17.59
C ALA H 177 -53.27 11.85 -16.52
N ALA H 178 -52.57 12.55 -15.63
CA ALA H 178 -51.83 11.88 -14.56
C ALA H 178 -52.78 11.15 -13.63
N LEU H 179 -53.92 11.77 -13.31
CA LEU H 179 -54.89 11.10 -12.45
C LEU H 179 -55.49 9.88 -13.15
N ALA H 180 -55.70 9.98 -14.46
CA ALA H 180 -56.46 8.94 -15.16
C ALA H 180 -55.61 7.71 -15.42
N VAL H 181 -54.43 7.89 -16.01
CA VAL H 181 -53.64 6.73 -16.43
C VAL H 181 -53.07 5.97 -15.25
N ARG H 182 -53.30 6.44 -14.02
CA ARG H 182 -52.75 5.78 -12.85
C ARG H 182 -53.17 4.31 -12.76
N ASN H 183 -54.45 4.03 -13.01
CA ASN H 183 -54.98 2.68 -12.89
C ASN H 183 -54.85 1.87 -14.17
N ARG H 184 -53.94 2.26 -15.07
CA ARG H 184 -53.58 1.42 -16.20
C ARG H 184 -52.07 1.32 -16.39
N SER H 185 -51.29 2.16 -15.71
CA SER H 185 -49.83 2.16 -15.79
C SER H 185 -49.33 3.04 -14.67
N ALA H 186 -48.14 2.72 -14.16
CA ALA H 186 -47.62 3.37 -12.96
C ALA H 186 -46.60 4.44 -13.30
N VAL H 187 -45.52 4.04 -13.96
CA VAL H 187 -44.40 4.96 -14.19
C VAL H 187 -44.85 6.14 -15.04
N LEU H 188 -45.75 5.89 -16.00
CA LEU H 188 -46.31 7.00 -16.77
C LEU H 188 -47.11 7.93 -15.88
N ALA H 189 -47.86 7.37 -14.92
CA ALA H 189 -48.68 8.20 -14.04
C ALA H 189 -47.81 9.13 -13.22
N THR H 190 -46.80 8.59 -12.55
CA THR H 190 -45.93 9.43 -11.74
C THR H 190 -45.13 10.40 -12.59
N SER H 191 -44.70 9.98 -13.79
CA SER H 191 -43.91 10.85 -14.63
C SER H 191 -44.72 12.05 -15.11
N LEU H 192 -45.93 11.80 -15.62
CA LEU H 192 -46.79 12.90 -16.01
C LEU H 192 -47.20 13.75 -14.81
N ALA H 193 -47.40 13.12 -13.66
CA ALA H 193 -47.74 13.90 -12.47
C ALA H 193 -46.60 14.83 -12.08
N VAL H 194 -45.36 14.36 -12.17
CA VAL H 194 -44.21 15.21 -11.88
C VAL H 194 -44.13 16.36 -12.86
N THR H 195 -44.16 16.06 -14.15
CA THR H 195 -44.03 17.16 -15.13
C THR H 195 -45.21 18.11 -15.05
N ALA H 196 -46.34 17.66 -14.49
CA ALA H 196 -47.48 18.55 -14.31
C ALA H 196 -47.19 19.68 -13.34
N LEU H 197 -46.10 19.60 -12.57
CA LEU H 197 -45.78 20.68 -11.63
C LEU H 197 -45.52 21.98 -12.36
N VAL H 198 -44.96 21.92 -13.57
CA VAL H 198 -44.57 23.13 -14.26
C VAL H 198 -45.81 23.83 -14.82
N PRO H 199 -46.72 23.15 -15.53
CA PRO H 199 -47.95 23.85 -15.95
C PRO H 199 -48.81 24.30 -14.80
N VAL H 200 -48.92 23.53 -13.71
CA VAL H 200 -49.78 23.98 -12.62
C VAL H 200 -49.18 25.20 -11.92
N ALA H 201 -47.86 25.23 -11.76
CA ALA H 201 -47.22 26.40 -11.18
C ALA H 201 -47.36 27.61 -12.09
N ALA H 202 -47.04 27.45 -13.37
CA ALA H 202 -47.16 28.56 -14.28
C ALA H 202 -48.60 29.00 -14.45
N ALA H 203 -49.55 28.11 -14.16
CA ALA H 203 -50.96 28.46 -14.27
C ALA H 203 -51.40 29.29 -13.09
N PHE H 204 -51.13 28.81 -11.87
CA PHE H 204 -51.53 29.59 -10.70
C PHE H 204 -50.77 30.90 -10.62
N ALA H 205 -49.47 30.90 -10.88
CA ALA H 205 -48.70 32.12 -10.76
C ALA H 205 -49.12 33.15 -11.79
N LEU H 206 -49.77 32.72 -12.87
CA LEU H 206 -50.26 33.61 -13.93
C LEU H 206 -51.76 33.35 -14.13
N GLY H 207 -52.49 33.35 -13.02
CA GLY H 207 -53.92 33.28 -13.05
C GLY H 207 -54.48 34.28 -12.06
N VAL H 208 -53.66 35.25 -11.70
CA VAL H 208 -54.01 36.31 -10.75
C VAL H 208 -53.99 37.63 -11.50
N PRO H 209 -55.10 38.35 -11.55
CA PRO H 209 -55.09 39.69 -12.15
C PRO H 209 -54.12 40.60 -11.42
N GLY H 210 -53.65 41.63 -12.11
CA GLY H 210 -52.73 42.58 -11.52
C GLY H 210 -51.28 42.23 -11.80
N ASP H 211 -50.42 43.18 -11.47
CA ASP H 211 -49.00 43.03 -11.75
C ASP H 211 -48.37 42.02 -10.80
N PHE H 212 -47.29 41.39 -11.27
CA PHE H 212 -46.68 40.30 -10.53
C PHE H 212 -46.12 40.78 -9.20
N GLY H 213 -46.35 40.01 -8.15
CA GLY H 213 -45.96 40.41 -6.81
C GLY H 213 -45.92 39.25 -5.85
N ALA H 214 -46.40 39.46 -4.63
CA ALA H 214 -46.41 38.38 -3.66
C ALA H 214 -47.56 37.39 -3.86
N PRO H 215 -48.81 37.84 -4.01
CA PRO H 215 -49.90 36.84 -4.11
C PRO H 215 -49.74 35.91 -5.29
N ASN H 216 -49.08 36.34 -6.36
CA ASN H 216 -48.81 35.45 -7.49
C ASN H 216 -48.05 34.22 -7.01
N VAL H 217 -46.88 34.42 -6.43
CA VAL H 217 -46.09 33.28 -5.98
C VAL H 217 -46.80 32.56 -4.85
N LEU H 218 -47.64 33.26 -4.07
CA LEU H 218 -48.41 32.55 -3.06
C LEU H 218 -49.30 31.51 -3.69
N LEU H 219 -50.03 31.90 -4.74
CA LEU H 219 -50.87 30.94 -5.45
C LEU H 219 -50.04 29.85 -6.09
N ALA H 220 -48.87 30.19 -6.62
CA ALA H 220 -48.03 29.18 -7.26
C ALA H 220 -47.59 28.13 -6.25
N ALA H 221 -47.16 28.59 -5.07
CA ALA H 221 -46.78 27.67 -4.01
C ALA H 221 -47.95 26.81 -3.59
N ALA H 222 -49.12 27.42 -3.40
CA ALA H 222 -50.31 26.65 -3.06
C ALA H 222 -50.55 25.57 -4.09
N GLY H 223 -50.39 25.93 -5.36
CA GLY H 223 -50.66 24.97 -6.41
C GLY H 223 -49.71 23.78 -6.38
N VAL H 224 -48.41 24.06 -6.35
CA VAL H 224 -47.46 22.95 -6.42
C VAL H 224 -47.56 22.11 -5.16
N ALA H 225 -47.76 22.73 -3.99
CA ALA H 225 -47.87 21.97 -2.75
C ALA H 225 -49.11 21.09 -2.78
N ALA H 226 -50.27 21.66 -3.12
CA ALA H 226 -51.49 20.89 -3.15
C ALA H 226 -51.40 19.75 -4.14
N TRP H 227 -50.89 20.03 -5.35
CA TRP H 227 -50.82 18.98 -6.36
C TRP H 227 -49.83 17.90 -5.97
N SER H 228 -48.69 18.28 -5.38
CA SER H 228 -47.74 17.27 -4.93
C SER H 228 -48.36 16.40 -3.86
N LEU H 229 -49.02 17.01 -2.88
CA LEU H 229 -49.63 16.23 -1.80
C LEU H 229 -50.73 15.33 -2.34
N ILE H 230 -51.40 15.76 -3.42
CA ILE H 230 -52.40 14.91 -4.05
C ILE H 230 -51.73 13.70 -4.69
N SER H 231 -50.82 13.95 -5.63
CA SER H 231 -50.27 12.86 -6.42
C SER H 231 -49.31 12.00 -5.63
N MET H 232 -48.90 12.42 -4.44
CA MET H 232 -48.01 11.61 -3.63
C MET H 232 -48.77 10.47 -2.96
N ALA H 233 -49.80 10.80 -2.21
CA ALA H 233 -50.64 9.79 -1.59
C ALA H 233 -51.44 9.07 -2.66
N GLY H 234 -51.39 7.75 -2.64
CA GLY H 234 -52.05 6.95 -3.63
C GLY H 234 -51.14 6.28 -4.63
N SER H 235 -49.89 6.02 -4.25
CA SER H 235 -48.97 5.26 -5.08
C SER H 235 -47.92 4.62 -4.18
N PRO H 236 -47.44 3.43 -4.53
CA PRO H 236 -46.27 2.86 -3.84
C PRO H 236 -45.04 3.72 -4.08
N ASP H 237 -43.97 3.41 -3.36
CA ASP H 237 -42.74 4.17 -3.53
C ASP H 237 -42.08 3.84 -4.86
N ASP H 238 -41.75 4.90 -5.60
CA ASP H 238 -41.07 4.70 -6.88
C ASP H 238 -40.04 5.78 -7.15
N ARG H 239 -39.50 6.43 -6.12
CA ARG H 239 -38.68 7.63 -6.11
C ARG H 239 -39.53 8.81 -6.55
N GLY H 240 -40.80 8.57 -6.89
CA GLY H 240 -41.73 9.68 -7.05
C GLY H 240 -42.13 10.27 -5.73
N ILE H 241 -42.20 9.44 -4.68
CA ILE H 241 -42.39 9.98 -3.34
C ILE H 241 -41.30 10.98 -3.01
N ALA H 242 -40.06 10.69 -3.41
CA ALA H 242 -38.94 11.58 -3.13
C ALA H 242 -39.17 12.96 -3.74
N VAL H 243 -39.29 13.01 -5.06
CA VAL H 243 -39.43 14.30 -5.75
C VAL H 243 -40.70 15.01 -5.31
N PHE H 244 -41.77 14.25 -5.09
CA PHE H 244 -43.03 14.87 -4.73
C PHE H 244 -42.96 15.47 -3.32
N THR H 245 -42.29 14.79 -2.40
CA THR H 245 -42.13 15.35 -1.06
C THR H 245 -41.20 16.55 -1.09
N ALA H 246 -40.16 16.49 -1.91
CA ALA H 246 -39.26 17.65 -2.04
C ALA H 246 -40.02 18.86 -2.53
N THR H 247 -40.81 18.70 -3.59
CA THR H 247 -41.61 19.81 -4.08
C THR H 247 -42.66 20.22 -3.06
N ALA H 248 -43.21 19.27 -2.32
CA ALA H 248 -44.23 19.61 -1.32
C ALA H 248 -43.66 20.50 -0.24
N VAL H 249 -42.50 20.13 0.30
CA VAL H 249 -41.91 20.93 1.36
C VAL H 249 -41.41 22.26 0.84
N THR H 250 -40.81 22.28 -0.36
CA THR H 250 -40.40 23.55 -0.94
C THR H 250 -41.62 24.45 -1.16
N GLY H 251 -42.73 23.85 -1.58
CA GLY H 251 -43.94 24.61 -1.75
C GLY H 251 -44.45 25.18 -0.43
N VAL H 252 -44.43 24.36 0.62
CA VAL H 252 -44.89 24.85 1.92
C VAL H 252 -44.01 25.99 2.41
N GLY H 253 -42.71 25.86 2.21
CA GLY H 253 -41.79 26.91 2.61
C GLY H 253 -42.05 28.20 1.88
N VAL H 254 -41.99 28.16 0.54
CA VAL H 254 -42.23 29.36 -0.24
C VAL H 254 -43.66 29.85 -0.03
N LEU H 255 -44.56 28.97 0.42
CA LEU H 255 -45.93 29.40 0.71
C LEU H 255 -45.98 30.26 1.95
N LEU H 256 -45.38 29.78 3.04
CA LEU H 256 -45.30 30.60 4.25
C LEU H 256 -44.59 31.92 3.94
N VAL H 257 -43.53 31.88 3.15
CA VAL H 257 -42.77 33.10 2.89
C VAL H 257 -43.58 34.07 2.04
N ALA H 258 -44.17 33.58 0.95
CA ALA H 258 -45.00 34.45 0.13
C ALA H 258 -46.18 34.99 0.89
N GLY H 259 -46.70 34.21 1.85
CA GLY H 259 -47.78 34.70 2.68
C GLY H 259 -47.35 35.84 3.58
N ALA H 260 -46.27 35.63 4.32
CA ALA H 260 -45.71 36.71 5.14
C ALA H 260 -45.47 37.95 4.28
N ALA H 261 -44.96 37.76 3.07
CA ALA H 261 -44.65 38.91 2.22
C ALA H 261 -45.92 39.60 1.74
N SER H 262 -46.93 38.84 1.39
CA SER H 262 -48.14 39.44 0.83
C SER H 262 -48.91 40.18 1.88
N LEU H 263 -49.06 39.59 3.08
CA LEU H 263 -49.90 40.21 4.09
C LEU H 263 -49.39 41.58 4.49
N TRP H 264 -48.12 41.67 4.88
CA TRP H 264 -47.55 42.97 5.18
C TRP H 264 -46.12 43.02 4.66
N VAL H 265 -45.72 44.20 4.18
CA VAL H 265 -44.49 44.34 3.41
C VAL H 265 -43.29 43.95 4.25
N ILE H 266 -42.29 43.35 3.59
CA ILE H 266 -41.06 42.92 4.23
C ILE H 266 -39.91 43.11 3.25
N SER H 267 -38.79 43.62 3.76
CA SER H 267 -37.63 43.82 2.91
C SER H 267 -37.09 42.49 2.39
N SER H 268 -36.11 42.57 1.50
CA SER H 268 -35.55 41.36 0.92
C SER H 268 -34.81 40.53 1.94
N ASP H 269 -34.11 41.19 2.87
CA ASP H 269 -33.30 40.47 3.83
C ASP H 269 -34.17 39.56 4.70
N VAL H 270 -35.37 40.03 5.04
CA VAL H 270 -36.30 39.20 5.81
C VAL H 270 -36.67 37.95 5.04
N ILE H 271 -36.86 38.09 3.73
CA ILE H 271 -37.25 36.95 2.91
C ILE H 271 -36.12 35.94 2.84
N GLY H 272 -34.91 36.42 2.58
CA GLY H 272 -33.77 35.52 2.55
C GLY H 272 -33.59 34.80 3.87
N CYS H 273 -33.71 35.53 4.98
CA CYS H 273 -33.51 34.93 6.28
C CYS H 273 -34.61 33.90 6.58
N ALA H 274 -35.85 34.23 6.26
CA ALA H 274 -36.93 33.29 6.49
C ALA H 274 -36.75 32.02 5.68
N LEU H 275 -36.34 32.16 4.42
CA LEU H 275 -36.18 30.97 3.59
C LEU H 275 -35.03 30.11 4.07
N VAL H 276 -33.89 30.72 4.40
CA VAL H 276 -32.77 29.91 4.86
C VAL H 276 -33.09 29.28 6.20
N LEU H 277 -33.86 29.96 7.04
CA LEU H 277 -34.22 29.40 8.33
C LEU H 277 -35.17 28.23 8.16
N LEU H 278 -36.11 28.34 7.23
CA LEU H 278 -36.97 27.20 6.93
C LEU H 278 -36.13 26.03 6.44
N GLY H 279 -35.17 26.29 5.56
CA GLY H 279 -34.29 25.23 5.13
C GLY H 279 -33.59 24.56 6.29
N LEU H 280 -33.09 25.37 7.22
CA LEU H 280 -32.40 24.83 8.40
C LEU H 280 -33.33 23.95 9.23
N ILE H 281 -34.48 24.48 9.63
CA ILE H 281 -35.31 23.76 10.58
C ILE H 281 -35.97 22.56 9.94
N VAL H 282 -36.10 22.56 8.61
CA VAL H 282 -36.69 21.38 8.00
C VAL H 282 -35.62 20.34 7.70
N THR H 283 -34.37 20.76 7.53
CA THR H 283 -33.31 19.78 7.34
C THR H 283 -32.94 19.11 8.65
N VAL H 284 -32.77 19.90 9.73
CA VAL H 284 -32.23 19.34 10.96
C VAL H 284 -33.22 18.37 11.59
N GLN H 285 -34.52 18.61 11.43
CA GLN H 285 -35.54 17.69 11.92
C GLN H 285 -36.21 16.93 10.79
N ALA H 286 -35.46 16.64 9.73
CA ALA H 286 -36.02 15.88 8.61
C ALA H 286 -36.35 14.46 9.02
N ALA H 287 -35.58 13.90 9.96
CA ALA H 287 -35.82 12.52 10.36
C ALA H 287 -37.20 12.37 10.98
N GLN H 288 -37.51 13.20 11.97
CA GLN H 288 -38.82 13.11 12.63
C GLN H 288 -39.94 13.39 11.64
N LEU H 289 -39.71 14.27 10.66
CA LEU H 289 -40.73 14.51 9.64
C LEU H 289 -40.97 13.27 8.80
N SER H 290 -39.91 12.62 8.33
CA SER H 290 -40.12 11.43 7.51
C SER H 290 -40.70 10.30 8.33
N ALA H 291 -40.42 10.28 9.62
CA ALA H 291 -41.01 9.26 10.46
C ALA H 291 -42.51 9.48 10.58
N MET H 292 -42.91 10.63 11.11
CA MET H 292 -44.32 10.87 11.34
C MET H 292 -45.10 11.14 10.05
N TRP H 293 -44.42 11.24 8.92
CA TRP H 293 -45.03 11.51 7.64
C TRP H 293 -45.24 10.25 6.81
N ALA H 294 -44.64 9.14 7.21
CA ALA H 294 -44.83 7.86 6.54
C ALA H 294 -45.77 6.93 7.29
N ARG H 295 -46.45 7.43 8.33
CA ARG H 295 -47.33 6.63 9.19
C ARG H 295 -46.56 5.46 9.81
N PHE H 296 -45.48 5.80 10.51
CA PHE H 296 -44.84 4.85 11.39
C PHE H 296 -45.71 4.58 12.61
N PRO H 297 -45.79 3.32 13.04
CA PRO H 297 -46.59 2.99 14.21
C PRO H 297 -46.09 3.75 15.42
N LEU H 298 -46.98 4.40 16.09
CA LEU H 298 -46.54 5.32 17.12
C LEU H 298 -46.17 4.54 18.38
N PRO H 299 -45.13 4.97 19.08
CA PRO H 299 -44.68 4.21 20.26
C PRO H 299 -45.57 4.42 21.48
N VAL H 300 -46.21 3.35 21.92
CA VAL H 300 -46.96 3.37 23.17
C VAL H 300 -46.00 3.21 24.33
N ILE H 301 -46.22 4.00 25.37
CA ILE H 301 -45.44 3.94 26.61
C ILE H 301 -46.41 3.59 27.73
N PRO H 302 -46.32 2.42 28.33
CA PRO H 302 -47.22 2.08 29.44
C PRO H 302 -46.87 2.85 30.69
N ALA H 303 -47.89 3.14 31.50
CA ALA H 303 -47.67 3.87 32.73
C ALA H 303 -47.10 2.95 33.80
N PRO H 304 -46.38 3.50 34.78
CA PRO H 304 -45.89 2.67 35.88
C PRO H 304 -47.04 2.26 36.77
N GLY H 305 -47.44 1.01 36.65
CA GLY H 305 -48.68 0.54 37.20
C GLY H 305 -49.79 0.38 36.18
N ASP H 306 -49.45 0.07 34.93
CA ASP H 306 -50.41 0.03 33.85
C ASP H 306 -50.16 -1.25 33.07
N PRO H 307 -51.20 -1.99 32.74
CA PRO H 307 -51.05 -3.15 31.85
C PRO H 307 -50.25 -2.84 30.61
N THR H 308 -49.17 -3.56 30.37
CA THR H 308 -48.38 -3.34 29.17
C THR H 308 -49.19 -3.72 27.94
N PRO H 309 -49.04 -2.99 26.84
CA PRO H 309 -49.84 -3.26 25.65
C PRO H 309 -49.25 -4.36 24.78
N ALA H 310 -50.13 -5.01 24.03
CA ALA H 310 -49.72 -6.04 23.10
C ALA H 310 -49.00 -5.44 21.91
N ALA H 311 -48.07 -6.20 21.35
CA ALA H 311 -47.33 -5.73 20.19
C ALA H 311 -48.29 -5.54 19.02
N ARG H 312 -47.99 -4.53 18.19
CA ARG H 312 -48.78 -4.17 17.02
C ARG H 312 -49.17 -5.39 16.19
N PRO H 313 -50.40 -5.45 15.72
CA PRO H 313 -50.86 -6.62 14.95
C PRO H 313 -49.96 -6.93 13.77
N LEU H 314 -50.00 -8.18 13.30
CA LEU H 314 -49.10 -8.60 12.23
C LEU H 314 -49.29 -7.76 10.96
N SER H 315 -50.47 -7.18 10.77
CA SER H 315 -50.68 -6.30 9.63
C SER H 315 -49.63 -5.20 9.60
N VAL H 316 -49.47 -4.49 10.72
CA VAL H 316 -48.53 -3.38 10.76
C VAL H 316 -47.11 -3.86 10.47
N LEU H 317 -46.68 -4.93 11.13
CA LEU H 317 -45.30 -5.35 10.99
C LEU H 317 -45.00 -5.88 9.59
N ALA H 318 -45.98 -6.53 8.97
CA ALA H 318 -45.76 -7.03 7.62
C ALA H 318 -45.75 -5.88 6.63
N ASP H 319 -46.55 -4.84 6.87
CA ASP H 319 -46.52 -3.68 5.99
C ASP H 319 -45.32 -2.79 6.24
N LEU H 320 -44.66 -2.96 7.37
CA LEU H 320 -43.61 -2.02 7.78
C LEU H 320 -42.51 -1.81 6.75
N PRO H 321 -42.03 -2.81 6.01
CA PRO H 321 -40.99 -2.51 5.01
C PRO H 321 -41.44 -1.50 3.98
N ARG H 322 -42.71 -1.54 3.57
CA ARG H 322 -43.22 -0.50 2.69
C ARG H 322 -43.07 0.86 3.35
N ARG H 323 -43.46 0.96 4.62
CA ARG H 323 -43.38 2.23 5.33
C ARG H 323 -41.94 2.68 5.49
N VAL H 324 -40.99 1.75 5.55
CA VAL H 324 -39.60 2.14 5.71
C VAL H 324 -39.03 2.67 4.40
N ARG H 325 -39.36 1.99 3.29
CA ARG H 325 -38.94 2.51 1.98
C ARG H 325 -39.56 3.87 1.72
N VAL H 326 -40.83 4.03 2.05
CA VAL H 326 -41.49 5.32 1.88
C VAL H 326 -40.87 6.36 2.82
N SER H 327 -40.47 5.94 4.02
CA SER H 327 -39.84 6.89 4.93
C SER H 327 -38.52 7.38 4.37
N GLN H 328 -37.71 6.48 3.82
CA GLN H 328 -36.46 6.91 3.19
C GLN H 328 -36.72 7.82 2.00
N ALA H 329 -37.78 7.53 1.24
CA ALA H 329 -38.11 8.41 0.13
C ALA H 329 -38.45 9.80 0.62
N HIS H 330 -39.34 9.89 1.61
CA HIS H 330 -39.66 11.16 2.23
C HIS H 330 -38.40 11.85 2.75
N GLN H 331 -37.45 11.05 3.22
CA GLN H 331 -36.22 11.61 3.76
C GLN H 331 -35.43 12.33 2.68
N THR H 332 -35.11 11.62 1.59
CA THR H 332 -34.39 12.28 0.51
C THR H 332 -35.15 13.49 0.01
N GLY H 333 -36.48 13.39 -0.04
CA GLY H 333 -37.26 14.52 -0.51
C GLY H 333 -37.12 15.74 0.37
N VAL H 334 -37.30 15.56 1.68
CA VAL H 334 -37.28 16.70 2.57
C VAL H 334 -35.89 17.29 2.67
N ILE H 335 -34.86 16.44 2.54
CA ILE H 335 -33.49 16.96 2.56
C ILE H 335 -33.24 17.82 1.33
N ALA H 336 -33.63 17.33 0.15
CA ALA H 336 -33.51 18.14 -1.05
C ALA H 336 -34.30 19.43 -0.92
N ALA H 337 -35.45 19.38 -0.25
CA ALA H 337 -36.24 20.59 -0.09
C ALA H 337 -35.53 21.58 0.81
N GLY H 338 -34.91 21.10 1.88
CA GLY H 338 -34.13 21.98 2.72
C GLY H 338 -32.99 22.62 1.96
N VAL H 339 -32.34 21.86 1.09
CA VAL H 339 -31.27 22.41 0.27
C VAL H 339 -31.79 23.51 -0.64
N LEU H 340 -32.88 23.22 -1.35
CA LEU H 340 -33.45 24.20 -2.27
C LEU H 340 -33.85 25.47 -1.54
N LEU H 341 -34.45 25.33 -0.36
CA LEU H 341 -34.88 26.50 0.38
C LEU H 341 -33.68 27.31 0.86
N GLY H 342 -32.66 26.63 1.37
CA GLY H 342 -31.46 27.33 1.77
C GLY H 342 -30.85 28.11 0.63
N VAL H 343 -30.79 27.49 -0.56
CA VAL H 343 -30.19 28.16 -1.70
C VAL H 343 -31.02 29.34 -2.14
N ALA H 344 -32.35 29.22 -2.10
CA ALA H 344 -33.20 30.34 -2.48
C ALA H 344 -33.04 31.51 -1.52
N GLY H 345 -33.00 31.22 -0.23
CA GLY H 345 -32.75 32.28 0.73
C GLY H 345 -31.40 32.93 0.53
N SER H 346 -30.37 32.12 0.26
CA SER H 346 -29.05 32.68 0.04
C SER H 346 -29.02 33.60 -1.17
N VAL H 347 -29.60 33.15 -2.28
CA VAL H 347 -29.63 34.01 -3.47
C VAL H 347 -30.41 35.28 -3.19
N ALA H 348 -31.47 35.20 -2.39
CA ALA H 348 -32.22 36.42 -2.12
C ALA H 348 -31.48 37.34 -1.18
N LEU H 349 -30.56 36.81 -0.36
CA LEU H 349 -29.80 37.62 0.58
C LEU H 349 -28.64 38.32 -0.09
N VAL H 350 -27.86 37.60 -0.88
CA VAL H 350 -26.62 38.19 -1.38
C VAL H 350 -26.55 38.32 -2.90
N SER H 351 -27.71 38.37 -3.57
CA SER H 351 -27.64 38.74 -4.97
C SER H 351 -27.41 40.23 -5.15
N SER H 352 -27.52 41.01 -4.09
CA SER H 352 -27.41 42.45 -4.16
C SER H 352 -25.95 42.88 -4.08
N ALA H 353 -25.69 44.13 -4.44
CA ALA H 353 -24.35 44.71 -4.31
C ALA H 353 -24.23 45.56 -3.07
N ASN H 354 -25.07 45.32 -2.08
CA ASN H 354 -24.97 46.05 -0.82
C ASN H 354 -25.25 45.12 0.35
N ALA H 355 -25.32 43.82 0.07
CA ALA H 355 -25.60 42.83 1.11
C ALA H 355 -24.55 42.91 2.20
N SER H 356 -24.96 43.30 3.40
CA SER H 356 -24.09 43.51 4.55
C SER H 356 -23.27 42.26 4.83
N PRO H 357 -22.15 42.38 5.53
CA PRO H 357 -21.33 41.18 5.80
C PRO H 357 -22.08 40.09 6.53
N TRP H 358 -23.06 40.44 7.38
CA TRP H 358 -23.81 39.41 8.08
C TRP H 358 -24.57 38.52 7.11
N ALA H 359 -25.06 39.11 6.02
CA ALA H 359 -25.74 38.30 5.02
C ALA H 359 -24.80 37.26 4.43
N TRP H 360 -23.59 37.69 4.07
CA TRP H 360 -22.60 36.76 3.56
C TRP H 360 -22.28 35.68 4.58
N TYR H 361 -22.21 36.06 5.86
CA TYR H 361 -21.93 35.06 6.88
C TYR H 361 -23.06 34.05 6.97
N ILE H 362 -24.31 34.51 6.90
CA ILE H 362 -25.43 33.59 6.96
C ILE H 362 -25.38 32.63 5.79
N VAL H 363 -25.09 33.14 4.59
CA VAL H 363 -25.01 32.28 3.41
C VAL H 363 -23.93 31.22 3.61
N VAL H 364 -22.72 31.65 3.97
CA VAL H 364 -21.62 30.71 4.06
C VAL H 364 -21.80 29.77 5.25
N ALA H 365 -22.43 30.24 6.32
CA ALA H 365 -22.68 29.38 7.46
C ALA H 365 -23.73 28.33 7.12
N ALA H 366 -24.75 28.71 6.35
CA ALA H 366 -25.71 27.72 5.91
C ALA H 366 -25.04 26.69 5.00
N ALA H 367 -24.20 27.15 4.08
CA ALA H 367 -23.52 26.23 3.18
C ALA H 367 -22.62 25.27 3.94
N ALA H 368 -21.90 25.78 4.93
CA ALA H 368 -21.01 24.92 5.70
C ALA H 368 -21.80 24.00 6.62
N GLY H 369 -22.94 24.46 7.12
CA GLY H 369 -23.81 23.58 7.85
C GLY H 369 -24.31 22.44 6.99
N ALA H 370 -24.66 22.74 5.75
CA ALA H 370 -25.08 21.68 4.84
C ALA H 370 -23.93 20.73 4.56
N ALA H 371 -22.77 21.27 4.19
CA ALA H 371 -21.65 20.41 3.88
C ALA H 371 -21.20 19.60 5.09
N LEU H 372 -21.49 20.07 6.30
CA LEU H 372 -21.08 19.38 7.51
C LEU H 372 -22.19 18.56 8.14
N ARG H 373 -23.42 18.69 7.64
CA ARG H 373 -24.46 17.77 8.06
C ARG H 373 -24.57 16.57 7.14
N ALA H 374 -23.65 16.43 6.18
CA ALA H 374 -23.66 15.23 5.36
C ALA H 374 -23.09 14.04 6.12
N ARG H 375 -22.19 14.30 7.07
CA ARG H 375 -21.62 13.22 7.86
C ARG H 375 -22.68 12.57 8.74
N VAL H 376 -23.68 13.34 9.17
CA VAL H 376 -24.71 12.78 10.03
C VAL H 376 -25.58 11.80 9.25
N TRP H 377 -26.16 12.25 8.14
CA TRP H 377 -27.07 11.39 7.40
C TRP H 377 -26.27 10.28 6.73
N ASP H 378 -26.24 9.11 7.37
CA ASP H 378 -25.47 7.98 6.86
C ASP H 378 -26.17 7.32 5.70
N SER H 379 -27.16 7.98 5.11
CA SER H 379 -27.85 7.47 3.95
C SER H 379 -26.99 7.65 2.72
N ALA H 380 -27.58 7.44 1.55
CA ALA H 380 -26.84 7.48 0.29
C ALA H 380 -27.02 8.79 -0.47
N ALA H 381 -28.27 9.15 -0.78
CA ALA H 381 -28.50 10.34 -1.58
C ALA H 381 -28.65 11.59 -0.71
N CYS H 382 -29.07 11.43 0.54
CA CYS H 382 -29.12 12.58 1.44
C CYS H 382 -27.75 13.22 1.56
N LYS H 383 -26.71 12.41 1.62
CA LYS H 383 -25.35 12.94 1.61
C LYS H 383 -25.09 13.77 0.37
N ALA H 384 -25.50 13.28 -0.80
CA ALA H 384 -25.24 14.02 -2.03
C ALA H 384 -25.96 15.36 -2.01
N TRP H 385 -27.19 15.39 -1.51
CA TRP H 385 -27.91 16.66 -1.45
C TRP H 385 -27.22 17.62 -0.50
N LEU H 386 -26.90 17.17 0.71
CA LEU H 386 -26.31 18.09 1.69
C LEU H 386 -24.93 18.56 1.25
N LEU H 387 -24.20 17.75 0.50
CA LEU H 387 -22.90 18.19 0.00
C LEU H 387 -23.06 19.15 -1.18
N GLY H 388 -23.84 18.73 -2.19
CA GLY H 388 -24.07 19.56 -3.34
C GLY H 388 -24.81 20.84 -3.06
N HIS H 389 -25.30 21.03 -1.84
CA HIS H 389 -25.85 22.34 -1.49
C HIS H 389 -24.84 23.44 -1.75
N SER H 390 -23.59 23.25 -1.29
CA SER H 390 -22.60 24.30 -1.47
C SER H 390 -22.34 24.59 -2.95
N TYR H 391 -22.19 23.55 -3.75
CA TYR H 391 -21.95 23.68 -5.17
C TYR H 391 -23.10 24.39 -5.87
N LEU H 392 -24.32 23.93 -5.61
CA LEU H 392 -25.50 24.59 -6.16
C LEU H 392 -25.57 26.04 -5.71
N LEU H 393 -25.12 26.34 -4.49
CA LEU H 393 -25.16 27.72 -4.03
C LEU H 393 -24.20 28.56 -4.83
N ALA H 394 -23.01 28.03 -5.09
CA ALA H 394 -22.06 28.77 -5.91
C ALA H 394 -22.62 29.02 -7.31
N VAL H 395 -23.25 28.01 -7.90
CA VAL H 395 -23.79 28.18 -9.26
C VAL H 395 -24.91 29.21 -9.25
N ALA H 396 -25.83 29.10 -8.30
CA ALA H 396 -26.96 30.03 -8.25
C ALA H 396 -26.49 31.44 -7.97
N LEU H 397 -25.48 31.60 -7.12
CA LEU H 397 -24.94 32.94 -6.91
C LEU H 397 -24.30 33.47 -8.18
N LEU H 398 -23.59 32.61 -8.91
CA LEU H 398 -22.98 33.06 -10.16
C LEU H 398 -24.03 33.52 -11.14
N VAL H 399 -25.13 32.77 -11.26
CA VAL H 399 -26.16 33.16 -12.21
C VAL H 399 -26.86 34.44 -11.75
N ALA H 400 -27.10 34.58 -10.45
CA ALA H 400 -27.74 35.79 -9.97
C ALA H 400 -26.81 36.99 -10.12
N PHE H 401 -25.50 36.76 -10.19
CA PHE H 401 -24.57 37.87 -10.40
C PHE H 401 -24.50 38.24 -11.88
N VAL H 402 -24.48 37.26 -12.78
CA VAL H 402 -24.39 37.57 -14.20
C VAL H 402 -25.69 38.17 -14.71
N ILE H 403 -26.83 37.73 -14.14
CA ILE H 403 -28.10 38.37 -14.48
C ILE H 403 -28.07 39.84 -14.11
N GLY H 404 -27.67 40.14 -12.89
CA GLY H 404 -27.40 41.51 -12.52
C GLY H 404 -26.20 42.04 -13.29
N ASP H 405 -25.96 43.34 -13.12
CA ASP H 405 -24.84 43.98 -13.78
C ASP H 405 -23.57 43.90 -12.95
N ARG H 406 -23.25 42.69 -12.48
CA ARG H 406 -22.05 42.45 -11.68
C ARG H 406 -21.28 41.31 -12.34
N TYR H 407 -20.17 41.63 -12.99
CA TYR H 407 -19.39 40.61 -13.67
C TYR H 407 -18.11 40.23 -12.95
N GLN H 408 -17.49 41.16 -12.22
CA GLN H 408 -16.35 40.79 -11.40
C GLN H 408 -16.75 39.80 -10.32
N ALA H 409 -17.84 40.10 -9.62
CA ALA H 409 -18.35 39.15 -8.63
C ALA H 409 -18.75 37.84 -9.28
N ALA H 410 -19.19 37.87 -10.54
CA ALA H 410 -19.48 36.63 -11.23
C ALA H 410 -18.23 35.79 -11.39
N LEU H 411 -17.13 36.40 -11.82
CA LEU H 411 -15.89 35.64 -11.94
C LEU H 411 -15.44 35.12 -10.60
N TRP H 412 -15.58 35.91 -9.54
CA TRP H 412 -15.17 35.43 -8.23
C TRP H 412 -16.01 34.24 -7.80
N ALA H 413 -17.31 34.27 -8.10
CA ALA H 413 -18.15 33.12 -7.78
C ALA H 413 -17.75 31.90 -8.59
N LEU H 414 -17.35 32.11 -9.85
CA LEU H 414 -16.83 31.00 -10.63
C LEU H 414 -15.55 30.45 -10.00
N ALA H 415 -14.72 31.32 -9.45
CA ALA H 415 -13.51 30.85 -8.79
C ALA H 415 -13.84 30.05 -7.54
N ALA H 416 -14.82 30.51 -6.77
CA ALA H 416 -15.24 29.75 -5.59
C ALA H 416 -15.79 28.39 -6.01
N LEU H 417 -16.53 28.36 -7.11
CA LEU H 417 -16.98 27.09 -7.68
C LEU H 417 -15.80 26.20 -8.03
N ALA H 418 -14.74 26.80 -8.59
CA ALA H 418 -13.55 26.03 -8.91
C ALA H 418 -12.94 25.44 -7.66
N VAL H 419 -12.91 26.20 -6.58
CA VAL H 419 -12.34 25.70 -5.33
C VAL H 419 -13.18 24.54 -4.79
N LEU H 420 -14.50 24.66 -4.87
CA LEU H 420 -15.35 23.56 -4.42
C LEU H 420 -15.11 22.31 -5.25
N VAL H 421 -15.04 22.46 -6.57
CA VAL H 421 -14.80 21.31 -7.42
C VAL H 421 -13.41 20.75 -7.18
N LEU H 422 -12.46 21.59 -6.78
CA LEU H 422 -11.12 21.10 -6.47
C LEU H 422 -11.16 20.27 -5.20
N VAL H 423 -11.90 20.71 -4.19
CA VAL H 423 -12.08 19.91 -2.98
C VAL H 423 -12.70 18.56 -3.32
N TRP H 424 -13.73 18.58 -4.18
CA TRP H 424 -14.37 17.34 -4.61
C TRP H 424 -13.36 16.39 -5.27
N ILE H 425 -12.59 16.90 -6.22
CA ILE H 425 -11.70 16.05 -6.99
C ILE H 425 -10.55 15.56 -6.12
N VAL H 426 -10.11 16.37 -5.16
CA VAL H 426 -9.08 15.91 -4.22
C VAL H 426 -9.62 14.76 -3.38
N ALA H 427 -10.84 14.91 -2.86
CA ALA H 427 -11.40 13.87 -2.01
C ALA H 427 -11.65 12.59 -2.80
N ALA H 428 -12.02 12.71 -4.07
CA ALA H 428 -12.28 11.52 -4.86
C ALA H 428 -11.01 10.84 -5.31
N LEU H 429 -9.93 11.58 -5.52
CA LEU H 429 -8.68 10.96 -5.94
C LEU H 429 -8.05 10.14 -4.83
N ASN H 430 -8.06 10.67 -3.60
CA ASN H 430 -7.42 10.00 -2.46
C ASN H 430 -8.48 9.50 -1.51
N PRO H 431 -8.83 8.23 -1.52
CA PRO H 431 -9.89 7.76 -0.62
C PRO H 431 -9.40 7.55 0.80
N LYS H 432 -8.22 8.08 1.13
CA LYS H 432 -7.70 8.00 2.48
C LYS H 432 -7.99 9.24 3.31
N ILE H 433 -8.40 10.33 2.67
CA ILE H 433 -8.86 11.52 3.37
C ILE H 433 -10.33 11.77 3.11
N ALA H 434 -10.99 10.87 2.38
CA ALA H 434 -12.39 11.00 2.05
C ALA H 434 -13.29 10.22 2.99
N SER H 435 -12.73 9.63 4.05
CA SER H 435 -13.53 8.91 4.99
C SER H 435 -13.01 9.24 6.38
N PRO H 436 -13.78 9.99 7.18
CA PRO H 436 -13.31 10.35 8.52
C PRO H 436 -13.08 9.17 9.45
N ASP H 437 -13.18 7.94 8.95
CA ASP H 437 -12.61 6.81 9.69
C ASP H 437 -11.10 6.86 9.75
N THR H 438 -10.47 7.74 8.97
CA THR H 438 -9.03 7.94 8.97
C THR H 438 -8.63 9.31 9.50
N TYR H 439 -9.45 9.91 10.36
CA TYR H 439 -9.11 11.12 11.08
C TYR H 439 -8.99 10.80 12.56
N SER H 440 -8.18 11.58 13.27
CA SER H 440 -8.02 11.33 14.69
C SER H 440 -9.26 11.78 15.44
N LEU H 441 -9.56 11.05 16.52
CA LEU H 441 -10.82 11.29 17.25
C LEU H 441 -11.01 12.74 17.68
N PRO H 442 -10.00 13.43 18.23
CA PRO H 442 -10.20 14.86 18.49
C PRO H 442 -10.47 15.67 17.24
N MET H 443 -9.94 15.28 16.09
CA MET H 443 -10.30 15.98 14.86
C MET H 443 -11.78 15.82 14.58
N ARG H 444 -12.30 14.60 14.72
CA ARG H 444 -13.72 14.37 14.48
C ARG H 444 -14.58 15.14 15.48
N ARG H 445 -14.13 15.21 16.73
CA ARG H 445 -14.86 15.99 17.73
C ARG H 445 -14.81 17.48 17.40
N MET H 446 -13.69 17.95 16.85
CA MET H 446 -13.61 19.35 16.47
C MET H 446 -14.53 19.66 15.31
N VAL H 447 -14.61 18.75 14.33
CA VAL H 447 -15.58 18.91 13.25
C VAL H 447 -16.99 19.00 13.81
N GLY H 448 -17.31 18.10 14.74
CA GLY H 448 -18.62 18.15 15.36
C GLY H 448 -18.88 19.45 16.10
N PHE H 449 -17.89 19.91 16.87
CA PHE H 449 -18.04 21.17 17.58
C PHE H 449 -18.25 22.33 16.63
N LEU H 450 -17.50 22.35 15.53
CA LEU H 450 -17.67 23.43 14.56
C LEU H 450 -19.07 23.41 13.99
N ALA H 451 -19.56 22.25 13.56
CA ALA H 451 -20.90 22.16 13.00
C ALA H 451 -21.95 22.63 14.01
N THR H 452 -21.86 22.13 15.24
CA THR H 452 -22.85 22.48 16.25
C THR H 452 -22.83 23.96 16.55
N GLY H 453 -21.66 24.50 16.90
CA GLY H 453 -21.59 25.92 17.23
C GLY H 453 -21.96 26.80 16.05
N LEU H 454 -21.64 26.36 14.84
CA LEU H 454 -21.98 27.11 13.64
C LEU H 454 -23.48 27.22 13.48
N ASP H 455 -24.18 26.09 13.47
CA ASP H 455 -25.64 26.12 13.34
C ASP H 455 -26.29 26.79 14.54
N ALA H 456 -25.60 26.78 15.68
CA ALA H 456 -26.16 27.44 16.85
C ALA H 456 -26.13 28.95 16.71
N SER H 457 -24.96 29.52 16.41
CA SER H 457 -24.86 30.97 16.28
C SER H 457 -25.36 31.47 14.93
N LEU H 458 -25.81 30.58 14.05
CA LEU H 458 -26.44 31.01 12.81
C LEU H 458 -27.65 31.92 13.10
N ILE H 459 -28.64 31.40 13.82
CA ILE H 459 -29.91 32.14 13.97
C ILE H 459 -29.77 33.46 14.73
N PRO H 460 -28.88 33.62 15.72
CA PRO H 460 -28.68 34.97 16.25
C PRO H 460 -28.20 35.95 15.20
N VAL H 461 -27.25 35.54 14.35
CA VAL H 461 -26.81 36.41 13.26
C VAL H 461 -27.96 36.68 12.32
N MET H 462 -28.85 35.70 12.15
CA MET H 462 -30.07 35.92 11.38
C MET H 462 -30.84 37.10 11.94
N ALA H 463 -31.26 37.00 13.20
CA ALA H 463 -32.04 38.08 13.79
C ALA H 463 -31.25 39.37 13.92
N LEU H 464 -29.92 39.30 13.78
CA LEU H 464 -29.14 40.54 13.76
C LEU H 464 -29.23 41.21 12.40
N LEU H 465 -29.07 40.44 11.32
CA LEU H 465 -29.09 41.00 9.98
C LEU H 465 -30.40 41.72 9.71
N VAL H 466 -31.50 41.17 10.22
CA VAL H 466 -32.79 41.84 10.12
C VAL H 466 -32.94 42.69 11.37
N GLY H 467 -33.85 43.64 11.35
CA GLY H 467 -33.88 44.62 12.41
C GLY H 467 -34.64 44.23 13.67
N LEU H 468 -34.21 43.18 14.36
CA LEU H 468 -34.81 42.82 15.65
C LEU H 468 -34.12 43.46 16.84
N PHE H 469 -32.81 43.25 16.95
CA PHE H 469 -32.06 43.88 18.02
C PHE H 469 -32.26 45.39 17.99
N SER H 470 -32.15 45.99 16.81
CA SER H 470 -32.38 47.42 16.69
C SER H 470 -33.82 47.78 17.03
N LEU H 471 -34.77 46.94 16.62
CA LEU H 471 -36.17 47.18 16.93
C LEU H 471 -36.36 47.34 18.43
N VAL H 472 -36.03 46.30 19.21
CA VAL H 472 -36.23 46.40 20.65
C VAL H 472 -35.31 47.43 21.28
N LEU H 473 -34.19 47.76 20.64
CA LEU H 473 -33.35 48.83 21.14
C LEU H 473 -34.09 50.16 21.07
N ASP H 474 -34.89 50.35 20.03
CA ASP H 474 -35.63 51.60 19.91
C ASP H 474 -36.90 51.62 20.74
N ARG H 475 -37.72 50.57 20.62
CA ARG H 475 -38.96 50.50 21.38
C ARG H 475 -38.69 50.45 22.88
N VAL I 21 -49.69 11.23 33.29
CA VAL I 21 -48.42 10.75 32.77
C VAL I 21 -47.29 11.20 33.69
N THR I 22 -46.18 10.46 33.69
CA THR I 22 -45.06 10.71 34.59
C THR I 22 -43.92 11.32 33.80
N ARG I 23 -42.93 11.81 34.54
CA ARG I 23 -41.69 12.24 33.91
C ARG I 23 -41.07 11.08 33.15
N HIS I 24 -41.15 9.87 33.72
CA HIS I 24 -40.65 8.70 33.01
C HIS I 24 -41.44 8.42 31.76
N GLN I 25 -42.76 8.64 31.79
CA GLN I 25 -43.56 8.41 30.60
C GLN I 25 -43.08 9.27 29.44
N VAL I 26 -43.02 10.60 29.65
CA VAL I 26 -42.67 11.48 28.56
C VAL I 26 -41.21 11.31 28.19
N SER I 27 -40.34 10.99 29.16
CA SER I 27 -38.95 10.75 28.83
C SER I 27 -38.80 9.53 27.93
N GLY I 28 -39.48 8.44 28.29
CA GLY I 28 -39.44 7.25 27.46
C GLY I 28 -39.99 7.49 26.07
N TRP I 29 -41.09 8.23 25.96
CA TRP I 29 -41.67 8.43 24.64
C TRP I 29 -40.77 9.31 23.79
N ARG I 30 -40.27 10.41 24.35
CA ARG I 30 -39.38 11.25 23.58
C ARG I 30 -38.13 10.49 23.16
N PHE I 31 -37.63 9.62 24.04
CA PHE I 31 -36.44 8.85 23.67
C PHE I 31 -36.73 7.88 22.55
N VAL I 32 -37.86 7.18 22.61
CA VAL I 32 -38.09 6.21 21.55
C VAL I 32 -38.40 6.91 20.24
N MET I 33 -39.01 8.10 20.28
CA MET I 33 -39.14 8.88 19.07
C MET I 33 -37.76 9.26 18.52
N ARG I 34 -36.88 9.72 19.40
CA ARG I 34 -35.53 10.06 18.95
C ARG I 34 -34.80 8.84 18.40
N ARG I 35 -35.10 7.67 18.93
CA ARG I 35 -34.45 6.46 18.43
C ARG I 35 -34.98 6.07 17.07
N ILE I 36 -36.28 6.24 16.85
CA ILE I 36 -36.83 6.07 15.50
C ILE I 36 -36.17 7.05 14.54
N ALA I 37 -35.99 8.29 14.99
CA ALA I 37 -35.33 9.28 14.15
C ALA I 37 -33.91 8.84 13.80
N SER I 38 -33.17 8.35 14.78
CA SER I 38 -31.83 7.84 14.48
C SER I 38 -31.88 6.58 13.63
N GLY I 39 -33.05 5.98 13.51
CA GLY I 39 -33.16 4.78 12.71
C GLY I 39 -33.55 4.99 11.27
N VAL I 40 -33.74 6.23 10.82
CA VAL I 40 -34.14 6.46 9.42
C VAL I 40 -33.23 7.51 8.80
N ALA I 41 -32.58 8.33 9.62
CA ALA I 41 -31.66 9.35 9.13
C ALA I 41 -30.24 8.83 9.19
N LEU I 42 -29.74 8.53 10.38
CA LEU I 42 -28.60 7.65 10.49
C LEU I 42 -29.06 6.24 10.19
N HIS I 43 -28.16 5.28 10.25
CA HIS I 43 -28.54 3.90 10.13
C HIS I 43 -27.85 3.10 11.22
N ASP I 44 -27.96 3.61 12.44
CA ASP I 44 -27.63 2.85 13.62
C ASP I 44 -28.74 3.08 14.63
N THR I 45 -28.86 2.17 15.57
CA THR I 45 -29.84 2.34 16.63
C THR I 45 -29.20 2.29 18.01
N ARG I 46 -27.92 1.97 18.09
CA ARG I 46 -27.26 1.84 19.39
C ARG I 46 -27.48 3.08 20.23
N MET I 47 -27.55 4.24 19.59
CA MET I 47 -27.79 5.49 20.30
C MET I 47 -26.68 5.74 21.32
N LEU I 48 -25.47 5.29 21.02
CA LEU I 48 -24.33 5.66 21.84
C LEU I 48 -24.14 7.15 21.86
N VAL I 49 -24.26 7.80 20.70
CA VAL I 49 -24.27 9.25 20.58
C VAL I 49 -25.34 9.58 19.55
N ASP I 50 -25.98 10.74 19.74
CA ASP I 50 -27.20 11.08 19.02
C ASP I 50 -27.01 12.41 18.31
N PRO I 51 -26.24 12.43 17.23
CA PRO I 51 -25.96 13.70 16.56
C PRO I 51 -27.20 14.40 16.07
N LEU I 52 -28.27 13.66 15.75
CA LEU I 52 -29.52 14.31 15.36
C LEU I 52 -30.02 15.23 16.47
N ARG I 53 -30.10 14.70 17.69
CA ARG I 53 -30.45 15.55 18.82
C ARG I 53 -29.45 16.66 19.02
N THR I 54 -28.16 16.40 18.75
CA THR I 54 -27.16 17.45 18.87
C THR I 54 -27.51 18.63 17.99
N GLN I 55 -27.84 18.37 16.73
CA GLN I 55 -28.12 19.47 15.81
C GLN I 55 -29.44 20.15 16.13
N SER I 56 -30.45 19.36 16.50
CA SER I 56 -31.73 19.98 16.85
C SER I 56 -31.57 20.89 18.06
N ARG I 57 -30.87 20.41 19.09
CA ARG I 57 -30.60 21.25 20.25
C ARG I 57 -29.70 22.42 19.89
N ALA I 58 -28.85 22.28 18.88
CA ALA I 58 -28.03 23.41 18.46
C ALA I 58 -28.88 24.52 17.90
N VAL I 59 -29.81 24.18 17.00
CA VAL I 59 -30.74 25.19 16.49
C VAL I 59 -31.55 25.79 17.62
N LEU I 60 -32.04 24.94 18.52
CA LEU I 60 -32.84 25.44 19.62
C LEU I 60 -32.05 26.42 20.49
N THR I 61 -30.83 26.04 20.88
CA THR I 61 -30.04 26.92 21.73
C THR I 61 -29.61 28.17 20.99
N GLY I 62 -29.55 28.11 19.66
CA GLY I 62 -29.43 29.34 18.92
C GLY I 62 -30.62 30.25 19.14
N ALA I 63 -31.82 29.69 19.05
CA ALA I 63 -33.01 30.49 19.32
C ALA I 63 -32.99 31.01 20.75
N LEU I 64 -32.45 30.22 21.68
CA LEU I 64 -32.39 30.63 23.07
C LEU I 64 -31.39 31.77 23.26
N ILE I 65 -30.23 31.68 22.62
CA ILE I 65 -29.31 32.82 22.58
C ILE I 65 -30.04 34.05 22.07
N LEU I 66 -30.86 33.87 21.03
CA LEU I 66 -31.60 35.00 20.49
C LEU I 66 -32.54 35.59 21.52
N VAL I 67 -33.30 34.75 22.21
CA VAL I 67 -34.31 35.27 23.13
C VAL I 67 -33.65 35.92 24.34
N THR I 68 -32.58 35.32 24.84
CA THR I 68 -31.87 35.93 25.96
C THR I 68 -31.25 37.26 25.53
N GLY I 69 -30.73 37.33 24.30
CA GLY I 69 -30.23 38.60 23.80
C GLY I 69 -31.33 39.63 23.62
N LEU I 70 -32.53 39.17 23.25
CA LEU I 70 -33.65 40.09 23.06
C LEU I 70 -34.06 40.71 24.39
N VAL I 71 -34.26 39.87 25.41
CA VAL I 71 -34.62 40.45 26.70
C VAL I 71 -33.45 41.23 27.29
N GLY I 72 -32.21 40.84 26.98
CA GLY I 72 -31.08 41.63 27.42
C GLY I 72 -31.11 43.01 26.82
N CYS I 73 -31.36 43.10 25.51
CA CYS I 73 -31.49 44.41 24.87
C CYS I 73 -32.70 45.16 25.43
N PHE I 74 -33.75 44.43 25.80
CA PHE I 74 -34.92 45.07 26.40
C PHE I 74 -34.55 45.80 27.68
N ILE I 75 -33.89 45.09 28.60
CA ILE I 75 -33.50 45.70 29.86
C ILE I 75 -32.45 46.80 29.63
N PHE I 76 -31.49 46.53 28.75
CA PHE I 76 -30.49 47.53 28.41
C PHE I 76 -31.16 48.79 27.87
N SER I 77 -32.29 48.64 27.19
CA SER I 77 -33.04 49.79 26.73
C SER I 77 -33.71 50.50 27.90
N LEU I 78 -34.29 49.72 28.81
CA LEU I 78 -34.97 50.34 29.95
C LEU I 78 -34.00 51.15 30.81
N PHE I 79 -32.73 50.76 30.89
CA PHE I 79 -31.77 51.54 31.67
C PHE I 79 -31.46 52.86 30.99
N ARG I 80 -30.90 52.80 29.79
CA ARG I 80 -30.38 53.98 29.14
C ARG I 80 -31.51 54.93 28.75
N PRO I 81 -31.21 56.23 28.61
CA PRO I 81 -32.15 57.23 28.11
C PRO I 81 -32.36 57.14 26.60
N MET J 1 -42.73 -52.89 -5.35
CA MET J 1 -42.81 -53.12 -6.78
C MET J 1 -41.72 -52.38 -7.53
N SER J 2 -40.53 -52.97 -7.58
CA SER J 2 -39.45 -52.41 -8.37
C SER J 2 -38.61 -53.52 -8.99
N ARG J 3 -38.09 -53.23 -10.17
CA ARG J 3 -37.12 -54.09 -10.84
C ARG J 3 -35.70 -53.56 -10.70
N LEU J 4 -35.41 -52.84 -9.61
CA LEU J 4 -34.08 -52.32 -9.39
C LEU J 4 -33.88 -52.14 -7.89
N ILE J 5 -32.63 -52.27 -7.44
CA ILE J 5 -32.29 -52.33 -6.03
C ILE J 5 -31.84 -50.96 -5.55
N PHE J 6 -32.25 -50.61 -4.33
CA PHE J 6 -31.80 -49.41 -3.66
C PHE J 6 -31.05 -49.80 -2.39
N GLU J 7 -29.97 -49.08 -2.10
CA GLU J 7 -29.11 -49.36 -0.96
C GLU J 7 -29.04 -48.14 -0.06
N HIS J 8 -29.21 -48.36 1.24
CA HIS J 8 -29.42 -47.28 2.20
C HIS J 8 -28.09 -46.87 2.80
N GLN J 9 -27.50 -45.78 2.30
CA GLN J 9 -26.28 -45.26 2.87
C GLN J 9 -26.59 -44.15 3.86
N ARG J 10 -25.52 -43.56 4.39
CA ARG J 10 -25.66 -42.57 5.46
C ARG J 10 -26.53 -41.41 5.02
N ARG J 11 -27.47 -41.04 5.87
CA ARG J 11 -28.33 -39.91 5.58
C ARG J 11 -27.53 -38.62 5.56
N LEU J 12 -27.77 -37.80 4.55
CA LEU J 12 -27.11 -36.50 4.42
C LEU J 12 -27.51 -35.66 5.63
N THR J 13 -26.51 -35.20 6.39
CA THR J 13 -26.82 -34.50 7.63
C THR J 13 -27.61 -33.22 7.33
N PRO J 14 -28.72 -33.01 8.02
CA PRO J 14 -29.49 -31.79 7.80
C PRO J 14 -28.69 -30.58 8.25
N PRO J 15 -29.11 -29.38 7.86
CA PRO J 15 -28.48 -28.18 8.42
C PRO J 15 -28.56 -28.24 9.94
N THR J 16 -27.43 -28.00 10.59
CA THR J 16 -27.33 -28.21 12.03
C THR J 16 -28.21 -27.22 12.78
N THR J 17 -29.25 -27.71 13.43
CA THR J 17 -30.01 -26.91 14.37
C THR J 17 -29.55 -27.22 15.79
N ARG J 18 -29.65 -26.22 16.66
CA ARG J 18 -29.29 -26.41 18.05
C ARG J 18 -30.40 -25.84 18.92
N LYS J 19 -30.43 -26.32 20.17
CA LYS J 19 -31.44 -25.95 21.14
C LYS J 19 -30.89 -25.03 22.23
N GLY J 20 -29.94 -24.17 21.89
CA GLY J 20 -29.37 -23.27 22.87
C GLY J 20 -30.42 -22.31 23.38
N THR J 21 -30.87 -22.50 24.61
CA THR J 21 -31.88 -21.63 25.18
C THR J 21 -31.27 -20.27 25.44
N ILE J 22 -31.82 -19.24 24.79
CA ILE J 22 -31.27 -17.90 24.91
C ILE J 22 -31.89 -17.24 26.13
N THR J 23 -31.03 -16.76 27.02
CA THR J 23 -31.48 -16.11 28.24
C THR J 23 -31.29 -14.62 28.09
N ILE J 24 -32.30 -13.85 28.50
CA ILE J 24 -32.33 -12.41 28.31
C ILE J 24 -32.36 -11.76 29.68
N GLU J 25 -31.45 -10.82 29.92
CA GLU J 25 -31.48 -10.11 31.19
C GLU J 25 -32.72 -9.24 31.27
N PRO J 26 -33.41 -9.22 32.40
CA PRO J 26 -34.66 -8.47 32.51
C PRO J 26 -34.42 -6.98 32.31
N PRO J 27 -35.47 -6.24 32.00
CA PRO J 27 -35.36 -4.80 31.89
C PRO J 27 -34.84 -4.20 33.18
N PRO J 28 -34.14 -3.07 33.10
CA PRO J 28 -33.73 -2.38 34.32
C PRO J 28 -34.94 -1.92 35.11
N GLN J 29 -34.86 -2.06 36.43
CA GLN J 29 -35.92 -1.52 37.26
C GLN J 29 -35.88 0.01 37.23
N LEU J 30 -37.05 0.62 37.33
CA LEU J 30 -37.12 2.07 37.37
C LEU J 30 -36.41 2.60 38.60
N PRO J 31 -35.99 3.87 38.60
CA PRO J 31 -35.34 4.44 39.79
C PRO J 31 -36.10 4.14 41.07
N ARG J 32 -35.45 3.46 42.00
CA ARG J 32 -36.09 3.09 43.26
C ARG J 32 -36.27 4.34 44.10
N VAL J 33 -37.51 4.59 44.52
CA VAL J 33 -37.84 5.81 45.21
C VAL J 33 -38.33 5.50 46.63
N THR J 94 -31.87 13.26 33.60
CA THR J 94 -32.59 12.16 32.97
C THR J 94 -31.71 11.39 32.01
N GLU J 95 -30.56 11.97 31.67
CA GLU J 95 -29.58 11.28 30.84
C GLU J 95 -29.25 9.93 31.44
N GLU J 96 -29.35 9.81 32.76
CA GLU J 96 -29.18 8.54 33.45
C GLU J 96 -30.02 7.44 32.79
N VAL J 97 -31.35 7.59 32.83
CA VAL J 97 -32.21 6.55 32.32
C VAL J 97 -32.19 6.49 30.81
N ASP J 98 -31.90 7.60 30.14
CA ASP J 98 -31.76 7.56 28.68
C ASP J 98 -30.61 6.66 28.28
N ALA J 99 -29.46 6.81 28.93
CA ALA J 99 -28.34 5.93 28.63
C ALA J 99 -28.65 4.51 29.05
N GLU J 100 -29.37 4.34 30.16
CA GLU J 100 -29.74 3.00 30.59
C GLU J 100 -30.56 2.29 29.53
N ARG J 101 -31.64 2.94 29.08
CA ARG J 101 -32.49 2.31 28.09
C ARG J 101 -31.79 2.20 26.74
N ALA J 102 -30.85 3.09 26.45
CA ALA J 102 -30.09 2.95 25.22
C ALA J 102 -29.24 1.69 25.24
N ASP J 103 -28.53 1.47 26.34
CA ASP J 103 -27.77 0.23 26.50
C ASP J 103 -28.68 -0.98 26.41
N TYR J 104 -29.79 -0.95 27.14
CA TYR J 104 -30.67 -2.12 27.12
C TYR J 104 -31.22 -2.35 25.72
N LEU J 105 -31.59 -1.29 25.02
CA LEU J 105 -32.22 -1.48 23.72
C LEU J 105 -31.21 -1.94 22.69
N ARG J 106 -29.96 -1.50 22.78
CA ARG J 106 -28.95 -2.07 21.89
C ARG J 106 -28.77 -3.55 22.17
N TYR J 107 -28.66 -3.91 23.45
CA TYR J 107 -28.57 -5.32 23.81
C TYR J 107 -29.76 -6.08 23.27
N LEU J 108 -30.95 -5.47 23.33
CA LEU J 108 -32.15 -6.14 22.88
C LEU J 108 -32.15 -6.29 21.38
N SER J 109 -31.62 -5.31 20.65
CA SER J 109 -31.57 -5.42 19.21
C SER J 109 -30.66 -6.56 18.79
N VAL J 110 -29.50 -6.68 19.45
CA VAL J 110 -28.59 -7.75 19.05
C VAL J 110 -29.14 -9.11 19.47
N VAL J 111 -29.85 -9.19 20.59
CA VAL J 111 -30.41 -10.49 20.94
C VAL J 111 -31.62 -10.80 20.07
N ARG J 112 -32.32 -9.79 19.58
CA ARG J 112 -33.35 -10.01 18.57
C ARG J 112 -32.75 -10.61 17.32
N ASP J 113 -31.65 -10.04 16.86
CA ASP J 113 -30.96 -10.57 15.69
C ASP J 113 -30.52 -12.00 15.94
N ASN J 114 -30.01 -12.29 17.13
CA ASN J 114 -29.54 -13.62 17.45
C ASN J 114 -30.68 -14.63 17.44
N VAL J 115 -31.81 -14.29 18.07
CA VAL J 115 -32.92 -15.23 18.12
C VAL J 115 -33.55 -15.38 16.74
N ARG J 116 -33.49 -14.34 15.91
CA ARG J 116 -33.98 -14.49 14.54
C ARG J 116 -33.09 -15.42 13.75
N ALA J 117 -31.77 -15.38 14.01
CA ALA J 117 -30.88 -16.36 13.41
C ALA J 117 -31.23 -17.77 13.87
N HIS J 118 -31.53 -17.93 15.15
CA HIS J 118 -31.95 -19.23 15.66
C HIS J 118 -33.22 -19.71 14.95
N ALA J 119 -34.19 -18.80 14.77
CA ALA J 119 -35.43 -19.17 14.12
C ALA J 119 -35.21 -19.53 12.65
N ALA J 120 -34.39 -18.74 11.95
CA ALA J 120 -34.13 -19.06 10.55
C ALA J 120 -33.39 -20.38 10.42
N GLU J 121 -32.53 -20.70 11.39
CA GLU J 121 -31.87 -22.00 11.38
C GLU J 121 -32.87 -23.13 11.54
N GLN J 122 -33.77 -23.01 12.52
CA GLN J 122 -34.81 -24.01 12.70
C GLN J 122 -35.64 -24.17 11.44
N ARG J 123 -35.98 -23.05 10.80
CA ARG J 123 -36.82 -23.09 9.63
C ARG J 123 -36.10 -23.73 8.46
N ALA J 124 -34.82 -23.44 8.29
CA ALA J 124 -34.04 -24.09 7.24
C ALA J 124 -33.98 -25.60 7.48
N ALA J 125 -33.84 -26.01 8.74
CA ALA J 125 -33.86 -27.43 9.04
C ALA J 125 -35.20 -28.04 8.64
N LEU J 126 -36.29 -27.43 9.08
CA LEU J 126 -37.62 -27.97 8.77
C LEU J 126 -37.91 -27.98 7.28
N GLU J 127 -37.31 -27.04 6.53
CA GLU J 127 -37.56 -27.02 5.09
C GLU J 127 -36.66 -28.03 4.38
N TRP J 128 -35.49 -28.32 4.95
CA TRP J 128 -34.70 -29.42 4.45
C TRP J 128 -35.41 -30.74 4.65
N SER J 129 -36.08 -30.90 5.80
CA SER J 129 -36.79 -32.15 6.05
C SER J 129 -38.09 -32.22 5.27
N HIS J 130 -38.88 -31.15 5.27
CA HIS J 130 -40.19 -31.12 4.64
C HIS J 130 -40.19 -30.17 3.45
N PRO J 131 -39.81 -30.62 2.27
CA PRO J 131 -39.81 -29.74 1.11
C PRO J 131 -41.22 -29.54 0.60
N GLU J 132 -41.43 -28.55 -0.27
CA GLU J 132 -42.73 -28.40 -0.89
C GLU J 132 -43.05 -29.61 -1.74
N PRO J 133 -44.32 -29.97 -1.86
CA PRO J 133 -44.67 -31.18 -2.62
C PRO J 133 -44.16 -31.16 -4.05
N GLU J 134 -44.17 -30.01 -4.71
CA GLU J 134 -43.64 -29.92 -6.07
C GLU J 134 -42.18 -30.29 -6.15
N VAL J 135 -41.45 -30.25 -5.02
CA VAL J 135 -40.05 -30.65 -5.04
C VAL J 135 -39.93 -32.17 -5.02
N LEU J 136 -40.93 -32.87 -4.49
CA LEU J 136 -40.79 -34.30 -4.26
C LEU J 136 -40.52 -35.07 -5.54
N ALA J 137 -40.85 -34.53 -6.69
CA ALA J 137 -40.56 -35.23 -7.94
C ALA J 137 -39.07 -35.35 -8.20
N THR J 138 -38.24 -34.51 -7.58
CA THR J 138 -36.81 -34.54 -7.81
C THR J 138 -36.07 -35.36 -6.77
N ILE J 139 -36.72 -35.66 -5.65
CA ILE J 139 -36.09 -36.49 -4.62
C ILE J 139 -35.72 -37.86 -5.13
N PRO J 140 -36.61 -38.65 -5.73
CA PRO J 140 -36.29 -40.06 -5.98
C PRO J 140 -35.09 -40.24 -6.89
N GLY J 141 -34.37 -41.33 -6.68
CA GLY J 141 -33.17 -41.62 -7.43
C GLY J 141 -32.01 -40.73 -7.05
N THR J 142 -31.92 -40.38 -5.78
CA THR J 142 -30.91 -39.46 -5.28
C THR J 142 -30.42 -39.99 -3.95
N ARG J 143 -29.26 -39.51 -3.50
CA ARG J 143 -28.72 -39.95 -2.23
C ARG J 143 -29.75 -39.77 -1.12
N ARG J 144 -30.49 -38.68 -1.16
CA ARG J 144 -31.65 -38.51 -0.30
C ARG J 144 -32.90 -38.98 -1.04
N GLN J 145 -33.29 -40.23 -0.85
CA GLN J 145 -34.55 -40.68 -1.40
C GLN J 145 -35.43 -41.25 -0.30
N TRP J 146 -34.85 -42.06 0.56
CA TRP J 146 -35.49 -42.52 1.77
C TRP J 146 -34.50 -42.34 2.90
N GLU J 147 -34.43 -41.11 3.42
CA GLU J 147 -33.38 -40.77 4.34
C GLU J 147 -33.77 -40.94 5.79
N ARG J 148 -35.03 -40.72 6.14
CA ARG J 148 -35.40 -40.71 7.54
C ARG J 148 -35.36 -42.12 8.09
N ASP J 149 -34.64 -42.29 9.19
CA ASP J 149 -34.48 -43.60 9.83
C ASP J 149 -34.76 -43.41 11.31
N PRO J 150 -35.22 -44.47 11.99
CA PRO J 150 -35.79 -44.25 13.33
C PRO J 150 -34.73 -43.91 14.37
N ARG J 151 -33.99 -42.84 14.11
CA ARG J 151 -33.14 -42.19 15.10
C ARG J 151 -33.34 -40.71 14.89
N ASP J 152 -33.93 -40.35 13.76
CA ASP J 152 -34.10 -38.95 13.42
C ASP J 152 -35.26 -38.34 14.17
N ARG J 153 -35.21 -37.03 14.33
CA ARG J 153 -36.31 -36.32 14.95
C ARG J 153 -37.44 -36.03 13.97
N ASP J 154 -37.25 -36.28 12.67
CA ASP J 154 -38.32 -36.10 11.70
C ASP J 154 -38.87 -37.42 11.16
N PHE J 155 -38.69 -38.53 11.88
CA PHE J 155 -39.19 -39.80 11.36
C PHE J 155 -40.70 -39.82 11.47
N LEU J 156 -41.37 -40.23 10.38
CA LEU J 156 -42.80 -40.47 10.41
C LEU J 156 -43.58 -39.22 10.74
N VAL J 157 -43.06 -38.05 10.36
CA VAL J 157 -43.81 -36.82 10.39
C VAL J 157 -43.96 -36.33 8.95
N LEU J 158 -45.20 -36.06 8.55
CA LEU J 158 -45.51 -35.73 7.17
C LEU J 158 -46.05 -34.31 7.13
N ARG J 159 -45.52 -33.49 6.23
CA ARG J 159 -45.91 -32.09 6.23
C ARG J 159 -47.35 -31.95 5.76
N ALA J 160 -48.08 -31.02 6.37
CA ALA J 160 -49.45 -30.74 5.99
C ALA J 160 -49.64 -29.29 5.59
N GLY J 161 -48.57 -28.51 5.51
CA GLY J 161 -48.64 -27.13 5.11
C GLY J 161 -47.69 -26.30 5.93
N ARG J 162 -47.79 -24.99 5.78
CA ARG J 162 -46.96 -24.04 6.50
C ARG J 162 -47.78 -23.38 7.60
N HIS J 163 -47.31 -23.48 8.83
CA HIS J 163 -48.00 -22.87 9.94
C HIS J 163 -46.96 -22.35 10.92
N ASP J 164 -47.37 -21.41 11.74
CA ASP J 164 -46.45 -20.74 12.66
C ASP J 164 -46.14 -21.69 13.81
N VAL J 165 -45.03 -22.41 13.70
CA VAL J 165 -44.66 -23.36 14.73
C VAL J 165 -43.79 -22.62 15.74
N PRO J 166 -44.01 -22.82 17.04
CA PRO J 166 -43.20 -22.12 18.04
C PRO J 166 -41.73 -22.44 17.90
N LEU J 167 -40.90 -21.53 18.40
CA LEU J 167 -39.46 -21.72 18.38
C LEU J 167 -39.08 -23.06 19.00
N ASP J 168 -37.99 -23.63 18.51
CA ASP J 168 -37.42 -24.84 19.09
C ASP J 168 -36.35 -24.54 20.12
N ALA J 169 -36.05 -23.26 20.35
CA ALA J 169 -35.12 -22.85 21.39
C ALA J 169 -35.84 -21.75 22.17
N ALA J 170 -36.63 -22.17 23.15
CA ALA J 170 -37.49 -21.26 23.90
C ALA J 170 -36.68 -20.14 24.54
N LEU J 171 -37.12 -18.91 24.32
CA LEU J 171 -36.50 -17.77 24.96
C LEU J 171 -36.82 -17.74 26.44
N LYS J 172 -35.97 -17.08 27.20
CA LYS J 172 -36.14 -17.04 28.63
C LYS J 172 -35.65 -15.71 29.15
N VAL J 173 -36.21 -15.31 30.29
CA VAL J 173 -35.77 -14.14 31.03
C VAL J 173 -35.58 -14.58 32.48
N LYS J 174 -34.49 -14.14 33.10
CA LYS J 174 -34.21 -14.60 34.45
C LYS J 174 -35.25 -14.08 35.44
N ASP J 175 -35.92 -15.02 36.10
CA ASP J 175 -37.10 -14.72 36.91
C ASP J 175 -36.69 -14.03 38.20
N THR J 176 -36.78 -12.70 38.20
CA THR J 176 -36.51 -11.96 39.43
C THR J 176 -37.65 -10.98 39.74
N ALA J 177 -38.19 -10.34 38.73
CA ALA J 177 -39.37 -9.49 38.86
C ALA J 177 -39.94 -9.26 37.47
N ASP J 178 -41.24 -9.45 37.33
CA ASP J 178 -41.87 -9.40 36.02
C ASP J 178 -43.07 -8.46 36.06
N GLU J 179 -43.05 -7.54 37.02
CA GLU J 179 -44.13 -6.59 37.20
C GLU J 179 -43.89 -5.38 36.31
N ILE J 180 -44.65 -4.32 36.52
CA ILE J 180 -44.46 -3.08 35.78
C ILE J 180 -43.74 -2.04 36.65
N ASP J 181 -42.94 -2.49 37.61
CA ASP J 181 -41.99 -1.63 38.31
C ASP J 181 -40.68 -1.47 37.54
N LEU J 182 -40.71 -1.68 36.24
CA LEU J 182 -39.55 -1.63 35.36
C LEU J 182 -39.65 -0.42 34.46
N GLU J 183 -38.63 -0.25 33.62
CA GLU J 183 -38.62 0.86 32.68
C GLU J 183 -39.74 0.72 31.67
N PRO J 184 -40.51 1.76 31.40
CA PRO J 184 -41.60 1.60 30.41
C PRO J 184 -41.12 1.19 29.04
N VAL J 185 -40.13 1.89 28.48
CA VAL J 185 -39.71 1.59 27.12
C VAL J 185 -38.98 0.26 27.05
N ALA J 186 -38.07 0.01 28.00
CA ALA J 186 -37.31 -1.23 27.95
C ALA J 186 -38.22 -2.45 28.12
N HIS J 187 -39.07 -2.43 29.15
CA HIS J 187 -39.98 -3.53 29.38
C HIS J 187 -40.99 -3.66 28.25
N SER J 188 -41.42 -2.55 27.68
CA SER J 188 -42.34 -2.64 26.55
C SER J 188 -41.68 -3.33 25.37
N ALA J 189 -40.43 -2.97 25.07
CA ALA J 189 -39.73 -3.61 23.96
C ALA J 189 -39.52 -5.08 24.25
N LEU J 190 -39.20 -5.42 25.49
CA LEU J 190 -39.00 -6.83 25.82
C LEU J 190 -40.29 -7.62 25.68
N ARG J 191 -41.41 -7.07 26.15
CA ARG J 191 -42.67 -7.77 26.03
C ARG J 191 -43.05 -7.96 24.57
N GLY J 192 -42.84 -6.93 23.75
CA GLY J 192 -43.09 -7.07 22.33
C GLY J 192 -42.25 -8.15 21.69
N LEU J 193 -40.95 -8.14 21.97
CA LEU J 193 -40.05 -9.18 21.47
C LEU J 193 -40.53 -10.55 21.87
N LEU J 194 -40.78 -10.76 23.15
CA LEU J 194 -41.20 -12.09 23.60
C LEU J 194 -42.56 -12.46 23.06
N ASP J 195 -43.40 -11.49 22.71
CA ASP J 195 -44.74 -11.81 22.23
C ASP J 195 -44.69 -12.26 20.78
N VAL J 196 -43.89 -11.58 19.96
CA VAL J 196 -43.82 -11.97 18.55
C VAL J 196 -42.88 -13.14 18.35
N GLN J 197 -41.72 -13.11 19.00
CA GLN J 197 -40.64 -14.04 18.70
C GLN J 197 -40.92 -15.46 19.17
N ARG J 198 -42.06 -15.72 19.80
CA ARG J 198 -42.42 -17.08 20.19
C ARG J 198 -42.28 -18.04 19.03
N THR J 199 -42.68 -17.60 17.84
CA THR J 199 -42.91 -18.48 16.72
C THR J 199 -42.00 -18.12 15.55
N VAL J 200 -41.75 -19.11 14.70
CA VAL J 200 -41.21 -18.86 13.39
C VAL J 200 -42.39 -18.79 12.41
N ARG J 201 -42.23 -17.99 11.37
CA ARG J 201 -43.34 -17.63 10.50
C ARG J 201 -43.35 -18.55 9.29
N ASP J 202 -44.47 -19.22 9.06
CA ASP J 202 -44.69 -20.02 7.85
C ASP J 202 -43.58 -21.03 7.64
N ALA J 203 -43.40 -21.87 8.63
CA ALA J 203 -42.48 -22.99 8.52
C ALA J 203 -43.27 -24.24 8.23
N PRO J 204 -42.71 -25.18 7.48
CA PRO J 204 -43.47 -26.41 7.20
C PRO J 204 -43.73 -27.21 8.45
N THR J 205 -44.99 -27.33 8.85
CA THR J 205 -45.38 -28.16 9.97
C THR J 205 -46.09 -29.40 9.46
N GLY J 206 -46.17 -30.40 10.32
CA GLY J 206 -46.73 -31.66 9.84
C GLY J 206 -47.43 -32.43 10.92
N LEU J 207 -47.87 -33.61 10.52
CA LEU J 207 -48.58 -34.56 11.37
C LEU J 207 -47.62 -35.69 11.73
N ASP J 208 -47.58 -36.05 13.01
CA ASP J 208 -46.68 -37.09 13.47
C ASP J 208 -47.41 -38.42 13.38
N VAL J 209 -47.02 -39.24 12.40
CA VAL J 209 -47.72 -40.51 12.17
C VAL J 209 -47.62 -41.41 13.40
N ALA J 210 -46.48 -41.40 14.08
CA ALA J 210 -46.30 -42.28 15.22
C ALA J 210 -47.31 -42.01 16.32
N LYS J 211 -47.67 -40.74 16.54
CA LYS J 211 -48.62 -40.37 17.57
C LYS J 211 -50.02 -40.16 17.02
N LEU J 212 -50.40 -40.94 16.01
CA LEU J 212 -51.73 -40.84 15.42
C LEU J 212 -52.28 -42.22 15.14
N ALA J 213 -53.54 -42.40 15.35
CA ALA J 213 -54.17 -43.69 15.08
C ALA J 213 -55.37 -43.57 14.17
N ARG J 214 -56.12 -42.47 14.26
CA ARG J 214 -57.21 -42.20 13.33
C ARG J 214 -57.20 -40.72 13.02
N ILE J 215 -57.06 -40.38 11.75
CA ILE J 215 -57.05 -38.99 11.31
C ILE J 215 -58.32 -38.80 10.50
N THR J 216 -59.42 -38.47 11.17
CA THR J 216 -60.71 -38.35 10.50
C THR J 216 -60.72 -37.03 9.74
N VAL J 217 -60.72 -37.11 8.42
CA VAL J 217 -60.57 -35.94 7.56
C VAL J 217 -61.94 -35.58 7.02
N ILE J 218 -62.59 -34.62 7.66
CA ILE J 218 -63.85 -34.06 7.20
C ILE J 218 -63.53 -33.14 6.03
N GLY J 219 -64.53 -32.90 5.18
CA GLY J 219 -64.36 -31.92 4.14
C GLY J 219 -64.84 -32.36 2.77
N GLU J 220 -64.70 -31.48 1.79
CA GLU J 220 -65.08 -31.83 0.42
C GLU J 220 -64.18 -32.95 -0.11
N ALA J 221 -64.74 -33.77 -1.00
CA ALA J 221 -64.00 -34.92 -1.51
C ALA J 221 -62.71 -34.49 -2.21
N ASP J 222 -62.79 -33.48 -3.07
CA ASP J 222 -61.62 -33.09 -3.85
C ASP J 222 -60.49 -32.64 -2.94
N GLU J 223 -60.76 -31.70 -2.04
CA GLU J 223 -59.71 -31.16 -1.18
C GLU J 223 -59.22 -32.21 -0.19
N ALA J 224 -60.11 -33.04 0.33
CA ALA J 224 -59.70 -34.10 1.24
C ALA J 224 -58.74 -35.06 0.57
N ARG J 225 -59.08 -35.50 -0.65
CA ARG J 225 -58.17 -36.37 -1.37
C ARG J 225 -56.88 -35.65 -1.73
N ALA J 226 -56.95 -34.34 -1.98
CA ALA J 226 -55.72 -33.60 -2.26
C ALA J 226 -54.78 -33.64 -1.05
N ALA J 227 -55.31 -33.33 0.13
CA ALA J 227 -54.46 -33.32 1.32
C ALA J 227 -53.95 -34.72 1.65
N ILE J 228 -54.80 -35.73 1.50
CA ILE J 228 -54.36 -37.10 1.80
C ILE J 228 -53.29 -37.53 0.83
N ARG J 229 -53.42 -37.15 -0.44
CA ARG J 229 -52.38 -37.46 -1.40
C ARG J 229 -51.10 -36.75 -1.05
N ALA J 230 -51.19 -35.51 -0.59
CA ALA J 230 -49.98 -34.80 -0.18
C ALA J 230 -49.27 -35.55 0.94
N TRP J 231 -50.02 -35.96 1.97
CA TRP J 231 -49.40 -36.67 3.08
C TRP J 231 -48.79 -37.98 2.61
N ILE J 232 -49.53 -38.78 1.85
CA ILE J 232 -49.04 -40.10 1.47
C ILE J 232 -47.82 -39.97 0.57
N ALA J 233 -47.81 -38.98 -0.31
CA ALA J 233 -46.61 -38.74 -1.12
C ALA J 233 -45.45 -38.34 -0.24
N GLN J 234 -45.65 -37.35 0.62
CA GLN J 234 -44.58 -36.88 1.50
C GLN J 234 -44.01 -38.01 2.34
N ALA J 235 -44.86 -38.96 2.71
CA ALA J 235 -44.39 -40.10 3.48
C ALA J 235 -43.60 -41.05 2.60
N VAL J 236 -44.25 -41.60 1.58
CA VAL J 236 -43.69 -42.72 0.84
C VAL J 236 -42.45 -42.33 0.05
N THR J 237 -42.19 -41.03 -0.12
CA THR J 237 -40.97 -40.58 -0.76
C THR J 237 -39.93 -40.14 0.26
N TRP J 238 -40.11 -40.46 1.52
CA TRP J 238 -39.09 -40.20 2.52
C TRP J 238 -38.82 -41.39 3.41
N HIS J 239 -39.47 -42.52 3.20
CA HIS J 239 -39.37 -43.67 4.09
C HIS J 239 -39.18 -44.92 3.24
N ASP J 240 -38.40 -45.86 3.76
CA ASP J 240 -38.21 -47.11 3.06
C ASP J 240 -39.53 -47.84 2.92
N PRO J 241 -39.58 -48.87 2.06
CA PRO J 241 -40.75 -49.74 2.04
C PRO J 241 -40.76 -50.77 3.17
N THR J 242 -39.67 -50.87 3.91
CA THR J 242 -39.59 -51.76 5.06
C THR J 242 -39.84 -51.03 6.36
N MET J 243 -40.13 -49.73 6.30
CA MET J 243 -40.43 -48.94 7.47
C MET J 243 -41.76 -48.22 7.37
N LEU J 244 -42.43 -48.26 6.22
CA LEU J 244 -43.72 -47.61 6.05
C LEU J 244 -44.45 -48.26 4.90
N GLY J 245 -45.62 -48.82 5.17
CA GLY J 245 -46.46 -49.38 4.15
C GLY J 245 -47.74 -48.58 3.98
N VAL J 246 -48.31 -48.65 2.79
CA VAL J 246 -49.52 -47.90 2.47
C VAL J 246 -50.58 -48.87 2.00
N ALA J 247 -51.80 -48.68 2.47
CA ALA J 247 -52.92 -49.50 2.03
C ALA J 247 -54.13 -48.60 1.86
N LEU J 248 -54.96 -48.90 0.89
CA LEU J 248 -56.13 -48.08 0.60
C LEU J 248 -57.33 -48.96 0.29
N ALA J 249 -58.41 -48.76 1.03
CA ALA J 249 -59.66 -49.45 0.78
C ALA J 249 -60.69 -48.41 0.36
N ALA J 250 -60.72 -48.12 -0.93
CA ALA J 250 -61.61 -47.11 -1.48
C ALA J 250 -62.77 -47.77 -2.21
N PRO J 251 -63.84 -47.01 -2.47
CA PRO J 251 -64.95 -47.60 -3.23
C PRO J 251 -64.56 -47.94 -4.66
N ASP J 252 -63.74 -47.11 -5.29
CA ASP J 252 -63.33 -47.33 -6.67
C ASP J 252 -61.86 -46.98 -6.85
N LEU J 253 -61.12 -47.90 -7.45
CA LEU J 253 -59.69 -47.72 -7.71
C LEU J 253 -59.39 -47.66 -9.19
N GLU J 254 -60.40 -47.42 -10.02
CA GLU J 254 -60.21 -47.20 -11.43
C GLU J 254 -60.00 -45.73 -11.75
N SER J 255 -59.99 -44.88 -10.73
CA SER J 255 -60.01 -43.44 -10.92
C SER J 255 -58.65 -42.85 -10.55
N GLY J 256 -58.25 -41.82 -11.28
CA GLY J 256 -56.93 -41.24 -11.11
C GLY J 256 -56.63 -40.73 -9.72
N ASP J 257 -57.66 -40.42 -8.93
CA ASP J 257 -57.40 -39.89 -7.60
C ASP J 257 -56.82 -40.92 -6.66
N TRP J 258 -56.90 -42.21 -6.99
CA TRP J 258 -56.22 -43.23 -6.21
C TRP J 258 -55.54 -44.28 -7.08
N SER J 259 -55.63 -44.18 -8.40
CA SER J 259 -55.00 -45.17 -9.24
C SER J 259 -53.48 -45.13 -9.12
N TRP J 260 -52.93 -43.94 -8.85
CA TRP J 260 -51.48 -43.76 -8.90
C TRP J 260 -50.75 -44.72 -7.98
N LEU J 261 -51.38 -45.19 -6.91
CA LEU J 261 -50.72 -46.12 -6.01
C LEU J 261 -50.31 -47.41 -6.73
N LYS J 262 -50.85 -47.66 -7.93
CA LYS J 262 -50.55 -48.91 -8.62
C LYS J 262 -49.05 -49.17 -8.70
N TRP J 263 -48.26 -48.12 -8.89
CA TRP J 263 -46.81 -48.27 -9.03
C TRP J 263 -46.08 -48.24 -7.70
N LEU J 264 -46.66 -47.64 -6.68
CA LEU J 264 -45.93 -47.33 -5.46
C LEU J 264 -45.40 -48.60 -4.83
N PRO J 265 -44.09 -48.70 -4.59
CA PRO J 265 -43.54 -49.92 -4.05
C PRO J 265 -43.64 -49.98 -2.54
N HIS J 266 -44.77 -49.54 -2.00
CA HIS J 266 -45.05 -49.61 -0.58
C HIS J 266 -46.46 -50.09 -0.31
N VAL J 267 -47.26 -50.28 -1.35
CA VAL J 267 -48.55 -50.93 -1.21
C VAL J 267 -48.48 -52.42 -1.46
N ASP J 268 -47.32 -52.93 -1.83
CA ASP J 268 -47.18 -54.35 -2.09
C ASP J 268 -47.12 -55.12 -0.78
N VAL J 269 -47.82 -56.25 -0.74
CA VAL J 269 -47.83 -57.11 0.42
C VAL J 269 -46.58 -58.00 0.36
N PRO J 270 -45.81 -58.09 1.43
CA PRO J 270 -44.51 -58.75 1.35
C PRO J 270 -44.58 -60.23 1.04
N ASN J 271 -43.94 -60.63 -0.06
CA ASN J 271 -43.81 -62.03 -0.45
C ASN J 271 -45.15 -62.66 -0.80
N GLU J 272 -45.97 -61.93 -1.54
CA GLU J 272 -47.15 -62.46 -2.20
C GLU J 272 -47.29 -61.77 -3.56
N ALA J 273 -47.75 -62.53 -4.55
CA ALA J 273 -47.96 -61.99 -5.89
C ALA J 273 -49.35 -62.41 -6.37
N ASP J 274 -50.23 -61.44 -6.56
CA ASP J 274 -51.59 -61.70 -7.04
C ASP J 274 -51.74 -60.99 -8.37
N GLY J 275 -52.00 -61.75 -9.42
CA GLY J 275 -52.04 -61.18 -10.75
C GLY J 275 -50.66 -60.70 -11.18
N VAL J 276 -50.66 -59.68 -12.04
CA VAL J 276 -49.42 -59.12 -12.53
C VAL J 276 -48.77 -58.25 -11.46
N GLY J 277 -47.45 -58.31 -11.38
CA GLY J 277 -46.70 -57.64 -10.34
C GLY J 277 -46.94 -58.24 -8.97
N PRO J 278 -46.14 -57.83 -7.99
CA PRO J 278 -46.39 -58.26 -6.61
C PRO J 278 -47.72 -57.73 -6.11
N ALA J 279 -48.41 -58.56 -5.33
CA ALA J 279 -49.76 -58.23 -4.90
C ALA J 279 -49.78 -56.95 -4.09
N ARG J 280 -50.83 -56.16 -4.28
CA ARG J 280 -50.91 -54.83 -3.71
C ARG J 280 -52.02 -54.75 -2.67
N TYR J 281 -51.91 -53.73 -1.81
CA TYR J 281 -52.82 -53.52 -0.70
C TYR J 281 -54.08 -52.78 -1.09
N LEU J 282 -54.19 -52.35 -2.34
CA LEU J 282 -55.38 -51.62 -2.77
C LEU J 282 -56.56 -52.57 -2.82
N THR J 283 -57.68 -52.17 -2.21
CA THR J 283 -58.85 -53.02 -2.13
C THR J 283 -60.10 -52.17 -2.31
N THR J 284 -61.26 -52.83 -2.30
CA THR J 284 -62.53 -52.17 -2.55
C THR J 284 -63.44 -52.14 -1.31
N SER J 285 -62.99 -52.70 -0.19
CA SER J 285 -63.77 -52.62 1.04
C SER J 285 -62.89 -52.93 2.22
N THR J 286 -63.29 -52.43 3.38
CA THR J 286 -62.48 -52.61 4.59
C THR J 286 -62.36 -54.08 4.95
N ALA J 287 -63.41 -54.86 4.72
CA ALA J 287 -63.36 -56.28 5.05
C ALA J 287 -62.30 -56.98 4.23
N GLU J 288 -62.31 -56.80 2.91
CA GLU J 288 -61.30 -57.42 2.07
C GLU J 288 -59.92 -56.86 2.40
N LEU J 289 -59.85 -55.57 2.73
CA LEU J 289 -58.58 -54.99 3.10
C LEU J 289 -58.01 -55.69 4.33
N ARG J 290 -58.80 -55.78 5.40
CA ARG J 290 -58.33 -56.44 6.61
C ARG J 290 -57.96 -57.88 6.30
N GLU J 291 -58.71 -58.54 5.42
CA GLU J 291 -58.36 -59.90 5.03
C GLU J 291 -56.96 -59.92 4.41
N ARG J 292 -56.66 -58.96 3.55
CA ARG J 292 -55.35 -58.88 2.92
C ARG J 292 -54.29 -58.24 3.81
N LEU J 293 -54.67 -57.78 4.99
CA LEU J 293 -53.77 -57.02 5.85
C LEU J 293 -53.48 -57.71 7.17
N ALA J 294 -54.24 -58.74 7.54
CA ALA J 294 -54.12 -59.34 8.86
C ALA J 294 -52.70 -59.81 9.17
N PRO J 295 -52.08 -60.72 8.42
CA PRO J 295 -50.79 -61.24 8.87
C PRO J 295 -49.65 -60.29 8.57
N ALA J 296 -49.90 -59.00 8.75
CA ALA J 296 -48.85 -58.00 8.75
C ALA J 296 -49.05 -56.99 9.86
N LEU J 297 -50.15 -57.05 10.60
CA LEU J 297 -50.27 -56.28 11.83
C LEU J 297 -50.92 -57.08 12.94
N ALA J 298 -51.30 -58.34 12.70
CA ALA J 298 -51.90 -59.17 13.74
C ALA J 298 -50.80 -59.94 14.50
N ASP J 299 -49.81 -59.18 14.93
CA ASP J 299 -48.78 -59.66 15.85
C ASP J 299 -48.36 -58.51 16.73
N ARG J 300 -49.04 -57.38 16.58
CA ARG J 300 -48.62 -56.11 17.11
C ARG J 300 -49.38 -55.76 18.38
N PRO J 301 -48.71 -55.14 19.34
CA PRO J 301 -49.40 -54.74 20.57
C PRO J 301 -50.43 -53.66 20.31
N LEU J 302 -51.15 -53.32 21.36
CA LEU J 302 -52.13 -52.26 21.28
C LEU J 302 -51.43 -50.93 21.02
N PHE J 303 -52.16 -50.00 20.40
CA PHE J 303 -51.59 -48.73 19.93
C PHE J 303 -50.82 -47.94 20.99
N PRO J 304 -51.35 -47.69 22.19
CA PRO J 304 -50.61 -46.79 23.10
C PRO J 304 -49.33 -47.42 23.60
N ALA J 305 -49.36 -48.71 23.92
CA ALA J 305 -48.19 -49.39 24.46
C ALA J 305 -47.03 -49.35 23.48
N GLU J 306 -45.83 -49.58 24.01
CA GLU J 306 -44.64 -49.66 23.18
C GLU J 306 -44.35 -51.11 22.80
N SER J 307 -43.61 -51.27 21.71
CA SER J 307 -43.15 -52.55 21.23
C SER J 307 -41.65 -52.48 21.01
N GLY J 308 -40.98 -53.63 21.16
CA GLY J 308 -39.55 -53.69 20.97
C GLY J 308 -39.19 -54.28 19.62
N ALA J 309 -40.20 -54.77 18.91
CA ALA J 309 -39.99 -55.39 17.61
C ALA J 309 -39.85 -54.34 16.52
N ALA J 310 -39.06 -54.68 15.50
CA ALA J 310 -39.04 -53.89 14.28
C ALA J 310 -40.38 -54.01 13.58
N LEU J 311 -41.00 -52.87 13.26
CA LEU J 311 -42.33 -52.91 12.68
C LEU J 311 -42.59 -51.62 11.91
N LYS J 312 -43.44 -51.73 10.90
CA LYS J 312 -43.72 -50.64 9.99
C LYS J 312 -44.93 -49.87 10.50
N HIS J 313 -44.73 -48.61 10.87
CA HIS J 313 -45.86 -47.76 11.28
C HIS J 313 -46.68 -47.37 10.06
N LEU J 314 -47.25 -48.39 9.42
CA LEU J 314 -47.81 -48.26 8.09
C LEU J 314 -49.04 -47.36 8.13
N LEU J 315 -49.49 -46.98 6.93
CA LEU J 315 -50.66 -46.14 6.72
C LEU J 315 -51.78 -46.97 6.11
N VAL J 316 -52.99 -46.74 6.59
CA VAL J 316 -54.19 -47.23 5.93
C VAL J 316 -55.13 -46.05 5.73
N VAL J 317 -55.61 -45.90 4.51
CA VAL J 317 -56.46 -44.78 4.13
C VAL J 317 -57.76 -45.33 3.57
N LEU J 318 -58.88 -44.80 4.05
CA LEU J 318 -60.21 -45.32 3.73
C LEU J 318 -61.00 -44.19 3.08
N ASP J 319 -60.91 -44.12 1.75
CA ASP J 319 -61.58 -43.04 1.03
C ASP J 319 -63.08 -43.10 1.20
N ASP J 320 -63.63 -44.29 1.41
CA ASP J 320 -65.06 -44.46 1.58
C ASP J 320 -65.54 -43.68 2.81
N PRO J 321 -66.43 -42.71 2.66
CA PRO J 321 -66.92 -42.00 3.85
C PRO J 321 -67.79 -42.85 4.74
N ASP J 322 -68.52 -43.81 4.16
CA ASP J 322 -69.38 -44.68 4.96
C ASP J 322 -68.57 -45.56 5.91
N ALA J 323 -67.37 -45.98 5.47
CA ALA J 323 -66.67 -47.06 6.14
C ALA J 323 -66.27 -46.66 7.55
N ASP J 324 -66.71 -47.45 8.52
CA ASP J 324 -66.27 -47.27 9.88
C ASP J 324 -64.85 -47.85 10.03
N PRO J 325 -63.91 -47.05 10.55
CA PRO J 325 -62.53 -47.53 10.67
C PRO J 325 -62.31 -48.61 11.72
N ASP J 326 -63.37 -49.10 12.37
CA ASP J 326 -63.23 -50.12 13.39
C ASP J 326 -63.14 -51.52 12.79
N ASP J 327 -63.14 -51.61 11.46
CA ASP J 327 -63.06 -52.90 10.77
C ASP J 327 -61.66 -53.18 10.24
N ILE J 328 -60.68 -52.34 10.57
CA ILE J 328 -59.29 -52.61 10.23
C ILE J 328 -58.49 -52.66 11.53
N ALA J 329 -58.59 -51.60 12.32
CA ALA J 329 -58.03 -51.60 13.67
C ALA J 329 -59.12 -51.88 14.70
N ARG J 330 -58.73 -51.86 15.96
CA ARG J 330 -59.67 -51.91 17.06
C ARG J 330 -59.83 -50.52 17.66
N LYS J 331 -60.72 -50.40 18.63
CA LYS J 331 -60.96 -49.10 19.24
C LYS J 331 -59.72 -48.51 19.90
N PRO J 332 -58.94 -49.25 20.70
CA PRO J 332 -57.70 -48.65 21.21
C PRO J 332 -56.65 -48.56 20.12
N GLY J 333 -56.79 -49.40 19.10
CA GLY J 333 -55.92 -49.34 17.94
C GLY J 333 -54.72 -50.25 18.07
N LEU J 334 -53.98 -50.33 16.97
CA LEU J 334 -52.75 -51.11 16.89
C LEU J 334 -51.57 -50.16 16.89
N THR J 335 -50.44 -50.64 17.39
CA THR J 335 -49.23 -49.85 17.29
C THR J 335 -48.72 -49.87 15.87
N GLY J 336 -48.34 -48.70 15.37
CA GLY J 336 -47.91 -48.62 13.99
C GLY J 336 -49.03 -48.79 12.99
N VAL J 337 -50.18 -48.19 13.25
CA VAL J 337 -51.25 -48.08 12.27
C VAL J 337 -51.73 -46.64 12.28
N THR J 338 -52.04 -46.13 11.10
CA THR J 338 -52.49 -44.75 10.99
C THR J 338 -53.69 -44.74 10.05
N VAL J 339 -54.88 -44.79 10.63
CA VAL J 339 -56.10 -44.87 9.84
C VAL J 339 -56.47 -43.47 9.41
N ILE J 340 -56.11 -43.11 8.18
CA ILE J 340 -56.40 -41.80 7.63
C ILE J 340 -57.69 -41.96 6.83
N HIS J 341 -58.83 -41.84 7.49
CA HIS J 341 -60.10 -42.09 6.84
C HIS J 341 -60.89 -40.80 6.79
N ARG J 342 -61.45 -40.51 5.62
CA ARG J 342 -62.29 -39.34 5.45
C ARG J 342 -63.75 -39.69 5.65
N THR J 343 -64.49 -38.79 6.27
CA THR J 343 -65.94 -38.91 6.40
C THR J 343 -66.54 -37.54 6.10
N THR J 344 -67.84 -37.42 6.35
CA THR J 344 -68.50 -36.14 6.23
C THR J 344 -69.37 -35.80 7.42
N GLU J 345 -69.59 -36.72 8.35
CA GLU J 345 -70.43 -36.46 9.52
C GLU J 345 -69.69 -35.53 10.47
N LEU J 346 -70.04 -34.26 10.44
CA LEU J 346 -69.35 -33.29 11.28
C LEU J 346 -69.65 -33.57 12.75
N PRO J 347 -68.69 -33.31 13.64
CA PRO J 347 -68.97 -33.41 15.07
C PRO J 347 -69.46 -32.08 15.62
N ASN J 348 -70.02 -32.15 16.84
CA ASN J 348 -70.48 -30.94 17.51
C ASN J 348 -70.36 -31.16 19.02
N ARG J 349 -69.37 -30.52 19.62
CA ARG J 349 -69.11 -30.64 21.05
C ARG J 349 -68.90 -32.11 21.43
N GLU J 350 -68.35 -32.88 20.49
CA GLU J 350 -67.81 -34.20 20.77
C GLU J 350 -66.34 -33.96 21.11
N GLN J 351 -66.09 -33.54 22.34
CA GLN J 351 -64.81 -32.94 22.69
C GLN J 351 -63.74 -34.02 22.78
N TYR J 352 -62.78 -33.96 21.88
CA TYR J 352 -61.66 -34.90 21.87
C TYR J 352 -60.42 -34.21 21.33
N PRO J 353 -59.74 -33.43 22.18
CA PRO J 353 -58.46 -32.86 21.77
C PRO J 353 -57.32 -33.86 21.75
N ASP J 354 -57.62 -35.14 21.99
CA ASP J 354 -56.59 -36.15 22.03
C ASP J 354 -55.81 -36.16 20.72
N PRO J 355 -54.52 -35.91 20.78
CA PRO J 355 -53.74 -35.75 19.57
C PRO J 355 -53.35 -37.09 18.99
N GLU J 356 -54.07 -38.14 19.39
CA GLU J 356 -53.89 -39.45 18.81
C GLU J 356 -55.01 -39.84 17.87
N ARG J 357 -56.16 -39.17 17.95
CA ARG J 357 -57.29 -39.41 17.07
C ARG J 357 -57.91 -38.08 16.64
N PRO J 358 -57.15 -37.25 15.93
CA PRO J 358 -57.62 -35.88 15.67
C PRO J 358 -58.64 -35.85 14.54
N ILE J 359 -59.60 -34.95 14.68
CA ILE J 359 -60.62 -34.72 13.67
C ILE J 359 -60.29 -33.38 13.01
N LEU J 360 -59.81 -33.43 11.79
CA LEU J 360 -59.35 -32.22 11.10
C LEU J 360 -60.01 -32.12 9.73
N ARG J 361 -60.47 -30.93 9.41
CA ARG J 361 -61.29 -30.67 8.22
C ARG J 361 -60.58 -29.64 7.35
N VAL J 362 -60.52 -29.91 6.05
CA VAL J 362 -59.93 -28.98 5.10
C VAL J 362 -61.03 -28.18 4.42
N ALA J 363 -60.90 -26.86 4.44
CA ALA J 363 -61.97 -25.99 3.96
C ALA J 363 -61.69 -25.34 2.62
N ASP J 364 -60.64 -24.55 2.50
CA ASP J 364 -60.29 -23.95 1.22
C ASP J 364 -58.78 -23.85 1.09
N GLY J 365 -58.07 -24.81 1.66
CA GLY J 365 -56.63 -24.70 1.79
C GLY J 365 -56.21 -24.29 3.17
N ARG J 366 -56.89 -24.80 4.20
CA ARG J 366 -56.56 -24.48 5.58
C ARG J 366 -57.15 -25.56 6.46
N ILE J 367 -56.29 -26.42 7.00
CA ILE J 367 -56.72 -27.56 7.78
C ILE J 367 -57.01 -27.11 9.21
N GLU J 368 -58.20 -27.42 9.70
CA GLU J 368 -58.64 -26.99 11.03
C GLU J 368 -58.85 -28.23 11.89
N ARG J 369 -58.29 -28.21 13.09
CA ARG J 369 -58.51 -29.32 14.01
C ARG J 369 -59.76 -29.06 14.85
N TRP J 370 -60.23 -30.10 15.52
CA TRP J 370 -61.36 -30.01 16.43
C TRP J 370 -60.86 -30.29 17.85
N GLN J 371 -60.39 -29.26 18.56
CA GLN J 371 -59.72 -29.50 19.82
C GLN J 371 -60.68 -29.73 20.98
N VAL J 372 -61.35 -28.67 21.45
CA VAL J 372 -62.29 -28.79 22.56
C VAL J 372 -63.64 -28.16 22.24
N GLY J 373 -63.68 -27.27 21.25
CA GLY J 373 -64.91 -26.63 20.84
C GLY J 373 -64.62 -25.68 19.70
N GLY J 374 -65.42 -25.75 18.65
CA GLY J 374 -65.15 -24.98 17.44
C GLY J 374 -63.96 -25.51 16.69
N TRP J 375 -63.88 -25.10 15.43
CA TRP J 375 -62.76 -25.48 14.57
C TRP J 375 -61.60 -24.53 14.84
N GLN J 376 -60.49 -25.07 15.36
CA GLN J 376 -59.32 -24.25 15.63
C GLN J 376 -58.32 -24.42 14.50
N PRO J 377 -57.85 -23.33 13.89
CA PRO J 377 -56.98 -23.46 12.72
C PRO J 377 -55.64 -24.08 13.09
N CYS J 378 -55.29 -25.16 12.39
CA CYS J 378 -54.03 -25.83 12.65
C CYS J 378 -52.94 -25.48 11.65
N VAL J 379 -53.29 -25.25 10.39
CA VAL J 379 -52.31 -24.80 9.40
C VAL J 379 -52.88 -23.57 8.72
N ASP J 380 -52.11 -22.96 7.82
CA ASP J 380 -52.62 -21.80 7.13
C ASP J 380 -52.70 -22.04 5.62
N VAL J 381 -51.60 -22.48 5.02
CA VAL J 381 -51.64 -22.84 3.61
C VAL J 381 -51.46 -24.34 3.48
N ALA J 382 -52.56 -25.06 3.60
CA ALA J 382 -52.51 -26.52 3.55
C ALA J 382 -52.02 -26.96 2.19
N ASP J 383 -50.91 -27.69 2.17
CA ASP J 383 -50.38 -28.16 0.91
C ASP J 383 -51.35 -29.13 0.27
N ALA J 384 -51.32 -29.21 -1.05
CA ALA J 384 -52.14 -30.15 -1.78
C ALA J 384 -51.45 -30.43 -3.11
N MET J 385 -51.79 -31.56 -3.70
CA MET J 385 -51.22 -31.95 -4.98
C MET J 385 -52.29 -32.66 -5.79
N SER J 386 -52.06 -32.74 -7.09
CA SER J 386 -53.02 -33.35 -7.98
C SER J 386 -52.82 -34.86 -8.02
N ALA J 387 -53.69 -35.53 -8.77
CA ALA J 387 -53.42 -36.92 -9.10
C ALA J 387 -52.28 -37.05 -10.09
N ALA J 388 -52.01 -36.01 -10.88
CA ALA J 388 -50.93 -36.07 -11.85
C ALA J 388 -49.58 -36.06 -11.17
N GLU J 389 -49.36 -35.10 -10.27
CA GLU J 389 -48.09 -35.06 -9.55
C GLU J 389 -47.87 -36.34 -8.76
N ALA J 390 -48.91 -36.86 -8.13
CA ALA J 390 -48.76 -38.11 -7.39
C ALA J 390 -48.45 -39.27 -8.33
N ALA J 391 -49.06 -39.27 -9.50
CA ALA J 391 -48.75 -40.32 -10.47
C ALA J 391 -47.28 -40.27 -10.86
N HIS J 392 -46.78 -39.06 -11.10
CA HIS J 392 -45.39 -38.90 -11.49
C HIS J 392 -44.46 -39.38 -10.38
N ILE J 393 -44.76 -38.98 -9.14
CA ILE J 393 -43.94 -39.44 -8.02
C ILE J 393 -43.98 -40.95 -7.90
N ALA J 394 -45.18 -41.53 -8.02
CA ALA J 394 -45.31 -42.98 -7.88
C ALA J 394 -44.51 -43.71 -8.95
N ARG J 395 -44.52 -43.18 -10.17
CA ARG J 395 -43.66 -43.76 -11.20
C ARG J 395 -42.21 -43.69 -10.78
N ARG J 396 -41.75 -42.50 -10.39
CA ARG J 396 -40.33 -42.34 -10.10
C ARG J 396 -39.90 -43.13 -8.87
N LEU J 397 -40.84 -43.55 -8.02
CA LEU J 397 -40.51 -44.41 -6.89
C LEU J 397 -40.55 -45.89 -7.24
N SER J 398 -41.28 -46.27 -8.27
CA SER J 398 -41.36 -47.70 -8.54
C SER J 398 -40.09 -48.27 -9.10
N ARG J 399 -39.02 -47.50 -9.21
CA ARG J 399 -37.75 -48.03 -9.68
C ARG J 399 -36.85 -48.54 -8.57
N TRP J 400 -37.28 -48.49 -7.31
CA TRP J 400 -36.43 -48.86 -6.20
C TRP J 400 -37.22 -49.62 -5.16
N ASP J 401 -36.65 -50.74 -4.69
CA ASP J 401 -37.28 -51.48 -3.60
C ASP J 401 -36.20 -52.16 -2.77
N SER J 402 -36.57 -52.47 -1.53
CA SER J 402 -35.69 -53.22 -0.64
C SER J 402 -36.51 -54.19 0.19
N ASN J 403 -37.72 -54.48 -0.28
CA ASN J 403 -38.67 -55.29 0.50
C ASN J 403 -38.65 -56.75 0.07
#